data_2QR0
#
_entry.id   2QR0
#
_cell.length_a   154.453
_cell.length_b   90.218
_cell.length_c   205.558
_cell.angle_alpha   90.000
_cell.angle_beta   90.850
_cell.angle_gamma   90.000
#
_symmetry.space_group_name_H-M   'P 1 21 1'
#
loop_
_entity.id
_entity.type
_entity.pdbx_description
1 polymer 'Fab-Fragment Light Chain'
2 polymer 'Fab-Fragment Heavy Chain'
3 polymer 'Vascular endothelial growth factor A'
#
loop_
_entity_poly.entity_id
_entity_poly.type
_entity_poly.pdbx_seq_one_letter_code
_entity_poly.pdbx_strand_id
1 'polypeptide(L)'
;DIQMTQSPSSLSASVGDRVTITCRASQSVSSAVAWYQQKPGKAPKLLIYSASSLYSGVPSRFSGSRSGTDFTLTISSLQP
EDFATYYCQQYSYYYYPFTFGQGTKVEIKRTVAAPSVFIFPPSDEQLKSGTASVVCLLNNFYPREAKVQWKVDNALQSGN
SQESVTEQDSKDSTYSLSSTLTLSKADYEKHKVYACEVTHQGLSSPVTKSFNR
;
A,E,G,K,M,Q,S,W
2 'polypeptide(L)'
;EVQLVESGGGLVQPGGSLRLSCAASGFNFSSSSIHWVRQAPGKGLEWVAYIYPSYSYTSYADSVKGRFTISADTSKNTAY
LQMNSLRAEDTAVYYCARYYGTGAMDYWGQGTLVTVSSASTKGPSVFPLAPSSKSTSGGTAALGCLVKDYFPEPVTVSWN
SGALTSGVHTFPAVLQSSGLYSLSSVVTVPSSSLGTQTYICNVNHKPSNTKVDKKVEPKSC
;
B,F,H,L,N,R,T,X
3 'polypeptide(L)'
;EVVKFMDVYQRSYCHPIETLVDIFQEYPDEIEYIFKPSCVPLMRCGGCCNDEGLECVPTEESNITMQIMRIKPHQGQHIG
EMSFLQHNKCECRPKKD
;
C,D,I,J,O,P,U,V
#
# COMPACT_ATOMS: atom_id res chain seq x y z
N ASP A 1 -34.26 50.48 27.80
CA ASP A 1 -33.11 49.88 27.05
C ASP A 1 -32.18 50.95 26.47
N ILE A 2 -30.87 50.70 26.54
CA ILE A 2 -29.88 51.59 25.95
C ILE A 2 -29.67 51.17 24.50
N GLN A 3 -29.85 52.13 23.59
CA GLN A 3 -29.72 51.87 22.17
C GLN A 3 -28.34 52.33 21.70
N MET A 4 -27.54 51.40 21.19
CA MET A 4 -26.29 51.75 20.52
C MET A 4 -26.55 51.81 19.03
N THR A 5 -26.23 52.93 18.42
CA THR A 5 -26.53 53.16 17.00
C THR A 5 -25.25 53.39 16.21
N GLN A 6 -24.84 52.41 15.43
CA GLN A 6 -23.61 52.49 14.65
C GLN A 6 -23.84 53.15 13.29
N SER A 7 -22.87 53.96 12.88
CA SER A 7 -22.84 54.54 11.55
C SER A 7 -21.41 54.48 11.02
N PRO A 8 -21.23 54.11 9.74
CA PRO A 8 -22.22 53.69 8.76
C PRO A 8 -22.69 52.25 8.95
N SER A 9 -23.48 51.76 8.00
CA SER A 9 -23.98 50.38 8.02
C SER A 9 -22.98 49.47 7.34
N SER A 10 -22.61 49.83 6.11
CA SER A 10 -21.53 49.19 5.37
C SER A 10 -20.52 50.25 5.03
N LEU A 11 -19.40 49.84 4.42
CA LEU A 11 -18.28 50.75 4.19
C LEU A 11 -17.16 50.05 3.42
N SER A 12 -16.69 50.68 2.35
CA SER A 12 -15.49 50.20 1.65
C SER A 12 -14.45 51.32 1.61
N ALA A 13 -13.20 50.95 1.85
CA ALA A 13 -12.07 51.88 1.77
C ALA A 13 -10.86 51.16 1.17
N SER A 14 -9.90 51.94 0.70
CA SER A 14 -8.74 51.38 0.01
C SER A 14 -7.71 50.91 1.03
N VAL A 15 -6.69 50.20 0.54
CA VAL A 15 -5.60 49.73 1.40
C VAL A 15 -4.77 50.93 1.85
N GLY A 16 -4.67 51.11 3.16
CA GLY A 16 -3.88 52.19 3.74
C GLY A 16 -4.68 53.42 4.15
N ASP A 17 -5.94 53.49 3.72
CA ASP A 17 -6.79 54.63 4.05
C ASP A 17 -7.20 54.63 5.52
N ARG A 18 -7.68 55.77 5.98
CA ARG A 18 -8.12 55.95 7.36
C ARG A 18 -9.62 55.71 7.42
N VAL A 19 -10.05 54.83 8.33
CA VAL A 19 -11.44 54.43 8.44
C VAL A 19 -11.97 54.85 9.78
N THR A 20 -13.18 55.40 9.80
CA THR A 20 -13.77 55.93 11.01
C THR A 20 -15.20 55.38 11.19
N ILE A 21 -15.39 54.58 12.24
CA ILE A 21 -16.69 54.03 12.57
C ILE A 21 -17.17 54.70 13.86
N THR A 22 -18.36 55.28 13.83
CA THR A 22 -18.93 55.95 15.00
C THR A 22 -20.07 55.12 15.58
N CYS A 23 -20.27 55.23 16.90
CA CYS A 23 -21.30 54.47 17.60
C CYS A 23 -21.89 55.35 18.69
N ARG A 24 -23.16 55.69 18.53
CA ARG A 24 -23.82 56.73 19.31
C ARG A 24 -24.72 56.11 20.37
N ALA A 25 -24.45 56.44 21.64
CA ALA A 25 -25.25 55.91 22.76
C ALA A 25 -26.42 56.83 23.07
N SER A 26 -27.54 56.23 23.51
CA SER A 26 -28.77 56.99 23.79
C SER A 26 -28.62 57.87 25.03
N GLN A 27 -28.07 57.30 26.09
CA GLN A 27 -27.79 58.06 27.31
C GLN A 27 -26.41 57.70 27.83
N SER A 28 -25.85 58.56 28.68
CA SER A 28 -24.46 58.41 29.14
C SER A 28 -24.17 57.00 29.61
N VAL A 29 -23.11 56.43 29.05
CA VAL A 29 -22.66 55.07 29.37
C VAL A 29 -21.41 55.13 30.25
N SER A 30 -20.86 56.33 30.44
CA SER A 30 -19.51 56.50 30.95
C SER A 30 -18.53 56.03 29.88
N SER A 31 -17.30 55.73 30.27
CA SER A 31 -16.29 55.21 29.36
C SER A 31 -16.29 53.67 29.40
N ALA A 32 -17.46 53.08 29.22
CA ALA A 32 -17.66 51.63 29.39
C ALA A 32 -18.12 50.99 28.09
N VAL A 33 -17.26 51.08 27.09
CA VAL A 33 -17.59 50.65 25.73
C VAL A 33 -16.47 49.79 25.16
N ALA A 34 -16.81 48.80 24.36
CA ALA A 34 -15.82 47.94 23.75
C ALA A 34 -16.10 47.78 22.28
N TRP A 35 -15.06 47.54 21.50
CA TRP A 35 -15.19 47.33 20.07
C TRP A 35 -14.73 45.93 19.72
N TYR A 36 -15.47 45.25 18.86
CA TYR A 36 -15.16 43.87 18.50
C TYR A 36 -15.01 43.73 17.00
N GLN A 37 -14.38 42.65 16.58
CA GLN A 37 -14.12 42.42 15.17
C GLN A 37 -14.49 40.99 14.84
N GLN A 38 -15.57 40.82 14.09
CA GLN A 38 -16.01 39.50 13.71
C GLN A 38 -15.72 39.26 12.24
N LYS A 39 -14.76 38.37 11.98
CA LYS A 39 -14.55 37.85 10.63
C LYS A 39 -15.73 36.96 10.29
N PRO A 40 -15.88 36.60 9.01
CA PRO A 40 -16.97 35.72 8.59
C PRO A 40 -16.74 34.31 9.09
N GLY A 41 -17.77 33.75 9.73
CA GLY A 41 -17.73 32.37 10.20
C GLY A 41 -16.86 32.13 11.42
N LYS A 42 -16.51 33.19 12.14
CA LYS A 42 -15.72 33.07 13.36
C LYS A 42 -16.33 33.94 14.45
N ALA A 43 -15.85 33.77 15.68
CA ALA A 43 -16.39 34.48 16.82
C ALA A 43 -15.78 35.86 16.93
N PRO A 44 -16.45 36.78 17.62
CA PRO A 44 -15.88 38.10 17.81
C PRO A 44 -14.52 38.06 18.51
N LYS A 45 -13.64 39.00 18.13
CA LYS A 45 -12.37 39.22 18.78
C LYS A 45 -12.41 40.63 19.37
N LEU A 46 -11.94 40.77 20.61
CA LEU A 46 -11.99 42.05 21.31
C LEU A 46 -10.86 42.93 20.83
N LEU A 47 -11.17 44.17 20.49
CA LEU A 47 -10.16 45.13 20.04
C LEU A 47 -9.89 46.20 21.08
N ILE A 48 -10.94 46.86 21.53
CA ILE A 48 -10.82 47.94 22.49
C ILE A 48 -11.76 47.67 23.64
N TYR A 49 -11.39 48.13 24.83
CA TYR A 49 -12.29 48.16 25.97
C TYR A 49 -12.15 49.51 26.67
N SER A 50 -12.98 49.74 27.69
CA SER A 50 -13.10 51.07 28.34
C SER A 50 -13.01 52.24 27.34
N ALA A 51 -13.66 52.07 26.19
CA ALA A 51 -13.79 53.10 25.15
C ALA A 51 -12.52 53.40 24.37
N SER A 52 -11.36 53.37 25.03
CA SER A 52 -10.11 53.89 24.45
C SER A 52 -8.89 52.98 24.55
N SER A 53 -8.80 52.17 25.60
CA SER A 53 -7.63 51.31 25.82
C SER A 53 -7.62 50.08 24.90
N LEU A 54 -6.42 49.72 24.44
CA LEU A 54 -6.24 48.67 23.44
C LEU A 54 -6.02 47.32 24.09
N TYR A 55 -6.75 46.31 23.63
CA TYR A 55 -6.60 44.97 24.19
C TYR A 55 -5.24 44.41 23.79
N SER A 56 -4.69 43.55 24.65
CA SER A 56 -3.37 42.95 24.46
C SER A 56 -3.30 42.10 23.18
N GLY A 57 -2.39 42.45 22.29
CA GLY A 57 -2.17 41.68 21.07
C GLY A 57 -2.94 42.19 19.87
N VAL A 58 -3.65 43.30 20.04
CA VAL A 58 -4.32 43.97 18.93
C VAL A 58 -3.34 44.97 18.33
N PRO A 59 -3.19 44.96 17.00
CA PRO A 59 -2.27 45.91 16.39
C PRO A 59 -2.66 47.36 16.66
N SER A 60 -1.67 48.25 16.59
CA SER A 60 -1.81 49.64 17.06
C SER A 60 -2.74 50.50 16.21
N ARG A 61 -2.92 50.12 14.95
CA ARG A 61 -3.77 50.89 14.05
C ARG A 61 -5.20 51.02 14.56
N PHE A 62 -5.69 49.99 15.24
CA PHE A 62 -6.99 50.06 15.91
C PHE A 62 -6.94 50.98 17.13
N SER A 63 -7.86 51.93 17.21
CA SER A 63 -7.82 52.92 18.27
C SER A 63 -9.21 53.46 18.58
N GLY A 64 -9.62 53.32 19.84
CA GLY A 64 -10.92 53.80 20.31
C GLY A 64 -10.83 55.20 20.89
N SER A 65 -11.93 55.94 20.80
CA SER A 65 -11.98 57.31 21.29
C SER A 65 -13.39 57.69 21.70
N ARG A 66 -13.53 58.81 22.41
CA ARG A 66 -14.80 59.21 23.01
C ARG A 66 -15.11 60.71 22.88
N SER A 67 -16.39 61.04 22.84
CA SER A 67 -16.86 62.42 22.90
C SER A 67 -18.18 62.50 23.70
N GLY A 68 -18.11 62.07 24.96
CA GLY A 68 -19.22 62.13 25.92
C GLY A 68 -20.56 61.49 25.56
N THR A 69 -20.55 60.49 24.68
CA THR A 69 -21.74 59.75 24.19
C THR A 69 -21.48 59.19 22.80
N ASP A 70 -20.72 59.93 22.01
CA ASP A 70 -20.30 59.48 20.68
C ASP A 70 -18.96 58.76 20.77
N PHE A 71 -18.98 57.45 20.57
CA PHE A 71 -17.77 56.63 20.62
C PHE A 71 -17.34 56.32 19.20
N THR A 72 -16.03 56.18 19.00
CA THR A 72 -15.47 56.14 17.66
C THR A 72 -14.28 55.21 17.53
N LEU A 73 -14.48 54.09 16.81
CA LEU A 73 -13.39 53.19 16.45
C LEU A 73 -12.72 53.75 15.21
N THR A 74 -11.40 53.84 15.20
CA THR A 74 -10.67 54.35 14.05
C THR A 74 -9.59 53.38 13.63
N ILE A 75 -9.66 52.90 12.39
CA ILE A 75 -8.60 52.07 11.84
C ILE A 75 -7.71 52.97 11.02
N SER A 76 -6.52 53.26 11.56
CA SER A 76 -5.65 54.31 11.02
C SER A 76 -4.97 53.95 9.69
N SER A 77 -4.73 52.67 9.45
CA SER A 77 -4.11 52.24 8.20
C SER A 77 -4.71 50.92 7.72
N LEU A 78 -5.95 51.00 7.25
CA LEU A 78 -6.74 49.82 6.87
C LEU A 78 -5.91 48.85 6.03
N GLN A 79 -6.08 47.57 6.28
CA GLN A 79 -5.32 46.53 5.59
C GLN A 79 -6.20 45.33 5.24
N PRO A 80 -5.86 44.63 4.15
CA PRO A 80 -6.78 43.67 3.56
C PRO A 80 -7.31 42.64 4.52
N GLU A 81 -6.56 42.33 5.57
CA GLU A 81 -7.02 41.39 6.59
C GLU A 81 -7.89 42.05 7.67
N ASP A 82 -8.22 43.34 7.50
CA ASP A 82 -9.16 44.02 8.39
C ASP A 82 -10.60 43.90 7.89
N PHE A 83 -10.75 43.28 6.73
CA PHE A 83 -12.06 42.97 6.22
C PHE A 83 -12.83 42.22 7.27
N ALA A 84 -13.88 42.84 7.80
CA ALA A 84 -14.66 42.24 8.88
C ALA A 84 -15.93 43.06 9.16
N THR A 85 -16.74 42.57 10.09
CA THR A 85 -17.85 43.33 10.63
C THR A 85 -17.41 43.79 12.01
N TYR A 86 -17.60 45.07 12.30
CA TYR A 86 -17.15 45.65 13.57
C TYR A 86 -18.34 46.01 14.44
N TYR A 87 -18.35 45.53 15.69
CA TYR A 87 -19.44 45.82 16.61
C TYR A 87 -18.97 46.66 17.79
N CYS A 88 -19.67 47.73 18.12
CA CYS A 88 -19.45 48.43 19.40
C CYS A 88 -20.31 47.73 20.43
N GLN A 89 -20.03 47.97 21.71
CA GLN A 89 -20.72 47.30 22.80
C GLN A 89 -20.61 48.16 24.05
N GLN A 90 -21.74 48.50 24.62
CA GLN A 90 -21.78 49.26 25.85
C GLN A 90 -22.13 48.27 26.96
N TYR A 91 -21.56 48.43 28.14
CA TYR A 91 -22.02 47.72 29.33
C TYR A 91 -22.37 48.78 30.36
N SER A 92 -22.29 48.48 31.65
CA SER A 92 -22.90 49.32 32.69
C SER A 92 -24.36 48.90 32.86
N TYR A 93 -24.53 47.67 33.33
CA TYR A 93 -25.81 47.12 33.76
C TYR A 93 -26.89 48.16 33.98
N TYR A 94 -28.05 47.96 33.35
CA TYR A 94 -29.21 48.83 33.52
C TYR A 94 -30.42 48.04 33.05
N TYR A 95 -30.66 46.89 33.67
CA TYR A 95 -31.67 45.90 33.22
C TYR A 95 -30.98 44.80 32.43
N TYR A 96 -30.26 45.19 31.39
CA TYR A 96 -29.48 44.25 30.59
C TYR A 96 -28.00 44.53 30.76
N PRO A 97 -27.20 43.50 31.08
CA PRO A 97 -25.77 43.71 31.25
C PRO A 97 -25.07 44.37 30.05
N PHE A 98 -25.59 44.20 28.83
CA PHE A 98 -25.07 44.90 27.65
C PHE A 98 -25.96 44.86 26.40
N THR A 99 -25.74 45.84 25.52
CA THR A 99 -26.39 45.92 24.22
C THR A 99 -25.34 46.15 23.14
N PHE A 100 -25.36 45.35 22.08
CA PHE A 100 -24.48 45.54 20.94
C PHE A 100 -25.07 46.50 19.93
N GLY A 101 -24.21 47.03 19.05
CA GLY A 101 -24.65 47.84 17.91
C GLY A 101 -25.11 46.94 16.78
N GLN A 102 -25.50 47.54 15.66
CA GLN A 102 -26.02 46.77 14.51
C GLN A 102 -24.86 46.19 13.72
N GLY A 103 -23.88 47.02 13.41
CA GLY A 103 -22.65 46.56 12.78
C GLY A 103 -22.09 47.48 11.72
N THR A 104 -20.90 47.15 11.25
CA THR A 104 -20.26 47.88 10.17
C THR A 104 -19.49 46.91 9.28
N LYS A 105 -20.12 46.47 8.21
CA LYS A 105 -19.43 45.65 7.21
C LYS A 105 -18.36 46.52 6.56
N VAL A 106 -17.10 46.23 6.88
CA VAL A 106 -15.98 46.92 6.27
C VAL A 106 -15.54 46.10 5.08
N GLU A 107 -15.36 46.77 3.95
CA GLU A 107 -14.91 46.13 2.73
C GLU A 107 -13.50 46.62 2.42
N ILE A 108 -12.85 45.97 1.46
CA ILE A 108 -11.59 46.47 0.93
C ILE A 108 -11.79 46.90 -0.52
N LYS A 109 -11.20 48.03 -0.89
CA LYS A 109 -11.16 48.49 -2.28
C LYS A 109 -9.79 48.21 -2.88
N ARG A 110 -9.77 47.56 -4.04
CA ARG A 110 -8.54 47.23 -4.73
C ARG A 110 -8.68 47.43 -6.24
N THR A 111 -7.61 47.15 -6.99
CA THR A 111 -7.61 47.32 -8.43
C THR A 111 -8.55 46.32 -9.09
N VAL A 112 -9.06 46.66 -10.26
CA VAL A 112 -9.97 45.77 -10.98
C VAL A 112 -9.25 44.48 -11.36
N ALA A 113 -9.87 43.34 -11.06
CA ALA A 113 -9.27 42.05 -11.37
C ALA A 113 -10.30 41.15 -12.05
N ALA A 114 -9.87 40.49 -13.12
CA ALA A 114 -10.76 39.68 -13.94
C ALA A 114 -10.76 38.23 -13.48
N PRO A 115 -11.93 37.57 -13.54
CA PRO A 115 -12.06 36.18 -13.13
C PRO A 115 -11.44 35.18 -14.09
N SER A 116 -10.83 34.14 -13.53
CA SER A 116 -10.53 32.94 -14.28
C SER A 116 -11.83 32.13 -14.26
N VAL A 117 -12.31 31.75 -15.44
CA VAL A 117 -13.61 31.08 -15.56
C VAL A 117 -13.45 29.61 -15.87
N PHE A 118 -14.23 28.78 -15.17
CA PHE A 118 -14.25 27.34 -15.38
C PHE A 118 -15.69 26.85 -15.43
N ILE A 119 -15.91 25.72 -16.10
CA ILE A 119 -17.24 25.11 -16.15
C ILE A 119 -17.14 23.61 -15.93
N PHE A 120 -18.05 23.08 -15.14
CA PHE A 120 -18.02 21.67 -14.76
C PHE A 120 -19.31 20.95 -15.18
N PRO A 121 -19.18 19.85 -15.92
CA PRO A 121 -20.35 19.07 -16.28
C PRO A 121 -20.79 18.20 -15.10
N PRO A 122 -22.04 17.72 -15.13
CA PRO A 122 -22.51 16.85 -14.05
C PRO A 122 -21.75 15.54 -13.99
N SER A 123 -21.58 15.00 -12.78
CA SER A 123 -20.90 13.74 -12.60
C SER A 123 -21.75 12.59 -13.14
N ASP A 124 -21.10 11.57 -13.69
CA ASP A 124 -21.79 10.35 -14.11
C ASP A 124 -22.47 9.65 -12.93
N GLU A 125 -21.87 9.78 -11.75
CA GLU A 125 -22.46 9.29 -10.51
C GLU A 125 -23.74 10.05 -10.14
N GLN A 126 -23.79 11.34 -10.44
CA GLN A 126 -24.99 12.15 -10.19
C GLN A 126 -26.12 11.79 -11.13
N LEU A 127 -25.78 11.55 -12.39
CA LEU A 127 -26.77 11.17 -13.41
C LEU A 127 -27.54 9.90 -13.07
N LYS A 128 -26.90 8.99 -12.33
CA LYS A 128 -27.56 7.79 -11.83
C LYS A 128 -28.78 8.13 -10.96
N SER A 129 -28.62 9.12 -10.08
CA SER A 129 -29.65 9.47 -9.11
C SER A 129 -30.87 10.20 -9.73
N GLY A 130 -30.69 10.73 -10.93
CA GLY A 130 -31.80 11.35 -11.66
C GLY A 130 -31.73 12.86 -11.81
N THR A 131 -30.71 13.48 -11.23
CA THR A 131 -30.49 14.93 -11.36
C THR A 131 -29.22 15.25 -12.16
N ALA A 132 -29.10 16.51 -12.54
CA ALA A 132 -27.93 17.00 -13.25
C ALA A 132 -27.64 18.43 -12.84
N SER A 133 -26.45 18.64 -12.26
CA SER A 133 -26.01 19.96 -11.84
C SER A 133 -24.77 20.39 -12.61
N VAL A 134 -24.90 21.49 -13.33
CA VAL A 134 -23.77 22.10 -14.02
C VAL A 134 -23.26 23.25 -13.16
N VAL A 135 -21.93 23.38 -13.07
CA VAL A 135 -21.32 24.39 -12.21
C VAL A 135 -20.40 25.30 -13.01
N CYS A 136 -20.71 26.59 -13.01
CA CYS A 136 -19.85 27.60 -13.59
C CYS A 136 -19.12 28.26 -12.45
N LEU A 137 -17.78 28.28 -12.53
CA LEU A 137 -16.94 28.80 -11.46
C LEU A 137 -16.21 30.07 -11.89
N LEU A 138 -16.44 31.17 -11.16
CA LEU A 138 -15.68 32.41 -11.34
C LEU A 138 -14.72 32.53 -10.17
N ASN A 139 -13.44 32.72 -10.47
CA ASN A 139 -12.41 32.65 -9.45
C ASN A 139 -11.56 33.92 -9.37
N ASN A 140 -11.36 34.41 -8.15
CA ASN A 140 -10.45 35.51 -7.84
C ASN A 140 -10.63 36.76 -8.72
N PHE A 141 -11.75 37.45 -8.48
CA PHE A 141 -12.09 38.64 -9.24
C PHE A 141 -12.56 39.77 -8.34
N TYR A 142 -12.36 41.01 -8.79
CA TYR A 142 -12.89 42.19 -8.12
C TYR A 142 -13.40 43.16 -9.18
N PRO A 143 -14.53 43.86 -8.92
CA PRO A 143 -15.39 43.80 -7.73
C PRO A 143 -16.36 42.63 -7.72
N ARG A 144 -17.18 42.55 -6.68
CA ARG A 144 -18.14 41.44 -6.53
C ARG A 144 -19.18 41.46 -7.63
N GLU A 145 -19.56 42.66 -8.05
CA GLU A 145 -20.58 42.85 -9.08
C GLU A 145 -20.22 42.13 -10.37
N ALA A 146 -20.72 40.91 -10.52
CA ALA A 146 -20.53 40.12 -11.74
C ALA A 146 -21.84 39.44 -12.14
N LYS A 147 -22.07 39.36 -13.45
CA LYS A 147 -23.30 38.78 -14.00
C LYS A 147 -22.98 37.52 -14.78
N VAL A 148 -23.50 36.38 -14.30
CA VAL A 148 -23.35 35.11 -14.99
C VAL A 148 -24.67 34.71 -15.61
N GLN A 149 -24.63 34.26 -16.87
CA GLN A 149 -25.84 33.84 -17.58
C GLN A 149 -25.61 32.54 -18.33
N TRP A 150 -26.52 31.59 -18.16
CA TRP A 150 -26.38 30.25 -18.73
C TRP A 150 -27.00 30.16 -20.13
N LYS A 151 -26.41 29.32 -20.97
CA LYS A 151 -26.92 29.06 -22.31
C LYS A 151 -26.95 27.56 -22.62
N VAL A 152 -28.15 27.01 -22.75
CA VAL A 152 -28.36 25.64 -23.19
C VAL A 152 -28.83 25.67 -24.66
N ASP A 153 -27.93 25.31 -25.58
CA ASP A 153 -28.18 25.41 -27.02
C ASP A 153 -28.60 26.83 -27.42
N ASN A 154 -27.78 27.81 -27.03
CA ASN A 154 -28.03 29.23 -27.29
C ASN A 154 -29.38 29.75 -26.80
N ALA A 155 -29.88 29.17 -25.72
CA ALA A 155 -31.12 29.61 -25.07
C ALA A 155 -30.80 30.12 -23.67
N LEU A 156 -31.22 31.35 -23.36
CA LEU A 156 -31.06 31.88 -22.01
C LEU A 156 -31.79 31.02 -20.98
N GLN A 157 -31.60 31.32 -19.70
CA GLN A 157 -32.21 30.52 -18.63
C GLN A 157 -32.88 31.38 -17.57
N SER A 158 -33.82 30.76 -16.85
CA SER A 158 -34.67 31.46 -15.90
C SER A 158 -34.67 30.71 -14.58
N GLY A 159 -34.44 31.44 -13.48
CA GLY A 159 -34.57 30.93 -12.10
C GLY A 159 -34.42 29.44 -11.86
N ASN A 160 -33.51 28.80 -12.60
CA ASN A 160 -33.19 27.39 -12.43
C ASN A 160 -31.69 27.24 -12.10
N SER A 161 -31.10 28.33 -11.62
CA SER A 161 -29.69 28.39 -11.30
C SER A 161 -29.51 29.31 -10.10
N GLN A 162 -28.60 28.95 -9.21
CA GLN A 162 -28.35 29.75 -8.00
C GLN A 162 -26.87 30.10 -7.85
N GLU A 163 -26.62 31.30 -7.34
CA GLU A 163 -25.27 31.81 -7.15
C GLU A 163 -24.86 31.78 -5.69
N SER A 164 -23.61 31.42 -5.44
CA SER A 164 -23.01 31.53 -4.13
C SER A 164 -21.69 32.29 -4.29
N VAL A 165 -21.46 33.27 -3.42
CA VAL A 165 -20.28 34.11 -3.54
C VAL A 165 -19.38 33.99 -2.31
N THR A 166 -18.10 33.73 -2.57
CA THR A 166 -17.07 33.75 -1.55
C THR A 166 -17.08 35.08 -0.82
N GLU A 167 -16.64 35.07 0.42
CA GLU A 167 -16.51 36.29 1.20
C GLU A 167 -15.13 36.88 0.92
N GLN A 168 -15.02 38.21 0.91
CA GLN A 168 -13.79 38.86 0.46
C GLN A 168 -12.53 38.27 1.10
N ASP A 169 -11.54 37.96 0.26
CA ASP A 169 -10.30 37.31 0.71
C ASP A 169 -9.48 38.22 1.63
N SER A 170 -8.81 37.59 2.61
CA SER A 170 -8.03 38.33 3.61
C SER A 170 -6.66 38.78 3.10
N LYS A 171 -6.11 38.06 2.13
CA LYS A 171 -4.81 38.41 1.55
C LYS A 171 -4.93 39.42 0.39
N ASP A 172 -5.49 38.98 -0.74
CA ASP A 172 -5.56 39.83 -1.95
C ASP A 172 -6.88 40.60 -2.13
N SER A 173 -7.89 40.28 -1.32
CA SER A 173 -9.17 41.00 -1.31
C SER A 173 -10.06 40.77 -2.55
N THR A 174 -9.83 39.67 -3.27
CA THR A 174 -10.67 39.30 -4.39
C THR A 174 -11.85 38.48 -3.93
N TYR A 175 -12.80 38.27 -4.84
CA TYR A 175 -13.94 37.38 -4.62
C TYR A 175 -13.89 36.19 -5.55
N SER A 176 -14.69 35.18 -5.21
CA SER A 176 -14.92 34.03 -6.08
C SER A 176 -16.41 33.69 -6.04
N LEU A 177 -16.90 33.00 -7.07
CA LEU A 177 -18.34 32.83 -7.25
C LEU A 177 -18.67 31.55 -8.00
N SER A 178 -19.68 30.82 -7.53
CA SER A 178 -20.16 29.62 -8.22
C SER A 178 -21.61 29.81 -8.62
N SER A 179 -21.91 29.53 -9.89
CA SER A 179 -23.28 29.48 -10.38
C SER A 179 -23.61 28.04 -10.67
N THR A 180 -24.74 27.57 -10.14
CA THR A 180 -25.11 26.16 -10.21
C THR A 180 -26.42 25.94 -10.97
N LEU A 181 -26.30 25.47 -12.22
CA LEU A 181 -27.45 25.21 -13.07
C LEU A 181 -27.98 23.80 -12.84
N THR A 182 -29.16 23.70 -12.25
CA THR A 182 -29.73 22.43 -11.87
C THR A 182 -30.83 22.01 -12.84
N LEU A 183 -30.76 20.77 -13.33
CA LEU A 183 -31.77 20.21 -14.23
C LEU A 183 -32.02 18.75 -13.90
N SER A 184 -33.04 18.16 -14.52
CA SER A 184 -33.32 16.73 -14.41
C SER A 184 -32.42 15.97 -15.40
N LYS A 185 -32.25 14.68 -15.17
CA LYS A 185 -31.46 13.85 -16.08
C LYS A 185 -32.07 13.85 -17.47
N ALA A 186 -33.40 13.75 -17.54
CA ALA A 186 -34.12 13.70 -18.81
C ALA A 186 -33.99 15.02 -19.59
N ASP A 187 -34.17 16.14 -18.90
CA ASP A 187 -34.07 17.47 -19.52
C ASP A 187 -32.63 17.75 -19.96
N TYR A 188 -31.67 17.31 -19.13
CA TYR A 188 -30.25 17.43 -19.46
C TYR A 188 -29.87 16.60 -20.67
N GLU A 189 -30.48 15.42 -20.80
CA GLU A 189 -30.17 14.48 -21.87
C GLU A 189 -30.79 14.86 -23.23
N LYS A 190 -31.52 15.97 -23.28
CA LYS A 190 -32.18 16.39 -24.52
C LYS A 190 -31.53 17.63 -25.16
N HIS A 191 -30.32 17.97 -24.69
CA HIS A 191 -29.59 19.12 -25.25
C HIS A 191 -28.10 18.81 -25.30
N LYS A 192 -27.37 19.45 -26.22
CA LYS A 192 -25.97 19.11 -26.47
C LYS A 192 -24.96 20.15 -25.96
N VAL A 193 -25.24 21.44 -26.20
CA VAL A 193 -24.32 22.52 -25.83
C VAL A 193 -24.74 23.18 -24.51
N TYR A 194 -23.85 23.13 -23.52
CA TYR A 194 -24.04 23.86 -22.27
C TYR A 194 -22.95 24.90 -22.13
N ALA A 195 -23.34 26.10 -21.73
CA ALA A 195 -22.42 27.24 -21.69
C ALA A 195 -22.83 28.27 -20.66
N CYS A 196 -21.84 28.81 -19.94
CA CYS A 196 -22.07 29.96 -19.07
C CYS A 196 -21.30 31.17 -19.61
N GLU A 197 -21.98 32.31 -19.64
CA GLU A 197 -21.47 33.54 -20.24
C GLU A 197 -21.20 34.55 -19.14
N VAL A 198 -19.92 34.84 -18.93
CA VAL A 198 -19.49 35.70 -17.83
C VAL A 198 -19.32 37.14 -18.30
N THR A 199 -19.97 38.06 -17.60
CA THR A 199 -19.89 39.47 -17.91
C THR A 199 -19.33 40.20 -16.69
N HIS A 200 -18.16 40.80 -16.85
CA HIS A 200 -17.47 41.45 -15.73
C HIS A 200 -16.81 42.76 -16.16
N GLN A 201 -16.72 43.68 -15.20
CA GLN A 201 -16.00 44.94 -15.39
C GLN A 201 -14.54 44.73 -15.79
N GLY A 202 -13.96 43.62 -15.35
CA GLY A 202 -12.56 43.28 -15.59
C GLY A 202 -12.23 43.01 -17.03
N LEU A 203 -12.64 41.85 -17.54
CA LEU A 203 -12.43 41.52 -18.95
C LEU A 203 -13.23 42.43 -19.88
N SER A 204 -12.67 42.66 -21.06
CA SER A 204 -13.27 43.55 -22.05
C SER A 204 -14.38 42.86 -22.83
N SER A 205 -14.13 41.61 -23.23
CA SER A 205 -15.05 40.83 -24.05
C SER A 205 -15.72 39.72 -23.24
N PRO A 206 -17.03 39.84 -22.98
CA PRO A 206 -17.75 38.83 -22.21
C PRO A 206 -17.32 37.42 -22.57
N VAL A 207 -16.53 36.81 -21.69
CA VAL A 207 -15.96 35.49 -21.97
C VAL A 207 -17.00 34.41 -21.77
N THR A 208 -16.97 33.40 -22.64
CA THR A 208 -17.90 32.29 -22.59
C THR A 208 -17.13 30.99 -22.53
N LYS A 209 -17.59 30.07 -21.68
CA LYS A 209 -16.97 28.76 -21.54
C LYS A 209 -18.08 27.70 -21.67
N SER A 210 -17.80 26.63 -22.39
CA SER A 210 -18.83 25.67 -22.78
C SER A 210 -18.31 24.25 -23.02
N PHE A 211 -19.24 23.29 -23.04
CA PHE A 211 -18.89 21.88 -23.27
C PHE A 211 -20.03 21.12 -23.97
N ASN A 212 -19.68 19.97 -24.56
CA ASN A 212 -20.62 19.08 -25.24
C ASN A 212 -20.59 17.69 -24.62
N ARG A 213 -21.76 17.14 -24.30
CA ARG A 213 -21.85 15.82 -23.68
C ARG A 213 -21.65 14.70 -24.70
N GLU B 1 -2.78 28.85 28.43
CA GLU B 1 -3.49 29.09 27.14
C GLU B 1 -5.01 28.94 27.35
N VAL B 2 -5.72 30.06 27.19
CA VAL B 2 -7.16 30.10 27.46
C VAL B 2 -7.96 29.69 26.24
N GLN B 3 -8.97 28.85 26.44
CA GLN B 3 -9.94 28.58 25.38
C GLN B 3 -11.29 28.07 25.89
N LEU B 4 -12.35 28.48 25.22
CA LEU B 4 -13.70 28.00 25.51
C LEU B 4 -14.15 27.13 24.35
N VAL B 5 -14.82 26.04 24.67
CA VAL B 5 -15.27 25.07 23.66
C VAL B 5 -16.73 24.74 23.91
N GLU B 6 -17.56 24.90 22.87
CA GLU B 6 -18.98 24.60 22.98
C GLU B 6 -19.36 23.33 22.25
N SER B 7 -20.50 22.77 22.63
CA SER B 7 -20.98 21.52 22.05
C SER B 7 -22.48 21.32 22.29
N GLY B 8 -23.07 20.40 21.55
CA GLY B 8 -24.45 19.97 21.79
C GLY B 8 -25.52 20.63 20.94
N GLY B 9 -25.13 21.56 20.08
CA GLY B 9 -26.07 22.20 19.15
C GLY B 9 -26.49 21.25 18.05
N GLY B 10 -27.61 21.55 17.40
CA GLY B 10 -28.10 20.72 16.30
C GLY B 10 -29.55 20.97 15.92
N LEU B 11 -30.20 19.93 15.40
CA LEU B 11 -31.59 20.04 14.93
C LEU B 11 -32.57 19.66 16.04
N VAL B 12 -33.59 20.47 16.25
CA VAL B 12 -34.63 20.15 17.23
C VAL B 12 -36.01 20.62 16.80
N GLN B 13 -37.00 19.76 17.06
CA GLN B 13 -38.41 20.05 16.74
C GLN B 13 -38.88 21.16 17.66
N PRO B 14 -39.69 22.11 17.13
CA PRO B 14 -40.28 23.15 17.99
C PRO B 14 -40.93 22.58 19.25
N GLY B 15 -40.84 23.32 20.35
CA GLY B 15 -41.29 22.84 21.65
C GLY B 15 -40.34 21.85 22.30
N GLY B 16 -39.23 21.54 21.62
CA GLY B 16 -38.26 20.56 22.09
C GLY B 16 -37.21 21.14 23.01
N SER B 17 -36.43 20.27 23.63
CA SER B 17 -35.34 20.68 24.51
C SER B 17 -34.00 20.44 23.83
N LEU B 18 -32.98 21.09 24.37
CA LEU B 18 -31.66 21.06 23.79
C LEU B 18 -30.71 21.65 24.81
N ARG B 19 -29.57 20.98 25.03
CA ARG B 19 -28.64 21.36 26.09
C ARG B 19 -27.26 21.69 25.50
N LEU B 20 -26.75 22.87 25.85
CA LEU B 20 -25.46 23.34 25.35
C LEU B 20 -24.43 23.29 26.47
N SER B 21 -23.20 22.92 26.11
CA SER B 21 -22.10 22.76 27.07
C SER B 21 -20.90 23.61 26.66
N CYS B 22 -20.42 24.45 27.58
CA CYS B 22 -19.28 25.34 27.33
C CYS B 22 -18.12 24.94 28.23
N ALA B 23 -17.08 24.36 27.63
CA ALA B 23 -16.00 23.71 28.37
C ALA B 23 -14.73 24.56 28.47
N ALA B 24 -14.48 25.10 29.65
CA ALA B 24 -13.38 26.04 29.86
C ALA B 24 -12.04 25.33 30.03
N SER B 25 -10.97 26.00 29.60
CA SER B 25 -9.61 25.48 29.70
C SER B 25 -8.61 26.62 29.84
N GLY B 26 -7.77 26.55 30.87
CA GLY B 26 -6.69 27.53 31.05
C GLY B 26 -6.99 28.65 32.03
N PHE B 27 -8.07 28.52 32.79
CA PHE B 27 -8.37 29.48 33.86
C PHE B 27 -9.34 28.87 34.85
N ASN B 28 -9.29 29.33 36.10
CA ASN B 28 -10.18 28.84 37.13
C ASN B 28 -11.61 29.33 36.87
N PHE B 29 -12.41 28.44 36.30
CA PHE B 29 -13.79 28.73 35.96
C PHE B 29 -14.64 29.02 37.21
N SER B 30 -14.13 28.62 38.38
CA SER B 30 -14.71 28.97 39.67
C SER B 30 -14.58 30.46 39.99
N SER B 31 -13.37 30.98 39.77
CA SER B 31 -13.04 32.36 40.09
C SER B 31 -13.30 33.35 38.92
N SER B 32 -14.28 33.05 38.08
CA SER B 32 -14.66 33.91 36.95
C SER B 32 -16.13 33.69 36.57
N SER B 33 -16.53 34.20 35.40
CA SER B 33 -17.94 34.12 34.98
C SER B 33 -18.11 34.06 33.46
N ILE B 34 -19.27 33.59 33.03
CA ILE B 34 -19.57 33.26 31.62
C ILE B 34 -20.85 33.90 31.12
N HIS B 35 -20.79 34.45 29.91
CA HIS B 35 -21.97 34.92 29.21
C HIS B 35 -22.34 33.92 28.15
N TRP B 36 -23.64 33.85 27.82
CA TRP B 36 -24.10 33.21 26.60
C TRP B 36 -24.65 34.30 25.70
N VAL B 37 -24.23 34.27 24.44
CA VAL B 37 -24.64 35.26 23.46
C VAL B 37 -25.03 34.48 22.23
N ARG B 38 -26.11 34.87 21.57
CA ARG B 38 -26.51 34.20 20.34
C ARG B 38 -26.59 35.18 19.18
N GLN B 39 -26.45 34.65 17.98
CA GLN B 39 -26.43 35.47 16.79
C GLN B 39 -27.19 34.75 15.69
N ALA B 40 -28.36 35.26 15.35
CA ALA B 40 -29.21 34.65 14.32
C ALA B 40 -28.60 34.88 12.93
N PRO B 41 -28.81 33.94 11.99
CA PRO B 41 -28.21 34.05 10.65
C PRO B 41 -28.44 35.43 10.01
N GLY B 42 -27.34 36.11 9.69
CA GLY B 42 -27.40 37.45 9.09
C GLY B 42 -27.50 38.58 10.11
N LYS B 43 -28.36 38.39 11.11
CA LYS B 43 -28.57 39.35 12.20
C LYS B 43 -27.33 39.48 13.11
N GLY B 44 -27.31 40.51 13.96
CA GLY B 44 -26.22 40.75 14.92
C GLY B 44 -26.34 40.01 16.24
N LEU B 45 -25.55 40.47 17.23
CA LEU B 45 -25.37 39.76 18.51
C LEU B 45 -26.42 40.14 19.55
N GLU B 46 -26.87 39.14 20.31
CA GLU B 46 -27.93 39.31 21.29
C GLU B 46 -27.61 38.53 22.57
N TRP B 47 -27.76 39.19 23.72
CA TRP B 47 -27.51 38.54 25.01
C TRP B 47 -28.61 37.55 25.35
N VAL B 48 -28.20 36.37 25.80
CA VAL B 48 -29.13 35.33 26.20
C VAL B 48 -29.19 35.27 27.70
N ALA B 49 -28.08 34.90 28.31
CA ALA B 49 -28.03 34.70 29.76
C ALA B 49 -26.60 34.72 30.32
N TYR B 50 -26.51 34.82 31.65
CA TYR B 50 -25.23 35.02 32.36
C TYR B 50 -25.17 34.23 33.66
N ILE B 51 -23.99 33.73 34.00
CA ILE B 51 -23.77 33.03 35.27
C ILE B 51 -22.44 33.41 35.92
N TYR B 52 -22.44 33.45 37.24
CA TYR B 52 -21.26 33.74 38.04
C TYR B 52 -21.19 32.70 39.16
N PRO B 53 -20.63 31.52 38.87
CA PRO B 53 -20.73 30.37 39.77
C PRO B 53 -20.33 30.64 41.22
N SER B 54 -19.32 31.48 41.43
CA SER B 54 -18.84 31.76 42.78
C SER B 54 -19.94 32.20 43.74
N TYR B 55 -20.85 33.07 43.28
CA TYR B 55 -21.95 33.57 44.11
C TYR B 55 -23.32 32.99 43.73
N SER B 56 -23.32 31.87 43.00
CA SER B 56 -24.55 31.30 42.46
C SER B 56 -25.55 32.34 41.99
N TYR B 57 -25.05 33.32 41.24
CA TYR B 57 -25.89 34.33 40.62
C TYR B 57 -26.09 33.95 39.18
N THR B 58 -27.31 34.13 38.71
CA THR B 58 -27.64 33.85 37.32
C THR B 58 -28.70 34.85 36.85
N SER B 59 -28.61 35.25 35.59
CA SER B 59 -29.60 36.18 35.03
C SER B 59 -29.86 35.89 33.56
N TYR B 60 -31.11 36.11 33.14
CA TYR B 60 -31.56 35.76 31.80
C TYR B 60 -32.18 36.94 31.08
N ALA B 61 -32.17 36.88 29.76
CA ALA B 61 -32.84 37.88 28.93
C ALA B 61 -34.33 37.59 28.87
N ASP B 62 -35.13 38.65 28.85
CA ASP B 62 -36.60 38.52 28.87
C ASP B 62 -37.13 37.48 27.87
N SER B 63 -36.69 37.57 26.63
CA SER B 63 -37.13 36.68 25.56
C SER B 63 -36.86 35.20 25.85
N VAL B 64 -36.01 34.94 26.83
CA VAL B 64 -35.64 33.59 27.20
C VAL B 64 -36.11 33.21 28.62
N LYS B 65 -36.22 34.20 29.50
CA LYS B 65 -36.52 33.96 30.92
C LYS B 65 -37.69 32.99 31.10
N GLY B 66 -37.49 31.98 31.95
CA GLY B 66 -38.50 30.96 32.21
C GLY B 66 -38.33 29.68 31.39
N ARG B 67 -37.71 29.80 30.22
CA ARG B 67 -37.56 28.67 29.30
C ARG B 67 -36.15 28.05 29.33
N PHE B 68 -35.12 28.89 29.40
CA PHE B 68 -33.74 28.42 29.50
C PHE B 68 -33.28 28.37 30.96
N THR B 69 -32.15 27.69 31.19
CA THR B 69 -31.59 27.55 32.53
C THR B 69 -30.06 27.40 32.46
N ILE B 70 -29.32 28.40 32.95
CA ILE B 70 -27.87 28.28 33.03
C ILE B 70 -27.45 27.56 34.30
N SER B 71 -26.53 26.63 34.15
CA SER B 71 -25.89 26.00 35.29
C SER B 71 -24.39 25.91 35.05
N ALA B 72 -23.66 25.45 36.06
CA ALA B 72 -22.22 25.32 35.94
C ALA B 72 -21.70 24.26 36.89
N ASP B 73 -20.97 23.29 36.36
CA ASP B 73 -20.30 22.28 37.16
C ASP B 73 -18.86 22.71 37.35
N THR B 74 -18.60 23.38 38.48
CA THR B 74 -17.27 23.90 38.79
C THR B 74 -16.19 22.80 38.78
N SER B 75 -16.57 21.61 39.25
CA SER B 75 -15.68 20.44 39.19
C SER B 75 -15.18 20.19 37.77
N LYS B 76 -16.11 20.08 36.83
CA LYS B 76 -15.78 19.81 35.43
C LYS B 76 -15.20 21.02 34.68
N ASN B 77 -15.27 22.20 35.30
CA ASN B 77 -14.77 23.43 34.70
C ASN B 77 -15.60 23.77 33.47
N THR B 78 -16.92 23.61 33.61
CA THR B 78 -17.85 23.64 32.47
C THR B 78 -19.15 24.39 32.82
N ALA B 79 -19.63 25.18 31.87
CA ALA B 79 -20.93 25.85 31.97
C ALA B 79 -21.93 25.19 31.03
N TYR B 80 -23.21 25.22 31.41
CA TYR B 80 -24.26 24.60 30.62
C TYR B 80 -25.43 25.55 30.39
N LEU B 81 -26.02 25.49 29.20
CA LEU B 81 -27.24 26.21 28.93
C LEU B 81 -28.30 25.20 28.53
N GLN B 82 -29.30 25.04 29.39
CA GLN B 82 -30.40 24.11 29.14
C GLN B 82 -31.53 24.88 28.49
N MET B 83 -31.88 24.53 27.26
CA MET B 83 -32.88 25.27 26.49
C MET B 83 -34.11 24.41 26.30
N ASN B 84 -35.22 24.79 26.94
CA ASN B 84 -36.49 24.09 26.80
C ASN B 84 -37.47 24.91 25.99
N SER B 85 -38.37 24.21 25.30
CA SER B 85 -39.50 24.84 24.62
C SER B 85 -39.05 25.77 23.49
N LEU B 86 -38.17 25.26 22.63
CA LEU B 86 -37.53 26.07 21.60
C LEU B 86 -38.49 26.50 20.51
N ARG B 87 -38.30 27.71 20.01
CA ARG B 87 -39.15 28.28 18.98
C ARG B 87 -38.34 28.52 17.71
N ALA B 88 -39.00 28.96 16.65
CA ALA B 88 -38.33 29.22 15.37
C ALA B 88 -37.31 30.35 15.47
N GLU B 89 -37.65 31.38 16.25
CA GLU B 89 -36.74 32.51 16.48
C GLU B 89 -35.48 32.13 17.28
N ASP B 90 -35.56 31.06 18.07
CA ASP B 90 -34.40 30.57 18.82
C ASP B 90 -33.30 29.96 17.94
N THR B 91 -33.59 29.76 16.65
CA THR B 91 -32.56 29.35 15.71
C THR B 91 -31.51 30.43 15.65
N ALA B 92 -30.26 30.05 15.96
CA ALA B 92 -29.14 30.99 15.99
C ALA B 92 -27.81 30.26 16.20
N VAL B 93 -26.73 31.04 16.23
CA VAL B 93 -25.42 30.53 16.63
C VAL B 93 -25.17 30.95 18.07
N TYR B 94 -24.88 29.98 18.94
CA TYR B 94 -24.75 30.24 20.36
C TYR B 94 -23.28 30.27 20.81
N TYR B 95 -22.86 31.42 21.30
CA TYR B 95 -21.52 31.60 21.80
C TYR B 95 -21.55 31.71 23.32
N CYS B 96 -20.59 31.08 23.99
CA CYS B 96 -20.30 31.38 25.37
C CYS B 96 -19.00 32.17 25.35
N ALA B 97 -18.91 33.16 26.21
CA ALA B 97 -17.73 34.02 26.27
C ALA B 97 -17.48 34.42 27.71
N ARG B 98 -16.22 34.38 28.12
CA ARG B 98 -15.86 34.68 29.49
C ARG B 98 -15.74 36.18 29.65
N TYR B 99 -15.91 36.63 30.88
CA TYR B 99 -16.24 38.02 31.17
C TYR B 99 -15.00 38.84 31.53
N TYR B 100 -14.87 40.00 30.92
CA TYR B 100 -13.72 40.87 31.13
C TYR B 100 -14.04 42.00 32.13
N GLY B 101 -13.12 42.95 32.30
CA GLY B 101 -13.25 43.97 33.32
C GLY B 101 -14.52 44.80 33.25
N THR B 102 -15.29 44.78 34.33
CA THR B 102 -16.51 45.59 34.47
C THR B 102 -17.58 45.38 33.36
N GLY B 103 -17.53 44.24 32.68
CA GLY B 103 -18.34 44.00 31.48
C GLY B 103 -17.45 43.54 30.34
N ALA B 104 -18.00 43.39 29.15
CA ALA B 104 -17.22 42.98 27.97
C ALA B 104 -16.74 41.53 28.05
N MET B 105 -16.46 40.96 26.89
CA MET B 105 -16.07 39.57 26.79
C MET B 105 -14.78 39.51 26.01
N ASP B 106 -13.77 38.82 26.54
CA ASP B 106 -12.45 38.77 25.91
C ASP B 106 -12.19 37.46 25.15
N TYR B 107 -12.55 36.32 25.73
CA TYR B 107 -12.40 35.03 25.07
C TYR B 107 -13.77 34.43 24.74
N TRP B 108 -13.99 34.13 23.46
CA TRP B 108 -15.26 33.58 22.99
C TRP B 108 -15.04 32.17 22.48
N GLY B 109 -16.06 31.34 22.59
CA GLY B 109 -16.03 30.01 22.02
C GLY B 109 -16.24 30.03 20.52
N GLN B 110 -15.91 28.92 19.87
CA GLN B 110 -16.09 28.78 18.41
C GLN B 110 -17.54 28.93 17.98
N GLY B 111 -18.46 28.54 18.86
CA GLY B 111 -19.89 28.75 18.67
C GLY B 111 -20.57 27.56 18.04
N THR B 112 -21.70 27.14 18.62
CA THR B 112 -22.49 26.04 18.07
C THR B 112 -23.78 26.53 17.45
N LEU B 113 -24.21 25.83 16.40
CA LEU B 113 -25.38 26.21 15.62
C LEU B 113 -26.61 25.41 16.08
N VAL B 114 -27.56 26.12 16.69
CA VAL B 114 -28.83 25.53 17.10
C VAL B 114 -29.90 25.91 16.10
N THR B 115 -30.48 24.91 15.44
CA THR B 115 -31.44 25.15 14.35
C THR B 115 -32.77 24.48 14.66
N VAL B 116 -33.75 25.30 15.01
CA VAL B 116 -35.09 24.81 15.35
C VAL B 116 -35.94 24.71 14.09
N SER B 117 -36.31 23.47 13.74
CA SER B 117 -37.16 23.22 12.59
C SER B 117 -37.80 21.84 12.70
N SER B 118 -38.97 21.70 12.10
CA SER B 118 -39.69 20.44 12.10
C SER B 118 -39.20 19.48 11.01
N ALA B 119 -38.33 19.97 10.13
CA ALA B 119 -37.89 19.21 8.96
C ALA B 119 -37.05 17.98 9.30
N SER B 120 -36.90 17.10 8.30
CA SER B 120 -36.15 15.85 8.45
C SER B 120 -34.65 16.10 8.32
N THR B 121 -33.86 15.11 8.73
CA THR B 121 -32.41 15.15 8.58
C THR B 121 -32.00 14.42 7.32
N LYS B 122 -31.19 15.08 6.49
CA LYS B 122 -30.66 14.46 5.27
C LYS B 122 -29.14 14.59 5.20
N GLY B 123 -28.48 13.48 4.92
CA GLY B 123 -27.05 13.48 4.64
C GLY B 123 -26.82 13.86 3.19
N PRO B 124 -25.65 14.45 2.89
CA PRO B 124 -25.39 14.90 1.53
C PRO B 124 -24.93 13.78 0.60
N SER B 125 -25.26 13.93 -0.68
CA SER B 125 -24.65 13.15 -1.75
C SER B 125 -23.46 13.97 -2.24
N VAL B 126 -22.33 13.33 -2.48
CA VAL B 126 -21.11 14.04 -2.88
C VAL B 126 -20.65 13.63 -4.28
N PHE B 127 -20.61 14.60 -5.19
CA PHE B 127 -20.23 14.36 -6.57
C PHE B 127 -18.98 15.18 -6.90
N PRO B 128 -18.03 14.57 -7.63
CA PRO B 128 -16.79 15.25 -7.96
C PRO B 128 -16.92 16.22 -9.14
N LEU B 129 -16.30 17.38 -9.01
CA LEU B 129 -16.16 18.33 -10.11
C LEU B 129 -14.81 18.11 -10.76
N ALA B 130 -14.80 17.28 -11.81
CA ALA B 130 -13.56 16.85 -12.46
C ALA B 130 -13.01 17.94 -13.38
N PRO B 131 -11.67 18.11 -13.38
CA PRO B 131 -11.01 19.13 -14.21
C PRO B 131 -10.98 18.74 -15.69
N SER B 132 -10.71 19.72 -16.55
CA SER B 132 -10.65 19.49 -17.99
C SER B 132 -9.22 19.67 -18.50
N SER B 133 -9.02 20.57 -19.48
CA SER B 133 -7.69 20.84 -20.04
C SER B 133 -7.27 22.28 -19.72
N GLY B 139 -2.36 25.66 -18.32
CA GLY B 139 -1.66 26.51 -17.36
C GLY B 139 -2.04 26.21 -15.92
N THR B 140 -3.26 26.60 -15.54
CA THR B 140 -3.82 26.35 -14.21
C THR B 140 -5.11 25.55 -14.32
N ALA B 141 -5.21 24.46 -13.57
CA ALA B 141 -6.39 23.60 -13.58
C ALA B 141 -7.22 23.77 -12.31
N ALA B 142 -8.54 23.74 -12.44
CA ALA B 142 -9.45 23.83 -11.31
C ALA B 142 -10.22 22.53 -11.16
N LEU B 143 -10.52 22.15 -9.92
CA LEU B 143 -11.34 20.98 -9.63
C LEU B 143 -12.00 21.13 -8.27
N GLY B 144 -12.97 20.25 -7.96
CA GLY B 144 -13.71 20.42 -6.72
C GLY B 144 -14.69 19.32 -6.36
N CYS B 145 -15.47 19.59 -5.33
CA CYS B 145 -16.52 18.71 -4.84
C CYS B 145 -17.85 19.42 -4.82
N LEU B 146 -18.89 18.73 -5.26
CA LEU B 146 -20.25 19.21 -5.12
C LEU B 146 -20.88 18.44 -3.96
N VAL B 147 -21.33 19.16 -2.94
CA VAL B 147 -21.96 18.54 -1.78
C VAL B 147 -23.44 18.93 -1.81
N LYS B 148 -24.25 18.07 -2.45
CA LYS B 148 -25.64 18.42 -2.76
C LYS B 148 -26.66 17.77 -1.83
N ASP B 149 -27.75 18.50 -1.59
CA ASP B 149 -28.96 18.00 -0.91
C ASP B 149 -28.68 17.49 0.49
N TYR B 150 -28.52 18.42 1.43
CA TYR B 150 -28.35 18.06 2.86
C TYR B 150 -29.11 19.02 3.75
N PHE B 151 -29.35 18.59 4.99
CA PHE B 151 -29.99 19.42 6.00
C PHE B 151 -29.76 18.81 7.37
N PRO B 152 -29.53 19.66 8.39
CA PRO B 152 -29.40 21.11 8.35
C PRO B 152 -27.94 21.52 8.16
N GLU B 153 -27.66 22.80 8.33
CA GLU B 153 -26.28 23.26 8.42
C GLU B 153 -25.63 22.71 9.70
N PRO B 154 -24.29 22.61 9.72
CA PRO B 154 -23.31 22.93 8.70
C PRO B 154 -22.67 21.70 8.06
N VAL B 155 -21.97 21.93 6.96
CA VAL B 155 -21.08 20.93 6.38
C VAL B 155 -19.68 21.51 6.37
N THR B 156 -18.70 20.70 6.78
CA THR B 156 -17.29 21.10 6.75
C THR B 156 -16.56 20.31 5.68
N VAL B 157 -15.72 20.99 4.92
CA VAL B 157 -14.96 20.37 3.84
C VAL B 157 -13.48 20.69 4.01
N SER B 158 -12.65 19.67 3.81
CA SER B 158 -11.19 19.84 3.77
C SER B 158 -10.61 18.94 2.69
N TRP B 159 -9.46 19.32 2.16
CA TRP B 159 -8.83 18.58 1.07
C TRP B 159 -7.57 17.86 1.55
N ASN B 160 -7.46 16.58 1.19
CA ASN B 160 -6.36 15.71 1.63
C ASN B 160 -6.12 15.73 3.15
N SER B 161 -7.21 15.68 3.91
CA SER B 161 -7.18 15.60 5.39
C SER B 161 -6.58 16.84 6.08
N GLY B 162 -6.56 17.97 5.39
CA GLY B 162 -5.99 19.22 5.92
C GLY B 162 -4.67 19.59 5.27
N ALA B 163 -4.13 18.69 4.43
CA ALA B 163 -2.81 18.87 3.83
C ALA B 163 -2.77 19.88 2.67
N LEU B 164 -3.91 20.46 2.32
CA LEU B 164 -3.99 21.43 1.23
C LEU B 164 -4.93 22.58 1.59
N THR B 165 -4.41 23.80 1.54
CA THR B 165 -5.21 25.02 1.77
C THR B 165 -4.98 26.13 0.74
N SER B 166 -3.88 26.06 0.00
CA SER B 166 -3.56 27.07 -1.00
C SER B 166 -4.48 26.95 -2.21
N GLY B 167 -5.18 28.03 -2.52
CA GLY B 167 -6.08 28.07 -3.68
C GLY B 167 -7.37 27.30 -3.50
N VAL B 168 -7.82 27.16 -2.26
CA VAL B 168 -9.06 26.46 -1.94
C VAL B 168 -10.17 27.45 -1.62
N HIS B 169 -11.33 27.24 -2.23
CA HIS B 169 -12.53 28.01 -1.92
C HIS B 169 -13.68 27.05 -1.60
N THR B 170 -14.24 27.19 -0.41
CA THR B 170 -15.45 26.46 -0.04
C THR B 170 -16.57 27.48 0.04
N PHE B 171 -17.48 27.41 -0.92
CA PHE B 171 -18.54 28.40 -1.06
C PHE B 171 -19.59 28.28 0.03
N PRO B 172 -20.25 29.40 0.37
CA PRO B 172 -21.38 29.36 1.30
C PRO B 172 -22.50 28.44 0.82
N ALA B 173 -23.22 27.85 1.76
CA ALA B 173 -24.31 26.95 1.43
C ALA B 173 -25.48 27.72 0.82
N VAL B 174 -26.07 27.14 -0.21
CA VAL B 174 -27.22 27.72 -0.89
C VAL B 174 -28.45 26.94 -0.48
N LEU B 175 -29.55 27.63 -0.22
CA LEU B 175 -30.80 26.95 0.12
C LEU B 175 -31.61 26.76 -1.15
N GLN B 176 -31.87 25.50 -1.51
CA GLN B 176 -32.61 25.17 -2.73
C GLN B 176 -34.11 25.24 -2.51
N SER B 177 -34.88 25.12 -3.58
CA SER B 177 -36.34 25.12 -3.51
C SER B 177 -36.89 23.92 -2.74
N SER B 178 -36.14 22.82 -2.74
CA SER B 178 -36.53 21.62 -1.99
C SER B 178 -36.41 21.76 -0.47
N GLY B 179 -35.85 22.87 0.00
CA GLY B 179 -35.65 23.11 1.43
C GLY B 179 -34.38 22.45 1.95
N LEU B 180 -33.55 21.99 1.03
CA LEU B 180 -32.30 21.30 1.35
C LEU B 180 -31.14 22.17 0.93
N TYR B 181 -30.06 22.12 1.71
CA TYR B 181 -28.85 22.88 1.41
C TYR B 181 -27.98 22.16 0.40
N SER B 182 -27.20 22.96 -0.32
CA SER B 182 -26.22 22.44 -1.28
C SER B 182 -25.09 23.45 -1.42
N LEU B 183 -23.85 22.95 -1.42
CA LEU B 183 -22.68 23.80 -1.63
C LEU B 183 -21.64 23.13 -2.51
N SER B 184 -20.69 23.92 -2.98
CA SER B 184 -19.58 23.45 -3.79
C SER B 184 -18.30 23.84 -3.10
N SER B 185 -17.29 22.97 -3.18
CA SER B 185 -15.95 23.30 -2.73
C SER B 185 -14.95 23.05 -3.84
N VAL B 186 -14.28 24.11 -4.29
CA VAL B 186 -13.42 24.05 -5.46
C VAL B 186 -12.00 24.46 -5.09
N VAL B 187 -11.03 23.96 -5.85
CA VAL B 187 -9.62 24.25 -5.59
C VAL B 187 -8.83 24.35 -6.90
N THR B 188 -7.89 25.30 -6.94
CA THR B 188 -7.02 25.48 -8.10
C THR B 188 -5.67 24.82 -7.85
N VAL B 189 -5.14 24.16 -8.87
CA VAL B 189 -3.83 23.51 -8.81
C VAL B 189 -3.13 23.59 -10.17
N PRO B 190 -1.80 23.37 -10.19
CA PRO B 190 -1.09 23.34 -11.48
C PRO B 190 -1.53 22.18 -12.38
N SER B 191 -1.44 22.38 -13.70
CA SER B 191 -1.88 21.37 -14.68
C SER B 191 -1.02 20.11 -14.68
N SER B 192 0.29 20.30 -14.60
CA SER B 192 1.26 19.20 -14.66
C SER B 192 1.23 18.27 -13.43
N SER B 193 0.67 18.74 -12.32
CA SER B 193 0.56 17.94 -11.10
C SER B 193 -0.53 16.88 -11.16
N LEU B 194 -1.47 17.02 -12.08
CA LEU B 194 -2.56 16.05 -12.25
C LEU B 194 -2.01 14.69 -12.72
N GLY B 195 -2.56 13.62 -12.14
CA GLY B 195 -2.10 12.26 -12.42
C GLY B 195 -1.08 11.79 -11.41
N THR B 196 -0.14 12.68 -11.07
CA THR B 196 0.86 12.42 -10.03
C THR B 196 0.24 12.61 -8.65
N GLN B 197 -0.30 13.81 -8.42
CA GLN B 197 -0.92 14.15 -7.13
C GLN B 197 -2.34 13.57 -7.05
N THR B 198 -2.71 13.16 -5.84
CA THR B 198 -4.04 12.61 -5.58
C THR B 198 -4.86 13.61 -4.76
N TYR B 199 -5.97 14.07 -5.35
CA TYR B 199 -6.86 15.02 -4.68
C TYR B 199 -8.15 14.33 -4.22
N ILE B 200 -8.24 14.09 -2.92
CA ILE B 200 -9.47 13.57 -2.31
C ILE B 200 -10.08 14.68 -1.47
N CYS B 201 -11.40 14.79 -1.47
CA CYS B 201 -12.08 15.84 -0.71
C CYS B 201 -12.83 15.22 0.46
N ASN B 202 -12.60 15.76 1.65
CA ASN B 202 -13.14 15.20 2.89
C ASN B 202 -14.35 15.99 3.36
N VAL B 203 -15.53 15.45 3.08
CA VAL B 203 -16.79 16.06 3.49
C VAL B 203 -17.22 15.44 4.82
N ASN B 204 -17.69 16.27 5.74
CA ASN B 204 -18.18 15.80 7.03
C ASN B 204 -19.45 16.55 7.44
N HIS B 205 -20.54 15.80 7.56
CA HIS B 205 -21.82 16.33 7.98
C HIS B 205 -22.17 15.68 9.32
N LYS B 206 -21.91 16.41 10.40
CA LYS B 206 -22.00 15.88 11.77
C LYS B 206 -23.41 15.42 12.16
N PRO B 207 -24.46 16.21 11.87
CA PRO B 207 -25.80 15.86 12.38
C PRO B 207 -26.47 14.64 11.75
N SER B 208 -25.84 14.00 10.77
CA SER B 208 -26.30 12.70 10.27
C SER B 208 -25.15 11.68 10.20
N ASN B 209 -24.10 11.91 10.99
CA ASN B 209 -22.94 11.02 11.07
C ASN B 209 -22.46 10.48 9.72
N THR B 210 -22.44 11.35 8.72
CA THR B 210 -21.96 10.99 7.39
C THR B 210 -20.54 11.51 7.16
N LYS B 211 -19.63 10.57 6.93
CA LYS B 211 -18.24 10.88 6.60
C LYS B 211 -17.94 10.30 5.22
N VAL B 212 -17.73 11.18 4.25
CA VAL B 212 -17.44 10.76 2.89
C VAL B 212 -16.10 11.34 2.46
N ASP B 213 -15.28 10.48 1.83
CA ASP B 213 -13.99 10.89 1.30
C ASP B 213 -13.93 10.56 -0.18
N LYS B 214 -14.46 11.47 -1.00
CA LYS B 214 -14.56 11.26 -2.44
C LYS B 214 -13.27 11.64 -3.15
N LYS B 215 -12.75 10.70 -3.95
CA LYS B 215 -11.55 10.93 -4.74
C LYS B 215 -11.93 11.65 -6.03
N VAL B 216 -11.22 12.74 -6.32
CA VAL B 216 -11.43 13.48 -7.56
C VAL B 216 -10.27 13.21 -8.50
N GLU B 217 -10.56 12.68 -9.67
CA GLU B 217 -9.55 12.44 -10.70
C GLU B 217 -10.10 12.83 -12.07
N PRO B 218 -9.22 13.10 -13.05
CA PRO B 218 -9.71 13.46 -14.38
C PRO B 218 -10.31 12.25 -15.07
N LYS B 219 -11.56 12.36 -15.53
CA LYS B 219 -12.27 11.22 -16.07
C LYS B 219 -11.67 10.80 -17.42
N SER B 220 -11.35 9.50 -17.55
CA SER B 220 -10.61 8.95 -18.69
C SER B 220 -10.53 9.86 -19.92
N CYS B 221 -11.64 10.02 -20.64
CA CYS B 221 -11.73 10.99 -21.75
C CYS B 221 -13.19 11.20 -22.20
N GLU C 1 -40.77 45.48 51.86
CA GLU C 1 -39.70 44.57 51.39
C GLU C 1 -38.73 45.28 50.40
N VAL C 2 -37.97 44.50 49.63
CA VAL C 2 -36.77 44.99 48.92
C VAL C 2 -37.08 46.02 47.83
N VAL C 3 -36.23 47.04 47.76
CA VAL C 3 -36.26 48.04 46.69
C VAL C 3 -35.44 47.51 45.53
N LYS C 4 -35.98 47.53 44.31
CA LYS C 4 -35.31 46.89 43.17
C LYS C 4 -34.19 47.77 42.62
N PHE C 5 -33.30 47.17 41.84
CA PHE C 5 -32.14 47.86 41.31
C PHE C 5 -32.50 49.12 40.55
N MET C 6 -33.44 49.00 39.61
CA MET C 6 -33.80 50.11 38.72
C MET C 6 -34.37 51.31 39.49
N ASP C 7 -35.04 51.04 40.61
CA ASP C 7 -35.56 52.13 41.45
C ASP C 7 -34.44 52.86 42.18
N VAL C 8 -33.50 52.10 42.74
CA VAL C 8 -32.40 52.68 43.50
C VAL C 8 -31.52 53.54 42.61
N TYR C 9 -31.19 53.01 41.44
CA TYR C 9 -30.35 53.72 40.47
C TYR C 9 -30.98 55.05 40.08
N GLN C 10 -32.24 55.02 39.67
CA GLN C 10 -32.93 56.22 39.17
C GLN C 10 -33.09 57.29 40.24
N ARG C 11 -33.37 56.86 41.46
CA ARG C 11 -33.56 57.78 42.59
C ARG C 11 -32.23 58.34 43.11
N SER C 12 -31.13 57.64 42.83
CA SER C 12 -29.81 58.04 43.31
C SER C 12 -28.87 58.47 42.17
N TYR C 13 -29.44 58.87 41.03
CA TYR C 13 -28.63 59.45 39.96
C TYR C 13 -28.62 60.96 40.12
N CYS C 14 -27.51 61.58 39.75
CA CYS C 14 -27.31 63.02 39.90
C CYS C 14 -28.54 63.83 39.48
N HIS C 15 -29.26 64.36 40.47
CA HIS C 15 -30.39 65.24 40.25
C HIS C 15 -30.51 66.25 41.41
N PRO C 16 -31.27 67.34 41.21
CA PRO C 16 -31.44 68.30 42.31
C PRO C 16 -32.36 67.74 43.38
N ILE C 17 -32.00 67.92 44.64
CA ILE C 17 -32.75 67.35 45.75
C ILE C 17 -32.73 68.27 46.96
N GLU C 18 -33.81 68.24 47.75
CA GLU C 18 -33.92 69.10 48.92
C GLU C 18 -32.80 68.79 49.93
N THR C 19 -31.88 69.75 50.09
CA THR C 19 -30.76 69.63 51.00
C THR C 19 -30.86 70.73 52.04
N LEU C 20 -30.46 70.43 53.27
CA LEU C 20 -30.49 71.41 54.36
C LEU C 20 -29.13 72.07 54.55
N VAL C 21 -29.07 73.35 54.18
CA VAL C 21 -27.83 74.10 54.14
C VAL C 21 -27.75 75.05 55.33
N ASP C 22 -26.60 75.06 56.00
CA ASP C 22 -26.35 75.99 57.08
C ASP C 22 -26.18 77.40 56.52
N ILE C 23 -26.85 78.37 57.12
CA ILE C 23 -26.78 79.76 56.66
C ILE C 23 -25.36 80.32 56.75
N PHE C 24 -24.65 79.96 57.82
CA PHE C 24 -23.25 80.36 58.02
C PHE C 24 -22.35 79.98 56.84
N GLN C 25 -22.51 78.75 56.35
CA GLN C 25 -21.73 78.24 55.22
C GLN C 25 -21.93 79.13 53.99
N GLU C 26 -23.16 79.61 53.78
CA GLU C 26 -23.47 80.43 52.61
C GLU C 26 -23.05 81.89 52.77
N TYR C 27 -23.32 82.48 53.93
CA TYR C 27 -22.88 83.84 54.25
C TYR C 27 -21.92 83.84 55.43
N PRO C 28 -20.61 83.63 55.16
CA PRO C 28 -19.60 83.55 56.22
C PRO C 28 -19.04 84.89 56.69
N ASP C 29 -19.33 85.97 55.97
CA ASP C 29 -18.88 87.31 56.37
C ASP C 29 -19.79 87.88 57.47
N GLU C 30 -21.01 87.35 57.54
CA GLU C 30 -22.01 87.81 58.50
C GLU C 30 -21.89 86.99 59.79
N ILE C 31 -21.01 87.44 60.69
CA ILE C 31 -20.66 86.67 61.90
C ILE C 31 -21.23 87.29 63.17
N GLU C 32 -21.41 88.61 63.17
CA GLU C 32 -22.12 89.32 64.24
C GLU C 32 -23.47 88.70 64.63
N TYR C 33 -24.16 88.13 63.65
CA TYR C 33 -25.55 87.70 63.82
C TYR C 33 -25.67 86.25 64.30
N ILE C 34 -26.78 85.96 64.97
CA ILE C 34 -27.23 84.59 65.21
C ILE C 34 -28.50 84.39 64.40
N PHE C 35 -28.53 83.33 63.60
CA PHE C 35 -29.64 83.10 62.66
C PHE C 35 -30.62 82.07 63.20
N LYS C 36 -31.90 82.41 63.15
CA LYS C 36 -32.97 81.47 63.48
C LYS C 36 -33.93 81.41 62.29
N PRO C 37 -34.12 80.22 61.69
CA PRO C 37 -33.37 78.99 61.94
C PRO C 37 -31.93 79.12 61.45
N SER C 38 -31.04 78.30 61.98
CA SER C 38 -29.62 78.36 61.62
C SER C 38 -29.34 77.74 60.25
N CYS C 39 -30.31 76.99 59.72
CA CYS C 39 -30.17 76.35 58.42
C CYS C 39 -31.47 76.46 57.64
N VAL C 40 -31.39 76.24 56.34
CA VAL C 40 -32.55 76.38 55.45
C VAL C 40 -32.63 75.26 54.42
N PRO C 41 -33.85 74.95 53.95
CA PRO C 41 -34.03 73.89 52.96
C PRO C 41 -33.89 74.43 51.54
N LEU C 42 -32.83 74.01 50.85
CA LEU C 42 -32.57 74.43 49.49
C LEU C 42 -32.47 73.22 48.58
N MET C 43 -32.67 73.46 47.29
CA MET C 43 -32.46 72.44 46.27
C MET C 43 -31.00 72.52 45.82
N ARG C 44 -30.28 71.43 45.99
CA ARG C 44 -28.87 71.38 45.60
C ARG C 44 -28.56 70.08 44.89
N CYS C 45 -27.55 70.11 44.03
CA CYS C 45 -27.19 68.95 43.24
C CYS C 45 -26.50 67.94 44.14
N GLY C 46 -27.19 66.82 44.36
CA GLY C 46 -26.63 65.70 45.08
C GLY C 46 -26.70 64.45 44.20
N GLY C 47 -26.41 63.30 44.80
CA GLY C 47 -26.48 62.03 44.08
C GLY C 47 -25.18 61.71 43.38
N CYS C 48 -25.10 60.49 42.87
CA CYS C 48 -23.86 59.96 42.32
C CYS C 48 -23.95 59.74 40.80
N CYS C 49 -22.83 59.93 40.13
CA CYS C 49 -22.72 59.77 38.66
C CYS C 49 -22.24 58.37 38.27
N ASN C 50 -21.83 57.58 39.25
CA ASN C 50 -21.35 56.21 39.03
C ASN C 50 -20.08 56.18 38.17
N ASP C 51 -19.08 56.94 38.63
CA ASP C 51 -17.76 57.03 37.99
C ASP C 51 -16.88 57.94 38.85
N GLU C 52 -15.68 57.46 39.21
CA GLU C 52 -14.76 58.23 40.04
C GLU C 52 -14.18 59.46 39.32
N GLY C 53 -14.14 59.42 37.98
CA GLY C 53 -13.63 60.52 37.18
C GLY C 53 -14.66 61.58 36.78
N LEU C 54 -15.85 61.52 37.39
CA LEU C 54 -16.93 62.49 37.13
C LEU C 54 -17.55 62.98 38.44
N GLU C 55 -18.01 64.24 38.43
CA GLU C 55 -18.74 64.81 39.57
C GLU C 55 -20.07 65.41 39.11
N CYS C 56 -21.03 65.47 40.03
CA CYS C 56 -22.35 66.01 39.75
C CYS C 56 -22.37 67.51 40.06
N VAL C 57 -22.58 68.33 39.03
CA VAL C 57 -22.53 69.79 39.16
C VAL C 57 -23.72 70.46 38.48
N PRO C 58 -24.05 71.71 38.89
CA PRO C 58 -25.24 72.38 38.37
C PRO C 58 -25.01 73.06 37.03
N THR C 59 -26.10 73.28 36.30
CA THR C 59 -26.08 73.99 35.02
C THR C 59 -27.00 75.21 35.11
N GLU C 60 -28.25 74.95 35.48
CA GLU C 60 -29.25 76.01 35.65
C GLU C 60 -29.39 76.34 37.15
N GLU C 61 -28.97 77.55 37.52
CA GLU C 61 -29.09 78.05 38.89
C GLU C 61 -30.21 79.08 38.97
N SER C 62 -30.77 79.25 40.17
CA SER C 62 -31.77 80.28 40.41
C SER C 62 -31.66 80.80 41.84
N ASN C 63 -32.50 81.76 42.20
CA ASN C 63 -32.51 82.34 43.54
C ASN C 63 -33.87 82.21 44.22
N ILE C 64 -33.82 81.95 45.53
CA ILE C 64 -35.02 81.91 46.37
C ILE C 64 -34.78 82.78 47.61
N THR C 65 -35.80 83.51 48.04
CA THR C 65 -35.67 84.42 49.16
C THR C 65 -36.53 83.93 50.33
N MET C 66 -35.93 83.94 51.52
CA MET C 66 -36.57 83.43 52.72
C MET C 66 -36.52 84.45 53.85
N GLN C 67 -37.61 84.55 54.60
CA GLN C 67 -37.64 85.35 55.81
C GLN C 67 -36.83 84.61 56.87
N ILE C 68 -35.78 85.25 57.37
CA ILE C 68 -34.95 84.68 58.43
C ILE C 68 -34.85 85.65 59.59
N MET C 69 -35.01 85.12 60.80
CA MET C 69 -34.80 85.91 62.01
C MET C 69 -33.31 86.07 62.22
N ARG C 70 -32.85 87.30 62.37
CA ARG C 70 -31.42 87.57 62.55
C ARG C 70 -31.19 88.31 63.87
N ILE C 71 -30.71 87.57 64.85
CA ILE C 71 -30.51 88.13 66.18
C ILE C 71 -29.12 88.73 66.28
N LYS C 72 -29.04 89.91 66.92
CA LYS C 72 -27.78 90.60 67.11
C LYS C 72 -27.65 90.92 68.61
N PRO C 73 -26.99 90.02 69.36
CA PRO C 73 -27.00 90.04 70.84
C PRO C 73 -26.75 91.42 71.47
N HIS C 74 -27.53 91.72 72.51
CA HIS C 74 -27.46 92.98 73.25
C HIS C 74 -27.76 94.19 72.36
N GLN C 75 -28.54 93.96 71.30
CA GLN C 75 -28.81 95.01 70.34
C GLN C 75 -30.25 94.94 69.85
N GLY C 76 -30.55 94.00 68.95
CA GLY C 76 -31.93 93.77 68.53
C GLY C 76 -32.07 92.59 67.57
N GLN C 77 -33.31 92.17 67.37
CA GLN C 77 -33.64 91.08 66.46
C GLN C 77 -34.60 91.59 65.41
N HIS C 78 -34.68 90.89 64.29
CA HIS C 78 -35.62 91.23 63.23
C HIS C 78 -35.72 90.16 62.16
N ILE C 79 -36.85 90.15 61.48
CA ILE C 79 -37.08 89.28 60.33
C ILE C 79 -36.52 89.99 59.10
N GLY C 80 -35.41 89.47 58.58
CA GLY C 80 -34.82 89.99 57.35
C GLY C 80 -34.99 89.00 56.22
N GLU C 81 -35.13 89.53 55.01
CA GLU C 81 -35.27 88.69 53.82
C GLU C 81 -33.88 88.34 53.30
N MET C 82 -33.55 87.06 53.33
CA MET C 82 -32.24 86.59 52.88
C MET C 82 -32.38 85.71 51.65
N SER C 83 -31.60 86.03 50.63
CA SER C 83 -31.60 85.30 49.37
C SER C 83 -30.65 84.11 49.44
N PHE C 84 -31.02 83.01 48.80
CA PHE C 84 -30.18 81.81 48.75
C PHE C 84 -30.12 81.22 47.34
N LEU C 85 -28.96 80.66 47.01
CA LEU C 85 -28.75 80.05 45.70
C LEU C 85 -29.38 78.66 45.64
N GLN C 86 -30.11 78.38 44.58
CA GLN C 86 -30.70 77.05 44.35
C GLN C 86 -30.21 76.45 43.04
N HIS C 87 -30.36 75.13 42.91
CA HIS C 87 -30.04 74.43 41.67
C HIS C 87 -31.31 73.87 41.04
N ASN C 88 -31.51 74.14 39.75
CA ASN C 88 -32.69 73.69 39.01
C ASN C 88 -32.43 72.49 38.10
N LYS C 89 -31.19 72.34 37.65
CA LYS C 89 -30.82 71.23 36.77
C LYS C 89 -29.36 70.84 37.00
N CYS C 90 -29.11 69.53 37.09
CA CYS C 90 -27.76 69.01 37.31
C CYS C 90 -27.31 68.17 36.13
N GLU C 91 -25.99 68.02 35.99
CA GLU C 91 -25.40 67.23 34.92
C GLU C 91 -24.09 66.63 35.42
N CYS C 92 -23.72 65.46 34.89
CA CYS C 92 -22.45 64.82 35.25
C CYS C 92 -21.33 65.37 34.37
N ARG C 93 -20.24 65.79 35.00
CA ARG C 93 -19.15 66.49 34.34
C ARG C 93 -17.78 66.02 34.86
N PRO C 94 -16.70 66.28 34.10
CA PRO C 94 -15.35 65.85 34.56
C PRO C 94 -14.77 66.71 35.68
N LYS C 95 -13.99 66.09 36.56
CA LYS C 95 -13.36 66.78 37.69
C LYS C 95 -12.17 67.63 37.24
N GLU D 1 -42.89 83.73 44.89
CA GLU D 1 -42.40 84.84 45.78
C GLU D 1 -41.94 84.29 47.15
N VAL D 2 -41.85 85.16 48.15
CA VAL D 2 -41.11 84.88 49.39
C VAL D 2 -41.72 83.77 50.26
N VAL D 3 -40.84 82.92 50.81
CA VAL D 3 -41.23 81.89 51.77
C VAL D 3 -41.22 82.54 53.16
N LYS D 4 -42.29 82.35 53.93
CA LYS D 4 -42.41 83.06 55.20
C LYS D 4 -41.57 82.39 56.29
N PHE D 5 -41.35 83.11 57.38
CA PHE D 5 -40.50 82.64 58.47
C PHE D 5 -40.96 81.30 59.02
N MET D 6 -42.25 81.20 59.36
CA MET D 6 -42.78 79.99 59.99
C MET D 6 -42.65 78.74 59.12
N ASP D 7 -42.71 78.91 57.81
CA ASP D 7 -42.51 77.79 56.88
C ASP D 7 -41.05 77.32 56.88
N VAL D 8 -40.13 78.27 56.81
CA VAL D 8 -38.70 77.95 56.75
C VAL D 8 -38.26 77.24 58.01
N TYR D 9 -38.68 77.77 59.16
CA TYR D 9 -38.32 77.20 60.45
C TYR D 9 -38.79 75.76 60.56
N GLN D 10 -40.07 75.52 60.28
CA GLN D 10 -40.67 74.20 60.43
C GLN D 10 -40.07 73.16 59.49
N ARG D 11 -39.76 73.59 58.26
CA ARG D 11 -39.18 72.70 57.27
C ARG D 11 -37.70 72.43 57.52
N SER D 12 -37.04 73.32 58.27
CA SER D 12 -35.61 73.20 58.55
C SER D 12 -35.31 72.90 60.03
N TYR D 13 -36.29 72.36 60.75
CA TYR D 13 -36.05 71.90 62.12
C TYR D 13 -35.67 70.44 62.08
N CYS D 14 -34.80 70.03 63.00
CA CYS D 14 -34.30 68.66 63.06
C CYS D 14 -35.38 67.61 62.86
N HIS D 15 -35.37 66.99 61.67
CA HIS D 15 -36.28 65.88 61.34
C HIS D 15 -35.61 64.94 60.34
N PRO D 16 -36.14 63.71 60.19
CA PRO D 16 -35.55 62.80 59.23
C PRO D 16 -35.89 63.20 57.80
N ILE D 17 -34.91 63.15 56.91
CA ILE D 17 -35.08 63.62 55.54
C ILE D 17 -34.28 62.76 54.56
N GLU D 18 -34.79 62.62 53.33
CA GLU D 18 -34.12 61.79 52.33
C GLU D 18 -32.74 62.36 52.02
N THR D 19 -31.71 61.61 52.40
CA THR D 19 -30.33 61.98 52.18
C THR D 19 -29.66 60.93 51.29
N LEU D 20 -28.76 61.37 50.42
CA LEU D 20 -28.06 60.45 49.53
C LEU D 20 -26.70 60.08 50.10
N VAL D 21 -26.58 58.82 50.51
CA VAL D 21 -25.42 58.32 51.23
C VAL D 21 -24.57 57.45 50.31
N ASP D 22 -23.27 57.70 50.30
CA ASP D 22 -22.33 56.88 49.54
C ASP D 22 -22.21 55.51 50.20
N ILE D 23 -22.27 54.45 49.40
CA ILE D 23 -22.19 53.09 49.92
C ILE D 23 -20.84 52.81 50.57
N PHE D 24 -19.77 53.35 50.00
CA PHE D 24 -18.42 53.24 50.56
C PHE D 24 -18.33 53.73 52.00
N GLN D 25 -18.94 54.89 52.25
CA GLN D 25 -18.96 55.48 53.59
C GLN D 25 -19.58 54.53 54.62
N GLU D 26 -20.62 53.81 54.22
CA GLU D 26 -21.32 52.89 55.12
C GLU D 26 -20.61 51.55 55.29
N TYR D 27 -20.15 50.97 54.18
CA TYR D 27 -19.36 49.73 54.21
C TYR D 27 -17.95 49.99 53.66
N PRO D 28 -17.02 50.43 54.55
CA PRO D 28 -15.65 50.74 54.14
C PRO D 28 -14.68 49.55 54.11
N ASP D 29 -15.09 48.40 54.65
CA ASP D 29 -14.25 47.20 54.61
C ASP D 29 -14.35 46.52 53.25
N GLU D 30 -15.45 46.79 52.53
CA GLU D 30 -15.72 46.20 51.23
C GLU D 30 -15.13 47.07 50.13
N ILE D 31 -13.84 46.85 49.82
CA ILE D 31 -13.08 47.72 48.90
C ILE D 31 -12.80 47.06 47.56
N GLU D 32 -12.71 45.74 47.56
CA GLU D 32 -12.62 44.94 46.32
C GLU D 32 -13.68 45.32 45.27
N TYR D 33 -14.88 45.69 45.73
CA TYR D 33 -16.04 45.83 44.86
C TYR D 33 -16.16 47.25 44.29
N ILE D 34 -16.82 47.36 43.13
CA ILE D 34 -17.34 48.63 42.62
C ILE D 34 -18.86 48.55 42.68
N PHE D 35 -19.49 49.55 43.28
CA PHE D 35 -20.93 49.52 43.51
C PHE D 35 -21.68 50.36 42.50
N LYS D 36 -22.73 49.78 41.92
CA LYS D 36 -23.63 50.50 41.03
C LYS D 36 -25.05 50.32 41.57
N PRO D 37 -25.73 51.42 41.91
CA PRO D 37 -25.20 52.78 42.00
C PRO D 37 -24.22 52.90 43.15
N SER D 38 -23.36 53.91 43.10
CA SER D 38 -22.34 54.11 44.14
C SER D 38 -22.93 54.73 45.42
N CYS D 39 -24.13 55.25 45.34
CA CYS D 39 -24.79 55.84 46.48
C CYS D 39 -26.27 55.43 46.52
N VAL D 40 -26.91 55.63 47.67
CA VAL D 40 -28.31 55.22 47.85
C VAL D 40 -29.10 56.26 48.63
N PRO D 41 -30.43 56.33 48.39
CA PRO D 41 -31.26 57.27 49.10
C PRO D 41 -31.76 56.71 50.42
N LEU D 42 -31.30 57.30 51.51
CA LEU D 42 -31.70 56.87 52.85
C LEU D 42 -32.30 58.03 53.61
N MET D 43 -33.08 57.70 54.64
CA MET D 43 -33.61 58.70 55.56
C MET D 43 -32.61 58.88 56.68
N ARG D 44 -32.11 60.10 56.84
CA ARG D 44 -31.14 60.42 57.88
C ARG D 44 -31.48 61.72 58.57
N CYS D 45 -31.07 61.85 59.82
CA CYS D 45 -31.37 63.02 60.61
C CYS D 45 -30.54 64.19 60.13
N GLY D 46 -31.21 65.15 59.51
CA GLY D 46 -30.58 66.39 59.09
C GLY D 46 -31.30 67.55 59.73
N GLY D 47 -30.99 68.76 59.30
CA GLY D 47 -31.66 69.96 59.81
C GLY D 47 -30.98 70.51 61.06
N CYS D 48 -31.39 71.71 61.45
CA CYS D 48 -30.74 72.43 62.53
C CYS D 48 -31.63 72.56 63.76
N CYS D 49 -30.98 72.57 64.93
CA CYS D 49 -31.65 72.68 66.22
C CYS D 49 -31.73 74.13 66.71
N ASN D 50 -31.02 75.02 66.03
CA ASN D 50 -30.98 76.45 66.38
C ASN D 50 -30.36 76.69 67.76
N ASP D 51 -29.15 76.17 67.92
CA ASP D 51 -28.34 76.30 69.15
C ASP D 51 -26.99 75.63 68.90
N GLU D 52 -25.89 76.35 69.16
CA GLU D 52 -24.54 75.80 68.95
C GLU D 52 -24.19 74.68 69.95
N GLY D 53 -24.84 74.67 71.11
CA GLY D 53 -24.61 73.65 72.13
C GLY D 53 -25.47 72.39 72.01
N LEU D 54 -26.18 72.25 70.89
CA LEU D 54 -27.04 71.08 70.63
C LEU D 54 -26.81 70.53 69.22
N GLU D 55 -26.96 69.22 69.08
CA GLU D 55 -26.89 68.57 67.77
C GLU D 55 -28.13 67.70 67.53
N CYS D 56 -28.46 67.49 66.25
CA CYS D 56 -29.62 66.69 65.85
C CYS D 56 -29.18 65.23 65.67
N VAL D 57 -29.73 64.34 66.51
CA VAL D 57 -29.34 62.91 66.51
C VAL D 57 -30.57 62.01 66.54
N PRO D 58 -30.41 60.74 66.10
CA PRO D 58 -31.54 59.82 65.99
C PRO D 58 -31.89 59.15 67.32
N THR D 59 -33.14 58.69 67.40
CA THR D 59 -33.64 57.94 68.56
C THR D 59 -34.14 56.57 68.11
N GLU D 60 -35.05 56.59 67.13
CA GLU D 60 -35.60 55.38 66.53
C GLU D 60 -34.90 55.08 65.20
N GLU D 61 -34.13 53.99 65.17
CA GLU D 61 -33.45 53.54 63.96
C GLU D 61 -34.16 52.33 63.39
N SER D 62 -33.98 52.10 62.10
CA SER D 62 -34.51 50.90 61.44
C SER D 62 -33.59 50.47 60.29
N ASN D 63 -33.94 49.38 59.62
CA ASN D 63 -33.17 48.87 58.50
C ASN D 63 -33.99 48.76 57.22
N ILE D 64 -33.34 49.08 56.09
CA ILE D 64 -33.93 48.93 54.77
C ILE D 64 -32.93 48.19 53.88
N THR D 65 -33.43 47.29 53.05
CA THR D 65 -32.58 46.46 52.19
C THR D 65 -32.80 46.81 50.72
N MET D 66 -31.70 46.99 49.99
CA MET D 66 -31.73 47.41 48.60
C MET D 66 -30.91 46.49 47.72
N GLN D 67 -31.43 46.21 46.53
CA GLN D 67 -30.69 45.45 45.52
C GLN D 67 -29.62 46.36 44.96
N ILE D 68 -28.37 45.96 45.11
CA ILE D 68 -27.25 46.74 44.59
C ILE D 68 -26.37 45.86 43.71
N MET D 69 -25.99 46.41 42.55
CA MET D 69 -25.06 45.74 41.64
C MET D 69 -23.67 45.88 42.22
N ARG D 70 -22.98 44.76 42.40
CA ARG D 70 -21.64 44.78 42.98
C ARG D 70 -20.62 44.17 42.03
N ILE D 71 -19.87 45.02 41.35
CA ILE D 71 -18.93 44.58 40.34
C ILE D 71 -17.61 44.24 40.99
N LYS D 72 -16.99 43.14 40.56
CA LYS D 72 -15.70 42.71 41.07
C LYS D 72 -14.76 42.48 39.88
N PRO D 73 -14.01 43.52 39.47
CA PRO D 73 -13.27 43.58 38.21
C PRO D 73 -12.48 42.31 37.87
N HIS D 74 -12.56 41.91 36.61
CA HIS D 74 -11.90 40.71 36.07
C HIS D 74 -12.37 39.43 36.75
N GLN D 75 -13.59 39.44 37.27
CA GLN D 75 -14.11 38.32 38.04
C GLN D 75 -15.60 38.10 37.73
N GLY D 76 -16.48 38.94 38.28
CA GLY D 76 -17.88 38.88 37.93
C GLY D 76 -18.70 39.95 38.60
N GLN D 77 -19.93 40.12 38.14
CA GLN D 77 -20.87 41.08 38.70
C GLN D 77 -22.11 40.33 39.17
N HIS D 78 -22.87 40.96 40.06
CA HIS D 78 -24.15 40.40 40.52
C HIS D 78 -24.96 41.40 41.32
N ILE D 79 -26.27 41.15 41.34
CA ILE D 79 -27.20 41.91 42.16
C ILE D 79 -27.22 41.26 43.55
N GLY D 80 -26.65 41.96 44.52
CA GLY D 80 -26.67 41.53 45.91
C GLY D 80 -27.59 42.41 46.72
N GLU D 81 -28.22 41.82 47.74
CA GLU D 81 -29.09 42.56 48.63
C GLU D 81 -28.26 43.14 49.76
N MET D 82 -28.19 44.48 49.82
CA MET D 82 -27.42 45.17 50.83
C MET D 82 -28.33 45.93 51.78
N SER D 83 -28.11 45.72 53.07
CA SER D 83 -28.89 46.39 54.11
C SER D 83 -28.27 47.76 54.47
N PHE D 84 -29.12 48.73 54.78
CA PHE D 84 -28.66 50.07 55.16
C PHE D 84 -29.42 50.58 56.37
N LEU D 85 -28.74 51.36 57.20
CA LEU D 85 -29.34 51.93 58.40
C LEU D 85 -30.16 53.17 58.05
N GLN D 86 -31.37 53.26 58.57
CA GLN D 86 -32.22 54.44 58.39
C GLN D 86 -32.60 55.06 59.72
N HIS D 87 -33.03 56.32 59.68
CA HIS D 87 -33.53 57.03 60.88
C HIS D 87 -35.02 57.30 60.73
N ASN D 88 -35.79 56.94 61.77
CA ASN D 88 -37.24 57.12 61.78
C ASN D 88 -37.71 58.32 62.61
N LYS D 89 -36.93 58.68 63.62
CA LYS D 89 -37.27 59.80 64.50
C LYS D 89 -36.01 60.48 65.02
N CYS D 90 -35.99 61.81 64.98
CA CYS D 90 -34.84 62.60 65.43
C CYS D 90 -35.21 63.47 66.62
N GLU D 91 -34.21 63.85 67.40
CA GLU D 91 -34.40 64.70 68.57
C GLU D 91 -33.16 65.56 68.77
N CYS D 92 -33.34 66.76 69.33
CA CYS D 92 -32.20 67.64 69.62
C CYS D 92 -31.58 67.29 70.98
N ARG D 93 -30.27 67.12 71.00
CA ARG D 93 -29.56 66.61 72.18
C ARG D 93 -28.24 67.37 72.38
N PRO D 94 -27.66 67.29 73.59
CA PRO D 94 -26.38 67.98 73.86
C PRO D 94 -25.16 67.30 73.23
N LYS D 95 -24.18 68.10 72.83
CA LYS D 95 -22.94 67.60 72.22
C LYS D 95 -22.01 67.01 73.27
N LYS D 96 -21.77 65.70 73.18
CA LYS D 96 -20.92 65.01 74.16
C LYS D 96 -19.46 65.02 73.69
N ASP D 97 -18.55 65.34 74.62
CA ASP D 97 -17.11 65.36 74.32
C ASP D 97 -16.30 65.18 75.60
N ASP E 1 -50.25 80.67 69.66
CA ASP E 1 -49.63 81.36 70.86
C ASP E 1 -49.02 80.35 71.83
N ILE E 2 -47.85 80.71 72.38
CA ILE E 2 -47.19 79.89 73.39
C ILE E 2 -47.72 80.30 74.76
N GLN E 3 -48.23 79.32 75.50
CA GLN E 3 -48.81 79.56 76.82
C GLN E 3 -47.79 79.20 77.89
N MET E 4 -47.38 80.19 78.68
CA MET E 4 -46.58 79.94 79.87
C MET E 4 -47.52 79.84 81.06
N THR E 5 -47.44 78.73 81.79
CA THR E 5 -48.36 78.45 82.89
C THR E 5 -47.57 78.31 84.20
N GLN E 6 -47.66 79.32 85.06
CA GLN E 6 -46.94 79.33 86.33
C GLN E 6 -47.72 78.65 87.43
N SER E 7 -47.00 77.91 88.28
CA SER E 7 -47.57 77.29 89.47
C SER E 7 -46.59 77.46 90.61
N PRO E 8 -47.07 77.82 91.82
CA PRO E 8 -48.43 78.15 92.21
C PRO E 8 -48.85 79.54 91.78
N SER E 9 -50.04 79.97 92.23
CA SER E 9 -50.57 81.30 91.95
C SER E 9 -50.08 82.27 93.00
N SER E 10 -50.31 81.93 94.26
CA SER E 10 -49.77 82.66 95.40
C SER E 10 -48.93 81.68 96.21
N LEU E 11 -48.29 82.17 97.26
CA LEU E 11 -47.36 81.35 98.03
C LEU E 11 -46.80 82.12 99.21
N SER E 12 -46.83 81.52 100.40
CA SER E 12 -46.14 82.08 101.54
C SER E 12 -45.16 81.05 102.11
N ALA E 13 -43.97 81.52 102.49
CA ALA E 13 -42.95 80.68 103.11
C ALA E 13 -42.24 81.49 104.20
N SER E 14 -41.56 80.79 105.08
CA SER E 14 -40.89 81.41 106.22
C SER E 14 -39.54 81.99 105.80
N VAL E 15 -38.93 82.77 106.69
CA VAL E 15 -37.61 83.34 106.44
C VAL E 15 -36.59 82.21 106.45
N GLY E 16 -35.86 82.06 105.36
CA GLY E 16 -34.80 81.04 105.26
C GLY E 16 -35.22 79.76 104.57
N ASP E 17 -36.52 79.59 104.34
CA ASP E 17 -37.02 78.40 103.67
C ASP E 17 -36.69 78.38 102.18
N ARG E 18 -36.81 77.21 101.57
CA ARG E 18 -36.53 77.02 100.16
C ARG E 18 -37.83 77.15 99.39
N VAL E 19 -37.85 78.00 98.38
CA VAL E 19 -39.05 78.28 97.60
C VAL E 19 -38.84 77.83 96.17
N THR E 20 -39.85 77.20 95.60
CA THR E 20 -39.75 76.64 94.24
C THR E 20 -40.96 77.07 93.42
N ILE E 21 -40.70 77.87 92.39
CA ILE E 21 -41.73 78.31 91.46
C ILE E 21 -41.49 77.64 90.12
N THR E 22 -42.50 76.97 89.58
CA THR E 22 -42.40 76.27 88.31
C THR E 22 -43.18 77.02 87.24
N CYS E 23 -42.74 76.90 86.00
CA CYS E 23 -43.37 77.59 84.88
C CYS E 23 -43.30 76.68 83.66
N ARG E 24 -44.47 76.24 83.21
CA ARG E 24 -44.60 75.16 82.22
C ARG E 24 -44.94 75.71 80.85
N ALA E 25 -44.08 75.42 79.87
CA ALA E 25 -44.27 75.89 78.49
C ALA E 25 -45.09 74.89 77.69
N SER E 26 -45.91 75.41 76.77
CA SER E 26 -46.81 74.57 75.97
C SER E 26 -46.02 73.72 74.98
N GLN E 27 -45.09 74.34 74.27
CA GLN E 27 -44.19 73.64 73.34
C GLN E 27 -42.76 74.11 73.52
N SER E 28 -41.81 73.31 73.06
CA SER E 28 -40.39 73.57 73.31
C SER E 28 -40.01 75.01 72.99
N VAL E 29 -39.39 75.66 73.98
CA VAL E 29 -38.96 77.04 73.88
C VAL E 29 -37.44 77.11 73.70
N SER E 30 -36.78 75.95 73.83
CA SER E 30 -35.34 75.90 74.01
C SER E 30 -35.04 76.45 75.40
N SER E 31 -33.78 76.86 75.62
CA SER E 31 -33.36 77.44 76.89
C SER E 31 -33.45 78.97 76.81
N ALA E 32 -34.62 79.46 76.41
CA ALA E 32 -34.84 80.88 76.12
C ALA E 32 -35.92 81.44 77.04
N VAL E 33 -35.63 81.43 78.33
CA VAL E 33 -36.58 81.82 79.37
C VAL E 33 -35.92 82.75 80.36
N ALA E 34 -36.68 83.70 80.88
CA ALA E 34 -36.17 84.64 81.86
C ALA E 34 -37.12 84.76 83.03
N TRP E 35 -36.58 85.06 84.20
CA TRP E 35 -37.39 85.25 85.39
C TRP E 35 -37.25 86.67 85.90
N TYR E 36 -38.38 87.28 86.26
CA TYR E 36 -38.40 88.66 86.71
C TYR E 36 -38.97 88.78 88.11
N GLN E 37 -38.70 89.91 88.76
CA GLN E 37 -39.16 90.14 90.11
C GLN E 37 -39.75 91.51 90.18
N GLN E 38 -41.06 91.60 90.33
CA GLN E 38 -41.73 92.88 90.42
C GLN E 38 -42.17 93.12 91.86
N LYS E 39 -41.52 94.08 92.51
CA LYS E 39 -42.02 94.61 93.78
C LYS E 39 -43.30 95.39 93.51
N PRO E 40 -44.07 95.70 94.57
CA PRO E 40 -45.28 96.49 94.39
C PRO E 40 -44.96 97.93 94.02
N GLY E 41 -45.61 98.42 92.95
CA GLY E 41 -45.46 99.81 92.53
C GLY E 41 -44.13 100.13 91.87
N LYS E 42 -43.40 99.11 91.43
CA LYS E 42 -42.14 99.30 90.71
C LYS E 42 -42.10 98.40 89.48
N ALA E 43 -41.12 98.64 88.62
CA ALA E 43 -40.98 97.90 87.37
C ALA E 43 -40.26 96.58 87.59
N PRO E 44 -40.47 95.61 86.69
CA PRO E 44 -39.79 94.33 86.83
C PRO E 44 -38.28 94.49 86.86
N LYS E 45 -37.62 93.63 87.63
CA LYS E 45 -36.17 93.52 87.65
C LYS E 45 -35.83 92.12 87.13
N LEU E 46 -34.82 92.04 86.28
CA LEU E 46 -34.44 90.78 85.68
C LEU E 46 -33.59 90.00 86.68
N LEU E 47 -33.92 88.73 86.87
CA LEU E 47 -33.17 87.84 87.76
C LEU E 47 -32.34 86.82 86.99
N ILE E 48 -33.01 86.08 86.11
CA ILE E 48 -32.38 85.02 85.35
C ILE E 48 -32.69 85.21 83.89
N TYR E 49 -31.75 84.81 83.03
CA TYR E 49 -32.00 84.73 81.60
C TYR E 49 -31.43 83.41 81.07
N SER E 50 -31.66 83.12 79.79
CA SER E 50 -31.36 81.81 79.20
C SER E 50 -31.66 80.65 80.17
N ALA E 51 -32.79 80.74 80.86
CA ALA E 51 -33.31 79.68 81.73
C ALA E 51 -32.54 79.45 83.02
N SER E 52 -31.22 79.60 82.98
CA SER E 52 -30.36 79.18 84.10
C SER E 52 -29.31 80.19 84.58
N SER E 53 -28.80 81.02 83.67
CA SER E 53 -27.73 81.98 84.02
C SER E 53 -28.25 83.17 84.81
N LEU E 54 -27.45 83.62 85.76
CA LEU E 54 -27.84 84.66 86.69
C LEU E 54 -27.45 86.04 86.18
N TYR E 55 -28.38 86.99 86.23
CA TYR E 55 -28.09 88.35 85.79
C TYR E 55 -27.12 89.01 86.77
N SER E 56 -26.31 89.92 86.24
CA SER E 56 -25.29 90.62 87.01
C SER E 56 -25.90 91.44 88.14
N GLY E 57 -25.49 91.17 89.37
CA GLY E 57 -25.94 91.93 90.53
C GLY E 57 -27.11 91.33 91.27
N VAL E 58 -27.60 90.19 90.79
CA VAL E 58 -28.66 89.45 91.45
C VAL E 58 -28.00 88.53 92.47
N PRO E 59 -28.50 88.51 93.72
CA PRO E 59 -27.90 87.63 94.72
C PRO E 59 -28.01 86.15 94.34
N SER E 60 -27.09 85.35 94.87
CA SER E 60 -26.89 83.98 94.42
C SER E 60 -28.05 83.05 94.75
N ARG E 61 -28.82 83.39 95.77
CA ARG E 61 -29.93 82.53 96.18
C ARG E 61 -30.92 82.27 95.04
N PHE E 62 -31.13 83.28 94.20
CA PHE E 62 -31.95 83.11 93.01
C PHE E 62 -31.25 82.22 92.00
N SER E 63 -31.95 81.20 91.50
CA SER E 63 -31.33 80.23 90.60
C SER E 63 -32.36 79.59 89.69
N GLY E 64 -32.13 79.70 88.38
CA GLY E 64 -33.02 79.14 87.37
C GLY E 64 -32.55 77.76 86.94
N SER E 65 -33.50 76.93 86.51
CA SER E 65 -33.21 75.56 86.10
C SER E 65 -34.24 75.08 85.08
N ARG E 66 -33.93 73.96 84.42
CA ARG E 66 -34.75 73.47 83.30
C ARG E 66 -34.95 71.96 83.31
N SER E 67 -36.08 71.52 82.75
CA SER E 67 -36.35 70.10 82.48
C SER E 67 -37.11 69.91 81.16
N GLY E 68 -36.50 70.37 80.07
CA GLY E 68 -37.02 70.22 78.71
C GLY E 68 -38.43 70.74 78.39
N THR E 69 -38.90 71.74 79.15
CA THR E 69 -40.23 72.38 78.99
C THR E 69 -40.70 72.95 80.32
N ASP E 70 -40.33 72.26 81.39
CA ASP E 70 -40.64 72.73 82.75
C ASP E 70 -39.47 73.55 83.27
N PHE E 71 -39.69 74.85 83.42
CA PHE E 71 -38.67 75.77 83.93
C PHE E 71 -38.99 76.09 85.37
N THR E 72 -37.94 76.33 86.17
CA THR E 72 -38.09 76.40 87.62
C THR E 72 -37.18 77.43 88.28
N LEU E 73 -37.78 78.51 88.78
CA LEU E 73 -37.06 79.48 89.59
C LEU E 73 -37.02 78.95 91.00
N THR E 74 -35.86 78.98 91.64
CA THR E 74 -35.72 78.50 93.01
C THR E 74 -35.04 79.55 93.88
N ILE E 75 -35.73 80.01 94.92
CA ILE E 75 -35.13 80.92 95.88
C ILE E 75 -34.66 80.08 97.05
N SER E 76 -33.35 79.90 97.16
CA SER E 76 -32.76 78.91 98.06
C SER E 76 -32.84 79.30 99.54
N SER E 77 -32.81 80.59 99.83
CA SER E 77 -32.89 81.06 101.22
C SER E 77 -33.76 82.31 101.32
N LEU E 78 -35.07 82.13 101.15
CA LEU E 78 -36.02 83.24 101.11
C LEU E 78 -35.76 84.25 102.20
N GLN E 79 -35.89 85.54 101.86
CA GLN E 79 -35.63 86.61 102.81
C GLN E 79 -36.67 87.71 102.68
N PRO E 80 -36.94 88.43 103.78
CA PRO E 80 -38.10 89.32 103.84
C PRO E 80 -38.21 90.32 102.69
N GLU E 81 -37.07 90.71 102.12
CA GLU E 81 -37.05 91.62 100.98
C GLU E 81 -37.23 90.88 99.63
N ASP E 82 -37.52 89.59 99.67
CA ASP E 82 -37.88 88.85 98.45
C ASP E 82 -39.37 88.83 98.22
N PHE E 83 -40.11 89.41 99.16
CA PHE E 83 -41.54 89.62 98.98
C PHE E 83 -41.79 90.34 97.67
N ALA E 84 -42.40 89.64 96.72
CA ALA E 84 -42.62 90.18 95.39
C ALA E 84 -43.53 89.27 94.56
N THR E 85 -43.84 89.72 93.34
CA THR E 85 -44.50 88.88 92.36
C THR E 85 -43.44 88.48 91.34
N TYR E 86 -43.36 87.20 91.04
CA TYR E 86 -42.32 86.66 90.16
C TYR E 86 -42.93 86.20 88.85
N TYR E 87 -42.40 86.70 87.72
CA TYR E 87 -42.88 86.34 86.41
C TYR E 87 -41.84 85.57 85.61
N CYS E 88 -42.22 84.43 85.03
CA CYS E 88 -41.37 83.79 84.02
C CYS E 88 -41.68 84.42 82.67
N GLN E 89 -40.81 84.22 81.70
CA GLN E 89 -40.94 84.83 80.39
C GLN E 89 -40.18 84.02 79.36
N GLN E 90 -40.88 83.59 78.33
CA GLN E 90 -40.27 82.84 77.24
C GLN E 90 -40.10 83.77 76.07
N TYR E 91 -39.01 83.62 75.33
CA TYR E 91 -38.86 84.29 74.03
C TYR E 91 -38.79 83.22 72.93
N SER E 92 -37.69 83.14 72.16
CA SER E 92 -37.64 82.28 70.97
C SER E 92 -38.76 82.66 70.00
N TYR E 93 -38.40 83.42 68.97
CA TYR E 93 -39.38 83.88 68.00
C TYR E 93 -40.16 82.69 67.44
N TYR E 94 -41.49 82.81 67.46
CA TYR E 94 -42.37 81.87 66.77
C TYR E 94 -43.39 82.69 65.99
N TYR E 95 -44.28 83.37 66.70
CA TYR E 95 -45.16 84.36 66.07
C TYR E 95 -44.93 85.72 66.72
N TYR E 96 -44.97 85.74 68.05
CA TYR E 96 -44.57 86.90 68.83
C TYR E 96 -43.09 86.80 69.17
N PRO E 97 -42.46 87.90 69.61
CA PRO E 97 -41.09 87.82 70.11
C PRO E 97 -40.96 87.07 71.43
N PHE E 98 -41.94 87.24 72.33
CA PHE E 98 -41.91 86.58 73.63
C PHE E 98 -43.29 86.56 74.31
N THR E 99 -43.39 85.87 75.44
CA THR E 99 -44.64 85.80 76.20
C THR E 99 -44.40 85.61 77.70
N PHE E 100 -45.33 86.10 78.50
CA PHE E 100 -45.22 86.05 79.96
C PHE E 100 -46.15 84.99 80.57
N GLY E 101 -46.05 84.84 81.90
CA GLY E 101 -46.99 84.05 82.69
C GLY E 101 -47.87 84.98 83.50
N GLN E 102 -48.80 84.40 84.27
CA GLN E 102 -49.80 85.21 85.00
C GLN E 102 -49.26 85.75 86.33
N GLY E 103 -48.09 85.27 86.75
CA GLY E 103 -47.42 85.75 87.96
C GLY E 103 -47.44 84.77 89.12
N THR E 104 -46.61 85.05 90.11
CA THR E 104 -46.53 84.23 91.31
C THR E 104 -46.27 85.14 92.50
N LYS E 105 -47.34 85.53 93.18
CA LYS E 105 -47.23 86.42 94.33
C LYS E 105 -46.68 85.65 95.52
N VAL E 106 -45.46 85.99 95.92
CA VAL E 106 -44.83 85.39 97.09
C VAL E 106 -45.09 86.29 98.29
N GLU E 107 -45.17 85.65 99.46
CA GLU E 107 -45.39 86.33 100.74
C GLU E 107 -44.41 85.79 101.77
N ILE E 108 -44.25 86.51 102.86
CA ILE E 108 -43.36 86.09 103.94
C ILE E 108 -44.18 85.62 105.13
N LYS E 109 -43.75 84.54 105.76
CA LYS E 109 -44.34 84.08 107.02
C LYS E 109 -43.43 84.47 108.18
N ARG E 110 -44.01 85.10 109.20
CA ARG E 110 -43.27 85.51 110.39
C ARG E 110 -44.10 85.27 111.66
N THR E 111 -43.53 85.63 112.81
CA THR E 111 -44.20 85.44 114.10
C THR E 111 -45.43 86.34 114.22
N VAL E 112 -46.39 85.94 115.04
CA VAL E 112 -47.60 86.74 115.21
C VAL E 112 -47.24 88.08 115.84
N ALA E 113 -47.73 89.18 115.26
CA ALA E 113 -47.47 90.51 115.78
C ALA E 113 -48.75 91.32 115.87
N ALA E 114 -48.94 91.99 117.01
CA ALA E 114 -50.17 92.69 117.29
C ALA E 114 -50.07 94.15 116.84
N PRO E 115 -51.18 94.71 116.31
CA PRO E 115 -51.20 96.09 115.85
C PRO E 115 -51.19 97.12 116.97
N SER E 116 -50.48 98.22 116.74
CA SER E 116 -50.66 99.45 117.50
C SER E 116 -51.85 100.14 116.85
N VAL E 117 -52.87 100.47 117.65
CA VAL E 117 -54.12 101.03 117.13
C VAL E 117 -54.24 102.51 117.44
N PHE E 118 -54.66 103.27 116.44
CA PHE E 118 -54.89 104.70 116.58
C PHE E 118 -56.22 105.06 115.92
N ILE E 119 -56.82 106.16 116.39
CA ILE E 119 -58.05 106.66 115.79
C ILE E 119 -57.97 108.19 115.62
N PHE E 120 -58.45 108.65 114.47
CA PHE E 120 -58.36 110.07 114.10
C PHE E 120 -59.73 110.67 113.85
N PRO E 121 -60.06 111.77 114.54
CA PRO E 121 -61.32 112.44 114.29
C PRO E 121 -61.22 113.28 113.01
N PRO E 122 -62.37 113.65 112.43
CA PRO E 122 -62.35 114.49 111.23
C PRO E 122 -61.74 115.86 111.52
N SER E 123 -61.08 116.44 110.52
CA SER E 123 -60.49 117.77 110.64
C SER E 123 -61.58 118.83 110.69
N ASP E 124 -61.35 119.88 111.46
CA ASP E 124 -62.28 121.03 111.46
C ASP E 124 -62.35 121.68 110.10
N GLU E 125 -61.25 121.62 109.34
CA GLU E 125 -61.22 122.10 107.96
C GLU E 125 -62.11 121.25 107.05
N GLN E 126 -62.20 119.95 107.33
CA GLN E 126 -63.06 119.04 106.55
C GLN E 126 -64.54 119.30 106.85
N LEU E 127 -64.85 119.55 108.11
CA LEU E 127 -66.22 119.82 108.53
C LEU E 127 -66.84 121.03 107.83
N LYS E 128 -66.00 122.00 107.46
CA LYS E 128 -66.45 123.16 106.69
C LYS E 128 -67.07 122.73 105.35
N SER E 129 -66.44 121.78 104.67
CA SER E 129 -66.86 121.35 103.33
C SER E 129 -68.16 120.54 103.33
N GLY E 130 -68.53 119.99 104.48
CA GLY E 130 -69.81 119.28 104.62
C GLY E 130 -69.70 117.77 104.81
N THR E 131 -68.47 117.23 104.80
CA THR E 131 -68.24 115.80 105.06
C THR E 131 -67.47 115.58 106.37
N ALA E 132 -67.44 114.33 106.80
CA ALA E 132 -66.71 113.93 108.00
C ALA E 132 -66.13 112.54 107.83
N SER E 133 -64.81 112.43 107.87
CA SER E 133 -64.12 111.16 107.72
C SER E 133 -63.37 110.82 109.00
N VAL E 134 -63.73 109.69 109.60
CA VAL E 134 -63.02 109.16 110.76
C VAL E 134 -62.08 108.08 110.27
N VAL E 135 -60.86 108.05 110.81
CA VAL E 135 -59.84 107.11 110.37
C VAL E 135 -59.34 106.25 111.53
N CYS E 136 -59.51 104.94 111.40
CA CYS E 136 -58.94 103.99 112.36
C CYS E 136 -57.70 103.40 111.72
N LEU E 137 -56.58 103.50 112.41
CA LEU E 137 -55.29 103.08 111.88
C LEU E 137 -54.76 101.87 112.65
N LEU E 138 -54.52 100.78 111.92
CA LEU E 138 -53.83 99.60 112.47
C LEU E 138 -52.43 99.59 111.89
N ASN E 139 -51.44 99.48 112.78
CA ASN E 139 -50.05 99.64 112.37
C ASN E 139 -49.17 98.45 112.73
N ASN E 140 -48.38 98.00 111.75
CA ASN E 140 -47.35 96.97 111.95
C ASN E 140 -47.83 95.71 112.67
N PHE E 141 -48.64 94.93 111.95
CA PHE E 141 -49.22 93.70 112.48
C PHE E 141 -49.12 92.55 111.49
N TYR E 142 -49.06 91.33 112.01
CA TYR E 142 -49.10 90.13 111.20
C TYR E 142 -49.97 89.09 111.92
N PRO E 143 -50.78 88.32 111.17
CA PRO E 143 -50.97 88.33 109.71
C PRO E 143 -51.90 89.43 109.22
N ARG E 144 -52.15 89.47 107.91
CA ARG E 144 -53.01 90.48 107.29
C ARG E 144 -54.45 90.35 107.77
N GLU E 145 -54.89 89.12 107.98
CA GLU E 145 -56.26 88.82 108.42
C GLU E 145 -56.62 89.54 109.72
N ALA E 146 -57.22 90.72 109.58
CA ALA E 146 -57.69 91.50 110.73
C ALA E 146 -59.08 92.07 110.45
N LYS E 147 -59.91 92.10 111.49
CA LYS E 147 -61.29 92.58 111.39
C LYS E 147 -61.45 93.86 112.20
N VAL E 148 -61.79 94.95 111.50
CA VAL E 148 -62.08 96.23 112.16
C VAL E 148 -63.57 96.49 112.06
N GLN E 149 -64.17 96.93 113.18
CA GLN E 149 -65.59 97.25 113.21
C GLN E 149 -65.83 98.56 113.95
N TRP E 150 -66.64 99.43 113.35
CA TRP E 150 -66.89 100.77 113.89
C TRP E 150 -68.10 100.79 114.82
N LYS E 151 -68.04 101.66 115.83
CA LYS E 151 -69.15 101.85 116.76
C LYS E 151 -69.44 103.34 116.97
N VAL E 152 -70.61 103.78 116.50
CA VAL E 152 -71.11 105.13 116.77
C VAL E 152 -72.20 105.04 117.84
N ASP E 153 -71.87 105.46 119.06
CA ASP E 153 -72.76 105.31 120.22
C ASP E 153 -73.22 103.86 120.40
N ASN E 154 -72.23 102.96 120.47
CA ASN E 154 -72.46 101.52 120.63
C ASN E 154 -73.38 100.89 119.57
N ALA E 155 -73.36 101.46 118.36
CA ALA E 155 -74.11 100.92 117.22
C ALA E 155 -73.13 100.47 116.14
N LEU E 156 -73.24 99.22 115.71
CA LEU E 156 -72.42 98.71 114.61
C LEU E 156 -72.65 99.53 113.33
N GLN E 157 -71.85 99.27 112.30
CA GLN E 157 -71.94 100.03 111.05
C GLN E 157 -71.99 99.13 109.81
N SER E 158 -72.52 99.68 108.73
CA SER E 158 -72.77 98.94 107.50
C SER E 158 -72.21 99.70 106.30
N GLY E 159 -71.44 99.00 105.47
CA GLY E 159 -70.93 99.52 104.18
C GLY E 159 -70.79 101.03 104.00
N ASN E 160 -70.38 101.72 105.07
CA ASN E 160 -70.11 103.16 105.04
C ASN E 160 -68.66 103.45 105.45
N SER E 161 -67.83 102.41 105.33
CA SER E 161 -66.43 102.45 105.73
C SER E 161 -65.64 101.56 104.78
N GLN E 162 -64.44 102.00 104.43
CA GLN E 162 -63.59 101.26 103.49
C GLN E 162 -62.19 101.03 104.07
N GLU E 163 -61.65 99.85 103.76
CA GLU E 163 -60.32 99.46 104.25
C GLU E 163 -59.28 99.54 103.14
N SER E 164 -58.10 100.02 103.51
CA SER E 164 -56.94 99.97 102.64
C SER E 164 -55.79 99.35 103.43
N VAL E 165 -55.09 98.40 102.79
CA VAL E 165 -54.05 97.65 103.46
C VAL E 165 -52.70 97.87 102.80
N THR E 166 -51.72 98.22 103.62
CA THR E 166 -50.33 98.30 103.21
C THR E 166 -49.88 96.98 102.61
N GLU E 167 -48.92 97.05 101.71
CA GLU E 167 -48.34 95.86 101.12
C GLU E 167 -47.20 95.38 102.03
N GLN E 168 -47.01 94.06 102.13
CA GLN E 168 -46.09 93.50 103.12
C GLN E 168 -44.73 94.21 103.14
N ASP E 169 -44.28 94.57 104.34
CA ASP E 169 -43.05 95.33 104.50
C ASP E 169 -41.81 94.52 104.09
N SER E 170 -40.82 95.20 103.53
CA SER E 170 -39.61 94.55 103.05
C SER E 170 -38.61 94.21 104.16
N LYS E 171 -38.64 94.95 105.26
CA LYS E 171 -37.73 94.69 106.40
C LYS E 171 -38.30 93.66 107.40
N ASP E 172 -39.37 94.03 108.11
CA ASP E 172 -39.93 93.16 109.17
C ASP E 172 -41.12 92.28 108.72
N SER E 173 -41.65 92.53 107.52
CA SER E 173 -42.71 91.72 106.92
C SER E 173 -44.09 91.85 107.59
N THR E 174 -44.32 92.96 108.28
CA THR E 174 -45.62 93.24 108.88
C THR E 174 -46.51 93.98 107.90
N TYR E 175 -47.79 94.09 108.25
CA TYR E 175 -48.75 94.89 107.49
C TYR E 175 -49.23 96.07 108.31
N SER E 176 -49.86 97.01 107.61
CA SER E 176 -50.56 98.13 108.24
C SER E 176 -51.87 98.36 107.50
N LEU E 177 -52.84 98.98 108.16
CA LEU E 177 -54.20 99.03 107.64
C LEU E 177 -54.94 100.28 108.10
N SER E 178 -55.66 100.91 107.18
CA SER E 178 -56.52 102.05 107.52
C SER E 178 -57.97 101.73 107.19
N SER E 179 -58.85 101.97 108.16
CA SER E 179 -60.30 101.90 107.95
C SER E 179 -60.85 103.31 108.03
N THR E 180 -61.63 103.69 107.01
CA THR E 180 -62.08 105.08 106.87
C THR E 180 -63.60 105.17 106.93
N LEU E 181 -64.12 105.61 108.07
CA LEU E 181 -65.56 105.77 108.27
C LEU E 181 -66.00 107.15 107.76
N THR E 182 -66.78 107.15 106.68
CA THR E 182 -67.22 108.39 106.04
C THR E 182 -68.68 108.69 106.36
N LEU E 183 -68.95 109.93 106.79
CA LEU E 183 -70.30 110.40 107.10
C LEU E 183 -70.49 111.84 106.62
N SER E 184 -71.72 112.32 106.71
CA SER E 184 -72.03 113.74 106.46
C SER E 184 -71.77 114.55 107.74
N LYS E 185 -71.60 115.86 107.58
CA LYS E 185 -71.39 116.74 108.74
C LYS E 185 -72.60 116.66 109.68
N ALA E 186 -73.79 116.66 109.11
CA ALA E 186 -75.04 116.62 109.89
C ALA E 186 -75.19 115.31 110.66
N ASP E 187 -74.93 114.19 109.98
CA ASP E 187 -75.03 112.87 110.62
C ASP E 187 -73.95 112.71 111.70
N TYR E 188 -72.74 113.22 111.41
CA TYR E 188 -71.64 113.22 112.37
C TYR E 188 -71.96 114.08 113.60
N GLU E 189 -72.64 115.20 113.38
CA GLU E 189 -72.96 116.13 114.46
C GLU E 189 -74.12 115.68 115.36
N LYS E 190 -74.70 114.50 115.10
CA LYS E 190 -75.82 114.01 115.89
C LYS E 190 -75.45 112.81 116.77
N HIS E 191 -74.15 112.57 116.96
CA HIS E 191 -73.67 111.48 117.83
C HIS E 191 -72.40 111.91 118.57
N LYS E 192 -72.15 111.34 119.74
CA LYS E 192 -71.07 111.78 120.62
C LYS E 192 -69.85 110.83 120.65
N VAL E 193 -70.11 109.52 120.78
CA VAL E 193 -69.04 108.52 120.92
C VAL E 193 -68.75 107.85 119.57
N TYR E 194 -67.50 107.99 119.12
CA TYR E 194 -67.02 107.28 117.94
C TYR E 194 -65.90 106.33 118.36
N ALA E 195 -65.96 105.10 117.85
CA ALA E 195 -65.05 104.05 118.29
C ALA E 195 -64.84 103.00 117.20
N CYS E 196 -63.60 102.54 117.06
CA CYS E 196 -63.30 101.39 116.21
C CYS E 196 -62.79 100.25 117.08
N GLU E 197 -63.31 99.06 116.81
CA GLU E 197 -63.04 97.87 117.62
C GLU E 197 -62.21 96.89 116.80
N VAL E 198 -60.95 96.72 117.22
CA VAL E 198 -59.99 95.92 116.48
C VAL E 198 -59.95 94.48 117.00
N THR E 199 -60.12 93.52 116.11
CA THR E 199 -60.08 92.11 116.44
C THR E 199 -58.96 91.44 115.67
N HIS E 200 -57.96 90.94 116.38
CA HIS E 200 -56.78 90.37 115.74
C HIS E 200 -56.28 89.13 116.46
N GLN E 201 -55.67 88.23 115.69
CA GLN E 201 -55.05 87.02 116.22
C GLN E 201 -53.96 87.34 117.24
N GLY E 202 -53.34 88.50 117.09
CA GLY E 202 -52.25 88.95 117.95
C GLY E 202 -52.67 89.23 119.39
N LEU E 203 -53.37 90.34 119.61
CA LEU E 203 -53.85 90.67 120.95
C LEU E 203 -54.93 89.69 121.41
N SER E 204 -54.98 89.49 122.73
CA SER E 204 -55.90 88.53 123.34
C SER E 204 -57.30 89.12 123.50
N SER E 205 -57.38 90.38 123.92
CA SER E 205 -58.65 91.04 124.20
C SER E 205 -58.93 92.11 123.14
N PRO E 206 -59.95 91.89 122.28
CA PRO E 206 -60.28 92.85 121.24
C PRO E 206 -60.19 94.29 121.74
N VAL E 207 -59.14 94.98 121.33
CA VAL E 207 -58.87 96.34 121.80
C VAL E 207 -59.77 97.34 121.09
N THR E 208 -60.23 98.33 121.84
CA THR E 208 -61.12 99.36 121.34
C THR E 208 -60.50 100.72 121.62
N LYS E 209 -60.58 101.62 120.64
CA LYS E 209 -60.08 102.98 120.76
C LYS E 209 -61.19 103.93 120.34
N SER E 210 -61.36 105.02 121.07
CA SER E 210 -62.53 105.89 120.90
C SER E 210 -62.29 107.34 121.31
N PHE E 211 -63.21 108.22 120.88
CA PHE E 211 -63.14 109.64 121.21
C PHE E 211 -64.51 110.30 121.27
N ASN E 212 -64.56 111.47 121.93
CA ASN E 212 -65.78 112.27 122.07
C ASN E 212 -65.58 113.66 121.49
N ARG E 213 -66.50 114.12 120.64
CA ARG E 213 -66.39 115.45 120.03
C ARG E 213 -66.80 116.56 121.00
N GLU F 1 -24.10 105.06 83.34
CA GLU F 1 -25.32 104.73 84.14
C GLU F 1 -26.55 104.70 83.23
N VAL F 2 -27.13 103.52 83.06
CA VAL F 2 -28.23 103.30 82.13
C VAL F 2 -29.58 103.62 82.79
N GLN F 3 -30.44 104.33 82.08
CA GLN F 3 -31.82 104.47 82.53
C GLN F 3 -32.77 104.84 81.39
N LEU F 4 -33.99 104.30 81.48
CA LEU F 4 -35.08 104.64 80.56
C LEU F 4 -36.12 105.44 81.31
N VAL F 5 -36.66 106.46 80.65
CA VAL F 5 -37.64 107.36 81.26
C VAL F 5 -38.83 107.53 80.31
N GLU F 6 -40.02 107.27 80.81
CA GLU F 6 -41.24 107.38 80.03
C GLU F 6 -42.04 108.61 80.42
N SER F 7 -42.91 109.04 79.51
CA SER F 7 -43.74 110.23 79.72
C SER F 7 -44.93 110.26 78.77
N GLY F 8 -45.92 111.10 79.09
CA GLY F 8 -47.03 111.37 78.19
C GLY F 8 -48.31 110.59 78.44
N GLY F 9 -48.30 109.70 79.44
CA GLY F 9 -49.49 108.97 79.82
C GLY F 9 -50.49 109.85 80.55
N GLY F 10 -51.76 109.42 80.59
CA GLY F 10 -52.80 110.18 81.27
C GLY F 10 -54.21 109.75 80.90
N LEU F 11 -55.14 110.70 80.98
CA LEU F 11 -56.56 110.44 80.72
C LEU F 11 -56.89 110.72 79.26
N VAL F 12 -57.62 109.80 78.63
CA VAL F 12 -58.07 110.00 77.25
C VAL F 12 -59.45 109.39 76.99
N GLN F 13 -60.25 110.12 76.22
CA GLN F 13 -61.58 109.67 75.82
C GLN F 13 -61.44 108.51 74.84
N PRO F 14 -62.29 107.46 74.96
CA PRO F 14 -62.29 106.38 73.98
C PRO F 14 -62.30 106.88 72.54
N GLY F 15 -61.61 106.16 71.65
CA GLY F 15 -61.42 106.61 70.27
C GLY F 15 -60.37 107.69 70.12
N GLY F 16 -59.79 108.13 71.24
CA GLY F 16 -58.81 109.21 71.24
C GLY F 16 -57.39 108.75 70.96
N SER F 17 -56.50 109.72 70.76
CA SER F 17 -55.08 109.45 70.55
C SER F 17 -54.27 109.83 71.79
N LEU F 18 -53.06 109.29 71.85
CA LEU F 18 -52.20 109.46 73.00
C LEU F 18 -50.80 109.00 72.60
N ARG F 19 -49.79 109.80 72.94
CA ARG F 19 -48.42 109.55 72.49
C ARG F 19 -47.49 109.36 73.69
N LEU F 20 -46.75 108.25 73.68
CA LEU F 20 -45.82 107.92 74.75
C LEU F 20 -44.39 108.09 74.28
N SER F 21 -43.54 108.60 75.18
CA SER F 21 -42.14 108.89 74.87
C SER F 21 -41.22 108.17 75.85
N CYS F 22 -40.27 107.41 75.31
CA CYS F 22 -39.31 106.65 76.12
C CYS F 22 -37.91 107.22 75.88
N ALA F 23 -37.36 107.90 76.89
CA ALA F 23 -36.12 108.67 76.73
C ALA F 23 -34.90 107.95 77.29
N ALA F 24 -34.03 107.45 76.41
CA ALA F 24 -32.88 106.65 76.80
C ALA F 24 -31.72 107.51 77.28
N SER F 25 -30.93 106.96 78.20
CA SER F 25 -29.75 107.64 78.75
C SER F 25 -28.70 106.62 79.16
N GLY F 26 -27.47 106.79 78.67
CA GLY F 26 -26.34 105.95 79.08
C GLY F 26 -25.99 104.81 78.14
N PHE F 27 -26.58 104.81 76.94
CA PHE F 27 -26.22 103.83 75.92
C PHE F 27 -26.63 104.34 74.54
N ASN F 28 -25.93 103.89 73.51
CA ASN F 28 -26.27 104.29 72.15
C ASN F 28 -27.58 103.63 71.72
N PHE F 29 -28.65 104.42 71.79
CA PHE F 29 -30.00 103.99 71.42
C PHE F 29 -30.07 103.59 69.93
N SER F 30 -29.11 104.07 69.14
CA SER F 30 -28.96 103.66 67.74
C SER F 30 -28.53 102.20 67.61
N SER F 31 -27.54 101.83 68.42
CA SER F 31 -26.96 100.48 68.37
C SER F 31 -27.65 99.50 69.33
N SER F 32 -28.95 99.67 69.55
CA SER F 32 -29.73 98.76 70.39
C SER F 32 -31.21 98.84 70.01
N SER F 33 -32.08 98.25 70.84
CA SER F 33 -33.51 98.15 70.52
C SER F 33 -34.40 98.19 71.77
N ILE F 34 -35.68 98.50 71.55
CA ILE F 34 -36.63 98.77 72.63
C ILE F 34 -37.92 97.98 72.47
N HIS F 35 -38.41 97.44 73.59
CA HIS F 35 -39.74 96.85 73.64
C HIS F 35 -40.69 97.79 74.35
N TRP F 36 -41.97 97.71 74.00
CA TRP F 36 -43.03 98.29 74.80
C TRP F 36 -43.84 97.13 75.38
N VAL F 37 -44.10 97.21 76.68
CA VAL F 37 -44.83 96.18 77.38
C VAL F 37 -45.83 96.91 78.24
N ARG F 38 -47.05 96.38 78.31
CA ARG F 38 -48.07 96.99 79.16
C ARG F 38 -48.59 95.99 80.18
N GLN F 39 -49.12 96.53 81.27
CA GLN F 39 -49.59 95.72 82.36
C GLN F 39 -50.86 96.35 82.93
N ALA F 40 -52.00 95.69 82.66
CA ALA F 40 -53.29 96.18 83.13
C ALA F 40 -53.41 96.02 84.66
N PRO F 41 -54.15 96.92 85.33
CA PRO F 41 -54.28 96.88 86.79
C PRO F 41 -54.63 95.47 87.31
N GLY F 42 -53.78 94.91 88.16
CA GLY F 42 -54.00 93.57 88.71
C GLY F 42 -53.47 92.45 87.82
N LYS F 43 -53.75 92.54 86.52
CA LYS F 43 -53.29 91.57 85.52
C LYS F 43 -51.76 91.60 85.33
N GLY F 44 -51.21 90.58 84.66
CA GLY F 44 -49.79 90.48 84.36
C GLY F 44 -49.31 91.21 83.12
N LEU F 45 -48.11 90.86 82.65
CA LEU F 45 -47.41 91.58 81.59
C LEU F 45 -47.79 91.09 80.19
N GLU F 46 -47.91 92.04 79.26
CA GLU F 46 -48.32 91.75 77.89
C GLU F 46 -47.49 92.57 76.90
N TRP F 47 -46.99 91.91 75.85
CA TRP F 47 -46.22 92.58 74.81
C TRP F 47 -47.13 93.44 73.94
N VAL F 48 -46.67 94.67 73.68
CA VAL F 48 -47.38 95.60 72.83
C VAL F 48 -46.69 95.65 71.47
N ALA F 49 -45.46 96.15 71.46
CA ALA F 49 -44.74 96.35 70.22
C ALA F 49 -43.22 96.50 70.42
N TYR F 50 -42.48 96.44 69.32
CA TYR F 50 -41.01 96.40 69.32
C TYR F 50 -40.42 97.22 68.18
N ILE F 51 -39.27 97.84 68.43
CA ILE F 51 -38.54 98.57 67.38
C ILE F 51 -37.03 98.34 67.47
N TYR F 52 -36.39 98.30 66.32
CA TYR F 52 -34.94 98.14 66.22
C TYR F 52 -34.46 99.20 65.23
N PRO F 53 -34.22 100.44 65.71
CA PRO F 53 -33.97 101.58 64.82
C PRO F 53 -32.90 101.36 63.75
N SER F 54 -31.83 100.67 64.10
CA SER F 54 -30.72 100.44 63.16
C SER F 54 -31.17 99.88 61.81
N TYR F 55 -32.09 98.92 61.82
CA TYR F 55 -32.59 98.30 60.59
C TYR F 55 -34.02 98.70 60.25
N SER F 56 -34.48 99.82 60.81
CA SER F 56 -35.88 100.29 60.66
C SER F 56 -36.89 99.13 60.66
N TYR F 57 -36.70 98.19 61.58
CA TYR F 57 -37.63 97.08 61.75
C TYR F 57 -38.55 97.42 62.90
N THR F 58 -39.82 97.10 62.73
CA THR F 58 -40.81 97.33 63.76
C THR F 58 -41.84 96.20 63.70
N SER F 59 -42.35 95.80 64.87
CA SER F 59 -43.38 94.76 64.93
C SER F 59 -44.35 95.00 66.09
N TYR F 60 -45.61 94.65 65.86
CA TYR F 60 -46.69 94.94 66.80
C TYR F 60 -47.45 93.68 67.19
N ALA F 61 -48.11 93.74 68.34
CA ALA F 61 -48.98 92.67 68.78
C ALA F 61 -50.34 92.79 68.10
N ASP F 62 -50.95 91.64 67.76
CA ASP F 62 -52.22 91.59 67.03
C ASP F 62 -53.28 92.56 67.58
N SER F 63 -53.49 92.51 68.89
CA SER F 63 -54.49 93.34 69.57
C SER F 63 -54.28 94.84 69.37
N VAL F 64 -53.08 95.20 68.92
CA VAL F 64 -52.71 96.60 68.70
C VAL F 64 -52.49 96.92 67.23
N LYS F 65 -52.03 95.94 66.46
CA LYS F 65 -51.63 96.16 65.06
C LYS F 65 -52.64 97.00 64.29
N GLY F 66 -52.16 98.02 63.59
CA GLY F 66 -53.01 98.92 62.82
C GLY F 66 -53.38 100.20 63.55
N ARG F 67 -53.41 100.16 64.88
CA ARG F 67 -53.86 101.29 65.70
C ARG F 67 -52.68 102.06 66.32
N PHE F 68 -51.66 101.34 66.80
CA PHE F 68 -50.47 101.97 67.36
C PHE F 68 -49.37 102.08 66.32
N THR F 69 -48.35 102.88 66.63
CA THR F 69 -47.21 103.10 65.74
C THR F 69 -45.94 103.43 66.53
N ILE F 70 -44.96 102.51 66.51
CA ILE F 70 -43.67 102.79 67.14
C ILE F 70 -42.78 103.58 66.18
N SER F 71 -42.14 104.60 66.73
CA SER F 71 -41.09 105.33 66.01
C SER F 71 -39.91 105.57 66.96
N ALA F 72 -38.84 106.11 66.40
CA ALA F 72 -37.65 106.41 67.18
C ALA F 72 -36.84 107.53 66.55
N ASP F 73 -36.58 108.58 67.32
CA ASP F 73 -35.72 109.66 66.89
C ASP F 73 -34.32 109.41 67.43
N THR F 74 -33.48 108.77 66.62
CA THR F 74 -32.11 108.40 67.01
C THR F 74 -31.31 109.61 67.50
N SER F 75 -31.52 110.76 66.86
CA SER F 75 -30.90 112.02 67.28
C SER F 75 -31.18 112.31 68.76
N LYS F 76 -32.46 112.31 69.11
CA LYS F 76 -32.88 112.61 70.48
C LYS F 76 -32.61 111.47 71.48
N ASN F 77 -32.26 110.30 70.96
CA ASN F 77 -31.99 109.13 71.79
C ASN F 77 -33.29 108.69 72.48
N THR F 78 -34.39 108.69 71.71
CA THR F 78 -35.73 108.54 72.25
C THR F 78 -36.62 107.66 71.36
N ALA F 79 -37.42 106.81 71.99
CA ALA F 79 -38.42 105.99 71.29
C ALA F 79 -39.82 106.51 71.60
N TYR F 80 -40.73 106.35 70.65
CA TYR F 80 -42.09 106.85 70.80
C TYR F 80 -43.11 105.76 70.48
N LEU F 81 -44.20 105.75 71.24
CA LEU F 81 -45.34 104.89 70.92
C LEU F 81 -46.55 105.77 70.70
N GLN F 82 -47.00 105.84 69.45
CA GLN F 82 -48.18 106.62 69.09
C GLN F 82 -49.39 105.69 69.14
N MET F 83 -50.33 106.01 70.04
CA MET F 83 -51.51 105.17 70.26
C MET F 83 -52.78 105.88 69.79
N ASN F 84 -53.37 105.39 68.71
CA ASN F 84 -54.61 105.94 68.18
C ASN F 84 -55.78 105.01 68.44
N SER F 85 -56.97 105.59 68.59
CA SER F 85 -58.22 104.83 68.66
C SER F 85 -58.27 103.95 69.91
N LEU F 86 -57.99 104.56 71.05
CA LEU F 86 -57.85 103.82 72.31
C LEU F 86 -59.17 103.28 72.82
N ARG F 87 -59.11 102.08 73.39
CA ARG F 87 -60.29 101.41 73.92
C ARG F 87 -60.18 101.26 75.45
N ALA F 88 -61.23 100.74 76.06
CA ALA F 88 -61.25 100.54 77.53
C ALA F 88 -60.19 99.53 77.99
N GLU F 89 -60.00 98.48 77.21
CA GLU F 89 -58.99 97.45 77.50
C GLU F 89 -57.54 97.98 77.40
N ASP F 90 -57.33 99.04 76.61
CA ASP F 90 -56.00 99.67 76.48
C ASP F 90 -55.55 100.41 77.74
N THR F 91 -56.46 100.56 78.71
CA THR F 91 -56.09 101.09 80.02
C THR F 91 -55.08 100.13 80.65
N ALA F 92 -53.89 100.65 80.95
CA ALA F 92 -52.79 99.84 81.51
C ALA F 92 -51.63 100.71 81.95
N VAL F 93 -50.58 100.06 82.48
CA VAL F 93 -49.30 100.72 82.74
C VAL F 93 -48.35 100.34 81.63
N TYR F 94 -47.78 101.34 80.97
CA TYR F 94 -46.94 101.11 79.79
C TYR F 94 -45.45 101.25 80.13
N TYR F 95 -44.72 100.15 79.95
CA TYR F 95 -43.29 100.12 80.16
C TYR F 95 -42.57 100.02 78.84
N CYS F 96 -41.49 100.78 78.69
CA CYS F 96 -40.52 100.51 77.64
C CYS F 96 -39.32 99.89 78.32
N ALA F 97 -38.72 98.92 77.66
CA ALA F 97 -37.59 98.19 78.22
C ALA F 97 -36.63 97.84 77.12
N ARG F 98 -35.34 98.05 77.37
CA ARG F 98 -34.31 97.78 76.37
C ARG F 98 -33.98 96.30 76.36
N TYR F 99 -33.48 95.84 75.22
CA TYR F 99 -33.50 94.43 74.86
C TYR F 99 -32.17 93.77 75.18
N TYR F 100 -32.22 92.62 75.84
CA TYR F 100 -31.03 91.89 76.27
C TYR F 100 -30.69 90.75 75.30
N GLY F 101 -29.70 89.93 75.63
CA GLY F 101 -29.21 88.88 74.72
C GLY F 101 -30.28 87.93 74.22
N THR F 102 -30.42 87.85 72.89
CA THR F 102 -31.34 86.92 72.23
C THR F 102 -32.82 86.99 72.66
N GLY F 103 -33.23 88.12 73.23
CA GLY F 103 -34.54 88.25 73.87
C GLY F 103 -34.37 88.79 75.27
N ALA F 104 -35.45 88.87 76.04
CA ALA F 104 -35.41 89.36 77.43
C ALA F 104 -35.09 90.85 77.50
N MET F 105 -35.47 91.45 78.63
CA MET F 105 -35.32 92.88 78.85
C MET F 105 -34.59 93.11 80.16
N ASP F 106 -33.53 93.89 80.14
CA ASP F 106 -32.70 94.09 81.32
C ASP F 106 -32.99 95.40 82.06
N TYR F 107 -33.13 96.49 81.32
CA TYR F 107 -33.45 97.79 81.91
C TYR F 107 -34.86 98.23 81.51
N TRP F 108 -35.70 98.49 82.51
CA TRP F 108 -37.08 98.89 82.28
C TRP F 108 -37.28 100.32 82.75
N GLY F 109 -38.22 101.02 82.11
CA GLY F 109 -38.59 102.36 82.55
C GLY F 109 -39.51 102.31 83.77
N GLN F 110 -39.64 103.44 84.46
CA GLN F 110 -40.52 103.54 85.63
C GLN F 110 -41.98 103.21 85.31
N GLY F 111 -42.38 103.50 84.07
CA GLY F 111 -43.70 103.11 83.56
C GLY F 111 -44.73 104.22 83.72
N THR F 112 -45.46 104.51 82.64
CA THR F 112 -46.53 105.52 82.68
C THR F 112 -47.91 104.88 82.62
N LEU F 113 -48.85 105.53 83.29
CA LEU F 113 -50.21 105.03 83.44
C LEU F 113 -51.14 105.67 82.42
N VAL F 114 -51.58 104.88 81.45
CA VAL F 114 -52.55 105.32 80.44
C VAL F 114 -53.92 104.80 80.85
N THR F 115 -54.84 105.72 81.08
CA THR F 115 -56.19 105.38 81.56
C THR F 115 -57.26 105.89 80.60
N VAL F 116 -57.86 104.96 79.86
CA VAL F 116 -58.90 105.29 78.90
C VAL F 116 -60.26 105.29 79.59
N SER F 117 -60.87 106.47 79.64
CA SER F 117 -62.20 106.61 80.22
C SER F 117 -62.84 107.92 79.73
N SER F 118 -64.17 107.92 79.68
CA SER F 118 -64.94 109.10 79.26
C SER F 118 -65.15 110.11 80.41
N ALA F 119 -64.76 109.71 81.63
CA ALA F 119 -65.03 110.50 82.83
C ALA F 119 -64.26 111.82 82.88
N SER F 120 -64.71 112.70 83.78
CA SER F 120 -64.11 114.03 83.97
C SER F 120 -62.84 113.95 84.80
N THR F 121 -62.06 115.02 84.78
CA THR F 121 -60.87 115.15 85.62
C THR F 121 -61.21 115.91 86.90
N LYS F 122 -60.85 115.35 88.05
CA LYS F 122 -61.05 116.02 89.33
C LYS F 122 -59.75 116.06 90.13
N GLY F 123 -59.42 117.25 90.65
CA GLY F 123 -58.33 117.40 91.57
C GLY F 123 -58.80 117.05 92.98
N PRO F 124 -57.88 116.59 93.83
CA PRO F 124 -58.25 116.15 95.18
C PRO F 124 -58.44 117.30 96.17
N SER F 125 -59.34 117.09 97.13
CA SER F 125 -59.39 117.93 98.33
C SER F 125 -58.51 117.23 99.37
N VAL F 126 -57.72 118.01 100.09
CA VAL F 126 -56.78 117.44 101.06
C VAL F 126 -57.09 117.90 102.48
N PHE F 127 -57.44 116.94 103.34
CA PHE F 127 -57.79 117.21 104.73
C PHE F 127 -56.79 116.54 105.67
N PRO F 128 -56.38 117.24 106.74
CA PRO F 128 -55.40 116.70 107.66
C PRO F 128 -55.99 115.71 108.66
N LEU F 129 -55.25 114.63 108.92
CA LEU F 129 -55.59 113.69 109.98
C LEU F 129 -54.75 114.07 111.21
N ALA F 130 -55.33 114.89 112.08
CA ALA F 130 -54.62 115.45 113.22
C ALA F 130 -54.48 114.43 114.35
N PRO F 131 -53.30 114.40 115.01
CA PRO F 131 -53.04 113.46 116.09
C PRO F 131 -53.77 113.83 117.37
N SER F 132 -53.83 112.88 118.31
CA SER F 132 -54.52 113.10 119.59
C SER F 132 -53.49 113.08 120.74
N SER F 133 -53.71 112.22 121.74
CA SER F 133 -52.81 112.10 122.89
C SER F 133 -52.14 110.72 122.88
N GLY F 139 -46.85 107.94 124.20
CA GLY F 139 -45.70 107.17 123.75
C GLY F 139 -45.36 107.43 122.29
N THR F 140 -46.19 106.91 121.39
CA THR F 140 -46.03 107.10 119.95
C THR F 140 -47.30 107.76 119.40
N ALA F 141 -47.13 108.82 118.61
CA ALA F 141 -48.25 109.55 118.01
C ALA F 141 -48.33 109.30 116.51
N ALA F 142 -49.54 109.17 115.99
CA ALA F 142 -49.75 108.99 114.57
C ALA F 142 -50.47 110.21 114.00
N LEU F 143 -50.19 110.55 112.75
CA LEU F 143 -50.90 111.62 112.03
C LEU F 143 -50.78 111.41 110.53
N GLY F 144 -51.56 112.15 109.75
CA GLY F 144 -51.58 111.92 108.31
C GLY F 144 -52.36 112.90 107.47
N CYS F 145 -52.50 112.55 106.20
CA CYS F 145 -53.28 113.32 105.24
C CYS F 145 -54.34 112.47 104.59
N LEU F 146 -55.53 113.04 104.44
CA LEU F 146 -56.60 112.41 103.68
C LEU F 146 -56.68 113.11 102.32
N VAL F 147 -56.48 112.35 101.26
CA VAL F 147 -56.52 112.89 99.90
C VAL F 147 -57.78 112.36 99.24
N LYS F 148 -58.88 113.11 99.36
CA LYS F 148 -60.20 112.61 98.98
C LYS F 148 -60.70 113.13 97.63
N ASP F 149 -61.45 112.28 96.94
CA ASP F 149 -62.21 112.64 95.72
C ASP F 149 -61.34 113.21 94.61
N TYR F 150 -60.65 112.31 93.91
CA TYR F 150 -59.85 112.69 92.74
C TYR F 150 -59.97 111.65 91.63
N PHE F 151 -59.61 112.06 90.42
CA PHE F 151 -59.59 111.15 89.28
C PHE F 151 -58.77 111.80 88.16
N PRO F 152 -58.00 111.00 87.41
CA PRO F 152 -57.76 109.58 87.58
C PRO F 152 -56.56 109.34 88.48
N GLU F 153 -56.08 108.09 88.52
CA GLU F 153 -54.80 107.78 89.15
C GLU F 153 -53.68 108.42 88.32
N PRO F 154 -52.51 108.67 88.94
CA PRO F 154 -52.13 108.46 90.33
C PRO F 154 -52.01 109.74 91.13
N VAL F 155 -51.92 109.59 92.44
CA VAL F 155 -51.53 110.67 93.34
C VAL F 155 -50.25 110.25 94.05
N THR F 156 -49.29 111.17 94.12
CA THR F 156 -48.05 110.94 94.85
C THR F 156 -48.03 111.80 96.10
N VAL F 157 -47.59 111.21 97.21
CA VAL F 157 -47.51 111.91 98.48
C VAL F 157 -46.11 111.77 99.06
N SER F 158 -45.60 112.87 99.60
CA SER F 158 -44.34 112.86 100.35
C SER F 158 -44.47 113.82 101.52
N TRP F 159 -43.69 113.56 102.57
CA TRP F 159 -43.73 114.36 103.79
C TRP F 159 -42.48 115.23 103.93
N ASN F 160 -42.70 116.51 104.26
CA ASN F 160 -41.62 117.51 104.36
C ASN F 160 -40.66 117.51 103.16
N SER F 161 -41.24 117.45 101.96
CA SER F 161 -40.50 117.55 100.69
C SER F 161 -39.53 116.39 100.42
N GLY F 162 -39.74 115.25 101.08
CA GLY F 162 -38.85 114.09 100.97
C GLY F 162 -37.96 113.87 102.19
N ALA F 163 -38.01 114.80 103.14
CA ALA F 163 -37.13 114.79 104.32
C ALA F 163 -37.56 113.77 105.40
N LEU F 164 -38.66 113.06 105.17
CA LEU F 164 -39.17 112.09 106.14
C LEU F 164 -39.69 110.84 105.43
N THR F 165 -39.14 109.68 105.78
CA THR F 165 -39.60 108.39 105.24
C THR F 165 -39.78 107.30 106.31
N SER F 166 -39.20 107.49 107.49
CA SER F 166 -39.29 106.51 108.58
C SER F 166 -40.70 106.52 109.20
N GLY F 167 -41.36 105.36 109.16
CA GLY F 167 -42.69 105.21 109.74
C GLY F 167 -43.81 105.83 108.91
N VAL F 168 -43.60 105.91 107.60
CA VAL F 168 -44.59 106.48 106.68
C VAL F 168 -45.30 105.37 105.91
N HIS F 169 -46.62 105.45 105.88
CA HIS F 169 -47.43 104.56 105.06
C HIS F 169 -48.38 105.37 104.19
N THR F 170 -48.28 105.19 102.88
CA THR F 170 -49.21 105.77 101.94
C THR F 170 -50.04 104.64 101.37
N PHE F 171 -51.31 104.59 101.77
CA PHE F 171 -52.19 103.50 101.42
C PHE F 171 -52.59 103.51 99.95
N PRO F 172 -52.87 102.32 99.39
CA PRO F 172 -53.39 102.25 98.03
C PRO F 172 -54.69 103.03 97.87
N ALA F 173 -54.91 103.53 96.66
CA ALA F 173 -56.12 104.29 96.37
C ALA F 173 -57.35 103.39 96.38
N VAL F 174 -58.43 103.90 96.98
CA VAL F 174 -59.70 103.19 97.03
C VAL F 174 -60.64 103.84 96.03
N LEU F 175 -61.39 103.01 95.30
CA LEU F 175 -62.40 103.53 94.36
C LEU F 175 -63.75 103.61 95.07
N GLN F 176 -64.26 104.83 95.21
CA GLN F 176 -65.54 105.08 95.89
C GLN F 176 -66.73 104.82 94.96
N SER F 177 -67.93 104.86 95.53
CA SER F 177 -69.17 104.69 94.76
C SER F 177 -69.38 105.83 93.74
N SER F 178 -68.86 107.01 94.05
CA SER F 178 -68.95 108.17 93.16
C SER F 178 -68.09 108.05 91.89
N GLY F 179 -67.26 107.01 91.81
CA GLY F 179 -66.35 106.82 90.67
C GLY F 179 -65.08 107.64 90.80
N LEU F 180 -64.85 108.17 92.00
CA LEU F 180 -63.68 109.00 92.30
C LEU F 180 -62.78 108.27 93.29
N TYR F 181 -61.47 108.43 93.12
CA TYR F 181 -60.50 107.80 94.00
C TYR F 181 -60.30 108.61 95.27
N SER F 182 -59.88 107.91 96.32
CA SER F 182 -59.56 108.52 97.61
C SER F 182 -58.54 107.64 98.34
N LEU F 183 -57.54 108.28 98.92
CA LEU F 183 -56.53 107.57 99.70
C LEU F 183 -56.15 108.36 100.94
N SER F 184 -55.45 107.67 101.84
CA SER F 184 -54.93 108.28 103.05
C SER F 184 -53.43 108.05 103.08
N SER F 185 -52.70 109.02 103.62
CA SER F 185 -51.28 108.84 103.89
C SER F 185 -51.01 109.18 105.35
N VAL F 186 -50.51 108.21 106.10
CA VAL F 186 -50.35 108.35 107.54
C VAL F 186 -48.88 108.13 107.91
N VAL F 187 -48.47 108.72 109.03
CA VAL F 187 -47.09 108.60 109.50
C VAL F 187 -47.04 108.58 111.03
N THR F 188 -46.15 107.74 111.57
CA THR F 188 -45.93 107.65 113.01
C THR F 188 -44.70 108.46 113.41
N VAL F 189 -44.81 109.16 114.54
CA VAL F 189 -43.72 109.97 115.09
C VAL F 189 -43.76 109.95 116.62
N PRO F 190 -42.63 110.32 117.28
CA PRO F 190 -42.66 110.42 118.74
C PRO F 190 -43.59 111.53 119.26
N SER F 191 -44.15 111.32 120.45
CA SER F 191 -45.11 112.26 121.04
C SER F 191 -44.49 113.63 121.40
N SER F 192 -43.29 113.58 121.98
CA SER F 192 -42.59 114.79 122.44
C SER F 192 -42.12 115.72 121.33
N SER F 193 -42.01 115.19 120.10
CA SER F 193 -41.58 115.97 118.94
C SER F 193 -42.67 116.90 118.40
N LEU F 194 -43.93 116.65 118.77
CA LEU F 194 -45.06 117.50 118.35
C LEU F 194 -44.97 118.91 118.95
N GLY F 195 -45.26 119.91 118.13
CA GLY F 195 -45.14 121.32 118.53
C GLY F 195 -43.79 121.90 118.12
N THR F 196 -42.73 121.14 118.32
CA THR F 196 -41.38 121.51 117.88
C THR F 196 -41.24 121.25 116.39
N GLN F 197 -41.46 120.00 115.98
CA GLN F 197 -41.35 119.61 114.58
C GLN F 197 -42.60 120.01 113.79
N THR F 198 -42.38 120.39 112.54
CA THR F 198 -43.45 120.79 111.63
C THR F 198 -43.65 119.71 110.57
N TYR F 199 -44.86 119.12 110.56
CA TYR F 199 -45.20 118.08 109.60
C TYR F 199 -46.16 118.62 108.54
N ILE F 200 -45.64 118.87 107.34
CA ILE F 200 -46.47 119.24 106.20
C ILE F 200 -46.46 118.07 105.21
N CYS F 201 -47.60 117.81 104.59
CA CYS F 201 -47.71 116.71 103.63
C CYS F 201 -47.84 117.24 102.22
N ASN F 202 -47.01 116.74 101.32
CA ASN F 202 -46.94 117.25 99.96
C ASN F 202 -47.68 116.35 98.98
N VAL F 203 -48.90 116.74 98.63
CA VAL F 203 -49.71 115.99 97.69
C VAL F 203 -49.50 116.58 96.30
N ASN F 204 -49.39 115.70 95.30
CA ASN F 204 -49.22 116.12 93.92
C ASN F 204 -50.06 115.24 92.98
N HIS F 205 -51.03 115.86 92.31
CA HIS F 205 -51.86 115.18 91.34
C HIS F 205 -51.59 115.79 89.98
N LYS F 206 -50.74 115.11 89.21
CA LYS F 206 -50.23 115.63 87.94
C LYS F 206 -51.29 115.95 86.88
N PRO F 207 -52.27 115.03 86.66
CA PRO F 207 -53.21 115.22 85.55
C PRO F 207 -54.23 116.37 85.70
N SER F 208 -54.22 117.06 86.84
CA SER F 208 -55.01 118.29 87.00
C SER F 208 -54.16 119.43 87.58
N ASN F 209 -52.84 119.33 87.40
CA ASN F 209 -51.87 120.35 87.85
C ASN F 209 -52.15 120.93 89.23
N THR F 210 -52.54 120.06 90.17
CA THR F 210 -52.83 120.47 91.54
C THR F 210 -51.66 120.11 92.46
N LYS F 211 -51.07 121.15 93.05
CA LYS F 211 -50.00 120.99 94.03
C LYS F 211 -50.46 121.59 95.34
N VAL F 212 -50.66 120.73 96.34
CA VAL F 212 -51.12 121.16 97.64
C VAL F 212 -50.10 120.75 98.70
N ASP F 213 -49.79 121.69 99.61
CA ASP F 213 -48.89 121.42 100.72
C ASP F 213 -49.61 121.74 102.02
N LYS F 214 -50.36 120.77 102.51
CA LYS F 214 -51.17 120.95 103.72
C LYS F 214 -50.35 120.73 104.99
N LYS F 215 -50.39 121.71 105.88
CA LYS F 215 -49.71 121.62 107.18
C LYS F 215 -50.61 120.85 108.15
N VAL F 216 -50.02 119.85 108.80
CA VAL F 216 -50.73 119.07 109.81
C VAL F 216 -50.20 119.47 111.19
N GLU F 217 -51.09 119.96 112.04
CA GLU F 217 -50.73 120.30 113.42
C GLU F 217 -51.84 119.84 114.37
N PRO F 218 -51.52 119.66 115.67
CA PRO F 218 -52.56 119.24 116.61
C PRO F 218 -53.55 120.37 116.87
N LYS F 219 -54.84 120.11 116.67
CA LYS F 219 -55.84 121.17 116.73
C LYS F 219 -56.02 121.64 118.17
N SER F 220 -55.95 122.95 118.38
CA SER F 220 -55.91 123.59 119.71
C SER F 220 -56.34 122.67 120.87
N CYS F 221 -57.63 122.39 120.97
CA CYS F 221 -58.16 121.41 121.93
C CYS F 221 -59.61 121.04 121.63
N ASP G 1 39.71 -6.06 -40.69
CA ASP G 1 39.14 -6.72 -41.90
C ASP G 1 38.22 -7.87 -41.55
N ILE G 2 37.10 -7.98 -42.26
CA ILE G 2 36.17 -9.10 -42.09
C ILE G 2 36.62 -10.25 -42.97
N GLN G 3 36.81 -11.41 -42.35
CA GLN G 3 37.28 -12.59 -43.07
C GLN G 3 36.08 -13.48 -43.39
N MET G 4 35.81 -13.72 -44.67
CA MET G 4 34.84 -14.73 -45.08
C MET G 4 35.60 -16.01 -45.39
N THR G 5 35.19 -17.10 -44.74
CA THR G 5 35.89 -18.37 -44.84
C THR G 5 34.95 -19.45 -45.41
N GLN G 6 35.16 -19.81 -46.68
CA GLN G 6 34.33 -20.80 -47.35
C GLN G 6 34.82 -22.22 -47.11
N SER G 7 33.87 -23.12 -46.93
CA SER G 7 34.17 -24.55 -46.84
C SER G 7 33.10 -25.31 -47.63
N PRO G 8 33.50 -26.32 -48.43
CA PRO G 8 34.86 -26.80 -48.67
C PRO G 8 35.63 -25.94 -49.67
N SER G 9 36.82 -26.40 -50.06
CA SER G 9 37.65 -25.70 -51.03
C SER G 9 37.26 -26.13 -52.43
N SER G 10 37.28 -27.44 -52.64
CA SER G 10 36.79 -28.06 -53.88
C SER G 10 35.67 -29.03 -53.48
N LEU G 11 35.04 -29.65 -54.47
CA LEU G 11 33.86 -30.47 -54.22
C LEU G 11 33.37 -31.10 -55.52
N SER G 12 33.12 -32.40 -55.49
CA SER G 12 32.44 -33.07 -56.60
C SER G 12 31.20 -33.80 -56.09
N ALA G 13 30.11 -33.71 -56.86
CA ALA G 13 28.87 -34.39 -56.54
C ALA G 13 28.24 -34.89 -57.83
N SER G 14 27.30 -35.82 -57.71
CA SER G 14 26.67 -36.45 -58.87
C SER G 14 25.55 -35.59 -59.38
N VAL G 15 25.04 -35.94 -60.56
CA VAL G 15 23.90 -35.21 -61.15
C VAL G 15 22.64 -35.48 -60.33
N GLY G 16 22.04 -34.42 -59.80
CA GLY G 16 20.81 -34.54 -59.02
C GLY G 16 21.01 -34.51 -57.52
N ASP G 17 22.25 -34.65 -57.07
CA ASP G 17 22.56 -34.65 -55.63
C ASP G 17 22.39 -33.26 -55.04
N ARG G 18 22.33 -33.23 -53.70
CA ARG G 18 22.18 -32.00 -52.96
C ARG G 18 23.56 -31.51 -52.54
N VAL G 19 23.87 -30.26 -52.85
CA VAL G 19 25.19 -29.70 -52.57
C VAL G 19 25.05 -28.56 -51.57
N THR G 20 25.96 -28.53 -50.59
CA THR G 20 25.90 -27.54 -49.52
C THR G 20 27.26 -26.85 -49.35
N ILE G 21 27.30 -25.56 -49.64
CA ILE G 21 28.50 -24.75 -49.48
C ILE G 21 28.25 -23.80 -48.32
N THR G 22 29.16 -23.81 -47.35
CA THR G 22 29.05 -22.94 -46.18
C THR G 22 30.09 -21.83 -46.25
N CYS G 23 29.76 -20.67 -45.67
CA CYS G 23 30.65 -19.53 -45.68
C CYS G 23 30.52 -18.81 -44.35
N ARG G 24 31.61 -18.80 -43.58
CA ARG G 24 31.62 -18.40 -42.19
C ARG G 24 32.22 -17.01 -42.03
N ALA G 25 31.45 -16.08 -41.46
CA ALA G 25 31.90 -14.70 -41.25
C ALA G 25 32.57 -14.56 -39.89
N SER G 26 33.57 -13.70 -39.81
CA SER G 26 34.35 -13.49 -38.58
C SER G 26 33.51 -12.80 -37.50
N GLN G 27 32.81 -11.74 -37.89
CA GLN G 27 31.91 -11.03 -36.97
C GLN G 27 30.61 -10.70 -37.69
N SER G 28 29.55 -10.45 -36.92
CA SER G 28 28.21 -10.29 -37.46
C SER G 28 28.20 -9.34 -38.67
N VAL G 29 27.62 -9.82 -39.76
CA VAL G 29 27.51 -9.08 -41.01
C VAL G 29 26.08 -8.60 -41.21
N SER G 30 25.17 -9.05 -40.34
CA SER G 30 23.73 -8.95 -40.58
C SER G 30 23.39 -9.91 -41.72
N SER G 31 22.25 -9.69 -42.36
CA SER G 31 21.83 -10.50 -43.51
C SER G 31 22.28 -9.83 -44.81
N ALA G 32 23.55 -9.50 -44.89
CA ALA G 32 24.10 -8.70 -45.98
C ALA G 32 25.16 -9.48 -46.74
N VAL G 33 24.72 -10.58 -47.34
CA VAL G 33 25.61 -11.53 -48.00
C VAL G 33 25.08 -11.90 -49.37
N ALA G 34 25.97 -12.12 -50.32
CA ALA G 34 25.56 -12.52 -51.66
C ALA G 34 26.36 -13.71 -52.12
N TRP G 35 25.79 -14.51 -53.02
CA TRP G 35 26.48 -15.66 -53.58
C TRP G 35 26.60 -15.49 -55.08
N TYR G 36 27.78 -15.81 -55.60
CA TYR G 36 28.06 -15.62 -57.03
C TYR G 36 28.49 -16.93 -57.66
N GLN G 37 28.42 -16.98 -58.99
CA GLN G 37 28.75 -18.18 -59.73
C GLN G 37 29.62 -17.78 -60.90
N GLN G 38 30.89 -18.14 -60.84
CA GLN G 38 31.80 -17.85 -61.91
C GLN G 38 32.12 -19.11 -62.69
N LYS G 39 31.63 -19.18 -63.92
CA LYS G 39 32.07 -20.20 -64.86
C LYS G 39 33.52 -19.89 -65.25
N PRO G 40 34.19 -20.84 -65.89
CA PRO G 40 35.56 -20.59 -66.34
C PRO G 40 35.61 -19.59 -67.48
N GLY G 41 36.46 -18.58 -67.36
CA GLY G 41 36.67 -17.59 -68.42
C GLY G 41 35.52 -16.62 -68.61
N LYS G 42 34.67 -16.49 -67.61
CA LYS G 42 33.56 -15.54 -67.65
C LYS G 42 33.46 -14.80 -66.31
N ALA G 43 32.65 -13.76 -66.29
CA ALA G 43 32.50 -12.92 -65.11
C ALA G 43 31.51 -13.54 -64.14
N PRO G 44 31.59 -13.18 -62.86
CA PRO G 44 30.64 -13.68 -61.89
C PRO G 44 29.19 -13.34 -62.26
N LYS G 45 28.29 -14.25 -61.95
CA LYS G 45 26.86 -14.02 -62.07
C LYS G 45 26.28 -14.05 -60.66
N LEU G 46 25.37 -13.13 -60.37
CA LEU G 46 24.79 -13.04 -59.04
C LEU G 46 23.64 -14.09 -58.91
N LEU G 47 23.68 -14.85 -57.82
CA LEU G 47 22.67 -15.87 -57.55
C LEU G 47 21.76 -15.44 -56.42
N ILE G 48 22.35 -15.09 -55.27
CA ILE G 48 21.59 -14.73 -54.09
C ILE G 48 22.08 -13.40 -53.55
N TYR G 49 21.19 -12.62 -52.97
CA TYR G 49 21.57 -11.43 -52.23
C TYR G 49 20.80 -11.39 -50.91
N SER G 50 21.09 -10.41 -50.07
CA SER G 50 20.59 -10.37 -48.68
C SER G 50 20.52 -11.75 -48.02
N ALA G 51 21.55 -12.56 -48.25
CA ALA G 51 21.71 -13.88 -47.62
C ALA G 51 20.75 -14.97 -48.09
N SER G 52 19.52 -14.61 -48.42
CA SER G 52 18.48 -15.61 -48.68
C SER G 52 17.63 -15.40 -49.92
N SER G 53 17.42 -14.15 -50.34
CA SER G 53 16.57 -13.86 -51.50
C SER G 53 17.25 -14.17 -52.86
N LEU G 54 16.45 -14.68 -53.78
CA LEU G 54 16.95 -15.17 -55.06
C LEU G 54 16.93 -14.08 -56.13
N TYR G 55 18.04 -13.91 -56.83
CA TYR G 55 18.11 -12.88 -57.86
C TYR G 55 17.23 -13.28 -59.02
N SER G 56 16.68 -12.28 -59.72
CA SER G 56 15.75 -12.49 -60.84
C SER G 56 16.39 -13.27 -61.98
N GLY G 57 15.79 -14.41 -62.33
CA GLY G 57 16.25 -15.22 -63.46
C GLY G 57 17.21 -16.34 -63.06
N VAL G 58 17.46 -16.47 -61.76
CA VAL G 58 18.25 -17.58 -61.25
C VAL G 58 17.29 -18.75 -60.99
N PRO G 59 17.64 -19.96 -61.47
CA PRO G 59 16.76 -21.09 -61.20
C PRO G 59 16.59 -21.38 -59.70
N SER G 60 15.46 -22.00 -59.37
CA SER G 60 15.01 -22.14 -57.98
C SER G 60 15.88 -23.04 -57.12
N ARG G 61 16.61 -23.96 -57.77
CA ARG G 61 17.44 -24.91 -57.03
C ARG G 61 18.47 -24.20 -56.16
N PHE G 62 18.98 -23.07 -56.65
CA PHE G 62 19.87 -22.22 -55.85
C PHE G 62 19.12 -21.53 -54.73
N SER G 63 19.62 -21.66 -53.50
CA SER G 63 18.92 -21.15 -52.32
C SER G 63 19.87 -20.81 -51.19
N GLY G 64 19.84 -19.55 -50.77
CA GLY G 64 20.69 -19.06 -49.70
C GLY G 64 19.99 -19.15 -48.35
N SER G 65 20.78 -19.31 -47.29
CA SER G 65 20.24 -19.44 -45.93
C SER G 65 21.25 -18.95 -44.90
N ARG G 66 20.78 -18.74 -43.67
CA ARG G 66 21.57 -18.11 -42.62
C ARG G 66 21.44 -18.77 -41.25
N SER G 67 22.50 -18.68 -40.45
CA SER G 67 22.47 -19.09 -39.04
C SER G 67 23.34 -18.13 -38.19
N GLY G 68 22.96 -16.86 -38.21
CA GLY G 68 23.59 -15.80 -37.40
C GLY G 68 25.10 -15.57 -37.51
N THR G 69 25.70 -15.93 -38.64
CA THR G 69 27.16 -15.79 -38.95
C THR G 69 27.58 -16.84 -39.96
N ASP G 70 26.96 -18.01 -39.89
CA ASP G 70 27.20 -19.08 -40.85
C ASP G 70 26.18 -18.99 -41.98
N PHE G 71 26.66 -18.62 -43.16
CA PHE G 71 25.81 -18.51 -44.35
C PHE G 71 26.02 -19.72 -45.23
N THR G 72 24.97 -20.11 -45.94
CA THR G 72 24.96 -21.40 -46.62
C THR G 72 24.23 -21.38 -47.96
N LEU G 73 24.99 -21.51 -49.04
CA LEU G 73 24.43 -21.70 -50.38
C LEU G 73 24.11 -23.18 -50.53
N THR G 74 22.92 -23.48 -51.02
CA THR G 74 22.52 -24.87 -51.23
C THR G 74 22.01 -25.06 -52.65
N ILE G 75 22.64 -25.95 -53.40
CA ILE G 75 22.16 -26.31 -54.72
C ILE G 75 21.39 -27.60 -54.56
N SER G 76 20.07 -27.52 -54.66
CA SER G 76 19.19 -28.61 -54.26
C SER G 76 19.17 -29.79 -55.24
N SER G 77 19.40 -29.50 -56.52
CA SER G 77 19.41 -30.56 -57.54
C SER G 77 20.51 -30.32 -58.58
N LEU G 78 21.76 -30.49 -58.13
CA LEU G 78 22.94 -30.20 -58.95
C LEU G 78 22.77 -30.70 -60.38
N GLN G 79 23.23 -29.90 -61.33
CA GLN G 79 23.11 -30.24 -62.74
C GLN G 79 24.37 -29.86 -63.52
N PRO G 80 24.67 -30.61 -64.60
CA PRO G 80 25.98 -30.55 -65.22
C PRO G 80 26.41 -29.14 -65.58
N GLU G 81 25.46 -28.24 -65.85
CA GLU G 81 25.78 -26.84 -66.14
C GLU G 81 25.97 -25.97 -64.89
N ASP G 82 25.94 -26.59 -63.70
CA ASP G 82 26.26 -25.88 -62.46
C ASP G 82 27.74 -25.99 -62.13
N PHE G 83 28.48 -26.72 -62.96
CA PHE G 83 29.92 -26.76 -62.85
C PHE G 83 30.44 -25.33 -62.85
N ALA G 84 31.00 -24.90 -61.73
CA ALA G 84 31.47 -23.53 -61.58
C ALA G 84 32.23 -23.34 -60.28
N THR G 85 32.80 -22.16 -60.09
CA THR G 85 33.38 -21.76 -58.82
C THR G 85 32.36 -20.80 -58.19
N TYR G 86 32.05 -21.05 -56.91
CA TYR G 86 31.03 -20.28 -56.20
C TYR G 86 31.64 -19.41 -55.10
N TYR G 87 31.38 -18.11 -55.15
CA TYR G 87 31.94 -17.17 -54.17
C TYR G 87 30.85 -16.56 -53.31
N CYS G 88 31.03 -16.59 -51.99
CA CYS G 88 30.17 -15.79 -51.09
C CYS G 88 30.78 -14.40 -51.02
N GLN G 89 30.00 -13.45 -50.54
CA GLN G 89 30.42 -12.04 -50.49
C GLN G 89 29.63 -11.33 -49.43
N GLN G 90 30.32 -10.74 -48.48
CA GLN G 90 29.68 -9.96 -47.44
C GLN G 90 29.86 -8.50 -47.79
N TYR G 91 28.84 -7.69 -47.51
CA TYR G 91 29.01 -6.24 -47.52
C TYR G 91 28.83 -5.75 -46.08
N SER G 92 28.08 -4.68 -45.84
CA SER G 92 28.16 -3.97 -44.56
C SER G 92 29.53 -3.29 -44.44
N TYR G 93 29.54 -2.00 -44.78
CA TYR G 93 30.75 -1.20 -44.83
C TYR G 93 31.42 -1.10 -43.47
N TYR G 94 32.56 -1.77 -43.31
CA TYR G 94 33.38 -1.57 -42.12
C TYR G 94 34.66 -0.80 -42.50
N TYR G 95 35.65 -1.49 -43.06
CA TYR G 95 36.85 -0.87 -43.60
C TYR G 95 36.66 -0.81 -45.10
N TYR G 96 36.45 -1.99 -45.70
CA TYR G 96 36.14 -2.11 -47.12
C TYR G 96 34.65 -2.32 -47.35
N PRO G 97 34.18 -1.92 -48.55
CA PRO G 97 32.76 -2.11 -48.87
C PRO G 97 32.35 -3.57 -48.86
N PHE G 98 33.30 -4.45 -49.16
CA PHE G 98 33.07 -5.88 -49.10
C PHE G 98 34.35 -6.72 -49.18
N THR G 99 34.19 -8.00 -48.87
CA THR G 99 35.23 -9.00 -49.05
C THR G 99 34.58 -10.26 -49.59
N PHE G 100 35.35 -11.03 -50.34
CA PHE G 100 34.85 -12.29 -50.87
C PHE G 100 35.45 -13.43 -50.08
N GLY G 101 34.85 -14.60 -50.22
CA GLY G 101 35.50 -15.84 -49.81
C GLY G 101 36.41 -16.33 -50.92
N GLN G 102 37.17 -17.39 -50.64
CA GLN G 102 38.15 -17.92 -51.62
C GLN G 102 37.45 -18.73 -52.72
N GLY G 103 36.23 -19.14 -52.44
CA GLY G 103 35.38 -19.74 -53.47
C GLY G 103 35.35 -21.25 -53.35
N THR G 104 34.36 -21.86 -54.01
CA THR G 104 34.19 -23.31 -53.95
C THR G 104 34.05 -23.87 -55.36
N LYS G 105 35.04 -24.65 -55.78
CA LYS G 105 35.02 -25.28 -57.11
C LYS G 105 34.14 -26.51 -57.11
N VAL G 106 32.91 -26.38 -57.63
CA VAL G 106 31.99 -27.50 -57.72
C VAL G 106 32.25 -28.27 -59.01
N GLU G 107 32.47 -29.58 -58.86
CA GLU G 107 32.74 -30.49 -59.99
C GLU G 107 31.56 -31.43 -60.18
N ILE G 108 31.43 -32.03 -61.36
CA ILE G 108 30.35 -32.98 -61.62
C ILE G 108 30.91 -34.38 -61.63
N LYS G 109 30.18 -35.31 -61.01
CA LYS G 109 30.50 -36.75 -61.07
C LYS G 109 29.60 -37.45 -62.07
N ARG G 110 30.20 -38.21 -62.99
CA ARG G 110 29.44 -38.95 -63.98
C ARG G 110 30.03 -40.33 -64.21
N THR G 111 29.43 -41.10 -65.10
CA THR G 111 29.89 -42.46 -65.41
C THR G 111 31.25 -42.43 -66.09
N VAL G 112 32.02 -43.50 -65.96
CA VAL G 112 33.34 -43.56 -66.55
C VAL G 112 33.21 -43.50 -68.08
N ALA G 113 33.99 -42.63 -68.72
CA ALA G 113 33.97 -42.51 -70.17
C ALA G 113 35.38 -42.50 -70.73
N ALA G 114 35.58 -43.26 -71.80
CA ALA G 114 36.90 -43.46 -72.37
C ALA G 114 37.18 -42.45 -73.48
N PRO G 115 38.43 -41.99 -73.58
CA PRO G 115 38.81 -41.02 -74.59
C PRO G 115 38.88 -41.59 -76.01
N SER G 116 38.44 -40.79 -76.97
CA SER G 116 38.82 -40.99 -78.36
C SER G 116 40.20 -40.36 -78.52
N VAL G 117 41.17 -41.13 -79.01
CA VAL G 117 42.55 -40.69 -79.09
C VAL G 117 42.96 -40.37 -80.53
N PHE G 118 43.65 -39.25 -80.69
CA PHE G 118 44.19 -38.83 -81.99
C PHE G 118 45.62 -38.37 -81.83
N ILE G 119 46.39 -38.45 -82.92
CA ILE G 119 47.76 -37.96 -82.92
C ILE G 119 48.04 -37.16 -84.18
N PHE G 120 48.73 -36.03 -84.02
CA PHE G 120 48.99 -35.12 -85.13
C PHE G 120 50.48 -34.90 -85.34
N PRO G 121 50.95 -35.12 -86.57
CA PRO G 121 52.34 -34.86 -86.87
C PRO G 121 52.58 -33.37 -87.05
N PRO G 122 53.84 -32.93 -86.98
CA PRO G 122 54.13 -31.51 -87.19
C PRO G 122 53.82 -31.09 -88.62
N SER G 123 53.42 -29.83 -88.78
CA SER G 123 53.12 -29.28 -90.10
C SER G 123 54.39 -29.10 -90.89
N ASP G 124 54.31 -29.30 -92.20
CA ASP G 124 55.44 -29.02 -93.09
C ASP G 124 55.83 -27.54 -93.05
N GLU G 125 54.84 -26.67 -92.82
CA GLU G 125 55.08 -25.25 -92.63
C GLU G 125 55.85 -24.96 -91.35
N GLN G 126 55.62 -25.76 -90.30
CA GLN G 126 56.35 -25.62 -89.04
C GLN G 126 57.80 -26.07 -89.18
N LEU G 127 58.02 -27.15 -89.91
CA LEU G 127 59.37 -27.68 -90.13
C LEU G 127 60.30 -26.68 -90.81
N LYS G 128 59.74 -25.78 -91.63
CA LYS G 128 60.52 -24.71 -92.24
C LYS G 128 61.18 -23.81 -91.18
N SER G 129 60.44 -23.48 -90.13
CA SER G 129 60.91 -22.54 -89.09
C SER G 129 61.98 -23.13 -88.17
N GLY G 130 62.11 -24.46 -88.15
CA GLY G 130 63.16 -25.12 -87.39
C GLY G 130 62.71 -25.88 -86.15
N THR G 131 61.40 -25.86 -85.86
CA THR G 131 60.85 -26.64 -84.75
C THR G 131 59.90 -27.74 -85.24
N ALA G 132 59.54 -28.62 -84.33
CA ALA G 132 58.61 -29.70 -84.61
C ALA G 132 57.77 -30.02 -83.38
N SER G 133 56.46 -29.85 -83.50
CA SER G 133 55.54 -30.12 -82.41
C SER G 133 54.58 -31.24 -82.79
N VAL G 134 54.62 -32.32 -82.00
CA VAL G 134 53.68 -33.42 -82.18
C VAL G 134 52.59 -33.25 -81.14
N VAL G 135 51.35 -33.50 -81.53
CA VAL G 135 50.19 -33.28 -80.65
C VAL G 135 49.39 -34.56 -80.49
N CYS G 136 49.28 -35.04 -79.25
CA CYS G 136 48.42 -36.17 -78.91
C CYS G 136 47.16 -35.61 -78.30
N LEU G 137 46.01 -35.97 -78.85
CA LEU G 137 44.73 -35.42 -78.42
C LEU G 137 43.87 -36.48 -77.75
N LEU G 138 43.48 -36.24 -76.51
CA LEU G 138 42.51 -37.08 -75.81
C LEU G 138 41.21 -36.31 -75.75
N ASN G 139 40.12 -36.93 -76.21
CA ASN G 139 38.86 -36.23 -76.37
C ASN G 139 37.71 -36.85 -75.60
N ASN G 140 36.95 -36.01 -74.90
CA ASN G 140 35.69 -36.41 -74.21
C ASN G 140 35.80 -37.65 -73.32
N PHE G 141 36.50 -37.49 -72.20
CA PHE G 141 36.73 -38.59 -71.28
C PHE G 141 36.49 -38.16 -69.83
N TYR G 142 36.11 -39.13 -69.00
CA TYR G 142 35.99 -38.90 -67.56
C TYR G 142 36.51 -40.13 -66.82
N PRO G 143 37.20 -39.95 -65.69
CA PRO G 143 37.56 -38.68 -65.01
C PRO G 143 38.77 -37.98 -65.63
N ARG G 144 39.16 -36.84 -65.05
CA ARG G 144 40.28 -36.06 -65.56
C ARG G 144 41.60 -36.83 -65.47
N GLU G 145 41.73 -37.61 -64.40
CA GLU G 145 42.94 -38.39 -64.12
C GLU G 145 43.30 -39.32 -65.29
N ALA G 146 44.16 -38.83 -66.18
CA ALA G 146 44.66 -39.62 -67.31
C ALA G 146 46.17 -39.40 -67.49
N LYS G 147 46.87 -40.48 -67.86
CA LYS G 147 48.32 -40.46 -68.03
C LYS G 147 48.69 -40.68 -69.49
N VAL G 148 49.31 -39.68 -70.10
CA VAL G 148 49.79 -39.78 -71.47
C VAL G 148 51.32 -39.89 -71.44
N GLN G 149 51.85 -40.81 -72.24
CA GLN G 149 53.30 -41.01 -72.32
C GLN G 149 53.73 -41.18 -73.78
N TRP G 150 54.78 -40.44 -74.16
CA TRP G 150 55.25 -40.42 -75.54
C TRP G 150 56.34 -41.45 -75.80
N LYS G 151 56.35 -41.99 -77.02
CA LYS G 151 57.37 -42.95 -77.43
C LYS G 151 57.94 -42.60 -78.81
N VAL G 152 59.22 -42.23 -78.81
CA VAL G 152 59.98 -42.01 -80.04
C VAL G 152 60.90 -43.21 -80.28
N ASP G 153 60.53 -44.06 -81.24
CA ASP G 153 61.23 -45.32 -81.49
C ASP G 153 61.33 -46.18 -80.21
N ASN G 154 60.18 -46.42 -79.59
CA ASN G 154 60.06 -47.19 -78.35
C ASN G 154 60.93 -46.68 -77.20
N ALA G 155 61.18 -45.37 -77.17
CA ALA G 155 61.91 -44.73 -76.08
C ALA G 155 60.97 -43.76 -75.34
N LEU G 156 60.87 -43.91 -74.03
CA LEU G 156 60.08 -42.99 -73.22
C LEU G 156 60.62 -41.55 -73.35
N GLN G 157 59.92 -40.59 -72.76
CA GLN G 157 60.30 -39.19 -72.89
C GLN G 157 60.29 -38.46 -71.55
N SER G 158 61.05 -37.38 -71.47
CA SER G 158 61.26 -36.64 -70.23
C SER G 158 61.04 -35.15 -70.46
N GLY G 159 60.23 -34.54 -69.60
CA GLY G 159 60.00 -33.08 -69.57
C GLY G 159 60.20 -32.26 -70.84
N ASN G 160 59.85 -32.85 -71.98
CA ASN G 160 59.89 -32.19 -73.28
C ASN G 160 58.50 -32.14 -73.92
N SER G 161 57.49 -32.31 -73.08
CA SER G 161 56.10 -32.36 -73.49
C SER G 161 55.25 -31.73 -72.40
N GLN G 162 54.22 -31.00 -72.81
CA GLN G 162 53.34 -30.31 -71.87
C GLN G 162 51.86 -30.62 -72.12
N GLU G 163 51.11 -30.73 -71.04
CA GLU G 163 49.70 -31.07 -71.11
C GLU G 163 48.83 -29.86 -70.86
N SER G 164 47.74 -29.76 -71.61
CA SER G 164 46.70 -28.79 -71.36
C SER G 164 45.38 -29.53 -71.29
N VAL G 165 44.56 -29.20 -70.28
CA VAL G 165 43.31 -29.91 -70.06
C VAL G 165 42.11 -28.97 -70.16
N THR G 166 41.14 -29.36 -70.98
CA THR G 166 39.86 -28.68 -71.09
C THR G 166 39.22 -28.60 -69.72
N GLU G 167 38.40 -27.58 -69.52
CA GLU G 167 37.64 -27.44 -68.29
C GLU G 167 36.32 -28.21 -68.43
N GLN G 168 35.85 -28.81 -67.34
CA GLN G 168 34.71 -29.74 -67.42
C GLN G 168 33.54 -29.21 -68.25
N ASP G 169 33.05 -30.03 -69.17
CA ASP G 169 32.00 -29.63 -70.10
C ASP G 169 30.69 -29.36 -69.38
N SER G 170 29.94 -28.39 -69.89
CA SER G 170 28.68 -27.97 -69.28
C SER G 170 27.51 -28.91 -69.61
N LYS G 171 27.58 -29.59 -70.76
CA LYS G 171 26.51 -30.52 -71.15
C LYS G 171 26.72 -31.95 -70.60
N ASP G 172 27.76 -32.63 -71.09
CA ASP G 172 28.00 -34.04 -70.71
C ASP G 172 29.02 -34.24 -69.57
N SER G 173 29.72 -33.17 -69.18
CA SER G 173 30.64 -33.20 -68.04
C SER G 173 31.91 -34.02 -68.24
N THR G 174 32.30 -34.21 -69.50
CA THR G 174 33.56 -34.88 -69.82
C THR G 174 34.69 -33.87 -69.91
N TYR G 175 35.91 -34.39 -69.96
CA TYR G 175 37.12 -33.59 -70.19
C TYR G 175 37.75 -33.92 -71.52
N SER G 176 38.65 -33.04 -71.96
CA SER G 176 39.49 -33.28 -73.12
C SER G 176 40.89 -32.79 -72.78
N LEU G 177 41.88 -33.30 -73.49
CA LEU G 177 43.28 -33.08 -73.11
C LEU G 177 44.24 -33.14 -74.30
N SER G 178 45.16 -32.20 -74.37
CA SER G 178 46.21 -32.18 -75.40
C SER G 178 47.59 -32.29 -74.77
N SER G 179 48.39 -33.23 -75.27
CA SER G 179 49.79 -33.36 -74.88
C SER G 179 50.61 -32.96 -76.08
N THR G 180 51.56 -32.06 -75.87
CA THR G 180 52.32 -31.45 -76.97
C THR G 180 53.82 -31.75 -76.85
N LEU G 181 54.29 -32.70 -77.67
CA LEU G 181 55.70 -33.09 -77.69
C LEU G 181 56.49 -32.17 -78.61
N THR G 182 57.36 -31.36 -78.03
CA THR G 182 58.12 -30.36 -78.78
C THR G 182 59.56 -30.81 -78.98
N LEU G 183 60.03 -30.73 -80.22
CA LEU G 183 61.42 -31.08 -80.57
C LEU G 183 61.97 -30.12 -81.61
N SER G 184 63.26 -30.22 -81.89
CA SER G 184 63.89 -29.48 -82.98
C SER G 184 63.69 -30.22 -84.29
N LYS G 185 63.83 -29.52 -85.41
CA LYS G 185 63.68 -30.15 -86.73
C LYS G 185 64.72 -31.25 -86.90
N ALA G 186 65.95 -30.97 -86.47
CA ALA G 186 67.06 -31.92 -86.59
C ALA G 186 66.82 -33.17 -85.75
N ASP G 187 66.41 -32.99 -84.51
CA ASP G 187 66.14 -34.12 -83.61
C ASP G 187 64.94 -34.93 -84.10
N TYR G 188 63.93 -34.23 -84.61
CA TYR G 188 62.74 -34.88 -85.19
C TYR G 188 63.10 -35.68 -86.43
N GLU G 189 64.03 -35.16 -87.23
CA GLU G 189 64.42 -35.79 -88.48
C GLU G 189 65.33 -37.01 -88.32
N LYS G 190 65.67 -37.37 -87.08
CA LYS G 190 66.57 -38.50 -86.84
C LYS G 190 65.85 -39.71 -86.22
N HIS G 191 64.51 -39.71 -86.29
CA HIS G 191 63.71 -40.83 -85.78
C HIS G 191 62.50 -41.07 -86.67
N LYS G 192 61.99 -42.30 -86.70
CA LYS G 192 60.93 -42.68 -87.64
C LYS G 192 59.55 -42.87 -86.99
N VAL G 193 59.51 -43.56 -85.86
CA VAL G 193 58.24 -43.89 -85.19
C VAL G 193 57.96 -42.91 -84.05
N TYR G 194 56.83 -42.21 -84.15
CA TYR G 194 56.33 -41.37 -83.07
C TYR G 194 55.00 -41.90 -82.58
N ALA G 195 54.85 -41.97 -81.25
CA ALA G 195 53.69 -42.61 -80.67
C ALA G 195 53.37 -42.03 -79.29
N CYS G 196 52.08 -41.86 -79.01
CA CYS G 196 51.64 -41.53 -77.66
C CYS G 196 50.81 -42.67 -77.10
N GLU G 197 51.08 -43.02 -75.85
CA GLU G 197 50.48 -44.16 -75.19
C GLU G 197 49.54 -43.67 -74.09
N VAL G 198 48.23 -43.86 -74.31
CA VAL G 198 47.21 -43.36 -73.40
C VAL G 198 46.80 -44.42 -72.39
N THR G 199 46.86 -44.04 -71.12
CA THR G 199 46.48 -44.92 -70.02
C THR G 199 45.34 -44.27 -69.26
N HIS G 200 44.16 -44.91 -69.27
CA HIS G 200 42.97 -44.34 -68.65
C HIS G 200 42.14 -45.41 -67.94
N GLN G 201 41.46 -44.97 -66.88
CA GLN G 201 40.51 -45.82 -66.15
C GLN G 201 39.42 -46.39 -67.05
N GLY G 202 39.09 -45.65 -68.10
CA GLY G 202 38.03 -46.03 -69.05
C GLY G 202 38.33 -47.27 -69.86
N LEU G 203 39.22 -47.14 -70.84
CA LEU G 203 39.61 -48.29 -71.66
C LEU G 203 40.39 -49.31 -70.83
N SER G 204 40.26 -50.57 -71.23
CA SER G 204 40.86 -51.69 -70.51
C SER G 204 42.33 -51.84 -70.89
N SER G 205 42.62 -51.74 -72.19
CA SER G 205 43.97 -51.96 -72.71
C SER G 205 44.60 -50.65 -73.16
N PRO G 206 45.64 -50.17 -72.43
CA PRO G 206 46.29 -48.91 -72.76
C PRO G 206 46.46 -48.73 -74.27
N VAL G 207 45.63 -47.88 -74.85
CA VAL G 207 45.62 -47.70 -76.30
C VAL G 207 46.79 -46.83 -76.74
N THR G 208 47.37 -47.20 -77.88
CA THR G 208 48.51 -46.49 -78.44
C THR G 208 48.18 -46.06 -79.86
N LYS G 209 48.57 -44.84 -80.20
CA LYS G 209 48.36 -44.28 -81.53
C LYS G 209 49.71 -43.72 -82.03
N SER G 210 50.03 -43.96 -83.29
CA SER G 210 51.36 -43.69 -83.82
C SER G 210 51.41 -43.41 -85.31
N PHE G 211 52.51 -42.85 -85.77
CA PHE G 211 52.72 -42.53 -87.19
C PHE G 211 54.19 -42.59 -87.59
N ASN G 212 54.43 -42.71 -88.90
CA ASN G 212 55.77 -42.74 -89.49
C ASN G 212 55.94 -41.61 -90.51
N ARG G 213 57.03 -40.86 -90.39
CA ARG G 213 57.27 -39.73 -91.31
C ARG G 213 57.80 -40.22 -92.65
N GLU H 1 17.98 -3.37 -72.09
CA GLU H 1 19.00 -4.46 -71.98
C GLU H 1 20.31 -3.90 -71.41
N VAL H 2 20.65 -4.35 -70.20
CA VAL H 2 21.80 -3.83 -69.48
C VAL H 2 23.06 -4.56 -69.88
N GLN H 3 24.15 -3.83 -70.11
CA GLN H 3 25.47 -4.45 -70.25
C GLN H 3 26.61 -3.49 -69.94
N LEU H 4 27.68 -4.04 -69.37
CA LEU H 4 28.92 -3.31 -69.13
C LEU H 4 30.00 -3.87 -70.04
N VAL H 5 30.81 -2.99 -70.61
CA VAL H 5 31.85 -3.38 -71.55
C VAL H 5 33.16 -2.72 -71.15
N GLU H 6 34.22 -3.52 -70.99
CA GLU H 6 35.53 -3.00 -70.61
C GLU H 6 36.50 -3.03 -71.76
N SER H 7 37.55 -2.22 -71.65
CA SER H 7 38.55 -2.11 -72.70
C SER H 7 39.84 -1.51 -72.16
N GLY H 8 40.92 -1.65 -72.93
CA GLY H 8 42.18 -0.96 -72.64
C GLY H 8 43.24 -1.76 -71.90
N GLY H 9 42.91 -3.00 -71.54
CA GLY H 9 43.86 -3.88 -70.88
C GLY H 9 44.90 -4.40 -71.85
N GLY H 10 46.04 -4.87 -71.33
CA GLY H 10 47.13 -5.37 -72.17
C GLY H 10 48.47 -5.52 -71.47
N LEU H 11 49.55 -5.39 -72.24
CA LEU H 11 50.91 -5.55 -71.71
C LEU H 11 51.48 -4.20 -71.29
N VAL H 12 52.07 -4.14 -70.09
CA VAL H 12 52.74 -2.92 -69.63
C VAL H 12 53.99 -3.21 -68.80
N GLN H 13 55.02 -2.41 -69.02
CA GLN H 13 56.28 -2.50 -68.29
C GLN H 13 56.03 -2.07 -66.85
N PRO H 14 56.65 -2.76 -65.87
CA PRO H 14 56.56 -2.32 -64.48
C PRO H 14 56.89 -0.83 -64.32
N GLY H 15 56.19 -0.19 -63.38
CA GLY H 15 56.27 1.26 -63.20
C GLY H 15 55.48 2.04 -64.23
N GLY H 16 54.84 1.33 -65.16
CA GLY H 16 54.09 1.96 -66.25
C GLY H 16 52.65 2.30 -65.88
N SER H 17 51.99 3.03 -66.77
CA SER H 17 50.58 3.41 -66.62
C SER H 17 49.74 2.63 -67.59
N LEU H 18 48.45 2.64 -67.33
CA LEU H 18 47.51 1.86 -68.09
C LEU H 18 46.11 2.29 -67.68
N ARG H 19 45.24 2.54 -68.65
CA ARG H 19 43.91 3.11 -68.40
C ARG H 19 42.80 2.18 -68.86
N LEU H 20 41.87 1.88 -67.96
CA LEU H 20 40.77 0.97 -68.25
C LEU H 20 39.47 1.73 -68.36
N SER H 21 38.64 1.34 -69.32
CA SER H 21 37.39 2.02 -69.63
C SER H 21 36.23 1.05 -69.50
N CYS H 22 35.22 1.41 -68.71
CA CYS H 22 34.03 0.60 -68.51
C CYS H 22 32.81 1.32 -69.08
N ALA H 23 32.28 0.81 -70.18
CA ALA H 23 31.25 1.51 -70.96
C ALA H 23 29.83 0.96 -70.72
N ALA H 24 29.01 1.74 -70.01
CA ALA H 24 27.68 1.30 -69.60
C ALA H 24 26.66 1.47 -70.72
N SER H 25 25.66 0.59 -70.73
CA SER H 25 24.58 0.62 -71.71
C SER H 25 23.30 0.05 -71.10
N GLY H 26 22.22 0.80 -71.20
CA GLY H 26 20.90 0.33 -70.76
C GLY H 26 20.45 0.79 -69.39
N PHE H 27 21.16 1.75 -68.81
CA PHE H 27 20.76 2.34 -67.53
C PHE H 27 21.44 3.68 -67.35
N ASN H 28 20.82 4.56 -66.57
CA ASN H 28 21.42 5.86 -66.31
C ASN H 28 22.62 5.73 -65.37
N PHE H 29 23.80 5.76 -65.98
CA PHE H 29 25.07 5.64 -65.27
C PHE H 29 25.26 6.79 -64.27
N SER H 30 24.52 7.88 -64.48
CA SER H 30 24.49 9.00 -63.53
C SER H 30 23.83 8.61 -62.23
N SER H 31 22.68 7.96 -62.35
CA SER H 31 21.85 7.59 -61.20
C SER H 31 22.20 6.21 -60.62
N SER H 32 23.45 5.82 -60.73
CA SER H 32 23.92 4.53 -60.19
C SER H 32 25.43 4.58 -59.91
N SER H 33 26.04 3.44 -59.64
CA SER H 33 27.44 3.37 -59.23
C SER H 33 28.15 2.09 -59.66
N ILE H 34 29.48 2.14 -59.69
CA ILE H 34 30.31 1.09 -60.30
C ILE H 34 31.42 0.67 -59.37
N HIS H 35 31.67 -0.65 -59.30
CA HIS H 35 32.82 -1.21 -58.62
C HIS H 35 33.82 -1.68 -59.63
N TRP H 36 35.09 -1.64 -59.26
CA TRP H 36 36.15 -2.34 -60.00
C TRP H 36 36.64 -3.46 -59.11
N VAL H 37 36.71 -4.65 -59.69
CA VAL H 37 37.13 -5.85 -58.97
C VAL H 37 38.15 -6.51 -59.85
N ARG H 38 39.21 -7.06 -59.26
CA ARG H 38 40.20 -7.78 -60.05
C ARG H 38 40.39 -9.19 -59.54
N GLN H 39 40.85 -10.06 -60.43
CA GLN H 39 41.00 -11.47 -60.11
C GLN H 39 42.27 -11.99 -60.74
N ALA H 40 43.27 -12.26 -59.91
CA ALA H 40 44.56 -12.72 -60.40
C ALA H 40 44.45 -14.16 -60.89
N PRO H 41 45.27 -14.56 -61.89
CA PRO H 41 45.19 -15.91 -62.47
C PRO H 41 45.19 -17.01 -61.41
N GLY H 42 44.13 -17.82 -61.36
CA GLY H 42 44.00 -18.89 -60.37
C GLY H 42 43.39 -18.45 -59.04
N LYS H 43 43.84 -17.31 -58.53
CA LYS H 43 43.34 -16.71 -57.29
C LYS H 43 41.86 -16.23 -57.42
N GLY H 44 41.23 -15.90 -56.28
CA GLY H 44 39.86 -15.38 -56.25
C GLY H 44 39.70 -13.87 -56.42
N LEU H 45 38.52 -13.36 -56.08
CA LEU H 45 38.13 -11.97 -56.36
C LEU H 45 38.58 -10.99 -55.28
N GLU H 46 39.01 -9.82 -55.70
CA GLU H 46 39.55 -8.80 -54.80
C GLU H 46 39.05 -7.43 -55.22
N TRP H 47 38.58 -6.64 -54.25
CA TRP H 47 38.11 -5.27 -54.50
C TRP H 47 39.28 -4.33 -54.80
N VAL H 48 39.12 -3.51 -55.82
CA VAL H 48 40.11 -2.52 -56.20
C VAL H 48 39.62 -1.17 -55.77
N ALA H 49 38.52 -0.71 -56.36
CA ALA H 49 38.03 0.64 -56.09
C ALA H 49 36.56 0.81 -56.50
N TYR H 50 35.96 1.94 -56.07
CA TYR H 50 34.54 2.22 -56.22
C TYR H 50 34.26 3.67 -56.54
N ILE H 51 33.24 3.94 -57.34
CA ILE H 51 32.81 5.31 -57.63
C ILE H 51 31.29 5.45 -57.68
N TYR H 52 30.81 6.60 -57.22
CA TYR H 52 29.40 6.93 -57.21
C TYR H 52 29.29 8.34 -57.78
N PRO H 53 29.23 8.46 -59.11
CA PRO H 53 29.35 9.77 -59.78
C PRO H 53 28.41 10.84 -59.26
N SER H 54 27.17 10.48 -58.94
CA SER H 54 26.18 11.45 -58.50
C SER H 54 26.69 12.34 -57.35
N TYR H 55 27.39 11.76 -56.38
CA TYR H 55 27.91 12.50 -55.23
C TYR H 55 29.42 12.67 -55.26
N SER H 56 30.02 12.51 -56.45
CA SER H 56 31.48 12.54 -56.63
C SER H 56 32.22 11.89 -55.45
N TYR H 57 31.74 10.73 -55.04
CA TYR H 57 32.40 9.95 -54.00
C TYR H 57 33.21 8.88 -54.69
N THR H 58 34.41 8.64 -54.16
CA THR H 58 35.28 7.61 -54.69
C THR H 58 36.08 6.99 -53.54
N SER H 59 36.32 5.69 -53.61
CA SER H 59 37.09 5.01 -52.57
C SER H 59 37.93 3.87 -53.17
N TYR H 60 39.11 3.67 -52.59
CA TYR H 60 40.10 2.73 -53.12
C TYR H 60 40.54 1.72 -52.06
N ALA H 61 41.03 0.58 -52.52
CA ALA H 61 41.60 -0.44 -51.63
C ALA H 61 43.03 -0.05 -51.29
N ASP H 62 43.44 -0.34 -50.05
CA ASP H 62 44.76 0.05 -49.53
C ASP H 62 45.92 -0.28 -50.49
N SER H 63 45.94 -1.52 -50.98
CA SER H 63 46.98 -1.99 -51.89
C SER H 63 47.10 -1.15 -53.18
N VAL H 64 46.08 -0.36 -53.47
CA VAL H 64 46.03 0.46 -54.67
C VAL H 64 46.05 1.95 -54.34
N LYS H 65 45.52 2.34 -53.19
CA LYS H 65 45.36 3.76 -52.83
C LYS H 65 46.60 4.56 -53.13
N GLY H 66 46.43 5.70 -53.81
CA GLY H 66 47.56 6.57 -54.18
C GLY H 66 48.09 6.35 -55.58
N ARG H 67 47.92 5.14 -56.11
CA ARG H 67 48.46 4.77 -57.42
C ARG H 67 47.39 4.76 -58.53
N PHE H 68 46.19 4.26 -58.21
CA PHE H 68 45.09 4.26 -59.17
C PHE H 68 44.18 5.47 -58.96
N THR H 69 43.31 5.72 -59.93
CA THR H 69 42.37 6.84 -59.89
C THR H 69 41.08 6.54 -60.67
N ILE H 70 39.96 6.37 -59.97
CA ILE H 70 38.68 6.19 -60.65
C ILE H 70 38.09 7.53 -61.06
N SER H 71 37.60 7.59 -62.28
CA SER H 71 36.83 8.73 -62.76
C SER H 71 35.62 8.25 -63.53
N ALA H 72 34.75 9.17 -63.91
CA ALA H 72 33.56 8.84 -64.67
C ALA H 72 33.09 10.02 -65.49
N ASP H 73 32.92 9.79 -66.79
CA ASP H 73 32.37 10.79 -67.68
C ASP H 73 30.88 10.47 -67.87
N THR H 74 30.06 11.13 -67.05
CA THR H 74 28.62 10.90 -67.06
C THR H 74 28.03 11.10 -68.45
N SER H 75 28.55 12.09 -69.17
CA SER H 75 28.15 12.35 -70.58
C SER H 75 28.27 11.12 -71.46
N LYS H 76 29.47 10.52 -71.43
CA LYS H 76 29.75 9.32 -72.23
C LYS H 76 29.13 8.05 -71.67
N ASN H 77 28.60 8.11 -70.45
CA ASN H 77 28.00 6.95 -69.80
C ASN H 77 29.09 5.90 -69.55
N THR H 78 30.24 6.36 -69.07
CA THR H 78 31.46 5.54 -68.98
C THR H 78 32.27 5.80 -67.71
N ALA H 79 32.79 4.73 -67.12
CA ALA H 79 33.68 4.81 -65.95
C ALA H 79 35.08 4.45 -66.36
N TYR H 80 36.07 5.06 -65.70
CA TYR H 80 37.48 4.85 -66.05
C TYR H 80 38.28 4.48 -64.82
N LEU H 81 39.23 3.58 -64.98
CA LEU H 81 40.21 3.30 -63.94
C LEU H 81 41.61 3.59 -64.48
N GLN H 82 42.23 4.64 -63.95
CA GLN H 82 43.57 5.03 -64.36
C GLN H 82 44.55 4.38 -63.40
N MET H 83 45.41 3.51 -63.94
CA MET H 83 46.35 2.73 -63.14
C MET H 83 47.78 3.17 -63.41
N ASN H 84 48.40 3.82 -62.43
CA ASN H 84 49.78 4.26 -62.54
C ASN H 84 50.70 3.42 -61.68
N SER H 85 51.95 3.29 -62.11
CA SER H 85 52.99 2.65 -61.31
C SER H 85 52.70 1.19 -61.05
N LEU H 86 52.39 0.47 -62.11
CA LEU H 86 51.95 -0.93 -62.01
C LEU H 86 53.06 -1.87 -61.58
N ARG H 87 52.70 -2.86 -60.77
CA ARG H 87 53.64 -3.84 -60.24
C ARG H 87 53.30 -5.23 -60.76
N ALA H 88 54.13 -6.21 -60.44
CA ALA H 88 53.92 -7.58 -60.90
C ALA H 88 52.62 -8.17 -60.32
N GLU H 89 52.34 -7.86 -59.06
CA GLU H 89 51.11 -8.33 -58.41
C GLU H 89 49.83 -7.74 -59.02
N ASP H 90 49.94 -6.58 -59.66
CA ASP H 90 48.79 -5.95 -60.32
C ASP H 90 48.32 -6.70 -61.58
N THR H 91 49.10 -7.67 -62.03
CA THR H 91 48.67 -8.56 -63.10
C THR H 91 47.42 -9.30 -62.66
N ALA H 92 46.32 -9.13 -63.40
CA ALA H 92 45.03 -9.73 -63.05
C ALA H 92 44.01 -9.54 -64.15
N VAL H 93 42.79 -10.05 -63.93
CA VAL H 93 41.67 -9.75 -64.79
C VAL H 93 40.79 -8.72 -64.09
N TYR H 94 40.54 -7.60 -64.77
CA TYR H 94 39.83 -6.48 -64.16
C TYR H 94 38.36 -6.42 -64.61
N TYR H 95 37.47 -6.57 -63.65
CA TYR H 95 36.04 -6.46 -63.91
C TYR H 95 35.49 -5.16 -63.34
N CYS H 96 34.63 -4.49 -64.10
CA CYS H 96 33.77 -3.47 -63.53
C CYS H 96 32.39 -4.10 -63.41
N ALA H 97 31.69 -3.78 -62.33
CA ALA H 97 30.38 -4.32 -62.08
C ALA H 97 29.52 -3.28 -61.41
N ARG H 98 28.27 -3.16 -61.85
CA ARG H 98 27.37 -2.15 -61.30
C ARG H 98 26.76 -2.66 -60.02
N TYR H 99 26.33 -1.72 -59.18
CA TYR H 99 26.11 -1.97 -57.76
C TYR H 99 24.64 -2.25 -57.47
N TYR H 100 24.37 -3.32 -56.73
CA TYR H 100 23.01 -3.74 -56.40
C TYR H 100 22.60 -3.26 -55.00
N GLY H 101 21.42 -3.67 -54.53
CA GLY H 101 20.87 -3.18 -53.28
C GLY H 101 21.76 -3.32 -52.05
N THR H 102 22.06 -2.19 -51.41
CA THR H 102 22.86 -2.17 -50.18
C THR H 102 24.26 -2.83 -50.26
N GLY H 103 24.80 -2.98 -51.46
CA GLY H 103 26.02 -3.76 -51.70
C GLY H 103 25.77 -4.77 -52.80
N ALA H 104 26.74 -5.65 -53.07
CA ALA H 104 26.60 -6.68 -54.10
C ALA H 104 26.57 -6.11 -55.51
N MET H 105 26.92 -6.95 -56.48
CA MET H 105 27.03 -6.53 -57.86
C MET H 105 26.19 -7.44 -58.71
N ASP H 106 25.31 -6.89 -59.53
CA ASP H 106 24.40 -7.71 -60.33
C ASP H 106 24.85 -7.92 -61.78
N TYR H 107 25.30 -6.85 -62.44
CA TYR H 107 25.80 -6.93 -63.81
C TYR H 107 27.28 -6.67 -63.84
N TRP H 108 28.03 -7.62 -64.41
CA TRP H 108 29.48 -7.53 -64.50
C TRP H 108 29.91 -7.41 -65.96
N GLY H 109 31.04 -6.77 -66.18
CA GLY H 109 31.63 -6.71 -67.52
C GLY H 109 32.36 -7.99 -67.87
N GLN H 110 32.62 -8.19 -69.17
CA GLN H 110 33.32 -9.39 -69.65
C GLN H 110 34.71 -9.53 -69.05
N GLY H 111 35.32 -8.40 -68.72
CA GLY H 111 36.59 -8.37 -67.99
C GLY H 111 37.79 -8.29 -68.90
N THR H 112 38.70 -7.36 -68.62
CA THR H 112 39.93 -7.21 -69.41
C THR H 112 41.13 -7.70 -68.64
N LEU H 113 42.11 -8.23 -69.39
CA LEU H 113 43.30 -8.83 -68.80
C LEU H 113 44.47 -7.85 -68.83
N VAL H 114 44.88 -7.40 -67.65
CA VAL H 114 46.03 -6.52 -67.51
C VAL H 114 47.21 -7.36 -67.07
N THR H 115 48.27 -7.39 -67.87
CA THR H 115 49.43 -8.23 -67.59
C THR H 115 50.72 -7.41 -67.51
N VAL H 116 51.20 -7.22 -66.28
CA VAL H 116 52.40 -6.45 -66.03
C VAL H 116 53.62 -7.34 -66.15
N SER H 117 54.44 -7.06 -67.16
CA SER H 117 55.70 -7.77 -67.38
C SER H 117 56.63 -6.96 -68.26
N SER H 118 57.93 -7.20 -68.09
CA SER H 118 58.96 -6.50 -68.85
C SER H 118 59.20 -7.16 -70.21
N ALA H 119 58.60 -8.32 -70.43
CA ALA H 119 58.85 -9.12 -71.62
C ALA H 119 58.37 -8.48 -72.92
N SER H 120 58.85 -9.02 -74.03
CA SER H 120 58.51 -8.53 -75.38
C SER H 120 57.16 -9.06 -75.84
N THR H 121 56.62 -8.44 -76.89
CA THR H 121 55.37 -8.89 -77.49
C THR H 121 55.68 -9.79 -78.68
N LYS H 122 55.08 -10.98 -78.72
CA LYS H 122 55.22 -11.90 -79.84
C LYS H 122 53.86 -12.33 -80.38
N GLY H 123 53.72 -12.25 -81.69
CA GLY H 123 52.56 -12.81 -82.38
C GLY H 123 52.75 -14.30 -82.62
N PRO H 124 51.66 -15.06 -82.69
CA PRO H 124 51.77 -16.50 -82.84
C PRO H 124 52.05 -16.95 -84.25
N SER H 125 52.73 -18.08 -84.37
CA SER H 125 52.80 -18.81 -85.62
C SER H 125 51.67 -19.82 -85.56
N VAL H 126 50.95 -20.02 -86.67
CA VAL H 126 49.80 -20.92 -86.69
C VAL H 126 50.00 -22.08 -87.67
N PHE H 127 50.03 -23.29 -87.14
CA PHE H 127 50.23 -24.49 -87.93
C PHE H 127 49.00 -25.40 -87.86
N PRO H 128 48.60 -25.99 -89.00
CA PRO H 128 47.43 -26.83 -89.04
C PRO H 128 47.67 -28.25 -88.50
N LEU H 129 46.71 -28.75 -87.73
CA LEU H 129 46.70 -30.15 -87.32
C LEU H 129 45.80 -30.91 -88.29
N ALA H 130 46.42 -31.49 -89.32
CA ALA H 130 45.69 -32.14 -90.40
C ALA H 130 45.19 -33.54 -89.98
N PRO H 131 43.96 -33.90 -90.40
CA PRO H 131 43.37 -35.18 -90.05
C PRO H 131 43.98 -36.34 -90.85
N SER H 132 43.75 -37.56 -90.39
CA SER H 132 44.28 -38.75 -91.06
C SER H 132 43.13 -39.58 -91.68
N SER H 133 43.03 -40.86 -91.29
CA SER H 133 41.97 -41.76 -91.78
C SER H 133 41.05 -42.16 -90.62
N GLY H 139 35.19 -43.38 -89.37
CA GLY H 139 33.97 -43.04 -88.62
C GLY H 139 33.88 -41.57 -88.28
N THR H 140 34.70 -41.13 -87.33
CA THR H 140 34.79 -39.73 -86.90
C THR H 140 36.22 -39.21 -87.06
N ALA H 141 36.38 -38.07 -87.72
CA ALA H 141 37.69 -37.47 -87.97
C ALA H 141 37.91 -36.25 -87.10
N ALA H 142 39.14 -36.09 -86.61
CA ALA H 142 39.52 -34.93 -85.80
C ALA H 142 40.56 -34.09 -86.55
N LEU H 143 40.48 -32.78 -86.37
CA LEU H 143 41.47 -31.85 -86.93
C LEU H 143 41.51 -30.57 -86.12
N GLY H 144 42.52 -29.73 -86.34
CA GLY H 144 42.68 -28.55 -85.52
C GLY H 144 43.75 -27.56 -85.94
N CYS H 145 43.97 -26.59 -85.06
CA CYS H 145 45.02 -25.58 -85.23
C CYS H 145 45.98 -25.57 -84.06
N LEU H 146 47.27 -25.45 -84.36
CA LEU H 146 48.28 -25.25 -83.34
C LEU H 146 48.66 -23.78 -83.39
N VAL H 147 48.48 -23.09 -82.26
CA VAL H 147 48.80 -21.67 -82.16
C VAL H 147 50.01 -21.55 -81.24
N LYS H 148 51.21 -21.57 -81.82
CA LYS H 148 52.44 -21.70 -81.05
C LYS H 148 53.21 -20.41 -80.89
N ASP H 149 53.86 -20.27 -79.73
CA ASP H 149 54.83 -19.21 -79.44
C ASP H 149 54.25 -17.80 -79.56
N TYR H 150 53.48 -17.39 -78.54
CA TYR H 150 52.95 -16.03 -78.48
C TYR H 150 53.01 -15.48 -77.07
N PHE H 151 52.90 -14.16 -76.95
CA PHE H 151 52.86 -13.50 -75.65
C PHE H 151 52.34 -12.06 -75.85
N PRO H 152 51.52 -11.57 -74.91
CA PRO H 152 50.98 -12.23 -73.74
C PRO H 152 49.63 -12.86 -74.05
N GLU H 153 48.93 -13.34 -73.03
CA GLU H 153 47.54 -13.75 -73.19
C GLU H 153 46.69 -12.54 -73.53
N PRO H 154 45.53 -12.75 -74.16
CA PRO H 154 44.93 -13.98 -74.62
C PRO H 154 44.95 -14.16 -76.14
N VAL H 155 44.67 -15.38 -76.58
CA VAL H 155 44.39 -15.66 -77.98
C VAL H 155 42.98 -16.21 -78.07
N THR H 156 42.21 -15.72 -79.03
CA THR H 156 40.86 -16.21 -79.29
C THR H 156 40.84 -16.98 -80.59
N VAL H 157 40.16 -18.12 -80.60
CA VAL H 157 40.07 -18.95 -81.78
C VAL H 157 38.59 -19.23 -82.09
N SER H 158 38.23 -19.17 -83.36
CA SER H 158 36.93 -19.57 -83.83
C SER H 158 37.07 -20.27 -85.17
N TRP H 159 36.12 -21.15 -85.51
CA TRP H 159 36.17 -21.92 -86.74
C TRP H 159 35.11 -21.45 -87.74
N ASN H 160 35.53 -21.27 -88.99
CA ASN H 160 34.66 -20.75 -90.06
C ASN H 160 33.90 -19.47 -89.67
N SER H 161 34.61 -18.54 -89.03
CA SER H 161 34.08 -17.22 -88.65
C SER H 161 32.94 -17.24 -87.62
N GLY H 162 32.82 -18.34 -86.87
CA GLY H 162 31.74 -18.53 -85.89
C GLY H 162 30.69 -19.53 -86.32
N ALA H 163 30.79 -20.00 -87.57
CA ALA H 163 29.78 -20.89 -88.16
C ALA H 163 29.84 -22.34 -87.67
N LEU H 164 30.80 -22.66 -86.80
CA LEU H 164 30.97 -24.01 -86.28
C LEU H 164 31.32 -23.97 -84.80
N THR H 165 30.52 -24.65 -83.98
CA THR H 165 30.78 -24.77 -82.54
C THR H 165 30.61 -26.20 -82.01
N SER H 166 29.91 -27.06 -82.76
CA SER H 166 29.66 -28.44 -82.33
C SER H 166 30.93 -29.27 -82.42
N GLY H 167 31.35 -29.84 -81.28
CA GLY H 167 32.53 -30.69 -81.22
C GLY H 167 33.85 -29.94 -81.29
N VAL H 168 33.84 -28.68 -80.83
CA VAL H 168 35.04 -27.83 -80.83
C VAL H 168 35.61 -27.74 -79.42
N HIS H 169 36.91 -27.95 -79.31
CA HIS H 169 37.63 -27.75 -78.05
C HIS H 169 38.83 -26.84 -78.29
N THR H 170 38.86 -25.71 -77.58
CA THR H 170 40.02 -24.83 -77.58
C THR H 170 40.67 -24.93 -76.22
N PHE H 171 41.83 -25.58 -76.19
CA PHE H 171 42.53 -25.90 -74.94
C PHE H 171 43.11 -24.67 -74.28
N PRO H 172 43.22 -24.71 -72.93
CA PRO H 172 43.90 -23.62 -72.23
C PRO H 172 45.33 -23.43 -72.67
N ALA H 173 45.81 -22.19 -72.59
CA ALA H 173 47.17 -21.88 -73.00
C ALA H 173 48.18 -22.50 -72.04
N VAL H 174 49.25 -23.04 -72.61
CA VAL H 174 50.34 -23.63 -71.84
C VAL H 174 51.51 -22.69 -71.88
N LEU H 175 52.19 -22.51 -70.75
CA LEU H 175 53.38 -21.65 -70.70
C LEU H 175 54.62 -22.50 -70.91
N GLN H 176 55.35 -22.26 -71.99
CA GLN H 176 56.53 -23.05 -72.33
C GLN H 176 57.75 -22.56 -71.57
N SER H 177 58.85 -23.30 -71.68
CA SER H 177 60.12 -22.94 -71.05
C SER H 177 60.69 -21.63 -71.59
N SER H 178 60.38 -21.33 -72.85
CA SER H 178 60.82 -20.09 -73.49
C SER H 178 60.14 -18.83 -72.96
N GLY H 179 59.13 -19.01 -72.10
CA GLY H 179 58.37 -17.87 -71.56
C GLY H 179 57.28 -17.38 -72.50
N LEU H 180 56.99 -18.19 -73.52
CA LEU H 180 55.98 -17.88 -74.52
C LEU H 180 54.84 -18.87 -74.41
N TYR H 181 53.63 -18.39 -74.64
CA TYR H 181 52.44 -19.23 -74.59
C TYR H 181 52.25 -20.01 -75.88
N SER H 182 51.56 -21.14 -75.75
CA SER H 182 51.19 -21.97 -76.89
C SER H 182 49.93 -22.75 -76.55
N LEU H 183 48.99 -22.81 -77.49
CA LEU H 183 47.78 -23.60 -77.32
C LEU H 183 47.38 -24.31 -78.59
N SER H 184 46.46 -25.24 -78.45
CA SER H 184 45.92 -26.01 -79.57
C SER H 184 44.40 -25.83 -79.57
N SER H 185 43.82 -25.76 -80.76
CA SER H 185 42.37 -25.78 -80.90
C SER H 185 42.00 -26.89 -81.86
N VAL H 186 41.21 -27.85 -81.38
CA VAL H 186 40.89 -29.03 -82.15
C VAL H 186 39.37 -29.16 -82.29
N VAL H 187 38.93 -29.82 -83.36
CA VAL H 187 37.51 -30.02 -83.62
C VAL H 187 37.24 -31.38 -84.25
N THR H 188 36.15 -32.02 -83.84
CA THR H 188 35.73 -33.29 -84.41
C THR H 188 34.65 -33.10 -85.47
N VAL H 189 34.75 -33.83 -86.57
CA VAL H 189 33.77 -33.78 -87.66
C VAL H 189 33.60 -35.17 -88.29
N PRO H 190 32.50 -35.36 -89.04
CA PRO H 190 32.34 -36.65 -89.76
C PRO H 190 33.40 -36.85 -90.86
N SER H 191 33.73 -38.12 -91.12
CA SER H 191 34.78 -38.46 -92.09
C SER H 191 34.39 -38.11 -93.54
N SER H 192 33.14 -38.40 -93.89
CA SER H 192 32.66 -38.19 -95.27
C SER H 192 32.53 -36.72 -95.67
N SER H 193 32.48 -35.82 -94.69
CA SER H 193 32.38 -34.37 -94.96
C SER H 193 33.70 -33.74 -95.41
N LEU H 194 34.82 -34.43 -95.18
CA LEU H 194 36.13 -33.94 -95.62
C LEU H 194 36.24 -33.89 -97.14
N GLY H 195 36.84 -32.82 -97.66
CA GLY H 195 36.96 -32.60 -99.11
C GLY H 195 35.82 -31.72 -99.63
N THR H 196 34.60 -31.99 -99.16
CA THR H 196 33.43 -31.18 -99.48
C THR H 196 33.43 -29.91 -98.63
N GLN H 197 33.45 -30.09 -97.30
CA GLN H 197 33.45 -28.97 -96.36
C GLN H 197 34.84 -28.36 -96.23
N THR H 198 34.87 -27.04 -96.04
CA THR H 198 36.12 -26.29 -95.88
C THR H 198 36.24 -25.84 -94.44
N TYR H 199 37.29 -26.31 -93.75
CA TYR H 199 37.55 -25.93 -92.37
C TYR H 199 38.73 -24.97 -92.29
N ILE H 200 38.43 -23.69 -92.04
CA ILE H 200 39.45 -22.68 -91.78
C ILE H 200 39.35 -22.27 -90.31
N CYS H 201 40.50 -22.04 -89.67
CA CYS H 201 40.51 -21.66 -88.26
C CYS H 201 40.95 -20.22 -88.13
N ASN H 202 40.15 -19.44 -87.39
CA ASN H 202 40.37 -17.99 -87.28
C ASN H 202 41.03 -17.64 -85.95
N VAL H 203 42.34 -17.43 -86.00
CA VAL H 203 43.10 -17.06 -84.82
C VAL H 203 43.20 -15.55 -84.76
N ASN H 204 43.04 -14.98 -83.57
CA ASN H 204 43.15 -13.54 -83.37
C ASN H 204 43.90 -13.22 -82.08
N HIS H 205 45.06 -12.58 -82.22
CA HIS H 205 45.88 -12.16 -81.10
C HIS H 205 45.92 -10.63 -81.08
N LYS H 206 45.07 -10.05 -80.25
CA LYS H 206 44.84 -8.59 -80.24
C LYS H 206 46.09 -7.74 -79.93
N PRO H 207 46.87 -8.13 -78.91
CA PRO H 207 47.98 -7.25 -78.48
C PRO H 207 49.16 -7.15 -79.46
N SER H 208 49.14 -7.87 -80.57
CA SER H 208 50.12 -7.67 -81.62
C SER H 208 49.45 -7.54 -83.00
N ASN H 209 48.18 -7.16 -83.00
CA ASN H 209 47.39 -6.96 -84.23
C ASN H 209 47.61 -8.03 -85.31
N THR H 210 47.68 -9.29 -84.89
CA THR H 210 47.85 -10.42 -85.81
C THR H 210 46.52 -11.13 -86.02
N LYS H 211 46.07 -11.14 -87.27
CA LYS H 211 44.86 -11.84 -87.68
C LYS H 211 45.27 -12.88 -88.72
N VAL H 212 45.15 -14.15 -88.36
CA VAL H 212 45.51 -15.23 -89.27
C VAL H 212 44.31 -16.13 -89.47
N ASP H 213 44.07 -16.51 -90.73
CA ASP H 213 42.99 -17.41 -91.08
C ASP H 213 43.57 -18.60 -91.84
N LYS H 214 44.04 -19.59 -91.09
CA LYS H 214 44.71 -20.75 -91.68
C LYS H 214 43.69 -21.79 -92.12
N LYS H 215 43.80 -22.21 -93.38
CA LYS H 215 42.96 -23.27 -93.93
C LYS H 215 43.53 -24.63 -93.55
N VAL H 216 42.69 -25.50 -93.00
CA VAL H 216 43.08 -26.86 -92.66
C VAL H 216 42.47 -27.82 -93.67
N GLU H 217 43.32 -28.56 -94.36
CA GLU H 217 42.87 -29.59 -95.31
C GLU H 217 43.72 -30.85 -95.16
N PRO H 218 43.20 -32.02 -95.60
CA PRO H 218 43.99 -33.24 -95.50
C PRO H 218 45.14 -33.21 -96.50
N LYS H 219 46.37 -33.41 -96.01
CA LYS H 219 47.55 -33.25 -96.87
C LYS H 219 47.62 -34.39 -97.89
N SER H 220 47.77 -34.02 -99.17
CA SER H 220 47.70 -34.95 -100.31
C SER H 220 47.78 -36.44 -99.94
N CYS H 221 48.97 -36.90 -99.56
CA CYS H 221 49.16 -38.27 -99.03
C CYS H 221 50.54 -38.43 -98.38
N GLU I 1 38.13 19.77 -36.66
CA GLU I 1 37.59 19.39 -38.01
C GLU I 1 36.90 17.99 -37.97
N VAL I 2 36.74 17.37 -39.14
CA VAL I 2 35.80 16.24 -39.32
C VAL I 2 36.21 14.97 -38.56
N VAL I 3 35.21 14.31 -37.98
CA VAL I 3 35.38 13.01 -37.33
C VAL I 3 35.21 11.94 -38.41
N LYS I 4 36.14 10.99 -38.48
CA LYS I 4 36.13 10.02 -39.59
C LYS I 4 35.10 8.91 -39.36
N PHE I 5 34.78 8.19 -40.43
CA PHE I 5 33.75 7.16 -40.37
C PHE I 5 34.02 6.13 -39.29
N MET I 6 35.24 5.58 -39.29
CA MET I 6 35.59 4.49 -38.38
C MET I 6 35.49 4.90 -36.90
N ASP I 7 35.74 6.18 -36.60
CA ASP I 7 35.60 6.68 -35.24
C ASP I 7 34.15 6.77 -34.82
N VAL I 8 33.30 7.28 -35.71
CA VAL I 8 31.88 7.46 -35.41
C VAL I 8 31.21 6.12 -35.20
N TYR I 9 31.49 5.17 -36.09
CA TYR I 9 30.92 3.83 -36.01
C TYR I 9 31.26 3.15 -34.67
N GLN I 10 32.55 3.13 -34.34
CA GLN I 10 33.02 2.45 -33.13
C GLN I 10 32.48 3.07 -31.84
N ARG I 11 32.40 4.40 -31.82
CA ARG I 11 31.89 5.11 -30.65
C ARG I 11 30.38 5.03 -30.52
N SER I 12 29.69 4.75 -31.62
CA SER I 12 28.23 4.67 -31.64
C SER I 12 27.70 3.24 -31.87
N TYR I 13 28.52 2.23 -31.62
CA TYR I 13 28.06 0.85 -31.66
C TYR I 13 27.58 0.45 -30.28
N CYS I 14 26.57 -0.40 -30.22
CA CYS I 14 25.95 -0.84 -28.96
C CYS I 14 26.98 -1.18 -27.87
N HIS I 15 27.10 -0.29 -26.89
CA HIS I 15 27.96 -0.51 -25.73
C HIS I 15 27.37 0.20 -24.51
N PRO I 16 27.82 -0.16 -23.29
CA PRO I 16 27.30 0.52 -22.12
C PRO I 16 27.87 1.94 -22.00
N ILE I 17 27.02 2.90 -21.65
CA ILE I 17 27.43 4.30 -21.62
C ILE I 17 26.72 5.05 -20.50
N GLU I 18 27.39 6.05 -19.92
CA GLU I 18 26.83 6.82 -18.82
C GLU I 18 25.55 7.53 -19.27
N THR I 19 24.42 7.07 -18.72
CA THR I 19 23.11 7.63 -19.03
C THR I 19 22.52 8.20 -17.74
N LEU I 20 21.78 9.29 -17.87
CA LEU I 20 21.14 9.91 -16.71
C LEU I 20 19.69 9.46 -16.59
N VAL I 21 19.42 8.68 -15.54
CA VAL I 21 18.14 8.03 -15.33
C VAL I 21 17.37 8.73 -14.21
N ASP I 22 16.09 9.02 -14.47
CA ASP I 22 15.22 9.60 -13.46
C ASP I 22 14.89 8.55 -12.40
N ILE I 23 15.00 8.92 -11.13
CA ILE I 23 14.75 7.99 -10.02
C ILE I 23 13.30 7.50 -10.02
N PHE I 24 12.37 8.39 -10.35
CA PHE I 24 10.95 8.03 -10.47
C PHE I 24 10.69 6.89 -11.44
N GLN I 25 11.33 6.94 -12.61
CA GLN I 25 11.20 5.90 -13.62
C GLN I 25 11.60 4.52 -13.07
N GLU I 26 12.64 4.49 -12.25
CA GLU I 26 13.16 3.23 -11.69
C GLU I 26 12.31 2.74 -10.50
N TYR I 27 11.98 3.64 -9.57
CA TYR I 27 11.11 3.31 -8.44
C TYR I 27 9.81 4.13 -8.51
N PRO I 28 8.80 3.60 -9.24
CA PRO I 28 7.54 4.30 -9.43
C PRO I 28 6.50 4.08 -8.32
N ASP I 29 6.74 3.13 -7.43
CA ASP I 29 5.83 2.89 -6.28
C ASP I 29 6.08 3.91 -5.17
N GLU I 30 7.29 4.49 -5.17
CA GLU I 30 7.69 5.46 -4.15
C GLU I 30 7.32 6.88 -4.60
N ILE I 31 6.09 7.28 -4.31
CA ILE I 31 5.51 8.54 -4.83
C ILE I 31 5.38 9.61 -3.74
N GLU I 32 5.20 9.18 -2.50
CA GLU I 32 5.24 10.07 -1.33
C GLU I 32 6.46 11.01 -1.28
N TYR I 33 7.60 10.53 -1.78
CA TYR I 33 8.88 11.21 -1.60
C TYR I 33 9.19 12.18 -2.73
N ILE I 34 10.01 13.19 -2.43
CA ILE I 34 10.67 14.00 -3.43
C ILE I 34 12.15 13.69 -3.34
N PHE I 35 12.77 13.36 -4.46
CA PHE I 35 14.16 12.92 -4.49
C PHE I 35 15.12 14.02 -4.91
N LYS I 36 16.19 14.19 -4.15
CA LYS I 36 17.26 15.12 -4.52
C LYS I 36 18.56 14.33 -4.51
N PRO I 37 19.27 14.27 -5.65
CA PRO I 37 18.84 14.75 -6.96
C PRO I 37 17.71 13.88 -7.49
N SER I 38 16.93 14.41 -8.43
CA SER I 38 15.80 13.68 -8.99
C SER I 38 16.22 12.60 -10.00
N CYS I 39 17.48 12.66 -10.45
CA CYS I 39 18.02 11.69 -11.39
C CYS I 39 19.45 11.31 -11.00
N VAL I 40 19.93 10.20 -11.56
CA VAL I 40 21.25 9.68 -11.20
C VAL I 40 22.00 9.17 -12.43
N PRO I 41 23.33 9.21 -12.39
CA PRO I 41 24.12 8.74 -13.50
C PRO I 41 24.39 7.23 -13.43
N LEU I 42 23.81 6.49 -14.37
CA LEU I 42 23.99 5.05 -14.43
C LEU I 42 24.56 4.63 -15.76
N MET I 43 25.17 3.45 -15.79
CA MET I 43 25.63 2.86 -17.03
C MET I 43 24.49 2.03 -17.62
N ARG I 44 24.06 2.38 -18.82
CA ARG I 44 22.98 1.66 -19.50
C ARG I 44 23.31 1.42 -20.96
N CYS I 45 22.74 0.36 -21.51
CA CYS I 45 23.01 -0.03 -22.88
C CYS I 45 22.34 0.96 -23.82
N GLY I 46 23.17 1.75 -24.50
CA GLY I 46 22.70 2.66 -25.54
C GLY I 46 23.43 2.34 -26.83
N GLY I 47 23.26 3.21 -27.82
CA GLY I 47 23.92 3.04 -29.11
C GLY I 47 23.12 2.20 -30.06
N CYS I 48 23.56 2.15 -31.31
CA CYS I 48 22.81 1.51 -32.39
C CYS I 48 23.50 0.25 -32.93
N CYS I 49 22.71 -0.72 -33.35
CA CYS I 49 23.20 -1.99 -33.89
C CYS I 49 23.29 -1.99 -35.42
N ASN I 50 22.76 -0.93 -36.03
CA ASN I 50 22.78 -0.77 -37.49
C ASN I 50 21.99 -1.87 -38.20
N ASP I 51 20.73 -1.99 -37.79
CA ASP I 51 19.78 -2.96 -38.35
C ASP I 51 18.42 -2.75 -37.66
N GLU I 52 17.36 -2.57 -38.44
CA GLU I 52 16.01 -2.36 -37.88
C GLU I 52 15.44 -3.60 -37.19
N GLY I 53 15.92 -4.78 -37.57
CA GLY I 53 15.47 -6.04 -36.97
C GLY I 53 16.26 -6.48 -35.74
N LEU I 54 17.11 -5.61 -35.20
CA LEU I 54 17.90 -5.90 -34.00
C LEU I 54 17.84 -4.74 -33.00
N GLU I 55 17.91 -5.07 -31.70
CA GLU I 55 17.98 -4.07 -30.64
C GLU I 55 19.17 -4.34 -29.72
N CYS I 56 19.66 -3.28 -29.07
CA CYS I 56 20.80 -3.37 -28.16
C CYS I 56 20.29 -3.64 -26.75
N VAL I 57 20.64 -4.79 -26.20
CA VAL I 57 20.17 -5.21 -24.87
C VAL I 57 21.30 -5.74 -23.99
N PRO I 58 21.11 -5.73 -22.67
CA PRO I 58 22.19 -6.12 -21.75
C PRO I 58 22.30 -7.62 -21.56
N THR I 59 23.48 -8.06 -21.15
CA THR I 59 23.75 -9.46 -20.82
C THR I 59 24.22 -9.58 -19.37
N GLU I 60 25.26 -8.83 -19.03
CA GLU I 60 25.79 -8.77 -17.68
C GLU I 60 25.27 -7.53 -16.96
N GLU I 61 24.44 -7.75 -15.94
CA GLU I 61 23.90 -6.66 -15.12
C GLU I 61 24.59 -6.66 -13.76
N SER I 62 24.59 -5.51 -13.11
CA SER I 62 25.12 -5.38 -11.74
C SER I 62 24.34 -4.31 -10.98
N ASN I 63 24.71 -4.12 -9.70
CA ASN I 63 24.06 -3.13 -8.85
C ASN I 63 25.04 -2.10 -8.29
N ILE I 64 24.58 -0.86 -8.22
CA ILE I 64 25.35 0.23 -7.60
C ILE I 64 24.43 0.96 -6.61
N THR I 65 24.98 1.34 -5.47
CA THR I 65 24.20 2.00 -4.42
C THR I 65 24.66 3.45 -4.24
N MET I 66 23.69 4.34 -4.16
CA MET I 66 23.95 5.78 -4.08
C MET I 66 23.22 6.41 -2.91
N GLN I 67 23.88 7.33 -2.23
CA GLN I 67 23.23 8.12 -1.20
C GLN I 67 22.32 9.13 -1.89
N ILE I 68 21.04 9.07 -1.59
CA ILE I 68 20.06 9.99 -2.16
C ILE I 68 19.26 10.66 -1.05
N MET I 69 19.10 11.96 -1.15
CA MET I 69 18.25 12.71 -0.22
C MET I 69 16.81 12.43 -0.58
N ARG I 70 16.01 12.01 0.39
CA ARG I 70 14.61 11.69 0.14
C ARG I 70 13.71 12.54 1.03
N ILE I 71 13.12 13.56 0.45
CA ILE I 71 12.30 14.50 1.19
C ILE I 71 10.86 13.98 1.26
N LYS I 72 10.24 14.13 2.42
CA LYS I 72 8.85 13.71 2.63
C LYS I 72 8.10 14.90 3.23
N PRO I 73 7.49 15.74 2.37
CA PRO I 73 6.95 17.05 2.76
C PRO I 73 6.12 17.06 4.04
N HIS I 74 6.34 18.08 4.87
CA HIS I 74 5.67 18.27 6.16
C HIS I 74 5.95 17.13 7.15
N GLN I 75 7.08 16.46 6.98
CA GLN I 75 7.39 15.28 7.78
C GLN I 75 8.88 15.28 8.11
N GLY I 76 9.72 14.90 7.15
CA GLY I 76 11.16 14.99 7.34
C GLY I 76 11.96 14.60 6.12
N GLN I 77 13.26 14.88 6.17
CA GLN I 77 14.18 14.52 5.09
C GLN I 77 15.30 13.65 5.65
N HIS I 78 15.97 12.92 4.76
CA HIS I 78 17.11 12.10 5.16
C HIS I 78 17.87 11.56 3.97
N ILE I 79 19.14 11.25 4.20
CA ILE I 79 19.98 10.61 3.23
C ILE I 79 19.77 9.11 3.35
N GLY I 80 19.13 8.52 2.34
CA GLY I 80 18.92 7.08 2.28
C GLY I 80 19.78 6.48 1.19
N GLU I 81 20.21 5.24 1.40
CA GLU I 81 20.98 4.53 0.41
C GLU I 81 20.02 3.82 -0.54
N MET I 82 20.07 4.21 -1.81
CA MET I 82 19.21 3.63 -2.83
C MET I 82 20.05 2.86 -3.84
N SER I 83 19.64 1.63 -4.11
CA SER I 83 20.29 0.77 -5.09
C SER I 83 19.73 1.00 -6.50
N PHE I 84 20.59 0.92 -7.51
CA PHE I 84 20.18 1.08 -8.89
C PHE I 84 20.81 0.01 -9.77
N LEU I 85 20.07 -0.39 -10.80
CA LEU I 85 20.53 -1.39 -11.76
C LEU I 85 21.48 -0.77 -12.78
N GLN I 86 22.61 -1.43 -13.03
CA GLN I 86 23.56 -0.99 -14.06
C GLN I 86 23.79 -2.08 -15.09
N HIS I 87 24.31 -1.70 -16.26
CA HIS I 87 24.67 -2.63 -17.32
C HIS I 87 26.19 -2.65 -17.51
N ASN I 88 26.77 -3.84 -17.50
CA ASN I 88 28.21 -4.02 -17.64
C ASN I 88 28.64 -4.46 -19.04
N LYS I 89 27.76 -5.17 -19.75
CA LYS I 89 28.05 -5.64 -21.10
C LYS I 89 26.78 -5.70 -21.95
N CYS I 90 26.87 -5.22 -23.18
CA CYS I 90 25.73 -5.18 -24.09
C CYS I 90 25.98 -6.05 -25.32
N GLU I 91 24.91 -6.48 -25.96
CA GLU I 91 24.99 -7.31 -27.14
C GLU I 91 23.80 -7.01 -28.05
N CYS I 92 23.97 -7.16 -29.36
CA CYS I 92 22.89 -6.94 -30.32
C CYS I 92 22.06 -8.23 -30.46
N ARG I 93 20.75 -8.10 -30.33
CA ARG I 93 19.84 -9.24 -30.29
C ARG I 93 18.56 -8.97 -31.08
N PRO I 94 17.81 -10.02 -31.45
CA PRO I 94 16.57 -9.83 -32.21
C PRO I 94 15.39 -9.30 -31.38
N LYS I 95 14.54 -8.49 -32.01
CA LYS I 95 13.37 -7.90 -31.34
C LYS I 95 12.26 -8.92 -31.12
N GLU J 1 32.05 0.29 -3.24
CA GLU J 1 30.98 0.58 -2.23
C GLU J 1 30.25 1.90 -2.54
N VAL J 2 29.55 2.45 -1.56
CA VAL J 2 28.52 3.49 -1.79
C VAL J 2 29.07 4.81 -2.33
N VAL J 3 28.33 5.39 -3.27
CA VAL J 3 28.61 6.73 -3.80
C VAL J 3 27.93 7.74 -2.88
N LYS J 4 28.65 8.77 -2.45
CA LYS J 4 28.10 9.69 -1.45
C LYS J 4 27.16 10.70 -2.09
N PHE J 5 26.37 11.37 -1.26
CA PHE J 5 25.35 12.31 -1.74
C PHE J 5 25.92 13.41 -2.61
N MET J 6 26.98 14.04 -2.13
CA MET J 6 27.57 15.19 -2.83
C MET J 6 28.14 14.84 -4.21
N ASP J 7 28.60 13.60 -4.38
CA ASP J 7 29.07 13.12 -5.69
C ASP J 7 27.91 12.91 -6.66
N VAL J 8 26.84 12.28 -6.19
CA VAL J 8 25.68 11.98 -7.03
C VAL J 8 25.03 13.27 -7.51
N TYR J 9 24.84 14.21 -6.59
CA TYR J 9 24.22 15.49 -6.90
C TYR J 9 25.01 16.22 -7.98
N GLN J 10 26.31 16.37 -7.77
CA GLN J 10 27.16 17.14 -8.69
C GLN J 10 27.25 16.52 -10.08
N ARG J 11 27.30 15.19 -10.12
CA ARG J 11 27.40 14.46 -11.39
C ARG J 11 26.07 14.41 -12.14
N SER J 12 24.96 14.60 -11.41
CA SER J 12 23.62 14.54 -11.99
C SER J 12 22.91 15.90 -11.99
N TYR J 13 23.66 16.99 -11.92
CA TYR J 13 23.08 18.32 -12.08
C TYR J 13 23.17 18.71 -13.54
N CYS J 14 22.18 19.48 -14.01
CA CYS J 14 22.10 19.90 -15.40
C CYS J 14 23.44 20.36 -15.98
N HIS J 15 24.04 19.52 -16.82
CA HIS J 15 25.27 19.85 -17.53
C HIS J 15 25.29 19.13 -18.88
N PRO J 16 26.17 19.57 -19.81
CA PRO J 16 26.25 18.88 -21.10
C PRO J 16 26.97 17.53 -20.96
N ILE J 17 26.42 16.50 -21.62
CA ILE J 17 26.94 15.15 -21.47
C ILE J 17 26.82 14.38 -22.78
N GLU J 18 27.76 13.46 -23.01
CA GLU J 18 27.76 12.68 -24.25
C GLU J 18 26.48 11.85 -24.35
N THR J 19 25.64 12.20 -25.32
CA THR J 19 24.38 11.51 -25.58
C THR J 19 24.41 10.94 -26.98
N LEU J 20 23.80 9.77 -27.16
CA LEU J 20 23.76 9.11 -28.46
C LEU J 20 22.44 9.42 -29.16
N VAL J 21 22.54 10.21 -30.23
CA VAL J 21 21.40 10.75 -30.95
C VAL J 21 21.22 10.02 -32.27
N ASP J 22 19.98 9.61 -32.56
CA ASP J 22 19.66 8.98 -33.84
C ASP J 22 19.70 10.04 -34.93
N ILE J 23 20.34 9.72 -36.06
CA ILE J 23 20.47 10.65 -37.17
C ILE J 23 19.11 11.00 -37.76
N PHE J 24 18.22 10.02 -37.84
CA PHE J 24 16.85 10.24 -38.33
C PHE J 24 16.12 11.34 -37.56
N GLN J 25 16.23 11.30 -36.23
CA GLN J 25 15.60 12.29 -35.36
C GLN J 25 16.05 13.72 -35.71
N GLU J 26 17.33 13.87 -36.05
CA GLU J 26 17.89 15.19 -36.37
C GLU J 26 17.57 15.64 -37.79
N TYR J 27 17.71 14.74 -38.76
CA TYR J 27 17.35 15.02 -40.16
C TYR J 27 16.22 14.09 -40.62
N PRO J 28 14.96 14.48 -40.36
CA PRO J 28 13.80 13.66 -40.69
C PRO J 28 13.29 13.81 -42.14
N ASP J 29 13.78 14.81 -42.88
CA ASP J 29 13.38 15.00 -44.27
C ASP J 29 14.17 14.05 -45.18
N GLU J 30 15.32 13.58 -44.69
CA GLU J 30 16.19 12.70 -45.45
C GLU J 30 15.81 11.24 -45.17
N ILE J 31 14.85 10.73 -45.94
CA ILE J 31 14.26 9.40 -45.68
C ILE J 31 14.69 8.35 -46.72
N GLU J 32 14.97 8.81 -47.93
CA GLU J 32 15.56 7.96 -48.97
C GLU J 32 16.78 7.14 -48.50
N TYR J 33 17.57 7.73 -47.60
CA TYR J 33 18.87 7.18 -47.23
C TYR J 33 18.79 6.19 -46.07
N ILE J 34 19.76 5.28 -46.00
CA ILE J 34 20.04 4.49 -44.81
C ILE J 34 21.39 4.94 -44.28
N PHE J 35 21.45 5.30 -43.01
CA PHE J 35 22.67 5.87 -42.43
C PHE J 35 23.46 4.85 -41.64
N LYS J 36 24.76 4.79 -41.91
CA LYS J 36 25.68 3.96 -41.14
C LYS J 36 26.80 4.86 -40.62
N PRO J 37 26.96 4.95 -39.28
CA PRO J 37 26.10 4.39 -38.26
C PRO J 37 24.78 5.13 -38.24
N SER J 38 23.75 4.52 -37.68
CA SER J 38 22.41 5.13 -37.65
C SER J 38 22.29 6.21 -36.56
N CYS J 39 23.26 6.25 -35.65
CA CYS J 39 23.25 7.23 -34.57
C CYS J 39 24.67 7.78 -34.37
N VAL J 40 24.77 8.90 -33.67
CA VAL J 40 26.06 9.56 -33.46
C VAL J 40 26.20 10.08 -32.03
N PRO J 41 27.44 10.17 -31.53
CA PRO J 41 27.67 10.68 -30.18
C PRO J 41 27.78 12.21 -30.17
N LEU J 42 26.81 12.86 -29.54
CA LEU J 42 26.80 14.31 -29.43
C LEU J 42 26.73 14.73 -27.98
N MET J 43 27.16 15.97 -27.71
CA MET J 43 27.01 16.57 -26.39
C MET J 43 25.65 17.26 -26.33
N ARG J 44 24.81 16.83 -25.40
CA ARG J 44 23.49 17.42 -25.23
C ARG J 44 23.18 17.66 -23.76
N CYS J 45 22.32 18.63 -23.51
CA CYS J 45 21.98 19.00 -22.15
C CYS J 45 21.09 17.93 -21.56
N GLY J 46 21.64 17.21 -20.60
CA GLY J 46 20.87 16.23 -19.83
C GLY J 46 20.96 16.57 -18.36
N GLY J 47 20.49 15.65 -17.52
CA GLY J 47 20.57 15.85 -16.07
C GLY J 47 19.37 16.59 -15.53
N CYS J 48 19.25 16.63 -14.21
CA CYS J 48 18.07 17.16 -13.56
C CYS J 48 18.38 18.45 -12.80
N CYS J 49 17.38 19.34 -12.74
CA CYS J 49 17.49 20.63 -12.05
C CYS J 49 16.96 20.57 -10.61
N ASN J 50 16.32 19.46 -10.25
CA ASN J 50 15.76 19.25 -8.91
C ASN J 50 14.65 20.26 -8.60
N ASP J 51 13.66 20.27 -9.49
CA ASP J 51 12.46 21.12 -9.38
C ASP J 51 11.54 20.82 -10.55
N GLU J 52 10.27 20.51 -10.27
CA GLU J 52 9.30 20.18 -11.33
C GLU J 52 8.94 21.38 -12.21
N GLY J 53 9.10 22.60 -11.67
CA GLY J 53 8.82 23.83 -12.41
C GLY J 53 9.98 24.38 -13.22
N LEU J 54 11.06 23.61 -13.36
CA LEU J 54 12.23 24.01 -14.13
C LEU J 54 12.70 22.89 -15.07
N GLU J 55 13.26 23.26 -16.22
CA GLU J 55 13.86 22.30 -17.15
C GLU J 55 15.28 22.72 -17.51
N CYS J 56 16.09 21.73 -17.89
CA CYS J 56 17.48 21.94 -18.26
C CYS J 56 17.59 22.20 -19.76
N VAL J 57 18.03 23.40 -20.13
CA VAL J 57 18.08 23.83 -21.54
C VAL J 57 19.42 24.49 -21.88
N PRO J 58 19.78 24.49 -23.18
CA PRO J 58 21.09 25.02 -23.58
C PRO J 58 21.11 26.54 -23.70
N THR J 59 22.32 27.09 -23.62
CA THR J 59 22.56 28.53 -23.82
C THR J 59 23.55 28.74 -24.95
N GLU J 60 24.71 28.09 -24.84
CA GLU J 60 25.75 28.13 -25.85
C GLU J 60 25.70 26.86 -26.72
N GLU J 61 25.34 27.03 -27.99
CA GLU J 61 25.28 25.94 -28.96
C GLU J 61 26.46 26.05 -29.91
N SER J 62 26.85 24.92 -30.49
CA SER J 62 27.88 24.89 -31.52
C SER J 62 27.60 23.78 -32.53
N ASN J 63 28.46 23.65 -33.54
CA ASN J 63 28.33 22.63 -34.58
C ASN J 63 29.55 21.73 -34.68
N ILE J 64 29.29 20.44 -34.92
CA ILE J 64 30.33 19.45 -35.17
C ILE J 64 29.97 18.65 -36.42
N THR J 65 30.98 18.36 -37.24
CA THR J 65 30.76 17.68 -38.52
C THR J 65 31.39 16.29 -38.48
N MET J 66 30.63 15.30 -38.93
CA MET J 66 31.04 13.90 -38.88
C MET J 66 30.90 13.24 -40.25
N GLN J 67 31.86 12.40 -40.59
CA GLN J 67 31.77 11.57 -41.79
C GLN J 67 30.76 10.46 -41.51
N ILE J 68 29.71 10.42 -42.32
CA ILE J 68 28.68 9.40 -42.19
C ILE J 68 28.47 8.70 -43.52
N MET J 69 28.39 7.38 -43.48
CA MET J 69 28.09 6.58 -44.67
C MET J 69 26.60 6.68 -44.93
N ARG J 70 26.23 7.08 -46.15
CA ARG J 70 24.83 7.27 -46.49
C ARG J 70 24.47 6.38 -47.66
N ILE J 71 23.79 5.29 -47.38
CA ILE J 71 23.43 4.30 -48.39
C ILE J 71 22.10 4.67 -49.02
N LYS J 72 22.02 4.51 -50.34
CA LYS J 72 20.82 4.81 -51.09
C LYS J 72 20.49 3.59 -51.94
N PRO J 73 19.66 2.67 -51.41
CA PRO J 73 19.44 1.33 -51.97
C PRO J 73 19.21 1.29 -53.48
N HIS J 74 19.85 0.31 -54.13
CA HIS J 74 19.79 0.11 -55.59
C HIS J 74 20.32 1.30 -56.38
N GLN J 75 21.22 2.06 -55.77
CA GLN J 75 21.73 3.27 -56.37
C GLN J 75 23.22 3.43 -56.08
N GLY J 76 23.57 3.87 -54.86
CA GLY J 76 24.97 3.93 -54.46
C GLY J 76 25.15 4.36 -53.02
N GLN J 77 26.36 4.19 -52.51
CA GLN J 77 26.73 4.59 -51.15
C GLN J 77 27.89 5.56 -51.21
N HIS J 78 28.05 6.33 -50.14
CA HIS J 78 29.18 7.26 -50.04
C HIS J 78 29.33 7.84 -48.64
N ILE J 79 30.55 8.26 -48.34
CA ILE J 79 30.86 8.96 -47.11
C ILE J 79 30.58 10.45 -47.33
N GLY J 80 29.52 10.93 -46.69
CA GLY J 80 29.16 12.34 -46.75
C GLY J 80 29.41 13.00 -45.40
N GLU J 81 29.79 14.27 -45.43
CA GLU J 81 30.05 15.02 -44.21
C GLU J 81 28.74 15.62 -43.72
N MET J 82 28.28 15.18 -42.55
CA MET J 82 27.02 15.64 -41.97
C MET J 82 27.29 16.45 -40.72
N SER J 83 26.68 17.63 -40.66
CA SER J 83 26.81 18.51 -39.50
C SER J 83 25.75 18.18 -38.45
N PHE J 84 26.12 18.32 -37.18
CA PHE J 84 25.19 18.07 -36.08
C PHE J 84 25.29 19.16 -35.03
N LEU J 85 24.16 19.46 -34.39
CA LEU J 85 24.09 20.47 -33.34
C LEU J 85 24.61 19.91 -32.02
N GLN J 86 25.47 20.66 -31.33
CA GLN J 86 25.96 20.28 -30.01
C GLN J 86 25.63 21.36 -28.97
N HIS J 87 25.68 20.98 -27.70
CA HIS J 87 25.49 21.91 -26.59
C HIS J 87 26.80 22.07 -25.80
N ASN J 88 27.20 23.31 -25.58
CA ASN J 88 28.44 23.63 -24.85
C ASN J 88 28.22 24.09 -23.42
N LYS J 89 27.05 24.66 -23.14
CA LYS J 89 26.72 25.13 -21.79
C LYS J 89 25.21 25.03 -21.54
N CYS J 90 24.85 24.52 -20.37
CA CYS J 90 23.44 24.34 -20.00
C CYS J 90 23.09 25.20 -18.79
N GLU J 91 21.81 25.50 -18.64
CA GLU J 91 21.32 26.30 -17.52
C GLU J 91 19.90 25.85 -17.18
N CYS J 92 19.52 25.97 -15.92
CA CYS J 92 18.16 25.63 -15.48
C CYS J 92 17.23 26.82 -15.69
N ARG J 93 16.10 26.58 -16.34
CA ARG J 93 15.19 27.64 -16.77
C ARG J 93 13.73 27.22 -16.56
N PRO J 94 12.78 28.19 -16.54
CA PRO J 94 11.37 27.86 -16.35
C PRO J 94 10.70 27.23 -17.59
N LYS J 95 9.75 26.34 -17.35
CA LYS J 95 9.01 25.65 -18.41
C LYS J 95 7.97 26.57 -19.07
N LYS J 96 8.15 26.86 -20.35
CA LYS J 96 7.19 27.64 -21.13
C LYS J 96 6.31 26.69 -21.93
N ASP J 97 5.01 26.70 -21.62
CA ASP J 97 4.03 25.85 -22.30
C ASP J 97 2.64 26.48 -22.25
N ASP K 1 29.63 25.63 0.21
CA ASP K 1 28.57 26.31 1.03
C ASP K 1 27.80 27.37 0.22
N ILE K 2 26.49 27.44 0.43
CA ILE K 2 25.64 28.45 -0.21
C ILE K 2 25.64 29.69 0.67
N GLN K 3 26.00 30.82 0.08
CA GLN K 3 26.10 32.07 0.81
C GLN K 3 24.83 32.89 0.53
N MET K 4 24.07 33.19 1.58
CA MET K 4 22.96 34.12 1.46
C MET K 4 23.47 35.48 1.93
N THR K 5 23.31 36.49 1.08
CA THR K 5 23.84 37.83 1.35
C THR K 5 22.70 38.84 1.39
N GLN K 6 22.36 39.31 2.59
CA GLN K 6 21.27 40.26 2.76
C GLN K 6 21.73 41.69 2.62
N SER K 7 20.90 42.52 1.99
CA SER K 7 21.12 43.95 1.89
C SER K 7 19.78 44.66 2.13
N PRO K 8 19.78 45.75 2.90
CA PRO K 8 20.89 46.36 3.63
C PRO K 8 21.22 45.63 4.92
N SER K 9 22.13 46.21 5.71
CA SER K 9 22.53 45.65 6.99
C SER K 9 21.60 46.14 8.08
N SER K 10 21.45 47.46 8.16
CA SER K 10 20.46 48.10 9.03
C SER K 10 19.56 48.94 8.14
N LEU K 11 18.56 49.57 8.73
CA LEU K 11 17.54 50.27 7.95
C LEU K 11 16.52 50.93 8.88
N SER K 12 16.25 52.21 8.65
CA SER K 12 15.15 52.89 9.32
C SER K 12 14.18 53.47 8.28
N ALA K 13 12.89 53.34 8.55
CA ALA K 13 11.85 53.91 7.70
C ALA K 13 10.71 54.43 8.57
N SER K 14 9.88 55.29 7.99
CA SER K 14 8.81 55.95 8.74
C SER K 14 7.61 55.02 8.84
N VAL K 15 6.65 55.40 9.67
CA VAL K 15 5.42 54.62 9.81
C VAL K 15 4.59 54.73 8.53
N GLY K 16 4.30 53.60 7.92
CA GLY K 16 3.49 53.56 6.71
C GLY K 16 4.28 53.45 5.41
N ASP K 17 5.59 53.67 5.50
CA ASP K 17 6.45 53.60 4.31
C ASP K 17 6.61 52.18 3.82
N ARG K 18 7.10 52.05 2.59
CA ARG K 18 7.33 50.75 1.95
C ARG K 18 8.79 50.37 2.16
N VAL K 19 9.01 49.18 2.69
CA VAL K 19 10.35 48.71 3.03
C VAL K 19 10.69 47.50 2.15
N THR K 20 11.92 47.47 1.64
CA THR K 20 12.34 46.42 0.75
C THR K 20 13.68 45.83 1.21
N ILE K 21 13.66 44.57 1.59
CA ILE K 21 14.86 43.86 2.00
C ILE K 21 15.16 42.81 0.94
N THR K 22 16.38 42.82 0.42
CA THR K 22 16.81 41.86 -0.60
C THR K 22 17.79 40.86 -0.02
N CYS K 23 17.79 39.66 -0.58
CA CYS K 23 18.67 38.59 -0.10
C CYS K 23 19.12 37.78 -1.30
N ARG K 24 20.42 37.82 -1.56
CA ARG K 24 21.01 37.33 -2.81
C ARG K 24 21.70 35.99 -2.60
N ALA K 25 21.26 34.96 -3.32
CA ALA K 25 21.83 33.62 -3.20
C ALA K 25 23.00 33.45 -4.16
N SER K 26 23.99 32.67 -3.75
CA SER K 26 25.20 32.44 -4.55
C SER K 26 24.90 31.62 -5.81
N GLN K 27 24.16 30.53 -5.64
CA GLN K 27 23.74 29.69 -6.75
C GLN K 27 22.28 29.31 -6.60
N SER K 28 21.65 28.92 -7.70
CA SER K 28 20.20 28.68 -7.72
C SER K 28 19.76 27.81 -6.55
N VAL K 29 18.77 28.30 -5.83
CA VAL K 29 18.20 27.65 -4.67
C VAL K 29 16.84 27.06 -5.01
N SER K 30 16.33 27.37 -6.21
CA SER K 30 14.93 27.17 -6.56
C SER K 30 14.12 28.18 -5.75
N SER K 31 12.82 27.91 -5.59
CA SER K 31 11.94 28.76 -4.79
C SER K 31 11.85 28.22 -3.36
N ALA K 32 13.01 27.97 -2.75
CA ALA K 32 13.09 27.29 -1.46
C ALA K 32 13.71 28.22 -0.45
N VAL K 33 13.02 29.31 -0.16
CA VAL K 33 13.52 30.37 0.72
C VAL K 33 12.44 30.79 1.71
N ALA K 34 12.85 31.14 2.92
CA ALA K 34 11.93 31.59 3.95
C ALA K 34 12.42 32.88 4.60
N TRP K 35 11.50 33.68 5.08
CA TRP K 35 11.82 34.92 5.77
C TRP K 35 11.33 34.88 7.21
N TYR K 36 12.17 35.30 8.13
CA TYR K 36 11.85 35.23 9.54
C TYR K 36 11.89 36.61 10.17
N GLN K 37 11.28 36.74 11.33
CA GLN K 37 11.24 38.01 12.03
C GLN K 37 11.58 37.76 13.50
N GLN K 38 12.75 38.22 13.92
CA GLN K 38 13.15 38.06 15.30
C GLN K 38 13.06 39.40 16.00
N LYS K 39 12.12 39.49 16.93
CA LYS K 39 12.09 40.59 17.89
C LYS K 39 13.26 40.44 18.86
N PRO K 40 13.57 41.49 19.62
CA PRO K 40 14.66 41.39 20.58
C PRO K 40 14.28 40.47 21.74
N GLY K 41 15.16 39.54 22.06
CA GLY K 41 14.99 38.64 23.20
C GLY K 41 13.92 37.58 23.03
N LYS K 42 13.53 37.32 21.77
CA LYS K 42 12.55 36.28 21.45
C LYS K 42 13.02 35.46 20.27
N ALA K 43 12.34 34.36 20.01
CA ALA K 43 12.74 33.43 18.95
C ALA K 43 12.19 33.87 17.62
N PRO K 44 12.82 33.43 16.51
CA PRO K 44 12.31 33.79 15.20
C PRO K 44 10.86 33.35 14.97
N LYS K 45 10.12 34.18 14.25
CA LYS K 45 8.77 33.84 13.82
C LYS K 45 8.80 33.76 12.31
N LEU K 46 8.16 32.73 11.75
CA LEU K 46 8.18 32.52 10.32
C LEU K 46 7.18 33.44 9.64
N LEU K 47 7.61 34.13 8.59
CA LEU K 47 6.74 35.04 7.83
C LEU K 47 6.35 34.48 6.48
N ILE K 48 7.35 34.09 5.70
CA ILE K 48 7.16 33.60 4.35
C ILE K 48 7.91 32.29 4.20
N TYR K 49 7.38 31.41 3.38
CA TYR K 49 8.10 30.20 2.97
C TYR K 49 7.91 30.01 1.47
N SER K 50 8.58 29.01 0.91
CA SER K 50 8.70 28.84 -0.55
C SER K 50 8.85 30.16 -1.33
N ALA K 51 9.65 31.07 -0.77
CA ALA K 51 9.99 32.35 -1.40
C ALA K 51 8.88 33.40 -1.44
N SER K 52 7.63 32.97 -1.62
CA SER K 52 6.51 33.89 -1.91
C SER K 52 5.23 33.69 -1.09
N SER K 53 4.94 32.46 -0.66
CA SER K 53 3.70 32.17 0.07
C SER K 53 3.76 32.59 1.53
N LEU K 54 2.63 33.10 2.03
CA LEU K 54 2.56 33.72 3.34
C LEU K 54 2.16 32.68 4.38
N TYR K 55 2.88 32.66 5.50
CA TYR K 55 2.56 31.72 6.57
C TYR K 55 1.23 32.13 7.24
N SER K 56 0.53 31.12 7.74
CA SER K 56 -0.78 31.33 8.37
C SER K 56 -0.68 32.24 9.58
N GLY K 57 -1.42 33.35 9.57
CA GLY K 57 -1.51 34.25 10.71
C GLY K 57 -0.57 35.44 10.61
N VAL K 58 0.20 35.49 9.53
CA VAL K 58 1.08 36.63 9.27
C VAL K 58 0.28 37.69 8.54
N PRO K 59 0.33 38.95 9.01
CA PRO K 59 -0.43 39.99 8.32
C PRO K 59 0.02 40.16 6.87
N SER K 60 -0.89 40.66 6.04
CA SER K 60 -0.75 40.66 4.58
C SER K 60 0.34 41.59 4.07
N ARG K 61 0.68 42.62 4.85
CA ARG K 61 1.71 43.58 4.44
C ARG K 61 3.04 42.91 4.12
N PHE K 62 3.37 41.86 4.88
CA PHE K 62 4.55 41.05 4.59
C PHE K 62 4.34 40.24 3.31
N SER K 63 5.30 40.32 2.40
CA SER K 63 5.18 39.67 1.09
C SER K 63 6.52 39.34 0.48
N GLY K 64 6.73 38.05 0.19
CA GLY K 64 7.96 37.56 -0.41
C GLY K 64 7.86 37.51 -1.91
N SER K 65 8.99 37.66 -2.58
CA SER K 65 9.05 37.66 -4.05
C SER K 65 10.41 37.19 -4.54
N ARG K 66 10.49 36.87 -5.83
CA ARG K 66 11.68 36.23 -6.41
C ARG K 66 12.07 36.81 -7.76
N SER K 67 13.37 36.74 -8.05
CA SER K 67 13.91 37.05 -9.38
C SER K 67 15.10 36.11 -9.72
N GLY K 68 14.81 34.82 -9.75
CA GLY K 68 15.77 33.78 -10.14
C GLY K 68 17.11 33.68 -9.42
N THR K 69 17.17 34.16 -8.18
CA THR K 69 18.38 34.16 -7.31
C THR K 69 18.31 35.30 -6.31
N ASP K 70 17.71 36.41 -6.74
CA ASP K 70 17.48 37.55 -5.86
C ASP K 70 16.09 37.46 -5.22
N PHE K 71 16.07 37.21 -3.91
CA PHE K 71 14.83 37.09 -3.16
C PHE K 71 14.60 38.38 -2.40
N THR K 72 13.33 38.72 -2.20
CA THR K 72 12.99 40.06 -1.69
C THR K 72 11.78 40.07 -0.77
N LEU K 73 12.02 40.33 0.51
CA LEU K 73 10.95 40.53 1.47
C LEU K 73 10.53 41.98 1.35
N THR K 74 9.23 42.24 1.28
CA THR K 74 8.71 43.60 1.17
C THR K 74 7.64 43.86 2.21
N ILE K 75 7.89 44.82 3.11
CA ILE K 75 6.89 45.23 4.09
C ILE K 75 6.18 46.44 3.50
N SER K 76 4.95 46.24 3.06
CA SER K 76 4.24 47.23 2.25
C SER K 76 3.77 48.45 3.04
N SER K 77 3.47 48.28 4.33
CA SER K 77 3.02 49.39 5.16
C SER K 77 3.62 49.32 6.56
N LEU K 78 4.92 49.57 6.64
CA LEU K 78 5.66 49.42 7.89
C LEU K 78 4.91 49.99 9.08
N GLN K 79 4.97 49.30 10.20
CA GLN K 79 4.27 49.72 11.42
C GLN K 79 5.12 49.49 12.66
N PRO K 80 4.91 50.31 13.70
CA PRO K 80 5.86 50.40 14.80
C PRO K 80 6.19 49.06 15.45
N GLU K 81 5.26 48.11 15.39
CA GLU K 81 5.51 46.79 15.91
C GLU K 81 6.21 45.87 14.91
N ASP K 82 6.66 46.40 13.77
CA ASP K 82 7.49 45.63 12.84
C ASP K 82 8.97 45.82 13.12
N PHE K 83 9.27 46.69 14.09
CA PHE K 83 10.63 46.83 14.56
C PHE K 83 11.18 45.46 14.91
N ALA K 84 12.16 44.99 14.14
CA ALA K 84 12.73 43.66 14.34
C ALA K 84 13.96 43.44 13.47
N THR K 85 14.60 42.30 13.64
CA THR K 85 15.66 41.87 12.76
C THR K 85 15.06 40.80 11.85
N TYR K 86 15.28 40.93 10.54
CA TYR K 86 14.67 40.05 9.56
C TYR K 86 15.72 39.18 8.90
N TYR K 87 15.53 37.86 8.96
CA TYR K 87 16.48 36.92 8.38
C TYR K 87 15.87 36.16 7.20
N CYS K 88 16.58 36.12 6.06
CA CYS K 88 16.21 35.19 4.98
C CYS K 88 16.86 33.85 5.28
N GLN K 89 16.38 32.80 4.61
CA GLN K 89 16.86 31.46 4.88
C GLN K 89 16.61 30.62 3.65
N GLN K 90 17.66 30.01 3.13
CA GLN K 90 17.54 29.12 1.99
C GLN K 90 17.62 27.71 2.52
N TYR K 91 16.86 26.80 1.91
CA TYR K 91 17.02 25.38 2.17
C TYR K 91 17.48 24.79 0.84
N SER K 92 17.08 23.58 0.48
CA SER K 92 17.74 22.82 -0.60
C SER K 92 19.08 22.27 -0.09
N TYR K 93 18.98 21.10 0.53
CA TYR K 93 20.09 20.41 1.17
C TYR K 93 21.22 20.29 0.18
N TYR K 94 22.13 21.25 0.17
CA TYR K 94 23.35 21.10 -0.63
C TYR K 94 24.42 20.40 0.21
N TYR K 95 25.04 21.13 1.12
CA TYR K 95 25.95 20.55 2.10
C TYR K 95 25.15 20.42 3.41
N TYR K 96 24.65 21.55 3.86
CA TYR K 96 23.89 21.64 5.10
C TYR K 96 22.44 21.72 4.74
N PRO K 97 21.55 21.35 5.67
CA PRO K 97 20.13 21.57 5.42
C PRO K 97 19.84 23.00 5.00
N PHE K 98 20.33 23.97 5.77
CA PHE K 98 20.08 25.38 5.45
C PHE K 98 21.13 26.39 5.95
N THR K 99 21.08 27.58 5.36
CA THR K 99 21.85 28.74 5.79
C THR K 99 20.94 29.94 5.97
N PHE K 100 21.39 30.88 6.79
CA PHE K 100 20.69 32.14 7.05
C PHE K 100 21.50 33.32 6.52
N GLY K 101 20.83 34.44 6.28
CA GLY K 101 21.49 35.71 6.00
C GLY K 101 21.91 36.33 7.31
N GLN K 102 22.64 37.45 7.24
CA GLN K 102 23.21 38.08 8.43
C GLN K 102 22.19 38.91 9.20
N GLY K 103 21.02 39.10 8.62
CA GLY K 103 19.93 39.78 9.30
C GLY K 103 19.90 41.26 9.01
N THR K 104 18.68 41.81 8.93
CA THR K 104 18.43 43.22 8.65
C THR K 104 17.66 43.84 9.80
N LYS K 105 18.31 44.75 10.53
CA LYS K 105 17.70 45.40 11.69
C LYS K 105 16.80 46.52 11.21
N VAL K 106 15.49 46.26 11.17
CA VAL K 106 14.51 47.30 10.84
C VAL K 106 14.32 48.22 12.03
N GLU K 107 14.24 49.52 11.75
CA GLU K 107 14.06 50.53 12.76
C GLU K 107 12.86 51.36 12.38
N ILE K 108 12.31 52.09 13.34
CA ILE K 108 11.20 52.98 13.06
C ILE K 108 11.64 54.44 13.16
N LYS K 109 11.19 55.25 12.21
CA LYS K 109 11.39 56.70 12.26
C LYS K 109 10.12 57.36 12.74
N ARG K 110 10.25 58.23 13.73
CA ARG K 110 9.10 58.98 14.27
C ARG K 110 9.49 60.42 14.59
N THR K 111 8.54 61.20 15.10
CA THR K 111 8.77 62.61 15.44
C THR K 111 9.76 62.74 16.60
N VAL K 112 10.44 63.86 16.68
CA VAL K 112 11.41 64.07 17.75
C VAL K 112 10.67 64.09 19.08
N ALA K 113 11.17 63.34 20.06
CA ALA K 113 10.57 63.31 21.39
C ALA K 113 11.63 63.45 22.46
N ALA K 114 11.34 64.30 23.44
CA ALA K 114 12.30 64.65 24.49
C ALA K 114 12.14 63.74 25.70
N PRO K 115 13.27 63.37 26.33
CA PRO K 115 13.25 62.50 27.49
C PRO K 115 12.73 63.17 28.75
N SER K 116 11.99 62.41 29.55
CA SER K 116 11.75 62.73 30.96
C SER K 116 12.98 62.24 31.70
N VAL K 117 13.61 63.12 32.46
CA VAL K 117 14.87 62.80 33.13
C VAL K 117 14.67 62.61 34.63
N PHE K 118 15.30 61.57 35.17
CA PHE K 118 15.27 61.28 36.60
C PHE K 118 16.67 60.92 37.08
N ILE K 119 16.92 61.14 38.36
CA ILE K 119 18.20 60.76 38.95
C ILE K 119 17.98 60.07 40.31
N PHE K 120 18.74 59.00 40.54
CA PHE K 120 18.57 58.18 41.73
C PHE K 120 19.85 58.10 42.54
N PRO K 121 19.77 58.45 43.84
CA PRO K 121 20.94 58.33 44.69
C PRO K 121 21.16 56.87 45.08
N PRO K 122 22.37 56.53 45.56
CA PRO K 122 22.60 55.16 46.00
C PRO K 122 21.76 54.79 47.22
N SER K 123 21.39 53.52 47.31
CA SER K 123 20.62 53.03 48.46
C SER K 123 21.48 53.02 49.72
N ASP K 124 20.85 53.31 50.86
CA ASP K 124 21.53 53.18 52.15
C ASP K 124 21.98 51.74 52.41
N GLU K 125 21.20 50.78 51.88
CA GLU K 125 21.57 49.36 51.94
C GLU K 125 22.83 49.06 51.10
N GLN K 126 22.99 49.77 49.98
CA GLN K 126 24.18 49.60 49.13
C GLN K 126 25.42 50.18 49.79
N LEU K 127 25.27 51.32 50.45
CA LEU K 127 26.38 51.98 51.15
C LEU K 127 27.01 51.11 52.23
N LYS K 128 26.21 50.23 52.84
CA LYS K 128 26.72 49.25 53.81
C LYS K 128 27.80 48.35 53.20
N SER K 129 27.56 47.88 51.97
CA SER K 129 28.47 46.93 51.30
C SER K 129 29.79 47.54 50.84
N GLY K 130 29.85 48.88 50.73
CA GLY K 130 31.09 49.57 50.40
C GLY K 130 31.14 50.21 49.02
N THR K 131 30.07 50.06 48.23
CA THR K 131 29.97 50.72 46.92
C THR K 131 28.87 51.77 46.90
N ALA K 132 28.87 52.57 45.83
CA ALA K 132 27.84 53.59 45.62
C ALA K 132 27.56 53.74 44.13
N SER K 133 26.32 53.46 43.73
CA SER K 133 25.89 53.57 42.34
C SER K 133 24.81 54.65 42.19
N VAL K 134 25.11 55.67 41.40
CA VAL K 134 24.14 56.70 41.06
C VAL K 134 23.58 56.37 39.69
N VAL K 135 22.27 56.55 39.53
CA VAL K 135 21.58 56.17 38.29
C VAL K 135 20.86 57.39 37.70
N CYS K 136 21.24 57.76 36.48
CA CYS K 136 20.53 58.79 35.74
C CYS K 136 19.67 58.07 34.73
N LEU K 137 18.36 58.37 34.74
CA LEU K 137 17.39 57.68 33.89
C LEU K 137 16.81 58.62 32.83
N LEU K 138 16.98 58.28 31.57
CA LEU K 138 16.33 58.98 30.46
C LEU K 138 15.21 58.09 29.95
N ASN K 139 14.01 58.65 29.86
CA ASN K 139 12.82 57.85 29.59
C ASN K 139 12.04 58.34 28.36
N ASN K 140 11.69 57.40 27.48
CA ASN K 140 10.81 57.65 26.34
C ASN K 140 11.20 58.84 25.47
N PHE K 141 12.29 58.68 24.74
CA PHE K 141 12.82 59.73 23.87
C PHE K 141 13.20 59.18 22.51
N TYR K 142 13.15 60.05 21.50
CA TYR K 142 13.63 59.72 20.17
C TYR K 142 14.36 60.94 19.60
N PRO K 143 15.47 60.74 18.86
CA PRO K 143 16.13 59.47 18.50
C PRO K 143 17.00 58.90 19.62
N ARG K 144 17.65 57.77 19.35
CA ARG K 144 18.51 57.11 20.33
C ARG K 144 19.73 57.99 20.69
N GLU K 145 20.25 58.70 19.70
CA GLU K 145 21.42 59.57 19.86
C GLU K 145 21.22 60.58 20.98
N ALA K 146 21.67 60.23 22.18
CA ALA K 146 21.62 61.13 23.34
C ALA K 146 22.94 61.07 24.11
N LYS K 147 23.37 62.21 24.63
CA LYS K 147 24.62 62.33 25.36
C LYS K 147 24.33 62.67 26.83
N VAL K 148 24.71 61.77 27.73
CA VAL K 148 24.60 62.01 29.17
C VAL K 148 26.00 62.24 29.74
N GLN K 149 26.13 63.26 30.59
CA GLN K 149 27.41 63.56 31.23
C GLN K 149 27.21 63.86 32.71
N TRP K 150 28.04 63.24 33.55
CA TRP K 150 27.92 63.35 35.00
C TRP K 150 28.74 64.50 35.57
N LYS K 151 28.23 65.10 36.64
CA LYS K 151 28.93 66.18 37.34
C LYS K 151 28.92 65.96 38.85
N VAL K 152 30.10 65.70 39.41
CA VAL K 152 30.30 65.62 40.86
C VAL K 152 30.98 66.92 41.32
N ASP K 153 30.21 67.79 41.97
CA ASP K 153 30.68 69.13 42.36
C ASP K 153 31.25 69.88 41.16
N ASN K 154 30.44 69.99 40.11
CA ASN K 154 30.81 70.67 38.86
C ASN K 154 32.10 70.16 38.21
N ALA K 155 32.40 68.88 38.40
CA ALA K 155 33.55 68.23 37.76
C ALA K 155 33.05 67.14 36.82
N LEU K 156 33.49 67.20 35.56
CA LEU K 156 33.14 66.16 34.59
C LEU K 156 33.66 64.79 35.05
N GLN K 157 33.29 63.74 34.34
CA GLN K 157 33.67 62.39 34.73
C GLN K 157 34.24 61.58 33.57
N SER K 158 35.01 60.55 33.90
CA SER K 158 35.74 59.76 32.93
C SER K 158 35.52 58.28 33.17
N GLY K 159 35.16 57.54 32.12
CA GLY K 159 35.04 56.07 32.14
C GLY K 159 34.74 55.37 33.46
N ASN K 160 33.91 55.99 34.30
CA ASN K 160 33.47 55.42 35.56
C ASN K 160 31.95 55.31 35.60
N SER K 161 31.35 55.32 34.41
CA SER K 161 29.91 55.29 34.23
C SER K 161 29.61 54.51 32.95
N GLN K 162 28.54 53.72 32.98
CA GLN K 162 28.16 52.90 31.84
C GLN K 162 26.71 53.13 31.45
N GLU K 163 26.44 53.08 30.15
CA GLU K 163 25.10 53.31 29.60
C GLU K 163 24.48 52.01 29.13
N SER K 164 23.18 51.87 29.40
CA SER K 164 22.39 50.80 28.85
C SER K 164 21.15 51.41 28.20
N VAL K 165 20.84 50.96 26.99
CA VAL K 165 19.74 51.55 26.22
C VAL K 165 18.68 50.51 25.93
N THR K 166 17.44 50.87 26.25
CA THR K 166 16.26 50.10 25.88
C THR K 166 16.23 49.88 24.38
N GLU K 167 15.61 48.79 23.97
CA GLU K 167 15.42 48.50 22.56
C GLU K 167 14.12 49.18 22.09
N GLN K 168 14.11 49.66 20.85
CA GLN K 168 13.00 50.50 20.39
C GLN K 168 11.63 49.92 20.74
N ASP K 169 10.77 50.75 21.29
CA ASP K 169 9.44 50.31 21.75
C ASP K 169 8.54 49.90 20.60
N SER K 170 7.69 48.91 20.84
CA SER K 170 6.80 48.35 19.81
C SER K 170 5.55 49.18 19.56
N LYS K 171 5.12 49.95 20.56
CA LYS K 171 3.95 50.83 20.42
C LYS K 171 4.30 52.23 19.87
N ASP K 172 5.01 53.03 20.66
CA ASP K 172 5.31 54.42 20.27
C ASP K 172 6.68 54.62 19.62
N SER K 173 7.53 53.61 19.65
CA SER K 173 8.84 53.62 18.97
C SER K 173 9.89 54.55 19.61
N THR K 174 9.72 54.86 20.89
CA THR K 174 10.70 55.65 21.63
C THR K 174 11.74 54.75 22.27
N TYR K 175 12.81 55.38 22.76
CA TYR K 175 13.86 54.69 23.51
C TYR K 175 13.87 55.15 24.96
N SER K 176 14.56 54.38 25.79
CA SER K 176 14.87 54.77 27.16
C SER K 176 16.30 54.37 27.46
N LEU K 177 16.91 55.01 28.46
CA LEU K 177 18.35 54.88 28.68
C LEU K 177 18.71 55.10 30.15
N SER K 178 19.59 54.25 30.67
CA SER K 178 20.11 54.41 32.03
C SER K 178 21.62 54.62 31.99
N SER K 179 22.10 55.65 32.68
CA SER K 179 23.52 55.85 32.88
C SER K 179 23.83 55.59 34.35
N THR K 180 24.83 54.76 34.61
CA THR K 180 25.11 54.29 35.96
C THR K 180 26.49 54.72 36.43
N LEU K 181 26.54 55.74 37.28
CA LEU K 181 27.80 56.25 37.82
C LEU K 181 28.20 55.45 39.08
N THR K 182 29.28 54.68 38.96
CA THR K 182 29.72 53.80 40.05
C THR K 182 30.93 54.38 40.75
N LEU K 183 30.87 54.42 42.09
CA LEU K 183 31.96 54.91 42.93
C LEU K 183 32.10 54.05 44.19
N SER K 184 33.16 54.28 44.95
CA SER K 184 33.32 53.66 46.26
C SER K 184 32.56 54.47 47.31
N LYS K 185 32.27 53.86 48.45
CA LYS K 185 31.58 54.56 49.54
C LYS K 185 32.40 55.77 50.00
N ALA K 186 33.71 55.57 50.13
CA ALA K 186 34.62 56.61 50.60
C ALA K 186 34.69 57.80 49.62
N ASP K 187 34.83 57.49 48.33
CA ASP K 187 34.89 58.53 47.31
C ASP K 187 33.55 59.26 47.19
N TYR K 188 32.46 58.52 47.32
CA TYR K 188 31.11 59.09 47.31
C TYR K 188 30.88 60.01 48.52
N GLU K 189 31.43 59.61 49.66
CA GLU K 189 31.25 60.35 50.91
C GLU K 189 32.10 61.63 51.01
N LYS K 190 32.89 61.94 49.98
CA LYS K 190 33.75 63.13 50.02
C LYS K 190 33.27 64.23 49.05
N HIS K 191 32.03 64.12 48.56
CA HIS K 191 31.46 65.15 47.67
C HIS K 191 29.97 65.32 47.96
N LYS K 192 29.44 66.52 47.70
CA LYS K 192 28.07 66.87 48.10
C LYS K 192 27.06 66.90 46.94
N VAL K 193 27.44 67.52 45.82
CA VAL K 193 26.54 67.69 44.67
C VAL K 193 26.80 66.62 43.61
N TYR K 194 25.76 65.83 43.31
CA TYR K 194 25.79 64.88 42.21
C TYR K 194 24.75 65.28 41.18
N ALA K 195 25.14 65.24 39.91
CA ALA K 195 24.30 65.75 38.83
C ALA K 195 24.60 65.05 37.51
N CYS K 196 23.54 64.73 36.76
CA CYS K 196 23.71 64.28 35.38
C CYS K 196 23.11 65.31 34.44
N GLU K 197 23.84 65.61 33.37
CA GLU K 197 23.50 66.66 32.42
C GLU K 197 23.11 66.03 31.09
N VAL K 198 21.84 66.12 30.75
CA VAL K 198 21.29 65.46 29.57
C VAL K 198 21.28 66.41 28.37
N THR K 199 21.87 65.95 27.27
CA THR K 199 21.91 66.74 26.04
C THR K 199 21.22 65.95 24.95
N HIS K 200 20.12 66.49 24.43
CA HIS K 200 19.31 65.79 23.44
C HIS K 200 18.77 66.73 22.36
N GLN K 201 18.58 66.17 21.17
CA GLN K 201 17.99 66.88 20.03
C GLN K 201 16.59 67.41 20.37
N GLY K 202 15.90 66.73 21.27
CA GLY K 202 14.55 67.07 21.66
C GLY K 202 14.44 68.38 22.41
N LEU K 203 14.86 68.40 23.67
CA LEU K 203 14.83 69.63 24.46
C LEU K 203 15.81 70.66 23.93
N SER K 204 15.46 71.93 24.11
CA SER K 204 16.25 73.05 23.60
C SER K 204 17.43 73.36 24.52
N SER K 205 17.18 73.36 25.83
CA SER K 205 18.19 73.71 26.83
C SER K 205 18.64 72.47 27.60
N PRO K 206 19.91 72.04 27.40
CA PRO K 206 20.43 70.86 28.09
C PRO K 206 19.98 70.81 29.55
N VAL K 207 19.03 69.91 29.83
CA VAL K 207 18.43 69.83 31.16
C VAL K 207 19.38 69.10 32.12
N THR K 208 19.42 69.58 33.35
CA THR K 208 20.27 69.02 34.39
C THR K 208 19.41 68.65 35.59
N LYS K 209 19.70 67.48 36.16
CA LYS K 209 18.99 67.01 37.35
C LYS K 209 20.04 66.60 38.38
N SER K 210 19.81 66.95 39.65
CA SER K 210 20.83 66.82 40.69
C SER K 210 20.28 66.64 42.10
N PHE K 211 21.14 66.21 43.01
CA PHE K 211 20.76 66.01 44.41
C PHE K 211 21.94 66.22 45.37
N ASN K 212 21.62 66.44 46.65
CA ASN K 212 22.61 66.62 47.71
C ASN K 212 22.41 65.58 48.80
N ARG K 213 23.48 64.91 49.21
CA ARG K 213 23.39 63.88 50.26
C ARG K 213 23.29 64.50 51.66
N GLU L 1 -3.14 23.27 20.03
CA GLU L 1 -2.21 24.42 20.26
C GLU L 1 -0.76 23.91 20.33
N VAL L 2 0.04 24.29 19.34
CA VAL L 2 1.41 23.81 19.21
C VAL L 2 2.37 24.67 20.02
N GLN L 3 3.28 24.03 20.74
CA GLN L 3 4.39 24.75 21.36
C GLN L 3 5.59 23.85 21.65
N LEU L 4 6.79 24.43 21.53
CA LEU L 4 8.04 23.77 21.89
C LEU L 4 8.61 24.47 23.10
N VAL L 5 9.15 23.69 24.03
CA VAL L 5 9.69 24.21 25.28
C VAL L 5 11.07 23.62 25.53
N GLU L 6 12.06 24.49 25.73
CA GLU L 6 13.43 24.06 25.99
C GLU L 6 13.81 24.23 27.44
N SER L 7 14.85 23.49 27.85
CA SER L 7 15.34 23.52 29.21
C SER L 7 16.74 22.97 29.31
N GLY L 8 17.41 23.25 30.43
CA GLY L 8 18.70 22.64 30.77
C GLY L 8 19.94 23.46 30.46
N GLY L 9 19.76 24.64 29.87
CA GLY L 9 20.87 25.53 29.60
C GLY L 9 21.39 26.16 30.87
N GLY L 10 22.62 26.67 30.81
CA GLY L 10 23.23 27.31 31.98
C GLY L 10 24.74 27.50 31.88
N LEU L 11 25.40 27.52 33.04
CA LEU L 11 26.84 27.74 33.11
C LEU L 11 27.57 26.41 33.09
N VAL L 12 28.63 26.32 32.27
CA VAL L 12 29.48 25.13 32.24
C VAL L 12 30.94 25.45 31.97
N GLN L 13 31.82 24.75 32.67
CA GLN L 13 33.27 24.87 32.51
C GLN L 13 33.67 24.32 31.14
N PRO L 14 34.60 24.99 30.45
CA PRO L 14 35.10 24.45 29.18
C PRO L 14 35.49 22.99 29.29
N GLY L 15 35.27 22.23 28.21
CA GLY L 15 35.48 20.79 28.24
C GLY L 15 34.37 20.01 28.92
N GLY L 16 33.38 20.73 29.45
CA GLY L 16 32.28 20.13 30.19
C GLY L 16 31.15 19.67 29.31
N SER L 17 30.21 18.93 29.91
CA SER L 17 29.00 18.48 29.22
C SER L 17 27.81 19.26 29.67
N LEU L 18 26.75 19.15 28.88
CA LEU L 18 25.53 19.90 29.10
C LEU L 18 24.44 19.33 28.20
N ARG L 19 23.26 19.10 28.75
CA ARG L 19 22.19 18.41 28.03
C ARG L 19 20.95 19.29 27.89
N LEU L 20 20.48 19.46 26.65
CA LEU L 20 19.32 20.29 26.37
C LEU L 20 18.12 19.44 26.02
N SER L 21 16.94 19.85 26.49
CA SER L 21 15.70 19.09 26.31
C SER L 21 14.66 19.98 25.63
N CYS L 22 14.09 19.49 24.54
CA CYS L 22 13.06 20.20 23.78
C CYS L 22 11.73 19.43 23.86
N ALA L 23 10.78 19.98 24.61
CA ALA L 23 9.55 19.26 24.95
C ALA L 23 8.36 19.69 24.11
N ALA L 24 7.96 18.82 23.17
CA ALA L 24 6.89 19.13 22.22
C ALA L 24 5.49 18.98 22.82
N SER L 25 4.55 19.79 22.34
CA SER L 25 3.16 19.75 22.79
C SER L 25 2.24 20.18 21.66
N GLY L 26 1.24 19.37 21.37
CA GLY L 26 0.21 19.71 20.39
C GLY L 26 0.41 19.13 18.99
N PHE L 27 1.34 18.20 18.86
CA PHE L 27 1.53 17.49 17.59
C PHE L 27 2.28 16.20 17.82
N ASN L 28 2.06 15.21 16.96
CA ASN L 28 2.74 13.93 17.08
C ASN L 28 4.22 14.09 16.73
N PHE L 29 5.04 14.19 17.76
CA PHE L 29 6.47 14.36 17.62
C PHE L 29 7.12 13.15 16.91
N SER L 30 6.42 12.02 16.89
CA SER L 30 6.80 10.84 16.11
C SER L 30 6.72 11.08 14.60
N SER L 31 5.60 11.66 14.18
CA SER L 31 5.30 11.89 12.77
C SER L 31 5.82 13.25 12.24
N SER L 32 6.90 13.76 12.83
CA SER L 32 7.51 15.02 12.42
C SER L 32 9.00 15.04 12.77
N SER L 33 9.62 16.21 12.70
CA SER L 33 11.06 16.35 12.91
C SER L 33 11.48 17.72 13.49
N ILE L 34 12.69 17.76 14.07
CA ILE L 34 13.15 18.90 14.85
C ILE L 34 14.54 19.34 14.43
N HIS L 35 14.72 20.65 14.35
CA HIS L 35 16.05 21.24 14.17
C HIS L 35 16.53 21.83 15.49
N TRP L 36 17.84 21.87 15.66
CA TRP L 36 18.45 22.72 16.68
C TRP L 36 19.20 23.83 15.97
N VAL L 37 18.98 25.06 16.42
CA VAL L 37 19.61 26.22 15.84
C VAL L 37 20.13 27.04 17.00
N ARG L 38 21.34 27.59 16.86
CA ARG L 38 21.89 28.42 17.91
C ARG L 38 22.22 29.80 17.39
N GLN L 39 22.24 30.76 18.30
CA GLN L 39 22.47 32.15 17.95
C GLN L 39 23.34 32.79 19.00
N ALA L 40 24.60 33.07 18.64
CA ALA L 40 25.54 33.67 19.57
C ALA L 40 25.17 35.13 19.84
N PRO L 41 25.48 35.64 21.06
CA PRO L 41 25.12 37.02 21.41
C PRO L 41 25.53 38.05 20.35
N GLY L 42 24.55 38.77 19.80
CA GLY L 42 24.81 39.76 18.75
C GLY L 42 24.81 39.19 17.34
N LYS L 43 25.49 38.05 17.17
CA LYS L 43 25.57 37.33 15.89
C LYS L 43 24.20 36.75 15.46
N GLY L 44 24.12 36.31 14.20
CA GLY L 44 22.91 35.69 13.64
C GLY L 44 22.74 34.20 13.88
N LEU L 45 21.85 33.58 13.11
CA LEU L 45 21.42 32.19 13.33
C LEU L 45 22.33 31.18 12.63
N GLU L 46 22.59 30.06 13.31
CA GLU L 46 23.48 29.02 12.80
C GLU L 46 22.90 27.64 13.08
N TRP L 47 22.89 26.77 12.07
CA TRP L 47 22.41 25.40 12.23
C TRP L 47 23.39 24.58 13.07
N VAL L 48 22.84 23.83 14.02
CA VAL L 48 23.60 22.92 14.86
C VAL L 48 23.40 21.49 14.41
N ALA L 49 22.18 21.00 14.52
CA ALA L 49 21.89 19.62 14.19
C ALA L 49 20.39 19.36 13.97
N TYR L 50 20.09 18.17 13.42
CA TYR L 50 18.75 17.79 13.00
C TYR L 50 18.43 16.33 13.29
N ILE L 51 17.17 16.05 13.64
CA ILE L 51 16.70 14.67 13.86
C ILE L 51 15.32 14.45 13.26
N TYR L 52 15.11 13.24 12.75
CA TYR L 52 13.83 12.80 12.20
C TYR L 52 13.53 11.44 12.80
N PRO L 53 12.93 11.41 14.00
CA PRO L 53 12.81 10.18 14.79
C PRO L 53 12.22 9.01 14.02
N SER L 54 11.21 9.26 13.18
CA SER L 54 10.53 8.18 12.44
C SER L 54 11.50 7.24 11.71
N TYR L 55 12.53 7.81 11.06
CA TYR L 55 13.51 7.02 10.30
C TYR L 55 14.87 6.95 10.98
N SER L 56 14.91 7.23 12.29
CA SER L 56 16.17 7.31 13.04
C SER L 56 17.31 7.93 12.23
N TYR L 57 17.01 9.04 11.55
CA TYR L 57 18.02 9.79 10.82
C TYR L 57 18.42 10.97 11.67
N THR L 58 19.72 11.26 11.67
CA THR L 58 20.25 12.39 12.41
C THR L 58 21.42 12.97 11.65
N SER L 59 21.57 14.29 11.70
CA SER L 59 22.70 14.96 11.01
C SER L 59 23.16 16.19 11.79
N TYR L 60 24.46 16.44 11.75
CA TYR L 60 25.09 17.48 12.55
C TYR L 60 25.89 18.45 11.69
N ALA L 61 26.11 19.64 12.20
CA ALA L 61 26.96 20.62 11.55
C ALA L 61 28.42 20.33 11.84
N ASP L 62 29.29 20.55 10.87
CA ASP L 62 30.73 20.23 10.98
C ASP L 62 31.35 20.70 12.30
N SER L 63 31.12 21.97 12.64
CA SER L 63 31.67 22.57 13.86
C SER L 63 31.28 21.84 15.14
N VAL L 64 30.25 21.00 15.05
CA VAL L 64 29.74 20.27 16.19
C VAL L 64 29.95 18.75 16.05
N LYS L 65 29.97 18.25 14.82
CA LYS L 65 30.02 16.80 14.57
C LYS L 65 31.07 16.11 15.42
N GLY L 66 30.66 15.02 16.08
CA GLY L 66 31.55 14.25 16.95
C GLY L 66 31.41 14.60 18.42
N ARG L 67 31.01 15.83 18.72
CA ARG L 67 30.95 16.33 20.10
C ARG L 67 29.52 16.35 20.65
N PHE L 68 28.55 16.74 19.83
CA PHE L 68 27.14 16.73 20.24
C PHE L 68 26.46 15.44 19.78
N THR L 69 25.27 15.20 20.32
CA THR L 69 24.48 14.02 19.99
C THR L 69 22.98 14.31 20.13
N ILE L 70 22.23 14.31 19.03
CA ILE L 70 20.78 14.44 19.11
C ILE L 70 20.13 13.11 19.34
N SER L 71 19.16 13.09 20.26
CA SER L 71 18.32 11.94 20.47
C SER L 71 16.87 12.39 20.60
N ALA L 72 15.96 11.44 20.70
CA ALA L 72 14.55 11.73 20.87
C ALA L 72 13.82 10.59 21.54
N ASP L 73 13.12 10.88 22.63
CA ASP L 73 12.28 9.91 23.30
C ASP L 73 10.85 10.11 22.82
N THR L 74 10.46 9.35 21.79
CA THR L 74 9.13 9.47 21.20
C THR L 74 8.01 9.32 22.24
N SER L 75 8.21 8.42 23.19
CA SER L 75 7.26 8.23 24.29
C SER L 75 6.99 9.55 25.01
N LYS L 76 8.06 10.22 25.44
CA LYS L 76 7.93 11.48 26.19
C LYS L 76 7.56 12.66 25.30
N ASN L 77 7.61 12.48 23.98
CA ASN L 77 7.30 13.54 23.03
C ASN L 77 8.35 14.65 23.15
N THR L 78 9.62 14.23 23.26
CA THR L 78 10.71 15.14 23.62
C THR L 78 11.99 14.86 22.81
N ALA L 79 12.68 15.92 22.40
CA ALA L 79 13.98 15.81 21.73
C ALA L 79 15.06 16.29 22.66
N TYR L 80 16.25 15.72 22.51
CA TYR L 80 17.37 16.06 23.38
C TYR L 80 18.62 16.38 22.57
N LEU L 81 19.39 17.36 23.04
CA LEU L 81 20.70 17.65 22.47
C LEU L 81 21.74 17.49 23.56
N GLN L 82 22.57 16.46 23.43
CA GLN L 82 23.63 16.20 24.38
C GLN L 82 24.90 16.84 23.88
N MET L 83 25.41 17.82 24.64
CA MET L 83 26.57 18.60 24.23
C MET L 83 27.76 18.27 25.10
N ASN L 84 28.76 17.61 24.53
CA ASN L 84 29.99 17.28 25.24
C ASN L 84 31.16 18.13 24.76
N SER L 85 32.11 18.37 25.65
CA SER L 85 33.37 19.01 25.30
C SER L 85 33.16 20.45 24.81
N LEU L 86 32.41 21.22 25.58
CA LEU L 86 32.00 22.56 25.18
C LEU L 86 33.16 23.55 25.16
N ARG L 87 33.12 24.45 24.18
CA ARG L 87 34.17 25.47 24.01
C ARG L 87 33.58 26.85 24.23
N ALA L 88 34.44 27.87 24.18
CA ALA L 88 34.00 29.26 24.36
C ALA L 88 33.05 29.73 23.25
N GLU L 89 33.33 29.31 22.02
CA GLU L 89 32.47 29.63 20.88
C GLU L 89 31.08 28.99 20.95
N ASP L 90 30.95 27.88 21.69
CA ASP L 90 29.66 27.22 21.87
C ASP L 90 28.68 28.00 22.75
N THR L 91 29.16 29.07 23.39
CA THR L 91 28.29 29.99 24.10
C THR L 91 27.32 30.61 23.11
N ALA L 92 26.02 30.40 23.34
CA ALA L 92 24.97 30.87 22.43
C ALA L 92 23.59 30.70 23.04
N VAL L 93 22.56 31.09 22.30
CA VAL L 93 21.17 30.79 22.65
C VAL L 93 20.70 29.67 21.75
N TYR L 94 20.23 28.58 22.36
CA TYR L 94 19.89 27.38 21.62
C TYR L 94 18.37 27.24 21.43
N TYR L 95 17.95 27.24 20.18
CA TYR L 95 16.54 27.07 19.83
C TYR L 95 16.35 25.70 19.20
N CYS L 96 15.27 25.03 19.57
CA CYS L 96 14.78 23.90 18.79
C CYS L 96 13.56 24.41 18.05
N ALA L 97 13.40 23.97 16.81
CA ALA L 97 12.30 24.41 15.99
C ALA L 97 11.82 23.25 15.11
N ARG L 98 10.50 23.09 15.02
CA ARG L 98 9.95 21.99 14.26
C ARG L 98 9.91 22.37 12.79
N TYR L 99 9.90 21.35 11.94
CA TYR L 99 10.29 21.48 10.54
C TYR L 99 9.07 21.62 9.64
N TYR L 100 9.10 22.61 8.75
CA TYR L 100 7.97 22.93 7.86
C TYR L 100 8.22 22.34 6.48
N GLY L 101 7.34 22.64 5.53
CA GLY L 101 7.36 22.02 4.20
C GLY L 101 8.66 22.15 3.45
N THR L 102 9.26 21.00 3.11
CA THR L 102 10.50 20.94 2.32
C THR L 102 11.72 21.70 2.89
N GLY L 103 11.70 21.99 4.20
CA GLY L 103 12.68 22.85 4.84
C GLY L 103 11.96 23.91 5.66
N ALA L 104 12.69 24.87 6.21
CA ALA L 104 12.08 25.95 7.00
C ALA L 104 11.48 25.48 8.33
N MET L 105 11.36 26.41 9.27
CA MET L 105 10.90 26.09 10.59
C MET L 105 9.76 27.01 10.93
N ASP L 106 8.64 26.45 11.38
CA ASP L 106 7.44 27.25 11.64
C ASP L 106 7.22 27.57 13.12
N TYR L 107 7.42 26.59 14.00
CA TYR L 107 7.29 26.81 15.44
C TYR L 107 8.65 26.67 16.11
N TRP L 108 9.05 27.71 16.85
CA TRP L 108 10.34 27.72 17.53
C TRP L 108 10.12 27.75 19.03
N GLY L 109 11.06 27.19 19.77
CA GLY L 109 11.03 27.26 21.23
C GLY L 109 11.49 28.61 21.73
N GLN L 110 11.18 28.91 22.99
CA GLN L 110 11.59 30.19 23.60
C GLN L 110 13.10 30.39 23.62
N GLY L 111 13.83 29.28 23.68
CA GLY L 111 15.29 29.29 23.57
C GLY L 111 15.96 29.33 24.92
N THR L 112 16.96 28.46 25.11
CA THR L 112 17.76 28.46 26.34
C THR L 112 19.17 29.00 26.09
N LEU L 113 19.72 29.63 27.12
CA LEU L 113 21.01 30.29 27.04
C LEU L 113 22.09 29.38 27.63
N VAL L 114 22.99 28.88 26.76
CA VAL L 114 24.12 28.08 27.19
C VAL L 114 25.35 28.98 27.19
N THR L 115 25.97 29.13 28.36
CA THR L 115 27.11 30.03 28.50
C THR L 115 28.33 29.28 29.02
N VAL L 116 29.30 29.06 28.14
CA VAL L 116 30.53 28.36 28.49
C VAL L 116 31.56 29.35 29.03
N SER L 117 31.90 29.20 30.30
CA SER L 117 32.91 30.02 30.95
C SER L 117 33.43 29.34 32.21
N SER L 118 34.68 29.64 32.55
CA SER L 118 35.31 29.08 33.74
C SER L 118 34.94 29.84 35.02
N ALA L 119 34.25 30.97 34.85
CA ALA L 119 33.97 31.88 35.97
C ALA L 119 32.99 31.30 37.00
N SER L 120 32.95 31.94 38.16
CA SER L 120 32.11 31.53 39.28
C SER L 120 30.67 31.97 39.08
N THR L 121 29.76 31.40 39.87
CA THR L 121 28.36 31.80 39.88
C THR L 121 28.11 32.80 41.00
N LYS L 122 27.50 33.94 40.67
CA LYS L 122 27.13 34.96 41.67
C LYS L 122 25.66 35.33 41.57
N GLY L 123 24.99 35.32 42.71
CA GLY L 123 23.63 35.82 42.80
C GLY L 123 23.66 37.33 42.95
N PRO L 124 22.61 38.02 42.48
CA PRO L 124 22.59 39.49 42.52
C PRO L 124 22.23 40.06 43.89
N SER L 125 22.77 41.24 44.18
CA SER L 125 22.28 42.07 45.27
C SER L 125 21.25 43.01 44.65
N VAL L 126 20.13 43.21 45.34
CA VAL L 126 19.04 44.02 44.80
C VAL L 126 18.79 45.25 45.67
N PHE L 127 18.98 46.43 45.07
CA PHE L 127 18.79 47.70 45.78
C PHE L 127 17.68 48.49 45.12
N PRO L 128 16.82 49.14 45.93
CA PRO L 128 15.70 49.91 45.41
C PRO L 128 16.08 51.28 44.90
N LEU L 129 15.51 51.68 43.76
CA LEU L 129 15.62 53.03 43.24
C LEU L 129 14.38 53.80 43.68
N ALA L 130 14.49 54.48 44.82
CA ALA L 130 13.34 55.15 45.43
C ALA L 130 13.02 56.47 44.73
N PRO L 131 11.72 56.76 44.55
CA PRO L 131 11.28 57.98 43.88
C PRO L 131 11.48 59.22 44.75
N SER L 132 11.39 60.39 44.13
CA SER L 132 11.55 61.67 44.84
C SER L 132 10.22 62.45 44.83
N SER L 133 10.24 63.69 44.33
CA SER L 133 9.05 64.53 44.26
C SER L 133 8.67 64.79 42.80
N GLY L 139 3.85 65.51 39.12
CA GLY L 139 3.06 65.03 37.98
C GLY L 139 3.18 63.53 37.77
N THR L 140 4.34 63.10 37.28
CA THR L 140 4.64 61.68 37.06
C THR L 140 5.89 61.30 37.86
N ALA L 141 5.80 60.20 38.61
CA ALA L 141 6.91 59.72 39.44
C ALA L 141 7.52 58.45 38.86
N ALA L 142 8.84 58.35 38.93
CA ALA L 142 9.57 57.17 38.48
C ALA L 142 10.22 56.46 39.66
N LEU L 143 10.29 55.14 39.58
CA LEU L 143 10.97 54.32 40.58
C LEU L 143 11.41 53.00 39.96
N GLY L 144 12.26 52.26 40.67
CA GLY L 144 12.78 51.02 40.11
C GLY L 144 13.61 50.15 41.03
N CYS L 145 14.24 49.14 40.42
CA CYS L 145 15.13 48.21 41.10
C CYS L 145 16.49 48.19 40.41
N LEU L 146 17.53 48.18 41.23
CA LEU L 146 18.89 47.98 40.74
C LEU L 146 19.28 46.55 41.08
N VAL L 147 19.60 45.76 40.05
CA VAL L 147 19.99 44.37 40.22
C VAL L 147 21.47 44.25 39.89
N LYS L 148 22.31 44.43 40.91
CA LYS L 148 23.75 44.59 40.70
C LYS L 148 24.58 43.35 41.00
N ASP L 149 25.67 43.18 40.23
CA ASP L 149 26.70 42.17 40.47
C ASP L 149 26.15 40.74 40.48
N TYR L 150 25.90 40.21 39.28
CA TYR L 150 25.48 38.80 39.12
C TYR L 150 26.14 38.17 37.91
N PHE L 151 26.14 36.84 37.89
CA PHE L 151 26.66 36.07 36.76
C PHE L 151 26.17 34.64 36.84
N PRO L 152 25.85 34.02 35.70
CA PRO L 152 25.82 34.57 34.36
C PRO L 152 24.45 35.13 34.03
N GLU L 153 24.22 35.47 32.77
CA GLU L 153 22.88 35.79 32.30
C GLU L 153 22.00 34.53 32.39
N PRO L 154 20.67 34.69 32.45
CA PRO L 154 19.89 35.93 32.50
C PRO L 154 19.29 36.22 33.87
N VAL L 155 18.80 37.44 34.04
CA VAL L 155 17.95 37.81 35.17
C VAL L 155 16.61 38.24 34.61
N THR L 156 15.53 37.76 35.21
CA THR L 156 14.17 38.17 34.86
C THR L 156 13.57 39.02 35.97
N VAL L 157 12.92 40.11 35.58
CA VAL L 157 12.31 41.02 36.54
C VAL L 157 10.84 41.23 36.17
N SER L 158 9.99 41.22 37.18
CA SER L 158 8.57 41.57 37.02
C SER L 158 8.12 42.36 38.24
N TRP L 159 7.09 43.19 38.07
CA TRP L 159 6.59 44.05 39.14
C TRP L 159 5.24 43.57 39.65
N ASN L 160 5.11 43.51 40.97
CA ASN L 160 3.89 42.99 41.62
C ASN L 160 3.40 41.65 41.06
N SER L 161 4.35 40.73 40.86
CA SER L 161 4.07 39.35 40.43
C SER L 161 3.46 39.22 39.02
N GLY L 162 3.64 40.25 38.19
CA GLY L 162 3.06 40.29 36.84
C GLY L 162 1.87 41.23 36.71
N ALA L 163 1.42 41.80 37.83
CA ALA L 163 0.22 42.64 37.87
C ALA L 163 0.44 44.06 37.30
N LEU L 164 1.67 44.38 36.89
CA LEU L 164 1.99 45.71 36.37
C LEU L 164 2.93 45.60 35.18
N THR L 165 2.51 46.16 34.03
CA THR L 165 3.34 46.20 32.82
C THR L 165 3.35 47.57 32.12
N SER L 166 2.38 48.43 32.45
CA SER L 166 2.29 49.75 31.84
C SER L 166 3.39 50.69 32.38
N GLY L 167 4.21 51.20 31.47
CA GLY L 167 5.27 52.13 31.83
C GLY L 167 6.47 51.48 32.51
N VAL L 168 6.70 50.20 32.21
CA VAL L 168 7.82 49.45 32.77
C VAL L 168 8.92 49.31 31.73
N HIS L 169 10.15 49.59 32.15
CA HIS L 169 11.34 49.35 31.32
C HIS L 169 12.35 48.54 32.12
N THR L 170 12.72 47.37 31.60
CA THR L 170 13.82 46.58 32.16
C THR L 170 14.98 46.64 31.19
N PHE L 171 16.02 47.37 31.58
CA PHE L 171 17.15 47.64 30.71
C PHE L 171 18.00 46.41 30.44
N PRO L 172 18.66 46.35 29.27
CA PRO L 172 19.61 45.27 29.00
C PRO L 172 20.73 45.21 30.03
N ALA L 173 21.25 44.02 30.26
CA ALA L 173 22.32 43.83 31.22
C ALA L 173 23.61 44.46 30.70
N VAL L 174 24.33 45.13 31.61
CA VAL L 174 25.62 45.72 31.31
C VAL L 174 26.71 44.86 31.92
N LEU L 175 27.79 44.66 31.17
CA LEU L 175 28.93 43.91 31.70
C LEU L 175 29.93 44.88 32.32
N GLN L 176 30.16 44.75 33.62
CA GLN L 176 31.06 45.63 34.36
C GLN L 176 32.51 45.18 34.21
N SER L 177 33.44 46.01 34.71
CA SER L 177 34.87 45.68 34.69
C SER L 177 35.19 44.45 35.55
N SER L 178 34.40 44.22 36.59
CA SER L 178 34.58 43.07 37.47
C SER L 178 34.24 41.72 36.80
N GLY L 179 33.67 41.77 35.59
CA GLY L 179 33.25 40.56 34.89
C GLY L 179 31.87 40.06 35.34
N LEU L 180 31.16 40.91 36.08
CA LEU L 180 29.83 40.61 36.60
C LEU L 180 28.82 41.50 35.93
N TYR L 181 27.62 40.94 35.69
CA TYR L 181 26.54 41.69 35.07
C TYR L 181 25.80 42.53 36.09
N SER L 182 25.19 43.61 35.60
CA SER L 182 24.36 44.50 36.40
C SER L 182 23.33 45.20 35.51
N LEU L 183 22.08 45.23 35.97
CA LEU L 183 21.01 45.90 35.23
C LEU L 183 20.10 46.67 36.16
N SER L 184 19.28 47.52 35.56
CA SER L 184 18.29 48.31 36.29
C SER L 184 16.92 48.02 35.67
N SER L 185 15.90 47.99 36.52
CA SER L 185 14.52 47.91 36.04
C SER L 185 13.73 49.05 36.66
N VAL L 186 13.20 49.92 35.82
CA VAL L 186 12.54 51.13 36.26
C VAL L 186 11.10 51.18 35.75
N VAL L 187 10.23 51.87 36.48
CA VAL L 187 8.83 51.98 36.11
C VAL L 187 8.27 53.37 36.46
N THR L 188 7.42 53.89 35.59
CA THR L 188 6.75 55.17 35.80
C THR L 188 5.35 54.96 36.33
N VAL L 189 4.95 55.78 37.30
CA VAL L 189 3.61 55.73 37.89
C VAL L 189 3.14 57.14 38.27
N PRO L 190 1.82 57.33 38.46
CA PRO L 190 1.33 58.64 38.93
C PRO L 190 1.82 58.99 40.34
N SER L 191 1.97 60.28 40.60
CA SER L 191 2.50 60.76 41.89
C SER L 191 1.56 60.49 43.07
N SER L 192 0.27 60.71 42.85
CA SER L 192 -0.74 60.57 43.91
C SER L 192 -0.96 59.11 44.36
N SER L 193 -0.58 58.15 43.53
CA SER L 193 -0.73 56.73 43.86
C SER L 193 0.30 56.23 44.89
N LEU L 194 1.39 56.98 45.08
CA LEU L 194 2.42 56.62 46.06
C LEU L 194 1.87 56.68 47.49
N GLY L 195 2.25 55.69 48.30
CA GLY L 195 1.75 55.58 49.67
C GLY L 195 0.53 54.66 49.76
N THR L 196 -0.38 54.81 48.80
CA THR L 196 -1.55 53.93 48.68
C THR L 196 -1.14 52.62 48.02
N GLN L 197 -0.58 52.70 46.82
CA GLN L 197 -0.15 51.52 46.08
C GLN L 197 1.19 51.00 46.59
N THR L 198 1.35 49.68 46.56
CA THR L 198 2.57 49.02 47.00
C THR L 198 3.31 48.47 45.78
N TYR L 199 4.53 48.96 45.55
CA TYR L 199 5.36 48.51 44.45
C TYR L 199 6.50 47.64 44.95
N ILE L 200 6.38 46.33 44.72
CA ILE L 200 7.45 45.37 44.99
C ILE L 200 7.98 44.86 43.65
N CYS L 201 9.29 44.67 43.56
CA CYS L 201 9.90 44.20 42.33
C CYS L 201 10.41 42.78 42.52
N ASN L 202 10.02 41.90 41.60
CA ASN L 202 10.32 40.47 41.71
C ASN L 202 11.50 40.09 40.82
N VAL L 203 12.67 39.96 41.43
CA VAL L 203 13.88 39.56 40.70
C VAL L 203 14.06 38.05 40.84
N ASN L 204 14.42 37.40 39.74
CA ASN L 204 14.65 35.96 39.74
C ASN L 204 15.89 35.63 38.91
N HIS L 205 16.89 35.06 39.57
CA HIS L 205 18.12 34.63 38.93
C HIS L 205 18.21 33.11 39.07
N LYS L 206 17.81 32.40 38.02
CA LYS L 206 17.66 30.94 38.05
C LYS L 206 18.94 30.16 38.36
N PRO L 207 20.07 30.52 37.72
CA PRO L 207 21.29 29.70 37.88
C PRO L 207 21.97 29.75 39.25
N SER L 208 21.46 30.56 40.18
CA SER L 208 21.91 30.51 41.57
C SER L 208 20.73 30.44 42.55
N ASN L 209 19.59 29.95 42.06
CA ASN L 209 18.37 29.78 42.85
C ASN L 209 18.07 30.92 43.83
N THR L 210 18.28 32.16 43.36
CA THR L 210 18.01 33.36 44.16
C THR L 210 16.68 33.99 43.75
N LYS L 211 15.75 34.03 44.70
CA LYS L 211 14.46 34.68 44.51
C LYS L 211 14.36 35.81 45.52
N VAL L 212 14.35 37.05 45.03
CA VAL L 212 14.27 38.23 45.89
C VAL L 212 13.05 39.05 45.50
N ASP L 213 12.30 39.48 46.50
CA ASP L 213 11.13 40.34 46.30
C ASP L 213 11.31 41.61 47.12
N LYS L 214 12.01 42.58 46.55
CA LYS L 214 12.34 43.82 47.25
C LYS L 214 11.19 44.83 47.13
N LYS L 215 10.75 45.33 48.28
CA LYS L 215 9.71 46.37 48.32
C LYS L 215 10.35 47.73 48.08
N VAL L 216 9.77 48.49 47.17
CA VAL L 216 10.23 49.85 46.89
C VAL L 216 9.20 50.82 47.46
N GLU L 217 9.66 51.68 48.37
CA GLU L 217 8.82 52.74 48.95
C GLU L 217 9.61 54.04 49.04
N PRO L 218 8.92 55.19 49.13
CA PRO L 218 9.64 56.47 49.26
C PRO L 218 10.26 56.58 50.64
N LYS L 219 11.57 56.83 50.69
CA LYS L 219 12.29 56.82 51.96
C LYS L 219 11.90 58.02 52.81
N SER L 220 11.52 57.76 54.07
CA SER L 220 10.93 58.76 54.99
C SER L 220 11.10 60.22 54.54
N CYS L 221 12.33 60.75 54.65
CA CYS L 221 12.66 62.07 54.11
C CYS L 221 14.18 62.30 54.09
N ASP M 1 47.70 -79.14 -71.16
CA ASP M 1 47.10 -79.94 -72.28
C ASP M 1 46.24 -81.09 -71.75
N ILE M 2 45.10 -81.32 -72.42
CA ILE M 2 44.22 -82.44 -72.09
C ILE M 2 44.70 -83.66 -72.86
N GLN M 3 44.96 -84.74 -72.13
CA GLN M 3 45.44 -85.97 -72.74
C GLN M 3 44.27 -86.95 -72.91
N MET M 4 43.99 -87.32 -74.15
CA MET M 4 43.04 -88.40 -74.42
C MET M 4 43.84 -89.68 -74.62
N THR M 5 43.51 -90.70 -73.83
CA THR M 5 44.26 -91.96 -73.83
C THR M 5 43.36 -93.12 -74.24
N GLN M 6 43.53 -93.61 -75.47
CA GLN M 6 42.71 -94.70 -76.00
C GLN M 6 43.26 -96.06 -75.65
N SER M 7 42.36 -96.97 -75.33
CA SER M 7 42.70 -98.37 -75.10
C SER M 7 41.64 -99.25 -75.77
N PRO M 8 42.07 -100.32 -76.46
CA PRO M 8 43.42 -100.78 -76.71
C PRO M 8 44.11 -100.01 -77.82
N SER M 9 45.30 -100.46 -78.20
CA SER M 9 46.08 -99.83 -79.26
C SER M 9 45.68 -100.43 -80.60
N SER M 10 45.73 -101.76 -80.67
CA SER M 10 45.21 -102.52 -81.82
C SER M 10 44.15 -103.48 -81.28
N LEU M 11 43.51 -104.22 -82.18
CA LEU M 11 42.39 -105.06 -81.79
C LEU M 11 41.85 -105.83 -82.99
N SER M 12 41.67 -107.14 -82.83
CA SER M 12 40.99 -107.94 -83.83
C SER M 12 39.80 -108.64 -83.20
N ALA M 13 38.68 -108.68 -83.92
CA ALA M 13 37.47 -109.39 -83.48
C ALA M 13 36.80 -110.03 -84.67
N SER M 14 35.93 -111.00 -84.41
CA SER M 14 35.30 -111.78 -85.48
C SER M 14 34.12 -111.02 -86.04
N VAL M 15 33.57 -111.51 -87.15
CA VAL M 15 32.39 -110.90 -87.77
C VAL M 15 31.19 -111.12 -86.87
N GLY M 16 30.55 -110.03 -86.46
CA GLY M 16 29.35 -110.11 -85.62
C GLY M 16 29.60 -109.93 -84.14
N ASP M 17 30.86 -109.95 -83.72
CA ASP M 17 31.22 -109.78 -82.31
C ASP M 17 31.02 -108.36 -81.85
N ARG M 18 31.00 -108.18 -80.53
CA ARG M 18 30.82 -106.87 -79.91
C ARG M 18 32.20 -106.30 -79.61
N VAL M 19 32.44 -105.08 -80.06
CA VAL M 19 33.74 -104.45 -79.89
C VAL M 19 33.60 -103.22 -79.02
N THR M 20 34.53 -103.04 -78.09
CA THR M 20 34.49 -101.94 -77.13
C THR M 20 35.82 -101.20 -77.09
N ILE M 21 35.79 -99.94 -77.52
CA ILE M 21 36.96 -99.08 -77.49
C ILE M 21 36.72 -98.01 -76.43
N THR M 22 37.66 -97.88 -75.48
CA THR M 22 37.55 -96.88 -74.41
C THR M 22 38.54 -95.74 -74.65
N CYS M 23 38.20 -94.55 -74.17
CA CYS M 23 39.04 -93.38 -74.34
C CYS M 23 38.93 -92.52 -73.09
N ARG M 24 40.04 -92.41 -72.37
CA ARG M 24 40.07 -91.86 -71.02
C ARG M 24 40.63 -90.44 -71.02
N ALA M 25 39.83 -89.48 -70.54
CA ALA M 25 40.23 -88.08 -70.49
C ALA M 25 40.94 -87.77 -69.17
N SER M 26 41.91 -86.87 -69.23
CA SER M 26 42.71 -86.50 -68.06
C SER M 26 41.89 -85.73 -67.03
N GLN M 27 41.13 -84.73 -67.50
CA GLN M 27 40.23 -83.96 -66.64
C GLN M 27 38.89 -83.77 -67.33
N SER M 28 37.85 -83.47 -66.55
CA SER M 28 36.49 -83.42 -67.07
C SER M 28 36.40 -82.61 -68.35
N VAL M 29 35.81 -83.23 -69.38
CA VAL M 29 35.62 -82.62 -70.68
C VAL M 29 34.16 -82.21 -70.87
N SER M 30 33.30 -82.61 -69.93
CA SER M 30 31.86 -82.59 -70.12
C SER M 30 31.52 -83.69 -71.12
N SER M 31 30.35 -83.58 -71.75
CA SER M 31 29.93 -84.53 -72.79
C SER M 31 30.30 -83.99 -74.17
N ALA M 32 31.57 -83.61 -74.33
CA ALA M 32 32.04 -82.91 -75.53
C ALA M 32 33.11 -83.75 -76.23
N VAL M 33 32.70 -84.91 -76.70
CA VAL M 33 33.61 -85.88 -77.29
C VAL M 33 33.02 -86.44 -78.58
N ALA M 34 33.88 -86.71 -79.55
CA ALA M 34 33.45 -87.26 -80.82
C ALA M 34 34.30 -88.47 -81.21
N TRP M 35 33.73 -89.39 -81.96
CA TRP M 35 34.44 -90.56 -82.43
C TRP M 35 34.50 -90.56 -83.93
N TYR M 36 35.67 -90.88 -84.48
CA TYR M 36 35.89 -90.83 -85.92
C TYR M 36 36.37 -92.17 -86.44
N GLN M 37 36.22 -92.38 -87.73
CA GLN M 37 36.57 -93.64 -88.37
C GLN M 37 37.37 -93.35 -89.61
N GLN M 38 38.66 -93.64 -89.57
CA GLN M 38 39.52 -93.41 -90.71
C GLN M 38 39.86 -94.74 -91.34
N LYS M 39 39.32 -94.95 -92.55
CA LYS M 39 39.79 -96.04 -93.40
C LYS M 39 41.20 -95.73 -93.89
N PRO M 40 41.91 -96.72 -94.43
CA PRO M 40 43.25 -96.47 -94.93
C PRO M 40 43.21 -95.60 -96.18
N GLY M 41 44.03 -94.56 -96.19
CA GLY M 41 44.16 -93.70 -97.36
C GLY M 41 42.98 -92.78 -97.62
N LYS M 42 42.14 -92.58 -96.60
CA LYS M 42 41.00 -91.68 -96.71
C LYS M 42 40.91 -90.81 -95.46
N ALA M 43 40.06 -89.79 -95.53
CA ALA M 43 39.93 -88.84 -94.43
C ALA M 43 38.98 -89.36 -93.37
N PRO M 44 39.10 -88.87 -92.13
CA PRO M 44 38.20 -89.31 -91.08
C PRO M 44 36.73 -89.07 -91.42
N LYS M 45 35.88 -89.97 -90.96
CA LYS M 45 34.43 -89.83 -91.07
C LYS M 45 33.89 -89.75 -89.65
N LEU M 46 32.98 -88.82 -89.40
CA LEU M 46 32.44 -88.62 -88.06
C LEU M 46 31.38 -89.67 -87.78
N LEU M 47 31.46 -90.30 -86.61
CA LEU M 47 30.51 -91.33 -86.20
C LEU M 47 29.60 -90.85 -85.08
N ILE M 48 30.20 -90.33 -84.02
CA ILE M 48 29.48 -89.87 -82.85
C ILE M 48 29.94 -88.47 -82.49
N TYR M 49 29.03 -87.67 -81.96
CA TYR M 49 29.38 -86.39 -81.35
C TYR M 49 28.66 -86.25 -80.03
N SER M 50 28.95 -85.17 -79.30
CA SER M 50 28.51 -85.00 -77.91
C SER M 50 28.52 -86.29 -77.10
N ALA M 51 29.57 -87.08 -77.29
CA ALA M 51 29.81 -88.32 -76.53
C ALA M 51 28.89 -89.51 -76.86
N SER M 52 27.62 -89.24 -77.16
CA SER M 52 26.61 -90.29 -77.25
C SER M 52 25.71 -90.23 -78.49
N SER M 53 25.43 -89.05 -79.02
CA SER M 53 24.52 -88.92 -80.17
C SER M 53 25.17 -89.34 -81.50
N LEU M 54 24.37 -89.99 -82.34
CA LEU M 54 24.85 -90.58 -83.58
C LEU M 54 24.73 -89.63 -84.74
N TYR M 55 25.81 -89.49 -85.52
CA TYR M 55 25.79 -88.58 -86.67
C TYR M 55 24.86 -89.13 -87.75
N SER M 56 24.27 -88.23 -88.52
CA SER M 56 23.31 -88.59 -89.55
C SER M 56 23.95 -89.47 -90.63
N GLY M 57 23.39 -90.66 -90.84
CA GLY M 57 23.85 -91.56 -91.89
C GLY M 57 24.85 -92.62 -91.43
N VAL M 58 25.17 -92.60 -90.14
CA VAL M 58 26.03 -93.62 -89.55
C VAL M 58 25.12 -94.76 -89.14
N PRO M 59 25.48 -96.01 -89.47
CA PRO M 59 24.67 -97.14 -89.06
C PRO M 59 24.57 -97.31 -87.54
N SER M 60 23.48 -97.93 -87.09
CA SER M 60 23.09 -97.90 -85.69
C SER M 60 24.01 -98.69 -84.78
N ARG M 61 24.77 -99.64 -85.34
CA ARG M 61 25.67 -100.46 -84.53
C ARG M 61 26.71 -99.63 -83.80
N PHE M 62 27.15 -98.53 -84.41
CA PHE M 62 28.03 -97.57 -83.74
C PHE M 62 27.28 -96.81 -82.65
N SER M 63 27.83 -96.80 -81.44
CA SER M 63 27.16 -96.18 -80.31
C SER M 63 28.16 -95.69 -79.27
N GLY M 64 28.08 -94.38 -78.98
CA GLY M 64 28.94 -93.74 -77.98
C GLY M 64 28.28 -93.72 -76.62
N SER M 65 29.12 -93.73 -75.58
CA SER M 65 28.63 -93.73 -74.19
C SER M 65 29.65 -93.10 -73.25
N ARG M 66 29.21 -92.78 -72.04
CA ARG M 66 30.02 -91.99 -71.09
C ARG M 66 29.97 -92.53 -69.67
N SER M 67 31.04 -92.29 -68.92
CA SER M 67 31.08 -92.54 -67.48
C SER M 67 31.92 -91.47 -66.76
N GLY M 68 31.49 -90.21 -66.90
CA GLY M 68 32.11 -89.06 -66.23
C GLY M 68 33.60 -88.79 -66.42
N THR M 69 34.17 -89.24 -67.55
CA THR M 69 35.61 -89.08 -67.91
C THR M 69 36.03 -90.22 -68.82
N ASP M 70 35.47 -91.40 -68.60
CA ASP M 70 35.73 -92.56 -69.45
C ASP M 70 34.68 -92.62 -70.54
N PHE M 71 35.11 -92.37 -71.78
CA PHE M 71 34.23 -92.41 -72.95
C PHE M 71 34.45 -93.72 -73.69
N THR M 72 33.40 -94.22 -74.33
CA THR M 72 33.42 -95.58 -74.86
C THR M 72 32.64 -95.72 -76.17
N LEU M 73 33.36 -95.94 -77.26
CA LEU M 73 32.75 -96.27 -78.54
C LEU M 73 32.50 -97.77 -78.53
N THR M 74 31.29 -98.18 -78.93
CA THR M 74 30.96 -99.61 -78.97
C THR M 74 30.39 -99.98 -80.32
N ILE M 75 31.04 -100.90 -81.00
CA ILE M 75 30.52 -101.43 -82.26
C ILE M 75 29.80 -102.73 -81.92
N SER M 76 28.48 -102.69 -81.96
CA SER M 76 27.64 -103.78 -81.44
C SER M 76 27.62 -105.03 -82.31
N SER M 77 27.81 -104.88 -83.62
CA SER M 77 27.84 -106.04 -84.52
C SER M 77 28.90 -105.84 -85.60
N LEU M 78 30.16 -105.93 -85.19
CA LEU M 78 31.29 -105.68 -86.08
C LEU M 78 31.10 -106.34 -87.43
N GLN M 79 31.49 -105.64 -88.49
CA GLN M 79 31.33 -106.13 -89.86
C GLN M 79 32.52 -105.78 -90.73
N PRO M 80 32.82 -106.63 -91.73
CA PRO M 80 34.11 -106.58 -92.42
C PRO M 80 34.48 -105.22 -92.96
N GLU M 81 33.49 -104.40 -93.26
CA GLU M 81 33.74 -103.04 -93.70
C GLU M 81 33.90 -102.04 -92.56
N ASP M 82 33.98 -102.53 -91.32
CA ASP M 82 34.31 -101.68 -90.17
C ASP M 82 35.80 -101.66 -89.90
N PHE M 83 36.54 -102.46 -90.67
CA PHE M 83 37.99 -102.43 -90.60
C PHE M 83 38.46 -101.00 -90.78
N ALA M 84 39.04 -100.44 -89.74
CA ALA M 84 39.47 -99.04 -89.76
C ALA M 84 40.29 -98.71 -88.53
N THR M 85 40.79 -97.47 -88.48
CA THR M 85 41.37 -96.92 -87.28
C THR M 85 40.35 -95.95 -86.68
N TYR M 86 40.08 -96.07 -85.39
CA TYR M 86 39.06 -95.26 -84.73
C TYR M 86 39.68 -94.26 -83.77
N TYR M 87 39.35 -92.99 -83.94
CA TYR M 87 39.90 -91.92 -83.09
C TYR M 87 38.82 -91.28 -82.23
N CYS M 88 39.06 -91.15 -80.92
CA CYS M 88 38.21 -90.28 -80.09
C CYS M 88 38.76 -88.87 -80.18
N GLN M 89 37.95 -87.90 -79.79
CA GLN M 89 38.32 -86.49 -79.90
C GLN M 89 37.53 -85.70 -78.88
N GLN M 90 38.25 -84.98 -78.03
CA GLN M 90 37.62 -84.12 -77.05
C GLN M 90 37.72 -82.71 -77.58
N TYR M 91 36.68 -81.92 -77.39
CA TYR M 91 36.78 -80.49 -77.66
C TYR M 91 36.80 -79.74 -76.32
N SER M 92 35.75 -79.01 -75.95
CA SER M 92 35.83 -78.17 -74.75
C SER M 92 37.10 -77.33 -74.76
N TYR M 93 37.02 -76.13 -75.33
CA TYR M 93 38.16 -75.25 -75.40
C TYR M 93 38.85 -75.20 -74.04
N TYR M 94 40.15 -75.45 -74.05
CA TYR M 94 40.98 -75.20 -72.88
C TYR M 94 42.20 -74.41 -73.37
N TYR M 95 43.38 -75.02 -73.42
CA TYR M 95 44.54 -74.37 -74.05
C TYR M 95 44.39 -74.52 -75.55
N TYR M 96 44.18 -75.76 -75.98
CA TYR M 96 43.92 -76.07 -77.38
C TYR M 96 42.42 -76.27 -77.60
N PRO M 97 41.97 -76.08 -78.85
CA PRO M 97 40.57 -76.27 -79.18
C PRO M 97 40.16 -77.74 -79.20
N PHE M 98 41.12 -78.65 -79.37
CA PHE M 98 40.85 -80.08 -79.27
C PHE M 98 42.10 -80.94 -79.41
N THR M 99 42.02 -82.15 -78.87
CA THR M 99 43.04 -83.18 -79.07
C THR M 99 42.38 -84.43 -79.62
N PHE M 100 43.18 -85.27 -80.24
CA PHE M 100 42.73 -86.57 -80.70
C PHE M 100 43.37 -87.64 -79.82
N GLY M 101 43.16 -88.90 -80.16
CA GLY M 101 43.80 -90.02 -79.47
C GLY M 101 44.86 -90.60 -80.37
N GLN M 102 45.48 -91.69 -79.94
CA GLN M 102 46.51 -92.35 -80.76
C GLN M 102 45.83 -93.23 -81.80
N GLY M 103 44.57 -93.59 -81.56
CA GLY M 103 43.75 -94.31 -82.54
C GLY M 103 43.78 -95.80 -82.34
N THR M 104 42.66 -96.46 -82.61
CA THR M 104 42.53 -97.90 -82.40
C THR M 104 42.35 -98.63 -83.73
N LYS M 105 43.28 -99.51 -84.08
CA LYS M 105 43.26 -100.23 -85.34
C LYS M 105 42.38 -101.47 -85.24
N VAL M 106 41.13 -101.34 -85.70
CA VAL M 106 40.22 -102.48 -85.75
C VAL M 106 40.50 -103.34 -86.96
N GLU M 107 40.66 -104.63 -86.70
CA GLU M 107 40.95 -105.65 -87.68
C GLU M 107 39.75 -106.56 -87.72
N ILE M 108 39.74 -107.46 -88.69
CA ILE M 108 38.71 -108.49 -88.76
C ILE M 108 39.33 -109.87 -88.64
N LYS M 109 38.66 -110.76 -87.89
CA LYS M 109 39.06 -112.16 -87.79
C LYS M 109 38.13 -113.00 -88.68
N ARG M 110 38.73 -113.83 -89.52
CA ARG M 110 37.95 -114.70 -90.40
C ARG M 110 38.60 -116.09 -90.50
N THR M 111 38.01 -116.96 -91.31
CA THR M 111 38.52 -118.32 -91.49
C THR M 111 39.86 -118.32 -92.21
N VAL M 112 40.66 -119.35 -91.98
CA VAL M 112 41.97 -119.43 -92.62
C VAL M 112 41.79 -119.53 -94.13
N ALA M 113 42.50 -118.71 -94.89
CA ALA M 113 42.42 -118.73 -96.35
C ALA M 113 43.80 -118.74 -96.97
N ALA M 114 43.99 -119.61 -97.95
CA ALA M 114 45.31 -119.82 -98.54
C ALA M 114 45.51 -118.92 -99.76
N PRO M 115 46.74 -118.42 -99.95
CA PRO M 115 47.05 -117.55 -101.08
C PRO M 115 47.12 -118.26 -102.44
N SER M 116 46.61 -117.59 -103.47
CA SER M 116 46.93 -117.93 -104.84
C SER M 116 48.28 -117.27 -105.10
N VAL M 117 49.25 -118.06 -105.54
CA VAL M 117 50.63 -117.57 -105.72
C VAL M 117 50.97 -117.40 -107.20
N PHE M 118 51.60 -116.28 -107.51
CA PHE M 118 52.07 -115.98 -108.87
C PHE M 118 53.49 -115.46 -108.82
N ILE M 119 54.22 -115.62 -109.92
CA ILE M 119 55.57 -115.07 -110.02
C ILE M 119 55.77 -114.41 -111.37
N PHE M 120 56.42 -113.25 -111.37
CA PHE M 120 56.61 -112.46 -112.57
C PHE M 120 58.08 -112.21 -112.86
N PRO M 121 58.53 -112.55 -114.08
CA PRO M 121 59.90 -112.28 -114.46
C PRO M 121 60.06 -110.81 -114.81
N PRO M 122 61.32 -110.30 -114.83
CA PRO M 122 61.53 -108.91 -115.21
C PRO M 122 61.15 -108.64 -116.66
N SER M 123 60.70 -107.43 -116.94
CA SER M 123 60.34 -107.03 -118.29
C SER M 123 61.58 -106.88 -119.16
N ASP M 124 61.46 -107.24 -120.43
CA ASP M 124 62.54 -107.02 -121.38
C ASP M 124 62.85 -105.53 -121.50
N GLU M 125 61.84 -104.69 -121.33
CA GLU M 125 62.02 -103.25 -121.31
C GLU M 125 62.84 -102.80 -120.09
N GLN M 126 62.68 -103.48 -118.96
CA GLN M 126 63.44 -103.17 -117.76
C GLN M 126 64.90 -103.58 -117.90
N LEU M 127 65.14 -104.73 -118.51
CA LEU M 127 66.51 -105.23 -118.73
C LEU M 127 67.38 -104.26 -119.55
N LYS M 128 66.74 -103.49 -120.43
CA LYS M 128 67.46 -102.45 -121.18
C LYS M 128 68.11 -101.43 -120.26
N SER M 129 67.40 -101.01 -119.21
CA SER M 129 67.86 -99.95 -118.31
C SER M 129 68.98 -100.39 -117.36
N GLY M 130 69.16 -101.70 -117.21
CA GLY M 130 70.27 -102.24 -116.43
C GLY M 130 69.89 -102.89 -115.10
N THR M 131 68.60 -102.88 -114.76
CA THR M 131 68.12 -103.55 -113.55
C THR M 131 67.22 -104.72 -113.88
N ALA M 132 66.91 -105.53 -112.86
CA ALA M 132 66.03 -106.67 -113.00
C ALA M 132 65.25 -106.86 -111.71
N SER M 133 63.92 -106.76 -111.80
CA SER M 133 63.03 -106.95 -110.66
C SER M 133 62.12 -108.14 -110.86
N VAL M 134 62.23 -109.12 -109.97
CA VAL M 134 61.34 -110.27 -109.99
C VAL M 134 60.27 -110.03 -108.93
N VAL M 135 59.03 -110.37 -109.24
CA VAL M 135 57.90 -110.10 -108.34
C VAL M 135 57.15 -111.38 -108.01
N CYS M 136 57.10 -111.72 -106.73
CA CYS M 136 56.30 -112.84 -106.25
C CYS M 136 55.05 -112.27 -105.64
N LEU M 137 53.90 -112.72 -106.12
CA LEU M 137 52.60 -112.17 -105.71
C LEU M 137 51.79 -113.19 -104.91
N LEU M 138 51.45 -112.84 -103.67
CA LEU M 138 50.53 -113.63 -102.85
C LEU M 138 49.20 -112.90 -102.82
N ASN M 139 48.13 -113.62 -103.17
CA ASN M 139 46.83 -112.98 -103.37
C ASN M 139 45.73 -113.56 -102.49
N ASN M 140 44.97 -112.69 -101.84
CA ASN M 140 43.76 -113.06 -101.08
C ASN M 140 43.95 -114.19 -100.09
N PHE M 141 44.68 -113.90 -99.01
CA PHE M 141 44.99 -114.88 -97.98
C PHE M 141 44.77 -114.31 -96.57
N TYR M 142 44.46 -115.19 -95.63
CA TYR M 142 44.38 -114.81 -94.22
C TYR M 142 44.97 -115.93 -93.37
N PRO M 143 45.70 -115.58 -92.29
CA PRO M 143 46.04 -114.25 -91.78
C PRO M 143 47.19 -113.56 -92.52
N ARG M 144 47.55 -112.37 -92.07
CA ARG M 144 48.63 -111.60 -92.70
C ARG M 144 49.99 -112.29 -92.57
N GLU M 145 50.19 -112.95 -91.42
CA GLU M 145 51.44 -113.64 -91.12
C GLU M 145 51.78 -114.67 -92.19
N ALA M 146 52.60 -114.26 -93.16
CA ALA M 146 53.09 -115.15 -94.21
C ALA M 146 54.57 -114.91 -94.45
N LYS M 147 55.30 -115.99 -94.74
CA LYS M 147 56.73 -115.94 -94.99
C LYS M 147 57.05 -116.30 -96.43
N VAL M 148 57.62 -115.35 -97.17
CA VAL M 148 58.07 -115.58 -98.53
C VAL M 148 59.60 -115.63 -98.54
N GLN M 149 60.16 -116.61 -99.25
CA GLN M 149 61.60 -116.75 -99.37
C GLN M 149 61.99 -117.06 -100.81
N TRP M 150 63.00 -116.34 -101.32
CA TRP M 150 63.42 -116.46 -102.71
C TRP M 150 64.52 -117.48 -102.91
N LYS M 151 64.52 -118.14 -104.06
CA LYS M 151 65.56 -119.11 -104.41
C LYS M 151 66.07 -118.88 -105.83
N VAL M 152 67.33 -118.46 -105.93
CA VAL M 152 68.03 -118.34 -107.21
C VAL M 152 68.99 -119.54 -107.35
N ASP M 153 68.62 -120.50 -108.20
CA ASP M 153 69.37 -121.76 -108.35
C ASP M 153 69.55 -122.46 -106.99
N ASN M 154 68.44 -122.68 -106.31
CA ASN M 154 68.40 -123.31 -104.98
C ASN M 154 69.29 -122.65 -103.92
N ALA M 155 69.48 -121.34 -104.04
CA ALA M 155 70.22 -120.54 -103.06
C ALA M 155 69.28 -119.54 -102.40
N LEU M 156 69.23 -119.55 -101.06
CA LEU M 156 68.42 -118.57 -100.32
C LEU M 156 68.91 -117.15 -100.62
N GLN M 157 68.18 -116.15 -100.13
CA GLN M 157 68.50 -114.76 -100.42
C GLN M 157 68.51 -113.90 -99.17
N SER M 158 69.22 -112.77 -99.23
CA SER M 158 69.44 -111.91 -98.08
C SER M 158 69.13 -110.46 -98.46
N GLY M 159 68.33 -109.79 -97.63
CA GLY M 159 68.05 -108.34 -97.74
C GLY M 159 68.18 -107.69 -99.11
N ASN M 160 67.81 -108.40 -100.16
CA ASN M 160 67.79 -107.88 -101.52
C ASN M 160 66.38 -107.94 -102.11
N SER M 161 65.40 -108.05 -101.22
CA SER M 161 64.00 -108.20 -101.57
C SER M 161 63.16 -107.50 -100.53
N GLN M 162 62.09 -106.83 -100.98
CA GLN M 162 61.22 -106.08 -100.08
C GLN M 162 59.75 -106.49 -100.25
N GLU M 163 59.02 -106.50 -99.13
CA GLU M 163 57.62 -106.91 -99.10
C GLU M 163 56.71 -105.69 -98.94
N SER M 164 55.61 -105.72 -99.66
CA SER M 164 54.54 -104.75 -99.47
C SER M 164 53.25 -105.51 -99.28
N VAL M 165 52.46 -105.12 -98.28
CA VAL M 165 51.23 -105.85 -97.95
C VAL M 165 50.01 -104.97 -98.09
N THR M 166 49.02 -105.48 -98.84
CA THR M 166 47.71 -104.87 -98.96
C THR M 166 47.11 -104.66 -97.58
N GLU M 167 46.25 -103.67 -97.47
CA GLU M 167 45.53 -103.42 -96.24
C GLU M 167 44.25 -104.27 -96.25
N GLN M 168 43.83 -104.76 -95.08
CA GLN M 168 42.74 -105.74 -95.00
C GLN M 168 41.54 -105.33 -95.86
N ASP M 169 41.04 -106.27 -96.66
CA ASP M 169 39.95 -106.00 -97.59
C ASP M 169 38.64 -105.71 -96.87
N SER M 170 37.83 -104.82 -97.44
CA SER M 170 36.58 -104.40 -96.83
C SER M 170 35.43 -105.39 -97.01
N LYS M 171 35.49 -106.20 -98.08
CA LYS M 171 34.45 -107.22 -98.32
C LYS M 171 34.74 -108.56 -97.64
N ASP M 172 35.79 -109.26 -98.07
CA ASP M 172 36.09 -110.62 -97.55
C ASP M 172 37.15 -110.66 -96.43
N SER M 173 37.82 -109.53 -96.19
CA SER M 173 38.78 -109.38 -95.08
C SER M 173 40.09 -110.17 -95.25
N THR M 174 40.44 -110.48 -96.50
CA THR M 174 41.71 -111.13 -96.80
C THR M 174 42.80 -110.10 -97.07
N TYR M 175 44.04 -110.58 -97.10
CA TYR M 175 45.19 -109.75 -97.44
C TYR M 175 45.80 -110.21 -98.75
N SER M 176 46.63 -109.35 -99.32
CA SER M 176 47.45 -109.67 -100.48
C SER M 176 48.85 -109.10 -100.24
N LEU M 177 49.84 -109.66 -100.94
CA LEU M 177 51.24 -109.33 -100.63
C LEU M 177 52.13 -109.48 -101.87
N SER M 178 53.03 -108.53 -102.05
CA SER M 178 54.03 -108.61 -103.12
C SER M 178 55.43 -108.62 -102.52
N SER M 179 56.26 -109.56 -102.97
CA SER M 179 57.67 -109.59 -102.62
C SER M 179 58.45 -109.28 -103.88
N THR M 180 59.37 -108.33 -103.80
CA THR M 180 60.07 -107.81 -104.98
C THR M 180 61.57 -108.05 -104.90
N LEU M 181 62.06 -109.05 -105.63
CA LEU M 181 63.48 -109.38 -105.66
C LEU M 181 64.19 -108.54 -106.70
N THR M 182 65.06 -107.64 -106.24
CA THR M 182 65.75 -106.70 -107.12
C THR M 182 67.21 -107.12 -107.32
N LEU M 183 67.64 -107.15 -108.58
CA LEU M 183 69.02 -107.49 -108.95
C LEU M 183 69.49 -106.62 -110.11
N SER M 184 70.78 -106.71 -110.42
CA SER M 184 71.33 -106.06 -111.61
C SER M 184 71.12 -106.95 -112.82
N LYS M 185 71.20 -106.37 -114.02
CA LYS M 185 71.03 -107.14 -115.25
C LYS M 185 72.10 -108.21 -115.35
N ALA M 186 73.34 -107.86 -114.99
CA ALA M 186 74.47 -108.77 -115.05
C ALA M 186 74.33 -109.94 -114.09
N ASP M 187 73.94 -109.63 -112.85
CA ASP M 187 73.75 -110.67 -111.82
C ASP M 187 72.56 -111.57 -112.16
N TYR M 188 71.51 -110.96 -112.71
CA TYR M 188 70.33 -111.72 -113.18
C TYR M 188 70.68 -112.64 -114.34
N GLU M 189 71.56 -112.17 -115.22
CA GLU M 189 71.94 -112.92 -116.44
C GLU M 189 72.91 -114.07 -116.17
N LYS M 190 73.30 -114.29 -114.92
CA LYS M 190 74.25 -115.35 -114.58
C LYS M 190 73.59 -116.51 -113.82
N HIS M 191 72.26 -116.57 -113.82
CA HIS M 191 71.52 -117.66 -113.17
C HIS M 191 70.29 -118.03 -113.98
N LYS M 192 69.84 -119.28 -113.87
CA LYS M 192 68.76 -119.80 -114.72
C LYS M 192 67.42 -119.98 -114.01
N VAL M 193 67.43 -120.55 -112.80
CA VAL M 193 66.21 -120.85 -112.05
C VAL M 193 65.92 -119.76 -111.02
N TYR M 194 64.77 -119.12 -111.15
CA TYR M 194 64.27 -118.17 -110.14
C TYR M 194 62.99 -118.70 -109.54
N ALA M 195 62.88 -118.62 -108.21
CA ALA M 195 61.76 -119.24 -107.51
C ALA M 195 61.48 -118.53 -106.20
N CYS M 196 60.20 -118.37 -105.88
CA CYS M 196 59.79 -117.90 -104.56
C CYS M 196 59.00 -119.00 -103.85
N GLU M 197 59.33 -119.21 -102.58
CA GLU M 197 58.80 -120.31 -101.79
C GLU M 197 57.88 -119.74 -100.72
N VAL M 198 56.58 -120.00 -100.86
CA VAL M 198 55.58 -119.43 -99.97
C VAL M 198 55.24 -120.39 -98.84
N THR M 199 55.33 -119.87 -97.62
CA THR M 199 55.02 -120.64 -96.42
C THR M 199 53.88 -119.96 -95.69
N HIS M 200 52.74 -120.65 -95.58
CA HIS M 200 51.54 -120.06 -94.98
C HIS M 200 50.78 -121.06 -94.13
N GLN M 201 50.10 -120.55 -93.11
CA GLN M 201 49.22 -121.34 -92.25
C GLN M 201 48.12 -122.04 -93.04
N GLY M 202 47.73 -121.44 -94.16
CA GLY M 202 46.66 -121.96 -95.01
C GLY M 202 46.98 -123.27 -95.70
N LEU M 203 47.84 -123.22 -96.71
CA LEU M 203 48.25 -124.44 -97.41
C LEU M 203 49.09 -125.34 -96.51
N SER M 204 48.99 -126.65 -96.77
CA SER M 204 49.68 -127.66 -95.96
C SER M 204 51.14 -127.82 -96.37
N SER M 205 51.39 -127.82 -97.68
CA SER M 205 52.71 -128.04 -98.25
C SER M 205 53.26 -126.74 -98.84
N PRO M 206 54.31 -126.15 -98.21
CA PRO M 206 54.90 -124.92 -98.71
C PRO M 206 55.00 -124.91 -100.23
N VAL M 207 54.13 -124.15 -100.88
CA VAL M 207 54.05 -124.13 -102.33
C VAL M 207 55.18 -123.28 -102.90
N THR M 208 55.73 -123.74 -104.02
CA THR M 208 56.82 -123.06 -104.70
C THR M 208 56.41 -122.78 -106.14
N LYS M 209 56.75 -121.59 -106.62
CA LYS M 209 56.47 -121.20 -108.00
C LYS M 209 57.77 -120.66 -108.60
N SER M 210 58.06 -121.03 -109.85
CA SER M 210 59.37 -120.75 -110.44
C SER M 210 59.35 -120.63 -111.97
N PHE M 211 60.43 -120.07 -112.52
CA PHE M 211 60.57 -119.92 -113.97
C PHE M 211 62.04 -119.97 -114.42
N ASN M 212 62.23 -120.21 -115.72
CA ASN M 212 63.55 -120.24 -116.35
C ASN M 212 63.63 -119.23 -117.48
N ARG M 213 64.69 -118.42 -117.50
CA ARG M 213 64.86 -117.40 -118.54
C ARG M 213 65.36 -118.01 -119.84
N GLU N 1 24.44 -80.71 -101.51
CA GLU N 1 25.52 -81.74 -101.34
C GLU N 1 26.81 -81.04 -100.89
N VAL N 2 27.24 -81.34 -99.66
CA VAL N 2 28.40 -80.69 -99.06
C VAL N 2 29.69 -81.40 -99.44
N GLN N 3 30.72 -80.63 -99.81
CA GLN N 3 32.05 -81.20 -99.97
C GLN N 3 33.16 -80.15 -99.83
N LEU N 4 34.28 -80.58 -99.26
CA LEU N 4 35.49 -79.77 -99.16
C LEU N 4 36.54 -80.37 -100.07
N VAL N 5 37.28 -79.51 -100.76
CA VAL N 5 38.31 -79.95 -101.71
C VAL N 5 39.60 -79.16 -101.45
N GLU N 6 40.69 -79.89 -101.26
CA GLU N 6 41.98 -79.27 -101.00
C GLU N 6 42.89 -79.37 -102.21
N SER N 7 43.90 -78.51 -102.23
CA SER N 7 44.86 -78.46 -103.34
C SER N 7 46.14 -77.73 -102.96
N GLY N 8 47.18 -77.92 -103.75
CA GLY N 8 48.42 -77.15 -103.61
C GLY N 8 49.55 -77.80 -102.85
N GLY N 9 49.32 -79.00 -102.33
CA GLY N 9 50.36 -79.76 -101.64
C GLY N 9 51.39 -80.30 -102.61
N GLY N 10 52.57 -80.65 -102.10
CA GLY N 10 53.63 -81.20 -102.95
C GLY N 10 55.00 -81.20 -102.30
N LEU N 11 56.04 -81.12 -103.13
CA LEU N 11 57.43 -81.15 -102.66
C LEU N 11 57.94 -79.75 -102.41
N VAL N 12 58.59 -79.54 -101.26
CA VAL N 12 59.21 -78.24 -100.97
C VAL N 12 60.50 -78.36 -100.18
N GLN N 13 61.48 -77.54 -100.55
CA GLN N 13 62.77 -77.50 -99.87
C GLN N 13 62.57 -76.92 -98.46
N PRO N 14 63.27 -77.47 -97.46
CA PRO N 14 63.22 -76.88 -96.11
C PRO N 14 63.46 -75.38 -96.12
N GLY N 15 62.78 -74.67 -95.22
CA GLY N 15 62.78 -73.21 -95.20
C GLY N 15 61.91 -72.58 -96.29
N GLY N 16 61.28 -73.41 -97.11
CA GLY N 16 60.46 -72.93 -98.22
C GLY N 16 59.03 -72.61 -97.83
N SER N 17 58.30 -72.00 -98.75
CA SER N 17 56.88 -71.70 -98.57
C SER N 17 56.02 -72.62 -99.40
N LEU N 18 54.74 -72.67 -99.05
CA LEU N 18 53.80 -73.57 -99.66
C LEU N 18 52.40 -73.15 -99.23
N ARG N 19 51.47 -73.08 -100.18
CA ARG N 19 50.14 -72.54 -99.92
C ARG N 19 49.05 -73.59 -100.21
N LEU N 20 48.18 -73.82 -99.24
CA LEU N 20 47.11 -74.81 -99.37
C LEU N 20 45.78 -74.12 -99.49
N SER N 21 44.91 -74.66 -100.35
CA SER N 21 43.60 -74.08 -100.64
C SER N 21 42.51 -75.09 -100.36
N CYS N 22 41.53 -74.69 -99.56
CA CYS N 22 40.39 -75.54 -99.22
C CYS N 22 39.10 -74.95 -99.81
N ALA N 23 38.54 -75.60 -100.82
CA ALA N 23 37.46 -75.04 -101.61
C ALA N 23 36.09 -75.63 -101.25
N ALA N 24 35.27 -74.84 -100.56
CA ALA N 24 33.97 -75.30 -100.04
C ALA N 24 32.89 -75.31 -101.11
N SER N 25 31.95 -76.25 -100.97
CA SER N 25 30.83 -76.39 -101.90
C SER N 25 29.61 -76.95 -101.17
N GLY N 26 28.47 -76.26 -101.29
CA GLY N 26 27.21 -76.76 -100.75
C GLY N 26 26.83 -76.18 -99.40
N PHE N 27 27.52 -75.12 -98.96
CA PHE N 27 27.13 -74.41 -97.74
C PHE N 27 27.75 -73.03 -97.73
N ASN N 28 27.11 -72.09 -97.03
CA ASN N 28 27.64 -70.73 -96.94
C ASN N 28 28.87 -70.71 -96.06
N PHE N 29 30.03 -70.69 -96.72
CA PHE N 29 31.34 -70.66 -96.07
C PHE N 29 31.52 -69.40 -95.21
N SER N 30 30.71 -68.37 -95.48
CA SER N 30 30.65 -67.16 -94.66
C SER N 30 30.04 -67.41 -93.29
N SER N 31 28.94 -68.16 -93.27
CA SER N 31 28.18 -68.44 -92.05
C SER N 31 28.63 -69.74 -91.33
N SER N 32 29.91 -70.09 -91.47
CA SER N 32 30.47 -71.28 -90.82
C SER N 32 31.98 -71.10 -90.61
N SER N 33 32.67 -72.19 -90.27
CA SER N 33 34.09 -72.14 -89.93
C SER N 33 34.87 -73.44 -90.28
N ILE N 34 36.19 -73.32 -90.40
CA ILE N 34 37.05 -74.36 -90.93
C ILE N 34 38.23 -74.64 -90.01
N HIS N 35 38.53 -75.92 -89.82
CA HIS N 35 39.74 -76.36 -89.16
C HIS N 35 40.72 -76.87 -90.18
N TRP N 36 42.02 -76.73 -89.89
CA TRP N 36 43.07 -77.46 -90.58
C TRP N 36 43.64 -78.47 -89.61
N VAL N 37 43.75 -79.71 -90.07
CA VAL N 37 44.27 -80.79 -89.25
C VAL N 37 45.28 -81.51 -90.12
N ARG N 38 46.40 -81.91 -89.53
CA ARG N 38 47.40 -82.66 -90.29
C ARG N 38 47.68 -84.02 -89.65
N GLN N 39 48.16 -84.94 -90.46
CA GLN N 39 48.41 -86.28 -90.00
C GLN N 39 49.68 -86.80 -90.65
N ALA N 40 50.75 -86.90 -89.85
CA ALA N 40 52.04 -87.37 -90.33
C ALA N 40 51.98 -88.87 -90.67
N PRO N 41 52.76 -89.34 -91.66
CA PRO N 41 52.72 -90.74 -92.08
C PRO N 41 52.83 -91.71 -90.90
N GLY N 42 51.82 -92.57 -90.72
CA GLY N 42 51.79 -93.53 -89.62
C GLY N 42 51.20 -92.98 -88.33
N LYS N 43 51.63 -91.76 -87.96
CA LYS N 43 51.16 -91.06 -86.76
C LYS N 43 49.67 -90.66 -86.86
N GLY N 44 49.08 -90.26 -85.74
CA GLY N 44 47.68 -89.81 -85.68
C GLY N 44 47.44 -88.35 -86.03
N LEU N 45 46.27 -87.85 -85.64
CA LEU N 45 45.78 -86.52 -86.05
C LEU N 45 46.23 -85.42 -85.10
N GLU N 46 46.57 -84.27 -85.67
CA GLU N 46 47.07 -83.13 -84.92
C GLU N 46 46.48 -81.82 -85.44
N TRP N 47 46.00 -80.98 -84.53
CA TRP N 47 45.43 -79.69 -84.92
C TRP N 47 46.53 -78.73 -85.39
N VAL N 48 46.27 -78.04 -86.48
CA VAL N 48 47.19 -77.04 -87.00
C VAL N 48 46.67 -75.65 -86.68
N ALA N 49 45.52 -75.31 -87.25
CA ALA N 49 44.97 -73.97 -87.10
C ALA N 49 43.49 -73.91 -87.46
N TYR N 50 42.85 -72.79 -87.10
CA TYR N 50 41.39 -72.60 -87.20
C TYR N 50 41.04 -71.19 -87.63
N ILE N 51 39.97 -71.07 -88.43
CA ILE N 51 39.45 -69.76 -88.84
C ILE N 51 37.92 -69.72 -88.80
N TYR N 52 37.40 -68.55 -88.44
CA TYR N 52 35.97 -68.28 -88.41
C TYR N 52 35.73 -66.96 -89.13
N PRO N 53 35.60 -67.00 -90.47
CA PRO N 53 35.61 -65.77 -91.28
C PRO N 53 34.64 -64.69 -90.82
N SER N 54 33.45 -65.09 -90.38
CA SER N 54 32.43 -64.11 -89.98
C SER N 54 32.93 -63.08 -88.95
N TYR N 55 33.73 -63.51 -87.98
CA TYR N 55 34.26 -62.61 -86.95
C TYR N 55 35.76 -62.36 -87.09
N SER N 56 36.30 -62.63 -88.27
CA SER N 56 37.74 -62.53 -88.51
C SER N 56 38.55 -63.00 -87.31
N TYR N 57 38.17 -64.16 -86.77
CA TYR N 57 38.92 -64.81 -85.71
C TYR N 57 39.76 -65.92 -86.31
N THR N 58 40.98 -66.02 -85.83
CA THR N 58 41.89 -67.05 -86.29
C THR N 58 42.77 -67.49 -85.11
N SER N 59 43.08 -68.79 -85.06
CA SER N 59 43.95 -69.30 -84.01
C SER N 59 44.83 -70.45 -84.53
N TYR N 60 46.05 -70.53 -84.01
CA TYR N 60 47.05 -71.47 -84.48
C TYR N 60 47.61 -72.32 -83.36
N ALA N 61 48.14 -73.49 -83.72
CA ALA N 61 48.81 -74.38 -82.77
C ALA N 61 50.24 -73.89 -82.53
N ASP N 62 50.71 -74.02 -81.29
CA ASP N 62 52.03 -73.53 -80.88
C ASP N 62 53.14 -73.89 -81.86
N SER N 63 53.21 -75.18 -82.23
CA SER N 63 54.24 -75.69 -83.14
C SER N 63 54.24 -75.00 -84.51
N VAL N 64 53.16 -74.29 -84.82
CA VAL N 64 53.01 -73.61 -86.09
C VAL N 64 52.98 -72.08 -85.94
N LYS N 65 52.48 -71.59 -84.80
CA LYS N 65 52.26 -70.16 -84.59
C LYS N 65 53.46 -69.33 -85.03
N GLY N 66 53.18 -68.29 -85.81
CA GLY N 66 54.23 -67.41 -86.34
C GLY N 66 54.69 -67.75 -87.75
N ARG N 67 54.57 -69.02 -88.13
CA ARG N 67 55.07 -69.50 -89.41
C ARG N 67 53.97 -69.67 -90.45
N PHE N 68 52.81 -70.20 -90.02
CA PHE N 68 51.65 -70.36 -90.92
C PHE N 68 50.70 -69.18 -90.80
N THR N 69 49.76 -69.08 -91.74
CA THR N 69 48.76 -68.00 -91.75
C THR N 69 47.46 -68.46 -92.42
N ILE N 70 46.39 -68.60 -91.66
CA ILE N 70 45.09 -68.92 -92.26
C ILE N 70 44.42 -67.66 -92.76
N SER N 71 43.87 -67.77 -93.96
CA SER N 71 43.01 -66.73 -94.51
C SER N 71 41.78 -67.36 -95.15
N ALA N 72 40.85 -66.52 -95.59
CA ALA N 72 39.65 -67.00 -96.25
C ALA N 72 39.08 -65.94 -97.17
N ASP N 73 38.87 -66.31 -98.43
CA ASP N 73 38.21 -65.45 -99.40
C ASP N 73 36.73 -65.86 -99.47
N THR N 74 35.91 -65.17 -98.68
CA THR N 74 34.48 -65.45 -98.59
C THR N 74 33.79 -65.43 -99.96
N SER N 75 34.22 -64.49 -100.81
CA SER N 75 33.74 -64.41 -102.19
C SER N 75 33.90 -65.74 -102.92
N LYS N 76 35.13 -66.26 -102.91
CA LYS N 76 35.45 -67.51 -103.60
C LYS N 76 34.93 -68.76 -102.87
N ASN N 77 34.46 -68.59 -101.63
CA ASN N 77 33.95 -69.69 -100.82
C ASN N 77 35.10 -70.66 -100.52
N THR N 78 36.26 -70.09 -100.17
CA THR N 78 37.53 -70.82 -100.08
C THR N 78 38.36 -70.40 -98.86
N ALA N 79 38.98 -71.36 -98.20
CA ALA N 79 39.93 -71.12 -97.10
C ALA N 79 41.33 -71.46 -97.56
N TYR N 80 42.32 -70.73 -97.02
CA TYR N 80 43.71 -70.91 -97.42
C TYR N 80 44.59 -71.10 -96.20
N LEU N 81 45.60 -71.95 -96.33
CA LEU N 81 46.63 -72.06 -95.31
C LEU N 81 47.98 -71.76 -95.94
N GLN N 82 48.56 -70.64 -95.56
CA GLN N 82 49.86 -70.23 -96.07
C GLN N 82 50.93 -70.72 -95.11
N MET N 83 51.80 -71.61 -95.60
CA MET N 83 52.81 -72.23 -94.77
C MET N 83 54.21 -71.74 -95.18
N ASN N 84 54.84 -70.97 -94.30
CA ASN N 84 56.19 -70.47 -94.53
C ASN N 84 57.18 -71.17 -93.62
N SER N 85 58.42 -71.29 -94.11
CA SER N 85 59.55 -71.78 -93.31
C SER N 85 59.36 -73.24 -92.88
N LEU N 86 59.04 -74.08 -93.84
CA LEU N 86 58.67 -75.46 -93.57
C LEU N 86 59.84 -76.31 -93.10
N ARG N 87 59.57 -77.22 -92.17
CA ARG N 87 60.59 -78.09 -91.61
C ARG N 87 60.31 -79.55 -91.96
N ALA N 88 61.21 -80.45 -91.58
CA ALA N 88 61.04 -81.86 -91.86
C ALA N 88 59.82 -82.44 -91.15
N GLU N 89 59.57 -82.01 -89.92
CA GLU N 89 58.41 -82.47 -89.17
C GLU N 89 57.08 -82.02 -89.78
N ASP N 90 57.10 -80.92 -90.54
CA ASP N 90 55.87 -80.43 -91.19
C ASP N 90 55.39 -81.33 -92.34
N THR N 91 56.20 -82.31 -92.73
CA THR N 91 55.76 -83.32 -93.68
C THR N 91 54.58 -84.08 -93.10
N ALA N 92 53.44 -84.03 -93.78
CA ALA N 92 52.21 -84.65 -93.30
C ALA N 92 51.12 -84.63 -94.36
N VAL N 93 49.95 -85.18 -94.03
CA VAL N 93 48.76 -85.05 -94.87
C VAL N 93 47.87 -84.00 -94.24
N TYR N 94 47.52 -82.97 -95.01
CA TYR N 94 46.78 -81.82 -94.49
C TYR N 94 45.30 -81.87 -94.87
N TYR N 95 44.45 -81.95 -93.85
CA TYR N 95 43.01 -81.97 -94.04
C TYR N 95 42.44 -80.64 -93.57
N CYS N 96 41.49 -80.11 -94.34
CA CYS N 96 40.60 -79.07 -93.83
C CYS N 96 39.27 -79.75 -93.57
N ALA N 97 38.61 -79.35 -92.50
CA ALA N 97 37.33 -79.94 -92.12
C ALA N 97 36.45 -78.88 -91.52
N ARG N 98 35.19 -78.88 -91.90
CA ARG N 98 34.25 -77.85 -91.42
C ARG N 98 33.73 -78.25 -90.06
N TYR N 99 33.30 -77.25 -89.30
CA TYR N 99 33.16 -77.36 -87.86
C TYR N 99 31.73 -77.68 -87.47
N TYR N 100 31.55 -78.66 -86.58
CA TYR N 100 30.23 -79.13 -86.15
C TYR N 100 29.87 -78.53 -84.78
N GLY N 101 28.74 -78.96 -84.21
CA GLY N 101 28.21 -78.36 -82.99
C GLY N 101 29.19 -78.32 -81.85
N THR N 102 29.45 -77.11 -81.34
CA THR N 102 30.29 -76.90 -80.15
C THR N 102 31.70 -77.51 -80.21
N GLY N 103 32.20 -77.75 -81.42
CA GLY N 103 33.46 -78.50 -81.63
C GLY N 103 33.22 -79.63 -82.61
N ALA N 104 34.21 -80.47 -82.83
CA ALA N 104 34.08 -81.61 -83.75
C ALA N 104 33.95 -81.19 -85.20
N MET N 105 34.28 -82.11 -86.10
CA MET N 105 34.31 -81.84 -87.53
C MET N 105 33.48 -82.89 -88.22
N ASP N 106 32.55 -82.48 -89.07
CA ASP N 106 31.64 -83.42 -89.72
C ASP N 106 32.04 -83.75 -91.16
N TYR N 107 32.40 -82.74 -91.94
CA TYR N 107 32.83 -82.95 -93.32
C TYR N 107 34.30 -82.62 -93.47
N TRP N 108 35.08 -83.58 -93.95
CA TRP N 108 36.52 -83.44 -94.14
C TRP N 108 36.88 -83.47 -95.61
N GLY N 109 37.95 -82.79 -95.98
CA GLY N 109 38.45 -82.85 -97.35
C GLY N 109 39.23 -84.12 -97.61
N GLN N 110 39.42 -84.44 -98.88
CA GLN N 110 40.17 -85.64 -99.27
C GLN N 110 41.61 -85.64 -98.74
N GLY N 111 42.17 -84.44 -98.56
CA GLY N 111 43.48 -84.27 -97.92
C GLY N 111 44.60 -84.21 -98.91
N THR N 112 45.48 -83.22 -98.77
CA THR N 112 46.66 -83.10 -99.63
C THR N 112 47.94 -83.45 -98.89
N LEU N 113 48.90 -84.01 -99.62
CA LEU N 113 50.16 -84.49 -99.04
C LEU N 113 51.25 -83.45 -99.23
N VAL N 114 51.70 -82.87 -98.13
CA VAL N 114 52.81 -81.92 -98.14
C VAL N 114 54.06 -82.64 -97.66
N THR N 115 55.07 -82.70 -98.50
CA THR N 115 56.28 -83.45 -98.20
C THR N 115 57.51 -82.56 -98.27
N VAL N 116 58.06 -82.22 -97.11
CA VAL N 116 59.22 -81.36 -97.01
C VAL N 116 60.49 -82.20 -97.10
N SER N 117 61.25 -81.98 -98.16
CA SER N 117 62.52 -82.66 -98.37
C SER N 117 63.37 -81.90 -99.38
N SER N 118 64.69 -82.04 -99.24
CA SER N 118 65.64 -81.39 -100.13
C SER N 118 65.86 -82.18 -101.42
N ALA N 119 65.31 -83.40 -101.49
CA ALA N 119 65.56 -84.31 -102.60
C ALA N 119 64.97 -83.85 -103.93
N SER N 120 65.44 -84.48 -105.00
CA SER N 120 65.01 -84.15 -106.37
C SER N 120 63.66 -84.78 -106.69
N THR N 121 63.03 -84.33 -107.77
CA THR N 121 61.80 -84.91 -108.26
C THR N 121 62.11 -85.92 -109.35
N LYS N 122 61.56 -87.12 -109.24
CA LYS N 122 61.71 -88.15 -110.27
C LYS N 122 60.36 -88.72 -110.69
N GLY N 123 60.15 -88.78 -111.99
CA GLY N 123 58.98 -89.46 -112.56
C GLY N 123 59.26 -90.94 -112.65
N PRO N 124 58.19 -91.77 -112.57
CA PRO N 124 58.37 -93.22 -112.57
C PRO N 124 58.60 -93.81 -113.94
N SER N 125 59.36 -94.91 -113.98
CA SER N 125 59.40 -95.78 -115.14
C SER N 125 58.35 -96.86 -114.92
N VAL N 126 57.58 -97.18 -115.96
CA VAL N 126 56.48 -98.14 -115.83
C VAL N 126 56.72 -99.37 -116.70
N PHE N 127 56.82 -100.52 -116.04
CA PHE N 127 57.07 -101.80 -116.71
C PHE N 127 55.91 -102.74 -116.47
N PRO N 128 55.49 -103.47 -117.52
CA PRO N 128 54.34 -104.38 -117.41
C PRO N 128 54.69 -105.70 -116.73
N LEU N 129 53.79 -106.18 -115.86
CA LEU N 129 53.88 -107.52 -115.31
C LEU N 129 52.99 -108.44 -116.12
N ALA N 130 53.58 -109.09 -117.12
CA ALA N 130 52.83 -109.88 -118.09
C ALA N 130 52.43 -111.25 -117.52
N PRO N 131 51.20 -111.71 -117.82
CA PRO N 131 50.70 -112.97 -117.31
C PRO N 131 51.35 -114.17 -118.02
N SER N 132 51.20 -115.35 -117.43
CA SER N 132 51.76 -116.58 -117.99
C SER N 132 50.63 -117.52 -118.43
N SER N 133 50.62 -118.76 -117.92
CA SER N 133 49.59 -119.75 -118.26
C SER N 133 48.76 -120.08 -117.03
N GLY N 139 43.03 -121.45 -115.33
CA GLY N 139 41.83 -121.09 -114.57
C GLY N 139 41.68 -119.59 -114.38
N THR N 140 42.52 -119.02 -113.51
CA THR N 140 42.55 -117.58 -113.25
C THR N 140 43.95 -117.02 -113.55
N ALA N 141 44.00 -115.94 -114.32
CA ALA N 141 45.27 -115.32 -114.71
C ALA N 141 45.46 -113.99 -113.99
N ALA N 142 46.70 -113.72 -113.57
CA ALA N 142 47.05 -112.45 -112.92
C ALA N 142 48.00 -111.65 -113.81
N LEU N 143 47.87 -110.33 -113.76
CA LEU N 143 48.77 -109.43 -114.48
C LEU N 143 48.79 -108.07 -113.80
N GLY N 144 49.74 -107.22 -114.17
CA GLY N 144 49.88 -105.94 -113.49
C GLY N 144 50.88 -104.96 -114.06
N CYS N 145 51.10 -103.89 -113.30
CA CYS N 145 52.05 -102.85 -113.65
C CYS N 145 53.05 -102.66 -112.52
N LEU N 146 54.31 -102.50 -112.90
CA LEU N 146 55.35 -102.14 -111.96
C LEU N 146 55.65 -100.66 -112.17
N VAL N 147 55.47 -99.86 -111.13
CA VAL N 147 55.73 -98.43 -111.19
C VAL N 147 56.97 -98.13 -110.35
N LYS N 148 58.14 -98.17 -110.99
CA LYS N 148 59.41 -98.16 -110.26
C LYS N 148 60.13 -96.81 -110.29
N ASP N 149 60.82 -96.51 -109.19
CA ASP N 149 61.74 -95.39 -109.07
C ASP N 149 61.07 -94.03 -109.31
N TYR N 150 60.33 -93.55 -108.31
CA TYR N 150 59.73 -92.22 -108.37
C TYR N 150 59.80 -91.50 -107.02
N PHE N 151 59.63 -90.19 -107.04
CA PHE N 151 59.61 -89.40 -105.82
C PHE N 151 59.01 -88.04 -106.14
N PRO N 152 58.22 -87.47 -105.22
CA PRO N 152 57.77 -88.03 -103.96
C PRO N 152 56.45 -88.77 -104.15
N GLU N 153 55.82 -89.15 -103.04
CA GLU N 153 54.46 -89.65 -103.07
C GLU N 153 53.53 -88.52 -103.52
N PRO N 154 52.35 -88.86 -104.06
CA PRO N 154 51.81 -90.17 -104.34
C PRO N 154 51.78 -90.51 -105.82
N VAL N 155 51.52 -91.78 -106.11
CA VAL N 155 51.20 -92.23 -107.46
C VAL N 155 49.82 -92.85 -107.40
N THR N 156 48.98 -92.50 -108.38
CA THR N 156 47.65 -93.09 -108.51
C THR N 156 47.61 -94.00 -109.74
N VAL N 157 46.99 -95.16 -109.58
CA VAL N 157 46.89 -96.11 -110.67
C VAL N 157 45.44 -96.51 -110.85
N SER N 158 45.02 -96.60 -112.11
CA SER N 158 43.70 -97.13 -112.46
C SER N 158 43.82 -97.96 -113.73
N TRP N 159 42.91 -98.91 -113.90
CA TRP N 159 42.95 -99.81 -115.06
C TRP N 159 41.82 -99.50 -116.05
N ASN N 160 42.16 -99.44 -117.33
CA ASN N 160 41.21 -99.07 -118.40
C ASN N 160 40.40 -97.80 -118.10
N SER N 161 41.08 -96.78 -117.60
CA SER N 161 40.49 -95.46 -117.34
C SER N 161 39.40 -95.43 -116.26
N GLY N 162 39.38 -96.44 -115.39
CA GLY N 162 38.37 -96.56 -114.34
C GLY N 162 37.34 -97.66 -114.61
N ALA N 163 37.42 -98.26 -115.79
CA ALA N 163 36.44 -99.25 -116.24
C ALA N 163 36.60 -100.64 -115.60
N LEU N 164 37.62 -100.81 -114.76
CA LEU N 164 37.89 -102.09 -114.11
C LEU N 164 38.30 -101.88 -112.66
N THR N 165 37.57 -102.49 -111.73
CA THR N 165 37.90 -102.46 -110.30
C THR N 165 37.84 -103.83 -109.60
N SER N 166 37.15 -104.79 -110.22
CA SER N 166 37.02 -106.13 -109.65
C SER N 166 38.33 -106.90 -109.72
N GLY N 167 38.82 -107.31 -108.55
CA GLY N 167 40.05 -108.10 -108.46
C GLY N 167 41.33 -107.29 -108.67
N VAL N 168 41.27 -106.00 -108.36
CA VAL N 168 42.42 -105.10 -108.50
C VAL N 168 43.05 -104.82 -107.14
N HIS N 169 44.36 -104.95 -107.08
CA HIS N 169 45.12 -104.58 -105.89
C HIS N 169 46.25 -103.64 -106.28
N THR N 170 46.26 -102.45 -105.70
CA THR N 170 47.36 -101.52 -105.85
C THR N 170 48.09 -101.45 -104.52
N PHE N 171 49.29 -102.02 -104.49
CA PHE N 171 50.04 -102.15 -103.25
C PHE N 171 50.58 -100.82 -102.74
N PRO N 172 50.77 -100.70 -101.42
CA PRO N 172 51.42 -99.53 -100.86
C PRO N 172 52.82 -99.31 -101.41
N ALA N 173 53.24 -98.05 -101.48
CA ALA N 173 54.55 -97.71 -101.99
C ALA N 173 55.63 -98.19 -101.03
N VAL N 174 56.70 -98.74 -101.59
CA VAL N 174 57.85 -99.17 -100.82
C VAL N 174 58.97 -98.17 -101.01
N LEU N 175 59.69 -97.84 -99.94
CA LEU N 175 60.83 -96.94 -100.04
C LEU N 175 62.10 -97.77 -100.22
N GLN N 176 62.76 -97.59 -101.37
CA GLN N 176 63.97 -98.33 -101.68
C GLN N 176 65.21 -97.71 -101.03
N SER N 177 66.35 -98.41 -101.13
CA SER N 177 67.62 -97.91 -100.60
C SER N 177 68.08 -96.63 -101.32
N SER N 178 67.70 -96.49 -102.59
CA SER N 178 68.03 -95.30 -103.39
C SER N 178 67.30 -94.03 -102.94
N GLY N 179 66.35 -94.16 -102.02
CA GLY N 179 65.56 -93.02 -101.56
C GLY N 179 64.38 -92.71 -102.47
N LEU N 180 64.11 -93.63 -103.40
CA LEU N 180 63.05 -93.48 -104.38
C LEU N 180 61.97 -94.51 -104.10
N TYR N 181 60.72 -94.12 -104.32
CA TYR N 181 59.58 -95.01 -104.12
C TYR N 181 59.35 -95.93 -105.30
N SER N 182 58.74 -97.08 -105.03
CA SER N 182 58.38 -98.05 -106.05
C SER N 182 57.20 -98.88 -105.58
N LEU N 183 56.22 -99.07 -106.45
CA LEU N 183 55.05 -99.88 -106.12
C LEU N 183 54.65 -100.73 -107.30
N SER N 184 53.77 -101.70 -107.02
CA SER N 184 53.22 -102.60 -108.02
C SER N 184 51.71 -102.51 -107.95
N SER N 185 51.05 -102.59 -109.11
CA SER N 185 49.60 -102.69 -109.16
C SER N 185 49.24 -103.90 -109.98
N VAL N 186 48.55 -104.86 -109.37
CA VAL N 186 48.26 -106.14 -109.99
C VAL N 186 46.75 -106.38 -110.01
N VAL N 187 46.29 -107.16 -110.99
CA VAL N 187 44.88 -107.45 -111.16
C VAL N 187 44.66 -108.89 -111.64
N THR N 188 43.62 -109.52 -111.11
CA THR N 188 43.25 -110.87 -111.52
C THR N 188 42.10 -110.83 -112.54
N VAL N 189 42.20 -111.69 -113.55
CA VAL N 189 41.17 -111.80 -114.58
C VAL N 189 41.05 -113.25 -115.07
N PRO N 190 39.92 -113.60 -115.73
CA PRO N 190 39.80 -114.94 -116.28
C PRO N 190 40.82 -115.22 -117.40
N SER N 191 41.21 -116.48 -117.56
CA SER N 191 42.22 -116.88 -118.55
C SER N 191 41.74 -116.71 -119.99
N SER N 192 40.50 -117.10 -120.26
CA SER N 192 39.94 -117.07 -121.62
C SER N 192 39.72 -115.65 -122.17
N SER N 193 39.66 -114.65 -121.29
CA SER N 193 39.47 -113.26 -121.70
C SER N 193 40.72 -112.62 -122.29
N LEU N 194 41.89 -113.22 -122.05
CA LEU N 194 43.15 -112.71 -122.60
C LEU N 194 43.18 -112.82 -124.12
N GLY N 195 43.70 -111.78 -124.78
CA GLY N 195 43.72 -111.71 -126.24
C GLY N 195 42.52 -110.96 -126.79
N THR N 196 41.35 -111.24 -126.24
CA THR N 196 40.12 -110.52 -126.58
C THR N 196 40.09 -109.17 -125.86
N GLN N 197 40.18 -109.21 -124.53
CA GLN N 197 40.17 -107.99 -123.72
C GLN N 197 41.53 -107.29 -123.73
N THR N 198 41.49 -105.97 -123.68
CA THR N 198 42.70 -105.15 -123.67
C THR N 198 42.87 -104.53 -122.29
N TYR N 199 43.98 -104.86 -121.62
CA TYR N 199 44.29 -104.33 -120.30
C TYR N 199 45.41 -103.30 -120.37
N ILE N 200 45.05 -102.03 -120.26
CA ILE N 200 46.02 -100.95 -120.16
C ILE N 200 45.98 -100.40 -118.75
N CYS N 201 47.14 -100.04 -118.19
CA CYS N 201 47.19 -99.51 -116.83
C CYS N 201 47.54 -98.02 -116.88
N ASN N 202 46.74 -97.22 -116.19
CA ASN N 202 46.88 -95.77 -116.23
C ASN N 202 47.58 -95.26 -114.99
N VAL N 203 48.88 -94.97 -115.13
CA VAL N 203 49.68 -94.42 -114.03
C VAL N 203 49.70 -92.90 -114.15
N ASN N 204 49.57 -92.22 -113.01
CA ASN N 204 49.60 -90.76 -112.99
C ASN N 204 50.40 -90.28 -111.78
N HIS N 205 51.51 -89.60 -112.06
CA HIS N 205 52.34 -89.01 -111.01
C HIS N 205 52.29 -87.50 -111.17
N LYS N 206 51.45 -86.86 -110.35
CA LYS N 206 51.14 -85.43 -110.48
C LYS N 206 52.35 -84.49 -110.32
N PRO N 207 53.21 -84.72 -109.31
CA PRO N 207 54.28 -83.75 -109.04
C PRO N 207 55.42 -83.68 -110.07
N SER N 208 55.38 -84.54 -111.10
CA SER N 208 56.30 -84.41 -112.23
C SER N 208 55.56 -84.48 -113.57
N ASN N 209 54.27 -84.14 -113.54
CA ASN N 209 53.41 -84.11 -114.74
C ASN N 209 53.64 -85.29 -115.72
N THR N 210 53.81 -86.48 -115.16
CA THR N 210 54.00 -87.69 -115.96
C THR N 210 52.70 -88.50 -116.03
N LYS N 211 52.19 -88.65 -117.25
CA LYS N 211 51.01 -89.46 -117.52
C LYS N 211 51.42 -90.58 -118.47
N VAL N 212 51.39 -91.81 -117.98
CA VAL N 212 51.77 -92.97 -118.77
C VAL N 212 50.61 -93.94 -118.81
N ASP N 213 50.33 -94.47 -120.00
CA ASP N 213 49.28 -95.45 -120.21
C ASP N 213 49.90 -96.68 -120.87
N LYS N 214 50.46 -97.56 -120.05
CA LYS N 214 51.16 -98.75 -120.54
C LYS N 214 50.20 -99.90 -120.81
N LYS N 215 50.27 -100.44 -122.02
CA LYS N 215 49.46 -101.59 -122.40
C LYS N 215 50.12 -102.86 -121.91
N VAL N 216 49.34 -103.71 -121.24
CA VAL N 216 49.84 -105.00 -120.77
C VAL N 216 49.22 -106.09 -121.64
N GLU N 217 50.08 -106.88 -122.30
CA GLU N 217 49.64 -108.01 -123.10
C GLU N 217 50.57 -109.21 -122.86
N PRO N 218 50.09 -110.43 -123.15
CA PRO N 218 50.95 -111.59 -122.96
C PRO N 218 52.05 -111.62 -124.01
N LYS N 219 53.31 -111.71 -123.58
CA LYS N 219 54.44 -111.58 -124.51
C LYS N 219 54.52 -112.82 -125.41
N SER N 220 54.61 -112.59 -126.72
CA SER N 220 54.52 -113.64 -127.76
C SER N 220 54.70 -115.07 -127.22
N CYS N 221 55.94 -115.43 -126.87
CA CYS N 221 56.21 -116.72 -126.21
C CYS N 221 57.63 -116.75 -125.63
N GLU O 1 41.24 -71.41 -33.61
CA GLU O 1 40.21 -71.07 -32.58
C GLU O 1 39.43 -69.79 -32.94
N VAL O 2 38.77 -69.17 -31.97
CA VAL O 2 37.72 -68.17 -32.21
C VAL O 2 38.21 -66.87 -32.87
N VAL O 3 37.41 -66.37 -33.81
CA VAL O 3 37.66 -65.07 -34.44
C VAL O 3 36.99 -64.02 -33.56
N LYS O 4 37.71 -62.95 -33.23
CA LYS O 4 37.19 -61.97 -32.27
C LYS O 4 36.21 -61.01 -32.93
N PHE O 5 35.43 -60.31 -32.11
CA PHE O 5 34.38 -59.42 -32.60
C PHE O 5 34.90 -58.38 -33.59
N MET O 6 35.97 -57.69 -33.19
CA MET O 6 36.50 -56.58 -34.00
C MET O 6 36.99 -57.02 -35.37
N ASP O 7 37.47 -58.26 -35.47
CA ASP O 7 37.90 -58.81 -36.75
C ASP O 7 36.71 -59.10 -37.66
N VAL O 8 35.67 -59.72 -37.09
CA VAL O 8 34.48 -60.10 -37.87
C VAL O 8 33.79 -58.85 -38.40
N TYR O 9 33.62 -57.85 -37.54
CA TYR O 9 32.96 -56.61 -37.92
C TYR O 9 33.68 -55.93 -39.08
N GLN O 10 34.99 -55.75 -38.94
CA GLN O 10 35.78 -55.03 -39.95
C GLN O 10 35.81 -55.76 -41.28
N ARG O 11 35.90 -57.08 -41.25
CA ARG O 11 35.96 -57.88 -42.47
C ARG O 11 34.60 -58.01 -43.15
N SER O 12 33.52 -57.79 -42.39
CA SER O 12 32.15 -57.91 -42.90
C SER O 12 31.41 -56.56 -42.96
N TYR O 13 32.15 -55.45 -43.00
CA TYR O 13 31.54 -54.15 -43.22
C TYR O 13 31.57 -53.85 -44.70
N CYS O 14 30.55 -53.15 -45.17
CA CYS O 14 30.39 -52.83 -46.59
C CYS O 14 31.69 -52.38 -47.24
N HIS O 15 32.26 -53.27 -48.06
CA HIS O 15 33.45 -52.98 -48.85
C HIS O 15 33.43 -53.78 -50.17
N PRO O 16 34.26 -53.39 -51.15
CA PRO O 16 34.28 -54.16 -52.39
C PRO O 16 35.02 -55.47 -52.19
N ILE O 17 34.48 -56.55 -52.75
CA ILE O 17 35.04 -57.89 -52.53
C ILE O 17 34.87 -58.76 -53.78
N GLU O 18 35.81 -59.67 -54.00
CA GLU O 18 35.77 -60.53 -55.19
C GLU O 18 34.52 -61.39 -55.17
N THR O 19 33.62 -61.12 -56.11
CA THR O 19 32.37 -61.85 -56.26
C THR O 19 32.36 -62.50 -57.63
N LEU O 20 31.76 -63.69 -57.71
CA LEU O 20 31.65 -64.42 -58.96
C LEU O 20 30.30 -64.17 -59.63
N VAL O 21 30.35 -63.45 -60.75
CA VAL O 21 29.16 -62.99 -61.44
C VAL O 21 28.94 -63.82 -62.71
N ASP O 22 27.70 -64.28 -62.91
CA ASP O 22 27.34 -64.99 -64.13
C ASP O 22 27.30 -64.02 -65.29
N ILE O 23 27.91 -64.41 -66.42
CA ILE O 23 27.97 -63.55 -67.60
C ILE O 23 26.58 -63.25 -68.16
N PHE O 24 25.70 -64.25 -68.13
CA PHE O 24 24.30 -64.09 -68.56
C PHE O 24 23.58 -62.96 -67.82
N GLN O 25 23.75 -62.90 -66.50
CA GLN O 25 23.14 -61.86 -65.67
C GLN O 25 23.55 -60.45 -66.15
N GLU O 26 24.81 -60.30 -66.55
CA GLU O 26 25.32 -59.00 -66.98
C GLU O 26 24.92 -58.66 -68.42
N TYR O 27 25.06 -59.61 -69.33
CA TYR O 27 24.63 -59.43 -70.72
C TYR O 27 23.49 -60.40 -71.07
N PRO O 28 22.25 -60.01 -70.77
CA PRO O 28 21.09 -60.88 -71.00
C PRO O 28 20.51 -60.84 -72.42
N ASP O 29 20.93 -59.87 -73.24
CA ASP O 29 20.48 -59.78 -74.64
C ASP O 29 21.24 -60.79 -75.52
N GLU O 30 22.42 -61.20 -75.06
CA GLU O 30 23.29 -62.12 -75.79
C GLU O 30 22.94 -63.56 -75.40
N ILE O 31 21.95 -64.14 -76.08
CA ILE O 31 21.39 -65.45 -75.71
C ILE O 31 21.79 -66.56 -76.70
N GLU O 32 22.02 -66.18 -77.94
CA GLU O 32 22.58 -67.09 -78.95
C GLU O 32 23.82 -67.85 -78.47
N TYR O 33 24.65 -67.20 -77.66
CA TYR O 33 25.98 -67.71 -77.33
C TYR O 33 25.96 -68.63 -76.09
N ILE O 34 26.97 -69.50 -76.02
CA ILE O 34 27.32 -70.20 -74.78
C ILE O 34 28.68 -69.69 -74.36
N PHE O 35 28.79 -69.26 -73.11
CA PHE O 35 30.01 -68.62 -72.63
C PHE O 35 30.85 -69.58 -71.80
N LYS O 36 32.14 -69.62 -72.12
CA LYS O 36 33.11 -70.39 -71.34
C LYS O 36 34.24 -69.43 -70.92
N PRO O 37 34.47 -69.27 -69.61
CA PRO O 37 33.65 -69.76 -68.52
C PRO O 37 32.31 -69.03 -68.49
N SER O 38 31.32 -69.63 -67.85
CA SER O 38 29.98 -69.04 -67.79
C SER O 38 29.89 -67.91 -66.78
N CYS O 39 30.89 -67.79 -65.91
CA CYS O 39 30.93 -66.74 -64.89
C CYS O 39 32.33 -66.16 -64.78
N VAL O 40 32.45 -64.99 -64.17
CA VAL O 40 33.72 -64.28 -64.06
C VAL O 40 33.91 -63.67 -62.68
N PRO O 41 35.17 -63.51 -62.25
CA PRO O 41 35.45 -62.92 -60.96
C PRO O 41 35.54 -61.41 -61.05
N LEU O 42 34.59 -60.72 -60.41
CA LEU O 42 34.57 -59.27 -60.41
C LEU O 42 34.57 -58.75 -58.99
N MET O 43 34.96 -57.49 -58.83
CA MET O 43 34.86 -56.81 -57.55
C MET O 43 33.49 -56.13 -57.48
N ARG O 44 32.70 -56.52 -56.48
CA ARG O 44 31.38 -55.95 -56.28
C ARG O 44 31.13 -55.62 -54.81
N CYS O 45 30.26 -54.64 -54.58
CA CYS O 45 29.98 -54.18 -53.24
C CYS O 45 29.13 -55.22 -52.54
N GLY O 46 29.74 -55.88 -51.56
CA GLY O 46 29.04 -56.81 -50.70
C GLY O 46 29.19 -56.37 -49.25
N GLY O 47 28.78 -57.23 -48.33
CA GLY O 47 28.91 -56.92 -46.91
C GLY O 47 27.73 -56.16 -46.37
N CYS O 48 27.66 -56.05 -45.05
CA CYS O 48 26.50 -55.50 -44.36
C CYS O 48 26.81 -54.15 -43.70
N CYS O 49 25.80 -53.27 -43.67
CA CYS O 49 25.92 -51.93 -43.08
C CYS O 49 25.46 -51.89 -41.61
N ASN O 50 24.85 -53.00 -41.16
CA ASN O 50 24.36 -53.12 -39.78
C ASN O 50 23.24 -52.13 -39.48
N ASP O 51 22.21 -52.18 -40.32
CA ASP O 51 21.01 -51.34 -40.21
C ASP O 51 20.04 -51.75 -41.32
N GLU O 52 18.79 -52.04 -40.96
CA GLU O 52 17.77 -52.46 -41.95
C GLU O 52 17.36 -51.32 -42.89
N GLY O 53 17.52 -50.07 -42.44
CA GLY O 53 17.19 -48.90 -43.26
C GLY O 53 18.30 -48.37 -44.15
N LEU O 54 19.38 -49.14 -44.29
CA LEU O 54 20.51 -48.77 -45.14
C LEU O 54 20.96 -49.96 -46.02
N GLU O 55 21.45 -49.65 -47.22
CA GLU O 55 22.03 -50.66 -48.11
C GLU O 55 23.44 -50.25 -48.57
N CYS O 56 24.25 -51.25 -48.91
CA CYS O 56 25.61 -51.03 -49.35
C CYS O 56 25.62 -50.87 -50.87
N VAL O 57 26.03 -49.69 -51.34
CA VAL O 57 26.03 -49.37 -52.78
C VAL O 57 27.33 -48.72 -53.22
N PRO O 58 27.64 -48.79 -54.54
CA PRO O 58 28.90 -48.27 -55.03
C PRO O 58 28.91 -46.77 -55.26
N THR O 59 30.10 -46.20 -55.26
CA THR O 59 30.30 -44.78 -55.56
C THR O 59 31.24 -44.64 -56.76
N GLU O 60 32.42 -45.25 -56.65
CA GLU O 60 33.42 -45.25 -57.71
C GLU O 60 33.34 -46.58 -58.50
N GLU O 61 32.91 -46.50 -59.75
CA GLU O 61 32.83 -47.65 -60.63
C GLU O 61 33.97 -47.60 -61.65
N SER O 62 34.34 -48.75 -62.18
CA SER O 62 35.35 -48.84 -63.26
C SER O 62 35.03 -50.01 -64.18
N ASN O 63 35.86 -50.19 -65.21
CA ASN O 63 35.69 -51.28 -66.16
C ASN O 63 36.92 -52.18 -66.24
N ILE O 64 36.67 -53.49 -66.39
CA ILE O 64 37.72 -54.47 -66.63
C ILE O 64 37.32 -55.35 -67.81
N THR O 65 38.29 -55.69 -68.66
CA THR O 65 38.03 -56.45 -69.88
C THR O 65 38.68 -57.82 -69.79
N MET O 66 37.92 -58.85 -70.14
CA MET O 66 38.36 -60.24 -70.01
C MET O 66 38.18 -60.98 -71.32
N GLN O 67 39.15 -61.83 -71.65
CA GLN O 67 39.03 -62.73 -72.78
C GLN O 67 38.06 -63.83 -72.39
N ILE O 68 36.95 -63.95 -73.13
CA ILE O 68 35.96 -64.98 -72.89
C ILE O 68 35.71 -65.77 -74.16
N MET O 69 35.66 -67.09 -74.03
CA MET O 69 35.31 -67.97 -75.14
C MET O 69 33.81 -67.91 -75.35
N ARG O 70 33.38 -67.60 -76.57
CA ARG O 70 31.97 -67.46 -76.86
C ARG O 70 31.59 -68.45 -77.95
N ILE O 71 30.92 -69.52 -77.56
CA ILE O 71 30.55 -70.57 -78.49
C ILE O 71 29.18 -70.27 -79.09
N LYS O 72 29.04 -70.53 -80.38
CA LYS O 72 27.80 -70.30 -81.10
C LYS O 72 27.47 -71.59 -81.84
N PRO O 73 26.68 -72.48 -81.22
CA PRO O 73 26.46 -73.85 -81.68
C PRO O 73 26.18 -74.00 -83.17
N HIS O 74 26.80 -75.01 -83.78
CA HIS O 74 26.67 -75.32 -85.21
C HIS O 74 27.15 -74.17 -86.10
N GLN O 75 28.05 -73.35 -85.58
CA GLN O 75 28.50 -72.16 -86.31
C GLN O 75 30.01 -71.95 -86.09
N GLY O 76 30.40 -71.44 -84.92
CA GLY O 76 31.82 -71.31 -84.59
C GLY O 76 32.05 -70.79 -83.20
N GLN O 77 33.29 -70.92 -82.74
CA GLN O 77 33.70 -70.43 -81.42
C GLN O 77 34.83 -69.42 -81.61
N HIS O 78 35.03 -68.58 -80.60
CA HIS O 78 36.14 -67.64 -80.60
C HIS O 78 36.34 -66.97 -79.26
N ILE O 79 37.57 -66.50 -79.04
CA ILE O 79 37.93 -65.72 -77.87
C ILE O 79 37.60 -64.28 -78.18
N GLY O 80 36.57 -63.76 -77.51
CA GLY O 80 36.19 -62.36 -77.65
C GLY O 80 36.50 -61.62 -76.36
N GLU O 81 36.84 -60.34 -76.49
CA GLU O 81 37.12 -59.49 -75.34
C GLU O 81 35.82 -58.89 -74.83
N MET O 82 35.43 -59.26 -73.61
CA MET O 82 34.19 -58.78 -73.01
C MET O 82 34.50 -57.89 -71.81
N SER O 83 33.87 -56.72 -71.81
CA SER O 83 34.03 -55.74 -70.73
C SER O 83 33.02 -56.02 -69.60
N PHE O 84 33.44 -55.80 -68.37
CA PHE O 84 32.58 -55.99 -67.21
C PHE O 84 32.71 -54.83 -66.23
N LEU O 85 31.60 -54.50 -65.56
CA LEU O 85 31.56 -53.42 -64.59
C LEU O 85 32.13 -53.88 -63.25
N GLN O 86 33.01 -53.07 -62.66
CA GLN O 86 33.57 -53.36 -61.34
C GLN O 86 33.27 -52.22 -60.37
N HIS O 87 33.38 -52.52 -59.08
CA HIS O 87 33.23 -51.51 -58.04
C HIS O 87 34.59 -51.28 -57.34
N ASN O 88 34.97 -50.01 -57.20
CA ASN O 88 36.23 -49.64 -56.56
C ASN O 88 36.07 -49.08 -55.13
N LYS O 89 34.90 -48.51 -54.84
CA LYS O 89 34.61 -47.96 -53.51
C LYS O 89 33.13 -48.06 -53.19
N CYS O 90 32.82 -48.51 -51.97
CA CYS O 90 31.43 -48.67 -51.53
C CYS O 90 31.13 -47.73 -50.36
N GLU O 91 29.85 -47.44 -50.18
CA GLU O 91 29.39 -46.59 -49.09
C GLU O 91 28.00 -47.04 -48.65
N CYS O 92 27.67 -46.83 -47.38
CA CYS O 92 26.34 -47.16 -46.86
C CYS O 92 25.38 -46.00 -47.11
N ARG O 93 24.23 -46.31 -47.69
CA ARG O 93 23.27 -45.29 -48.14
C ARG O 93 21.84 -45.71 -47.84
N PRO O 94 20.88 -44.76 -47.85
CA PRO O 94 19.48 -45.10 -47.58
C PRO O 94 18.77 -45.82 -48.73
N LYS O 95 17.84 -46.71 -48.38
CA LYS O 95 17.06 -47.48 -49.38
C LYS O 95 15.99 -46.62 -50.05
N GLU P 1 45.35 -53.61 -68.25
CA GLU P 1 44.78 -54.11 -69.54
C GLU P 1 44.14 -55.51 -69.42
N VAL P 2 43.94 -56.18 -70.55
CA VAL P 2 43.05 -57.34 -70.63
C VAL P 2 43.53 -58.55 -69.81
N VAL P 3 42.57 -59.21 -69.16
CA VAL P 3 42.81 -60.47 -68.45
C VAL P 3 42.64 -61.60 -69.46
N LYS P 4 43.60 -62.52 -69.53
CA LYS P 4 43.59 -63.55 -70.60
C LYS P 4 42.62 -64.66 -70.26
N PHE P 5 42.28 -65.46 -71.26
CA PHE P 5 41.30 -66.54 -71.10
C PHE P 5 41.65 -67.51 -69.99
N MET P 6 42.89 -68.00 -70.01
CA MET P 6 43.32 -69.02 -69.05
C MET P 6 43.28 -68.54 -67.60
N ASP P 7 43.49 -67.25 -67.38
CA ASP P 7 43.39 -66.68 -66.04
C ASP P 7 41.94 -66.62 -65.55
N VAL P 8 41.04 -66.18 -66.43
CA VAL P 8 39.62 -66.03 -66.09
C VAL P 8 39.02 -67.39 -65.78
N TYR P 9 39.30 -68.36 -66.63
CA TYR P 9 38.78 -69.71 -66.44
C TYR P 9 39.21 -70.30 -65.10
N GLN P 10 40.50 -70.26 -64.81
CA GLN P 10 41.05 -70.87 -63.59
C GLN P 10 40.54 -70.19 -62.32
N ARG P 11 40.41 -68.87 -62.36
CA ARG P 11 39.94 -68.10 -61.21
C ARG P 11 38.43 -68.23 -61.00
N SER P 12 37.70 -68.59 -62.05
CA SER P 12 36.25 -68.73 -61.99
C SER P 12 35.76 -70.18 -62.12
N TYR P 13 36.64 -71.14 -61.85
CA TYR P 13 36.22 -72.54 -61.81
C TYR P 13 35.83 -72.89 -60.38
N CYS P 14 34.84 -73.77 -60.25
CA CYS P 14 34.30 -74.16 -58.94
C CYS P 14 35.38 -74.40 -57.89
N HIS P 15 35.50 -73.46 -56.96
CA HIS P 15 36.43 -73.58 -55.83
C HIS P 15 35.86 -72.84 -54.62
N PRO P 16 36.39 -73.10 -53.41
CA PRO P 16 35.90 -72.38 -52.24
C PRO P 16 36.43 -70.95 -52.23
N ILE P 17 35.56 -70.00 -51.89
CA ILE P 17 35.91 -68.58 -51.95
C ILE P 17 35.22 -67.79 -50.84
N GLU P 18 35.87 -66.74 -50.36
CA GLU P 18 35.32 -65.94 -49.27
C GLU P 18 34.00 -65.30 -49.70
N THR P 19 32.91 -65.76 -49.08
CA THR P 19 31.57 -65.26 -49.35
C THR P 19 31.01 -64.66 -48.07
N LEU P 20 30.22 -63.60 -48.21
CA LEU P 20 29.61 -62.92 -47.07
C LEU P 20 28.19 -63.41 -46.85
N VAL P 21 28.00 -64.15 -45.76
CA VAL P 21 26.76 -64.83 -45.46
C VAL P 21 26.01 -64.10 -44.37
N ASP P 22 24.71 -63.88 -44.57
CA ASP P 22 23.86 -63.27 -43.56
C ASP P 22 23.62 -64.26 -42.42
N ILE P 23 23.77 -63.82 -41.18
CA ILE P 23 23.60 -64.70 -40.03
C ILE P 23 22.17 -65.24 -39.93
N PHE P 24 21.20 -64.40 -40.26
CA PHE P 24 19.78 -64.81 -40.29
C PHE P 24 19.53 -66.02 -41.18
N GLN P 25 20.13 -66.01 -42.38
CA GLN P 25 19.99 -67.11 -43.33
C GLN P 25 20.47 -68.43 -42.73
N GLU P 26 21.54 -68.37 -41.94
CA GLU P 26 22.12 -69.58 -41.34
C GLU P 26 21.37 -70.04 -40.08
N TYR P 27 21.02 -69.10 -39.21
CA TYR P 27 20.21 -69.39 -38.02
C TYR P 27 18.87 -68.64 -38.06
N PRO P 28 17.85 -69.22 -38.72
CA PRO P 28 16.55 -68.58 -38.90
C PRO P 28 15.58 -68.77 -37.73
N ASP P 29 15.90 -69.68 -36.80
CA ASP P 29 15.05 -69.90 -35.62
C ASP P 29 15.31 -68.80 -34.57
N GLU P 30 16.48 -68.19 -34.65
CA GLU P 30 16.91 -67.16 -33.71
C GLU P 30 16.45 -65.78 -34.22
N ILE P 31 15.22 -65.40 -33.90
CA ILE P 31 14.59 -64.19 -34.46
C ILE P 31 14.46 -63.06 -33.42
N GLU P 32 14.34 -63.44 -32.15
CA GLU P 32 14.38 -62.48 -31.03
C GLU P 32 15.57 -61.50 -31.11
N TYR P 33 16.71 -61.98 -31.61
CA TYR P 33 17.98 -61.25 -31.53
C TYR P 33 18.19 -60.30 -32.72
N ILE P 34 18.99 -59.27 -32.49
CA ILE P 34 19.58 -58.48 -33.58
C ILE P 34 21.09 -58.73 -33.53
N PHE P 35 21.66 -59.11 -34.67
CA PHE P 35 23.06 -59.50 -34.72
C PHE P 35 23.94 -58.38 -35.25
N LYS P 36 25.04 -58.13 -34.55
CA LYS P 36 26.07 -57.19 -35.01
C LYS P 36 27.42 -57.92 -35.03
N PRO P 37 28.06 -58.01 -36.19
CA PRO P 37 27.56 -57.64 -37.50
C PRO P 37 26.44 -58.57 -37.93
N SER P 38 25.62 -58.13 -38.87
CA SER P 38 24.48 -58.93 -39.34
C SER P 38 24.91 -60.05 -40.29
N CYS P 39 26.14 -59.96 -40.79
CA CYS P 39 26.67 -60.96 -41.72
C CYS P 39 28.11 -61.28 -41.37
N VAL P 40 28.62 -62.39 -41.88
CA VAL P 40 29.96 -62.86 -41.57
C VAL P 40 30.68 -63.39 -42.81
N PRO P 41 32.02 -63.33 -42.82
CA PRO P 41 32.79 -63.83 -43.94
C PRO P 41 33.11 -65.31 -43.79
N LEU P 42 32.54 -66.12 -44.67
CA LEU P 42 32.76 -67.56 -44.66
C LEU P 42 33.29 -68.02 -46.00
N MET P 43 33.93 -69.19 -46.00
CA MET P 43 34.36 -69.84 -47.23
C MET P 43 33.23 -70.73 -47.72
N ARG P 44 32.73 -70.45 -48.92
CA ARG P 44 31.64 -71.24 -49.50
C ARG P 44 31.92 -71.55 -50.96
N CYS P 45 31.36 -72.66 -51.42
CA CYS P 45 31.58 -73.11 -52.78
C CYS P 45 30.84 -72.20 -53.74
N GLY P 46 31.61 -71.42 -54.50
CA GLY P 46 31.07 -70.59 -55.56
C GLY P 46 31.73 -70.97 -56.87
N GLY P 47 31.49 -70.16 -57.90
CA GLY P 47 32.11 -70.38 -59.20
C GLY P 47 31.31 -71.32 -60.07
N CYS P 48 31.69 -71.40 -61.35
CA CYS P 48 30.91 -72.12 -62.34
C CYS P 48 31.64 -73.38 -62.84
N CYS P 49 30.86 -74.40 -63.17
CA CYS P 49 31.38 -75.68 -63.67
C CYS P 49 31.41 -75.75 -65.19
N ASN P 50 30.81 -74.75 -65.84
CA ASN P 50 30.77 -74.67 -67.30
C ASN P 50 29.99 -75.84 -67.91
N ASP P 51 28.75 -75.99 -67.44
CA ASP P 51 27.81 -77.01 -67.91
C ASP P 51 26.49 -76.81 -67.17
N GLU P 52 25.38 -76.71 -67.91
CA GLU P 52 24.05 -76.51 -67.31
C GLU P 52 23.56 -77.74 -66.52
N GLY P 53 24.06 -78.92 -66.87
CA GLY P 53 23.70 -80.17 -66.18
C GLY P 53 24.54 -80.52 -64.96
N LEU P 54 25.38 -79.58 -64.51
CA LEU P 54 26.23 -79.78 -63.34
C LEU P 54 26.17 -78.57 -62.39
N GLU P 55 26.32 -78.83 -61.09
CA GLU P 55 26.39 -77.76 -60.08
C GLU P 55 27.63 -77.94 -59.20
N CYS P 56 28.11 -76.83 -58.64
CA CYS P 56 29.29 -76.83 -57.78
C CYS P 56 28.86 -77.03 -56.33
N VAL P 57 29.28 -78.15 -55.73
CA VAL P 57 28.87 -78.51 -54.36
C VAL P 57 30.06 -78.94 -53.51
N PRO P 58 29.93 -78.87 -52.17
CA PRO P 58 31.05 -79.17 -51.30
C PRO P 58 31.23 -80.65 -51.03
N THR P 59 32.45 -81.03 -50.64
CA THR P 59 32.78 -82.40 -50.27
C THR P 59 33.31 -82.42 -48.84
N GLU P 60 34.33 -81.61 -48.58
CA GLU P 60 34.92 -81.47 -47.26
C GLU P 60 34.38 -80.20 -46.58
N GLU P 61 33.60 -80.40 -45.51
CA GLU P 61 33.06 -79.29 -44.72
C GLU P 61 33.82 -79.19 -43.39
N SER P 62 33.81 -78.00 -42.80
CA SER P 62 34.38 -77.79 -41.47
C SER P 62 33.61 -76.71 -40.73
N ASN P 63 34.02 -76.43 -39.49
CA ASN P 63 33.37 -75.41 -38.66
C ASN P 63 34.33 -74.33 -38.21
N ILE P 64 33.84 -73.10 -38.18
CA ILE P 64 34.59 -71.95 -37.65
C ILE P 64 33.68 -71.20 -36.67
N THR P 65 34.27 -70.72 -35.57
CA THR P 65 33.52 -70.05 -34.52
C THR P 65 33.92 -68.58 -34.43
N MET P 66 32.92 -67.70 -34.36
CA MET P 66 33.12 -66.26 -34.39
C MET P 66 32.42 -65.59 -33.24
N GLN P 67 33.07 -64.60 -32.63
CA GLN P 67 32.43 -63.77 -31.60
C GLN P 67 31.48 -62.84 -32.29
N ILE P 68 30.20 -62.93 -31.94
CA ILE P 68 29.16 -62.08 -32.52
C ILE P 68 28.40 -61.39 -31.40
N MET P 69 28.16 -60.09 -31.58
CA MET P 69 27.32 -59.32 -30.67
C MET P 69 25.87 -59.66 -30.94
N ARG P 70 25.14 -60.08 -29.90
CA ARG P 70 23.75 -60.46 -30.07
C ARG P 70 22.87 -59.60 -29.17
N ILE P 71 22.20 -58.63 -29.78
CA ILE P 71 21.38 -57.69 -29.05
C ILE P 71 19.97 -58.24 -28.91
N LYS P 72 19.39 -58.06 -27.72
CA LYS P 72 18.03 -58.54 -27.43
C LYS P 72 17.22 -57.37 -26.86
N PRO P 73 16.55 -56.61 -27.74
CA PRO P 73 15.97 -55.29 -27.39
C PRO P 73 15.19 -55.26 -26.07
N HIS P 74 15.41 -54.19 -25.30
CA HIS P 74 14.79 -53.95 -23.99
C HIS P 74 15.14 -55.05 -22.99
N GLN P 75 16.31 -55.64 -23.17
CA GLN P 75 16.72 -56.75 -22.31
C GLN P 75 18.23 -56.73 -22.03
N GLY P 76 19.06 -57.11 -23.00
CA GLY P 76 20.51 -56.98 -22.88
C GLY P 76 21.26 -57.39 -24.12
N GLN P 77 22.53 -57.03 -24.16
CA GLN P 77 23.43 -57.38 -25.26
C GLN P 77 24.60 -58.18 -24.71
N HIS P 78 25.26 -58.93 -25.58
CA HIS P 78 26.46 -59.69 -25.21
C HIS P 78 27.17 -60.26 -26.40
N ILE P 79 28.46 -60.51 -26.21
CA ILE P 79 29.30 -61.18 -27.18
C ILE P 79 29.14 -62.69 -26.97
N GLY P 80 28.47 -63.35 -27.90
CA GLY P 80 28.31 -64.79 -27.88
C GLY P 80 29.14 -65.43 -28.97
N GLU P 81 29.63 -66.64 -28.71
CA GLU P 81 30.40 -67.38 -29.69
C GLU P 81 29.44 -68.19 -30.57
N MET P 82 29.40 -67.85 -31.85
CA MET P 82 28.51 -68.52 -32.81
C MET P 82 29.32 -69.30 -33.81
N SER P 83 28.96 -70.56 -33.99
CA SER P 83 29.61 -71.44 -34.96
C SER P 83 28.98 -71.30 -36.35
N PHE P 84 29.82 -71.42 -37.38
CA PHE P 84 29.34 -71.34 -38.76
C PHE P 84 29.97 -72.42 -39.63
N LEU P 85 29.20 -72.90 -40.60
CA LEU P 85 29.64 -73.95 -41.52
C LEU P 85 30.52 -73.36 -42.62
N GLN P 86 31.67 -73.99 -42.88
CA GLN P 86 32.56 -73.57 -43.97
C GLN P 86 32.78 -74.71 -44.95
N HIS P 87 33.24 -74.36 -46.14
CA HIS P 87 33.59 -75.35 -47.16
C HIS P 87 35.10 -75.33 -47.41
N ASN P 88 35.72 -76.51 -47.39
CA ASN P 88 37.17 -76.64 -47.58
C ASN P 88 37.56 -77.14 -48.97
N LYS P 89 36.66 -77.90 -49.61
CA LYS P 89 36.91 -78.45 -50.93
C LYS P 89 35.61 -78.60 -51.70
N CYS P 90 35.62 -78.18 -52.97
CA CYS P 90 34.44 -78.24 -53.83
C CYS P 90 34.69 -79.18 -55.01
N GLU P 91 33.60 -79.67 -55.59
CA GLU P 91 33.66 -80.56 -56.75
C GLU P 91 32.43 -80.35 -57.61
N CYS P 92 32.56 -80.55 -58.91
CA CYS P 92 31.41 -80.44 -59.83
C CYS P 92 30.64 -81.75 -59.87
N ARG P 93 29.32 -81.66 -59.69
CA ARG P 93 28.46 -82.83 -59.54
C ARG P 93 27.14 -82.64 -60.29
N PRO P 94 26.41 -83.75 -60.56
CA PRO P 94 25.13 -83.65 -61.28
C PRO P 94 23.98 -83.10 -60.42
N LYS P 95 23.06 -82.38 -61.06
CA LYS P 95 21.90 -81.78 -60.38
C LYS P 95 20.81 -82.82 -60.09
N LYS P 96 20.44 -83.00 -58.83
CA LYS P 96 19.29 -83.84 -58.46
C LYS P 96 18.11 -82.97 -58.02
N ASP P 97 16.94 -83.23 -58.60
CA ASP P 97 15.73 -82.42 -58.32
C ASP P 97 14.46 -83.25 -58.55
N ASP Q 1 37.55 -43.68 -29.05
CA ASP Q 1 36.36 -43.23 -28.25
C ASP Q 1 35.47 -42.29 -29.05
N ILE Q 2 34.14 -42.45 -28.90
CA ILE Q 2 33.18 -41.55 -29.53
C ILE Q 2 32.92 -40.38 -28.59
N GLN Q 3 33.12 -39.17 -29.12
CA GLN Q 3 32.96 -37.95 -28.33
C GLN Q 3 31.59 -37.35 -28.62
N MET Q 4 30.74 -37.25 -27.60
CA MET Q 4 29.50 -36.51 -27.72
C MET Q 4 29.75 -35.10 -27.18
N THR Q 5 29.45 -34.09 -28.00
CA THR Q 5 29.73 -32.71 -27.65
C THR Q 5 28.45 -31.90 -27.61
N GLN Q 6 27.98 -31.56 -26.40
CA GLN Q 6 26.75 -30.81 -26.24
C GLN Q 6 26.97 -29.30 -26.30
N SER Q 7 26.03 -28.62 -26.94
CA SER Q 7 26.01 -27.16 -26.95
C SER Q 7 24.58 -26.69 -26.76
N PRO Q 8 24.36 -25.65 -25.93
CA PRO Q 8 25.32 -24.91 -25.12
C PRO Q 8 25.73 -25.63 -23.84
N SER Q 9 26.49 -24.96 -22.99
CA SER Q 9 26.93 -25.51 -21.72
C SER Q 9 25.88 -25.24 -20.65
N SER Q 10 25.51 -23.97 -20.52
CA SER Q 10 24.39 -23.54 -19.66
C SER Q 10 23.39 -22.81 -20.56
N LEU Q 11 22.27 -22.41 -19.99
CA LEU Q 11 21.17 -21.85 -20.78
C LEU Q 11 20.03 -21.41 -19.89
N SER Q 12 19.56 -20.19 -20.08
CA SER Q 12 18.33 -19.72 -19.42
C SER Q 12 17.33 -19.26 -20.49
N ALA Q 13 16.07 -19.63 -20.28
CA ALA Q 13 14.97 -19.20 -21.15
C ALA Q 13 13.74 -18.92 -20.30
N SER Q 14 12.79 -18.19 -20.87
CA SER Q 14 11.59 -17.77 -20.15
C SER Q 14 10.55 -18.88 -20.15
N VAL Q 15 9.50 -18.71 -19.34
CA VAL Q 15 8.42 -19.70 -19.28
C VAL Q 15 7.66 -19.64 -20.59
N GLY Q 16 7.58 -20.79 -21.26
CA GLY Q 16 6.83 -20.90 -22.52
C GLY Q 16 7.69 -20.81 -23.79
N ASP Q 17 8.93 -20.37 -23.62
CA ASP Q 17 9.84 -20.23 -24.77
C ASP Q 17 10.26 -21.59 -25.32
N ARG Q 18 10.80 -21.58 -26.53
CA ARG Q 18 11.27 -22.77 -27.22
C ARG Q 18 12.77 -22.91 -26.96
N VAL Q 19 13.17 -24.09 -26.48
CA VAL Q 19 14.56 -24.34 -26.10
C VAL Q 19 15.12 -25.42 -27.00
N THR Q 20 16.35 -25.22 -27.45
CA THR Q 20 17.00 -26.15 -28.40
C THR Q 20 18.40 -26.51 -27.90
N ILE Q 21 18.58 -27.79 -27.57
CA ILE Q 21 19.86 -28.32 -27.13
C ILE Q 21 20.38 -29.25 -28.21
N THR Q 22 21.60 -28.98 -28.69
CA THR Q 22 22.21 -29.80 -29.74
C THR Q 22 23.33 -30.65 -29.16
N CYS Q 23 23.56 -31.82 -29.76
CA CYS Q 23 24.57 -32.75 -29.29
C CYS Q 23 25.21 -33.43 -30.51
N ARG Q 24 26.49 -33.14 -30.71
CA ARG Q 24 27.20 -33.45 -31.94
C ARG Q 24 28.11 -34.67 -31.75
N ALA Q 25 27.87 -35.71 -32.55
CA ALA Q 25 28.65 -36.95 -32.47
C ALA Q 25 29.86 -36.88 -33.38
N SER Q 26 30.96 -37.50 -32.96
CA SER Q 26 32.22 -37.47 -33.70
C SER Q 26 32.14 -38.26 -34.99
N GLN Q 27 31.58 -39.47 -34.91
CA GLN Q 27 31.34 -40.30 -36.09
C GLN Q 27 29.96 -40.94 -36.02
N SER Q 28 29.45 -41.38 -37.16
CA SER Q 28 28.08 -41.85 -37.27
C SER Q 28 27.75 -42.86 -36.17
N VAL Q 29 26.65 -42.57 -35.46
CA VAL Q 29 26.16 -43.38 -34.36
C VAL Q 29 24.92 -44.16 -34.81
N SER Q 30 24.43 -43.86 -36.01
CA SER Q 30 23.10 -44.28 -36.44
C SER Q 30 22.09 -43.49 -35.61
N SER Q 31 20.85 -43.97 -35.54
CA SER Q 31 19.80 -43.33 -34.74
C SER Q 31 19.74 -43.97 -33.34
N ALA Q 32 20.89 -44.02 -32.67
CA ALA Q 32 21.05 -44.74 -31.40
C ALA Q 32 21.46 -43.78 -30.31
N VAL Q 33 20.59 -42.82 -30.02
CA VAL Q 33 20.88 -41.74 -29.07
C VAL Q 33 19.72 -41.59 -28.11
N ALA Q 34 20.03 -41.20 -26.88
CA ALA Q 34 18.98 -40.97 -25.89
C ALA Q 34 19.22 -39.66 -25.19
N TRP Q 35 18.14 -39.04 -24.71
CA TRP Q 35 18.24 -37.82 -23.93
C TRP Q 35 17.72 -38.04 -22.52
N TYR Q 36 18.44 -37.51 -21.54
CA TYR Q 36 18.08 -37.69 -20.14
C TYR Q 36 17.86 -36.35 -19.44
N GLN Q 37 17.22 -36.39 -18.29
CA GLN Q 37 16.91 -35.19 -17.54
C GLN Q 37 17.22 -35.44 -16.08
N GLN Q 38 18.27 -34.82 -15.58
CA GLN Q 38 18.66 -34.98 -14.20
C GLN Q 38 18.32 -33.72 -13.44
N LYS Q 39 17.33 -33.83 -12.56
CA LYS Q 39 17.08 -32.79 -11.56
C LYS Q 39 18.23 -32.81 -10.55
N PRO Q 40 18.33 -31.77 -9.73
CA PRO Q 40 19.38 -31.74 -8.72
C PRO Q 40 19.11 -32.76 -7.62
N GLY Q 41 20.13 -33.57 -7.32
CA GLY Q 41 20.07 -34.53 -6.22
C GLY Q 41 19.21 -35.74 -6.50
N LYS Q 42 18.91 -35.99 -7.78
CA LYS Q 42 18.14 -37.15 -8.18
C LYS Q 42 18.80 -37.83 -9.37
N ALA Q 43 18.32 -39.02 -9.70
CA ALA Q 43 18.92 -39.81 -10.78
C ALA Q 43 18.35 -39.36 -12.12
N PRO Q 44 19.08 -39.63 -13.22
CA PRO Q 44 18.56 -39.30 -14.53
C PRO Q 44 17.22 -39.95 -14.82
N LYS Q 45 16.37 -39.24 -15.56
CA LYS Q 45 15.12 -39.78 -16.07
C LYS Q 45 15.23 -39.79 -17.58
N LEU Q 46 14.79 -40.88 -18.22
CA LEU Q 46 14.89 -41.01 -19.67
C LEU Q 46 13.77 -40.23 -20.33
N LEU Q 47 14.12 -39.43 -21.33
CA LEU Q 47 13.13 -38.65 -22.08
C LEU Q 47 12.89 -39.18 -23.48
N ILE Q 48 13.99 -39.35 -24.22
CA ILE Q 48 13.94 -39.81 -25.59
C ILE Q 48 14.90 -40.97 -25.75
N TYR Q 49 14.55 -41.89 -26.65
CA TYR Q 49 15.46 -42.93 -27.11
C TYR Q 49 15.37 -43.07 -28.63
N SER Q 50 16.24 -43.91 -29.20
CA SER Q 50 16.42 -43.99 -30.66
C SER Q 50 16.36 -42.63 -31.33
N ALA Q 51 17.00 -41.63 -30.71
CA ALA Q 51 17.14 -40.28 -31.27
C ALA Q 51 15.87 -39.44 -31.31
N SER Q 52 14.71 -40.06 -31.57
CA SER Q 52 13.48 -39.31 -31.87
C SER Q 52 12.22 -39.77 -31.13
N SER Q 53 12.12 -41.06 -30.79
CA SER Q 53 10.91 -41.58 -30.12
C SER Q 53 10.85 -41.21 -28.63
N LEU Q 54 9.64 -40.93 -28.16
CA LEU Q 54 9.41 -40.41 -26.82
C LEU Q 54 9.14 -41.53 -25.84
N TYR Q 55 9.80 -41.49 -24.69
CA TYR Q 55 9.62 -42.54 -23.69
C TYR Q 55 8.23 -42.39 -23.08
N SER Q 56 7.68 -43.53 -22.66
CA SER Q 56 6.32 -43.58 -22.09
C SER Q 56 6.21 -42.73 -20.82
N GLY Q 57 5.29 -41.78 -20.82
CA GLY Q 57 5.03 -40.95 -19.64
C GLY Q 57 5.77 -39.62 -19.62
N VAL Q 58 6.55 -39.37 -20.66
CA VAL Q 58 7.24 -38.10 -20.82
C VAL Q 58 6.29 -37.16 -21.54
N PRO Q 59 6.11 -35.93 -21.04
CA PRO Q 59 5.22 -34.99 -21.71
C PRO Q 59 5.67 -34.66 -23.12
N SER Q 60 4.71 -34.27 -23.96
CA SER Q 60 4.92 -34.17 -25.41
C SER Q 60 5.85 -33.05 -25.84
N ARG Q 61 6.00 -32.03 -25.00
CA ARG Q 61 6.86 -30.90 -25.33
C ARG Q 61 8.31 -31.33 -25.62
N PHE Q 62 8.78 -32.34 -24.89
CA PHE Q 62 10.09 -32.93 -25.15
C PHE Q 62 10.08 -33.71 -26.47
N SER Q 63 11.03 -33.40 -27.35
CA SER Q 63 11.05 -34.00 -28.69
C SER Q 63 12.46 -34.06 -29.26
N GLY Q 64 12.89 -35.28 -29.58
CA GLY Q 64 14.21 -35.53 -30.14
C GLY Q 64 14.17 -35.53 -31.66
N SER Q 65 15.29 -35.15 -32.26
CA SER Q 65 15.41 -35.05 -33.72
C SER Q 65 16.86 -35.28 -34.17
N ARG Q 66 17.04 -35.52 -35.47
CA ARG Q 66 18.34 -35.91 -36.02
C ARG Q 66 18.69 -35.22 -37.33
N SER Q 67 20.00 -35.04 -37.56
CA SER Q 67 20.52 -34.57 -38.85
C SER Q 67 21.84 -35.28 -39.19
N GLY Q 68 21.79 -36.60 -39.28
CA GLY Q 68 22.92 -37.45 -39.66
C GLY Q 68 24.22 -37.37 -38.88
N THR Q 69 24.15 -36.95 -37.61
CA THR Q 69 25.31 -36.79 -36.69
C THR Q 69 25.00 -35.73 -35.64
N ASP Q 70 24.25 -34.72 -36.05
CA ASP Q 70 23.80 -33.66 -35.13
C ASP Q 70 22.44 -34.05 -34.58
N PHE Q 71 22.41 -34.36 -33.28
CA PHE Q 71 21.17 -34.71 -32.60
C PHE Q 71 20.69 -33.54 -31.79
N THR Q 72 19.38 -33.41 -31.64
CA THR Q 72 18.79 -32.19 -31.10
C THR Q 72 17.56 -32.42 -30.22
N LEU Q 73 17.72 -32.20 -28.92
CA LEU Q 73 16.59 -32.21 -28.00
C LEU Q 73 15.91 -30.85 -28.10
N THR Q 74 14.59 -30.83 -28.19
CA THR Q 74 13.87 -29.56 -28.25
C THR Q 74 12.74 -29.54 -27.23
N ILE Q 75 12.77 -28.59 -26.31
CA ILE Q 75 11.69 -28.40 -25.37
C ILE Q 75 10.84 -27.29 -25.94
N SER Q 76 9.66 -27.67 -26.43
CA SER Q 76 8.82 -26.77 -27.23
C SER Q 76 8.12 -25.67 -26.41
N SER Q 77 7.80 -25.97 -25.15
CA SER Q 77 7.13 -24.99 -24.28
C SER Q 77 7.69 -25.07 -22.85
N LEU Q 78 8.92 -24.59 -22.69
CA LEU Q 78 9.65 -24.68 -21.42
C LEU Q 78 8.77 -24.28 -20.26
N GLN Q 79 8.90 -25.03 -19.16
CA GLN Q 79 8.10 -24.79 -17.98
C GLN Q 79 8.95 -24.90 -16.71
N PRO Q 80 8.56 -24.18 -15.65
CA PRO Q 80 9.42 -24.01 -14.48
C PRO Q 80 9.94 -25.31 -13.89
N GLU Q 81 9.18 -26.41 -14.04
CA GLU Q 81 9.63 -27.72 -13.57
C GLU Q 81 10.52 -28.45 -14.57
N ASP Q 82 10.92 -27.79 -15.65
CA ASP Q 82 11.90 -28.35 -16.59
C ASP Q 82 13.31 -27.92 -16.22
N PHE Q 83 13.42 -27.09 -15.19
CA PHE Q 83 14.71 -26.74 -14.65
C PHE Q 83 15.47 -28.02 -14.34
N ALA Q 84 16.55 -28.27 -15.08
CA ALA Q 84 17.32 -29.49 -14.93
C ALA Q 84 18.61 -29.46 -15.75
N THR Q 85 19.42 -30.49 -15.60
CA THR Q 85 20.58 -30.69 -16.46
C THR Q 85 20.22 -31.79 -17.43
N TYR Q 86 20.45 -31.54 -18.73
CA TYR Q 86 20.04 -32.47 -19.78
C TYR Q 86 21.24 -33.12 -20.41
N TYR Q 87 21.28 -34.45 -20.43
CA TYR Q 87 22.39 -35.21 -21.01
C TYR Q 87 21.96 -36.00 -22.23
N CYS Q 88 22.68 -35.86 -23.35
CA CYS Q 88 22.52 -36.77 -24.49
C CYS Q 88 23.36 -37.99 -24.22
N GLN Q 89 23.11 -39.06 -24.96
CA GLN Q 89 23.81 -40.33 -24.75
C GLN Q 89 23.73 -41.14 -26.01
N GLN Q 90 24.89 -41.55 -26.52
CA GLN Q 90 24.97 -42.38 -27.70
C GLN Q 90 25.26 -43.81 -27.25
N TYR Q 91 24.69 -44.80 -27.95
CA TYR Q 91 25.15 -46.20 -27.82
C TYR Q 91 25.78 -46.67 -29.15
N SER Q 92 25.37 -47.81 -29.69
CA SER Q 92 26.11 -48.49 -30.78
C SER Q 92 27.43 -49.06 -30.24
N TYR Q 93 27.48 -50.39 -30.17
CA TYR Q 93 28.56 -51.07 -29.45
C TYR Q 93 29.87 -51.03 -30.24
N TYR Q 94 30.65 -49.98 -29.97
CA TYR Q 94 32.01 -49.89 -30.51
C TYR Q 94 32.94 -50.58 -29.50
N TYR Q 95 33.83 -49.82 -28.85
CA TYR Q 95 34.61 -50.36 -27.74
C TYR Q 95 33.69 -50.35 -26.51
N TYR Q 96 33.16 -49.18 -26.20
CA TYR Q 96 32.25 -49.02 -25.06
C TYR Q 96 30.81 -49.24 -25.48
N PRO Q 97 29.93 -49.59 -24.50
CA PRO Q 97 28.50 -49.69 -24.77
C PRO Q 97 27.81 -48.35 -24.93
N PHE Q 98 28.26 -47.32 -24.21
CA PHE Q 98 27.72 -45.96 -24.40
C PHE Q 98 28.63 -44.84 -23.89
N THR Q 99 28.32 -43.62 -24.34
CA THR Q 99 29.00 -42.42 -23.89
C THR Q 99 28.03 -41.25 -23.78
N PHE Q 100 28.13 -40.54 -22.66
CA PHE Q 100 27.27 -39.41 -22.40
C PHE Q 100 27.85 -38.10 -22.92
N GLY Q 101 27.01 -37.08 -23.00
CA GLY Q 101 27.45 -35.73 -23.27
C GLY Q 101 27.85 -35.06 -21.97
N GLN Q 102 28.52 -33.93 -22.06
CA GLN Q 102 29.01 -33.24 -20.89
C GLN Q 102 27.87 -32.59 -20.12
N GLY Q 103 26.74 -32.38 -20.78
CA GLY Q 103 25.51 -31.96 -20.10
C GLY Q 103 25.21 -30.47 -20.19
N THR Q 104 23.93 -30.13 -20.06
CA THR Q 104 23.44 -28.77 -20.26
C THR Q 104 22.42 -28.34 -19.19
N LYS Q 105 22.79 -27.42 -18.31
CA LYS Q 105 21.86 -26.91 -17.29
C LYS Q 105 20.96 -25.86 -17.90
N VAL Q 106 19.67 -26.16 -17.98
CA VAL Q 106 18.68 -25.22 -18.47
C VAL Q 106 17.98 -24.54 -17.32
N GLU Q 107 18.10 -23.21 -17.27
CA GLU Q 107 17.58 -22.38 -16.18
C GLU Q 107 16.24 -21.75 -16.56
N ILE Q 108 15.53 -21.20 -15.57
CA ILE Q 108 14.30 -20.51 -15.86
C ILE Q 108 14.50 -19.02 -15.70
N LYS Q 109 13.93 -18.23 -16.62
CA LYS Q 109 13.88 -16.78 -16.48
C LYS Q 109 12.50 -16.35 -16.03
N ARG Q 110 12.45 -15.53 -14.98
CA ARG Q 110 11.17 -15.02 -14.46
C ARG Q 110 11.29 -13.55 -14.06
N THR Q 111 10.19 -12.98 -13.57
CA THR Q 111 10.17 -11.58 -13.16
C THR Q 111 11.06 -11.35 -11.93
N VAL Q 112 11.54 -10.13 -11.77
CA VAL Q 112 12.43 -9.81 -10.65
C VAL Q 112 11.64 -9.99 -9.36
N ALA Q 113 12.23 -10.70 -8.39
CA ALA Q 113 11.58 -10.92 -7.09
C ALA Q 113 12.56 -10.66 -5.94
N ALA Q 114 12.08 -9.92 -4.94
CA ALA Q 114 12.93 -9.46 -3.85
C ALA Q 114 12.90 -10.44 -2.70
N PRO Q 115 14.05 -10.64 -2.03
CA PRO Q 115 14.13 -11.56 -0.90
C PRO Q 115 13.46 -11.07 0.37
N SER Q 116 12.82 -11.99 1.07
CA SER Q 116 12.47 -11.78 2.47
C SER Q 116 13.73 -12.11 3.26
N VAL Q 117 14.19 -11.18 4.09
CA VAL Q 117 15.46 -11.31 4.80
C VAL Q 117 15.25 -11.61 6.28
N PHE Q 118 16.01 -12.56 6.79
CA PHE Q 118 15.97 -12.93 8.20
C PHE Q 118 17.39 -13.07 8.73
N ILE Q 119 17.56 -12.87 10.04
CA ILE Q 119 18.86 -13.06 10.68
C ILE Q 119 18.70 -13.83 11.97
N PHE Q 120 19.62 -14.78 12.20
CA PHE Q 120 19.55 -15.69 13.34
C PHE Q 120 20.80 -15.59 14.22
N PRO Q 121 20.61 -15.33 15.52
CA PRO Q 121 21.74 -15.29 16.42
C PRO Q 121 22.19 -16.71 16.75
N PRO Q 122 23.42 -16.87 17.28
CA PRO Q 122 23.87 -18.20 17.67
C PRO Q 122 23.06 -18.76 18.83
N SER Q 123 22.92 -20.08 18.85
CA SER Q 123 22.20 -20.76 19.92
C SER Q 123 23.00 -20.70 21.21
N ASP Q 124 22.29 -20.58 22.33
CA ASP Q 124 22.93 -20.65 23.66
C ASP Q 124 23.60 -22.01 23.85
N GLU Q 125 23.02 -23.05 23.25
CA GLU Q 125 23.61 -24.39 23.27
C GLU Q 125 24.93 -24.43 22.47
N GLN Q 126 25.01 -23.65 21.40
CA GLN Q 126 26.24 -23.56 20.60
C GLN Q 126 27.35 -22.82 21.34
N LEU Q 127 26.98 -21.76 22.05
CA LEU Q 127 27.94 -20.97 22.82
C LEU Q 127 28.66 -21.79 23.91
N LYS Q 128 28.01 -22.81 24.43
CA LYS Q 128 28.64 -23.74 25.37
C LYS Q 128 29.88 -24.41 24.76
N SER Q 129 29.77 -24.84 23.51
CA SER Q 129 30.84 -25.60 22.84
C SER Q 129 32.05 -24.75 22.45
N GLY Q 130 31.89 -23.44 22.42
CA GLY Q 130 33.01 -22.51 22.19
C GLY Q 130 33.00 -21.80 20.84
N THR Q 131 32.01 -22.08 20.00
CA THR Q 131 31.85 -21.39 18.72
C THR Q 131 30.57 -20.55 18.68
N ALA Q 132 30.48 -19.70 17.66
CA ALA Q 132 29.31 -18.85 17.45
C ALA Q 132 29.07 -18.65 15.96
N SER Q 133 27.92 -19.13 15.49
CA SER Q 133 27.53 -19.01 14.08
C SER Q 133 26.30 -18.14 13.93
N VAL Q 134 26.45 -17.03 13.19
CA VAL Q 134 25.32 -16.17 12.88
C VAL Q 134 24.86 -16.51 11.46
N VAL Q 135 23.55 -16.55 11.25
CA VAL Q 135 23.00 -16.96 9.96
C VAL Q 135 22.10 -15.86 9.39
N CYS Q 136 22.45 -15.37 8.20
CA CYS Q 136 21.61 -14.44 7.48
C CYS Q 136 20.91 -15.23 6.39
N LEU Q 137 19.59 -15.16 6.36
CA LEU Q 137 18.79 -15.95 5.43
C LEU Q 137 18.11 -15.06 4.40
N LEU Q 138 18.38 -15.30 3.12
CA LEU Q 138 17.65 -14.67 2.02
C LEU Q 138 16.70 -15.70 1.42
N ASN Q 139 15.43 -15.35 1.32
CA ASN Q 139 14.42 -16.31 0.94
C ASN Q 139 13.63 -15.90 -0.30
N ASN Q 140 13.46 -16.84 -1.22
CA ASN Q 140 12.59 -16.68 -2.40
C ASN Q 140 12.82 -15.40 -3.21
N PHE Q 141 13.95 -15.35 -3.89
CA PHE Q 141 14.33 -14.18 -4.67
C PHE Q 141 14.86 -14.58 -6.04
N TYR Q 142 14.70 -13.69 -7.01
CA TYR Q 142 15.28 -13.85 -8.33
C TYR Q 142 15.80 -12.49 -8.80
N PRO Q 143 16.96 -12.45 -9.49
CA PRO Q 143 17.83 -13.57 -9.87
C PRO Q 143 18.77 -14.03 -8.75
N ARG Q 144 19.59 -15.03 -9.04
CA ARG Q 144 20.51 -15.60 -8.05
C ARG Q 144 21.53 -14.56 -7.60
N GLU Q 145 21.95 -13.71 -8.53
CA GLU Q 145 22.96 -12.68 -8.28
C GLU Q 145 22.55 -11.75 -7.12
N ALA Q 146 23.00 -12.09 -5.92
CA ALA Q 146 22.75 -11.27 -4.74
C ALA Q 146 24.03 -11.16 -3.90
N LYS Q 147 24.24 -9.99 -3.30
CA LYS Q 147 25.43 -9.71 -2.51
C LYS Q 147 25.05 -9.49 -1.04
N VAL Q 148 25.54 -10.37 -0.17
CA VAL Q 148 25.33 -10.23 1.28
C VAL Q 148 26.64 -9.81 1.92
N GLN Q 149 26.55 -8.83 2.82
CA GLN Q 149 27.73 -8.34 3.53
C GLN Q 149 27.44 -8.14 5.02
N TRP Q 150 28.33 -8.67 5.86
CA TRP Q 150 28.13 -8.66 7.30
C TRP Q 150 28.73 -7.42 7.96
N LYS Q 151 28.08 -6.96 9.03
CA LYS Q 151 28.56 -5.82 9.82
C LYS Q 151 28.52 -6.11 11.32
N VAL Q 152 29.71 -6.21 11.92
CA VAL Q 152 29.87 -6.34 13.37
C VAL Q 152 30.31 -4.98 13.92
N ASP Q 153 29.38 -4.28 14.57
CA ASP Q 153 29.61 -2.91 15.04
C ASP Q 153 30.09 -1.99 13.91
N ASN Q 154 29.30 -1.96 12.84
CA ASN Q 154 29.60 -1.17 11.64
C ASN Q 154 30.98 -1.42 11.02
N ALA Q 155 31.48 -2.65 11.16
CA ALA Q 155 32.74 -3.07 10.54
C ALA Q 155 32.46 -4.16 9.52
N LEU Q 156 32.94 -3.97 8.29
CA LEU Q 156 32.81 -5.00 7.26
C LEU Q 156 33.53 -6.28 7.69
N GLN Q 157 33.38 -7.34 6.91
CA GLN Q 157 33.97 -8.64 7.26
C GLN Q 157 34.70 -9.27 6.09
N SER Q 158 35.64 -10.17 6.41
CA SER Q 158 36.53 -10.78 5.43
C SER Q 158 36.53 -12.30 5.61
N GLY Q 159 36.34 -13.02 4.50
CA GLY Q 159 36.48 -14.50 4.44
C GLY Q 159 36.26 -15.30 5.72
N ASN Q 160 35.31 -14.86 6.55
CA ASN Q 160 34.93 -15.57 7.76
C ASN Q 160 33.43 -15.92 7.72
N SER Q 161 32.91 -15.96 6.50
CA SER Q 161 31.50 -16.22 6.24
C SER Q 161 31.38 -16.94 4.92
N GLN Q 162 30.47 -17.91 4.87
CA GLN Q 162 30.28 -18.73 3.67
C GLN Q 162 28.81 -18.73 3.23
N GLU Q 163 28.62 -18.75 1.92
CA GLU Q 163 27.28 -18.72 1.33
C GLU Q 163 26.91 -20.09 0.77
N SER Q 164 25.65 -20.45 0.95
CA SER Q 164 25.07 -21.62 0.32
C SER Q 164 23.79 -21.19 -0.35
N VAL Q 165 23.59 -21.62 -1.60
CA VAL Q 165 22.44 -21.19 -2.39
C VAL Q 165 21.56 -22.36 -2.80
N THR Q 166 20.27 -22.22 -2.50
CA THR Q 166 19.27 -23.17 -2.95
C THR Q 166 19.35 -23.31 -4.47
N GLU Q 167 18.93 -24.48 -4.96
CA GLU Q 167 18.85 -24.71 -6.39
C GLU Q 167 17.48 -24.22 -6.87
N GLN Q 168 17.42 -23.69 -8.10
CA GLN Q 168 16.20 -23.04 -8.58
C GLN Q 168 14.93 -23.87 -8.33
N ASP Q 169 13.91 -23.22 -7.77
CA ASP Q 169 12.67 -23.89 -7.39
C ASP Q 169 11.91 -24.38 -8.61
N SER Q 170 11.24 -25.53 -8.44
CA SER Q 170 10.50 -26.17 -9.53
C SER Q 170 9.13 -25.52 -9.81
N LYS Q 171 8.53 -24.91 -8.79
CA LYS Q 171 7.23 -24.24 -8.95
C LYS Q 171 7.35 -22.77 -9.41
N ASP Q 172 7.89 -21.90 -8.56
CA ASP Q 172 7.97 -20.47 -8.85
C ASP Q 172 9.33 -19.99 -9.43
N SER Q 173 10.33 -20.87 -9.42
CA SER Q 173 11.64 -20.60 -10.03
C SER Q 173 12.50 -19.54 -9.31
N THR Q 174 12.22 -19.31 -8.03
CA THR Q 174 13.02 -18.41 -7.21
C THR Q 174 14.17 -19.16 -6.57
N TYR Q 175 15.10 -18.40 -6.00
CA TYR Q 175 16.22 -18.93 -5.23
C TYR Q 175 16.12 -18.55 -3.77
N SER Q 176 16.88 -19.25 -2.94
CA SER Q 176 17.05 -18.89 -1.54
C SER Q 176 18.53 -19.05 -1.19
N LEU Q 177 18.98 -18.36 -0.14
CA LEU Q 177 20.39 -18.25 0.16
C LEU Q 177 20.65 -18.06 1.64
N SER Q 178 21.64 -18.79 2.16
CA SER Q 178 22.09 -18.62 3.55
C SER Q 178 23.54 -18.16 3.58
N SER Q 179 23.81 -17.11 4.36
CA SER Q 179 25.17 -16.66 4.64
C SER Q 179 25.46 -16.94 6.10
N THR Q 180 26.58 -17.61 6.38
CA THR Q 180 26.88 -18.11 7.72
C THR Q 180 28.15 -17.49 8.27
N LEU Q 181 27.99 -16.52 9.17
CA LEU Q 181 29.12 -15.83 9.80
C LEU Q 181 29.59 -16.60 11.03
N THR Q 182 30.79 -17.17 10.92
CA THR Q 182 31.34 -18.03 11.98
C THR Q 182 32.41 -17.29 12.78
N LEU Q 183 32.28 -17.32 14.11
CA LEU Q 183 33.26 -16.71 15.02
C LEU Q 183 33.47 -17.59 16.25
N SER Q 184 34.45 -17.23 17.06
CA SER Q 184 34.67 -17.88 18.36
C SER Q 184 33.74 -17.26 19.39
N LYS Q 185 33.51 -17.98 20.50
CA LYS Q 185 32.67 -17.47 21.58
C LYS Q 185 33.25 -16.16 22.15
N ALA Q 186 34.57 -16.15 22.32
CA ALA Q 186 35.28 -15.00 22.87
C ALA Q 186 35.18 -13.77 21.97
N ASP Q 187 35.42 -13.98 20.67
CA ASP Q 187 35.35 -12.89 19.69
C ASP Q 187 33.91 -12.39 19.54
N TYR Q 188 32.95 -13.31 19.59
CA TYR Q 188 31.53 -12.97 19.54
C TYR Q 188 31.09 -12.18 20.77
N GLU Q 189 31.66 -12.53 21.92
CA GLU Q 189 31.32 -11.90 23.20
C GLU Q 189 31.94 -10.50 23.41
N LYS Q 190 32.69 -10.01 22.42
CA LYS Q 190 33.34 -8.71 22.54
C LYS Q 190 32.72 -7.64 21.62
N HIS Q 191 31.53 -7.93 21.07
CA HIS Q 191 30.84 -6.98 20.21
C HIS Q 191 29.33 -7.06 20.44
N LYS Q 192 28.61 -5.95 20.19
CA LYS Q 192 27.19 -5.86 20.55
C LYS Q 192 26.24 -5.94 19.35
N VAL Q 193 26.55 -5.21 18.27
CA VAL Q 193 25.68 -5.14 17.09
C VAL Q 193 26.13 -6.10 15.99
N TYR Q 194 25.26 -7.02 15.62
CA TYR Q 194 25.50 -7.90 14.48
C TYR Q 194 24.45 -7.63 13.41
N ALA Q 195 24.89 -7.54 12.16
CA ALA Q 195 24.01 -7.13 11.08
C ALA Q 195 24.48 -7.68 9.75
N CYS Q 196 23.52 -8.12 8.92
CA CYS Q 196 23.80 -8.47 7.54
C CYS Q 196 23.08 -7.50 6.60
N GLU Q 197 23.79 -7.04 5.58
CA GLU Q 197 23.32 -6.01 4.68
C GLU Q 197 23.10 -6.65 3.31
N VAL Q 198 21.83 -6.74 2.91
CA VAL Q 198 21.46 -7.41 1.66
C VAL Q 198 21.31 -6.43 0.51
N THR Q 199 22.02 -6.70 -0.58
CA THR Q 199 21.99 -5.85 -1.77
C THR Q 199 21.47 -6.69 -2.93
N HIS Q 200 20.30 -6.31 -3.45
CA HIS Q 200 19.67 -7.09 -4.51
C HIS Q 200 19.03 -6.21 -5.58
N GLN Q 201 18.99 -6.72 -6.80
CA GLN Q 201 18.34 -6.05 -7.92
C GLN Q 201 16.87 -5.78 -7.63
N GLY Q 202 16.26 -6.63 -6.82
CA GLY Q 202 14.85 -6.54 -6.47
C GLY Q 202 14.47 -5.32 -5.66
N LEU Q 203 14.84 -5.29 -4.39
CA LEU Q 203 14.58 -4.12 -3.54
C LEU Q 203 15.41 -2.91 -3.96
N SER Q 204 14.83 -1.75 -3.71
CA SER Q 204 15.42 -0.49 -4.12
C SER Q 204 16.49 -0.01 -3.16
N SER Q 205 16.21 -0.14 -1.86
CA SER Q 205 17.11 0.34 -0.83
C SER Q 205 17.74 -0.84 -0.08
N PRO Q 206 19.06 -1.03 -0.24
CA PRO Q 206 19.75 -2.15 0.41
C PRO Q 206 19.26 -2.35 1.83
N VAL Q 207 18.46 -3.39 2.04
CA VAL Q 207 17.84 -3.66 3.32
C VAL Q 207 18.84 -4.30 4.29
N THR Q 208 18.77 -3.87 5.55
CA THR Q 208 19.66 -4.34 6.59
C THR Q 208 18.82 -4.91 7.72
N LYS Q 209 19.28 -6.04 8.27
CA LYS Q 209 18.63 -6.68 9.39
C LYS Q 209 19.69 -6.96 10.45
N SER Q 210 19.35 -6.72 11.72
CA SER Q 210 20.34 -6.74 12.79
C SER Q 210 19.77 -7.08 14.17
N PHE Q 211 20.66 -7.42 15.11
CA PHE Q 211 20.28 -7.75 16.48
C PHE Q 211 21.37 -7.41 17.50
N ASN Q 212 20.96 -7.30 18.76
CA ASN Q 212 21.86 -7.01 19.88
C ASN Q 212 21.79 -8.13 20.93
N ARG Q 213 22.95 -8.64 21.35
CA ARG Q 213 23.00 -9.73 22.33
C ARG Q 213 22.76 -9.23 23.75
N GLU R 1 5.15 -52.73 -10.35
CA GLU R 1 5.87 -51.44 -10.06
C GLU R 1 7.38 -51.67 -9.98
N VAL R 2 8.10 -51.10 -10.93
CA VAL R 2 9.55 -51.33 -11.07
C VAL R 2 10.33 -50.36 -10.20
N GLN R 3 11.34 -50.86 -9.49
CA GLN R 3 12.29 -49.98 -8.83
C GLN R 3 13.63 -50.66 -8.55
N LEU R 4 14.70 -49.87 -8.64
CA LEU R 4 16.04 -50.32 -8.28
C LEU R 4 16.48 -49.58 -7.03
N VAL R 5 17.14 -50.29 -6.13
CA VAL R 5 17.56 -49.74 -4.84
C VAL R 5 19.02 -50.10 -4.60
N GLU R 6 19.83 -49.08 -4.33
CA GLU R 6 21.26 -49.28 -4.09
C GLU R 6 21.61 -49.10 -2.62
N SER R 7 22.75 -49.68 -2.24
CA SER R 7 23.21 -49.62 -0.85
C SER R 7 24.70 -49.91 -0.76
N GLY R 8 25.29 -49.59 0.39
CA GLY R 8 26.67 -49.99 0.72
C GLY R 8 27.74 -48.95 0.46
N GLY R 9 27.36 -47.79 -0.07
CA GLY R 9 28.29 -46.69 -0.29
C GLY R 9 28.68 -46.05 1.02
N GLY R 10 29.80 -45.32 1.01
CA GLY R 10 30.27 -44.63 2.22
C GLY R 10 31.72 -44.19 2.15
N LEU R 11 32.37 -44.11 3.31
CA LEU R 11 33.75 -43.63 3.41
C LEU R 11 34.71 -44.80 3.34
N VAL R 12 35.76 -44.67 2.54
CA VAL R 12 36.82 -45.70 2.46
C VAL R 12 38.21 -45.12 2.23
N GLN R 13 39.19 -45.69 2.93
CA GLN R 13 40.58 -45.30 2.79
C GLN R 13 41.08 -45.71 1.42
N PRO R 14 41.90 -44.86 0.78
CA PRO R 14 42.51 -45.24 -0.50
C PRO R 14 43.16 -46.62 -0.45
N GLY R 15 43.10 -47.34 -1.56
CA GLY R 15 43.55 -48.72 -1.61
C GLY R 15 42.57 -49.71 -0.98
N GLY R 16 41.47 -49.20 -0.44
CA GLY R 16 40.50 -50.03 0.25
C GLY R 16 39.46 -50.66 -0.67
N SER R 17 38.67 -51.56 -0.11
CA SER R 17 37.59 -52.21 -0.84
C SER R 17 36.25 -51.67 -0.38
N LEU R 18 35.23 -51.92 -1.20
CA LEU R 18 33.91 -51.40 -0.96
C LEU R 18 32.95 -52.12 -1.91
N ARG R 19 31.80 -52.57 -1.38
CA ARG R 19 30.88 -53.40 -2.15
C ARG R 19 29.53 -52.72 -2.26
N LEU R 20 29.03 -52.61 -3.48
CA LEU R 20 27.75 -51.97 -3.74
C LEU R 20 26.72 -53.02 -4.14
N SER R 21 25.48 -52.83 -3.69
CA SER R 21 24.38 -53.77 -3.93
C SER R 21 23.19 -53.08 -4.57
N CYS R 22 22.73 -53.60 -5.71
CA CYS R 22 21.61 -53.03 -6.44
C CYS R 22 20.45 -54.02 -6.42
N ALA R 23 19.40 -53.69 -5.69
CA ALA R 23 18.31 -54.63 -5.39
C ALA R 23 17.06 -54.37 -6.23
N ALA R 24 16.83 -55.26 -7.21
CA ALA R 24 15.73 -55.10 -8.17
C ALA R 24 14.39 -55.53 -7.59
N SER R 25 13.33 -54.87 -8.06
CA SER R 25 11.96 -55.16 -7.65
C SER R 25 10.96 -54.85 -8.76
N GLY R 26 10.13 -55.83 -9.11
CA GLY R 26 9.08 -55.63 -10.11
C GLY R 26 9.41 -56.09 -11.52
N PHE R 27 10.48 -56.86 -11.68
CA PHE R 27 10.79 -57.47 -12.97
C PHE R 27 11.77 -58.63 -12.78
N ASN R 28 11.72 -59.59 -13.68
CA ASN R 28 12.63 -60.73 -13.61
C ASN R 28 14.05 -60.29 -13.94
N PHE R 29 14.83 -60.11 -12.88
CA PHE R 29 16.22 -59.68 -12.98
C PHE R 29 17.07 -60.73 -13.74
N SER R 30 16.56 -61.95 -13.83
CA SER R 30 17.17 -63.00 -14.65
C SER R 30 17.06 -62.71 -16.14
N SER R 31 15.86 -62.32 -16.55
CA SER R 31 15.54 -62.07 -17.96
C SER R 31 15.78 -60.62 -18.38
N SER R 32 16.77 -59.96 -17.77
CA SER R 32 17.15 -58.59 -18.12
C SER R 32 18.61 -58.31 -17.74
N SER R 33 19.02 -57.04 -17.77
CA SER R 33 20.42 -56.67 -17.53
C SER R 33 20.56 -55.31 -16.86
N ILE R 34 21.75 -55.08 -16.27
CA ILE R 34 22.02 -53.91 -15.42
C ILE R 34 23.31 -53.19 -15.82
N HIS R 35 23.26 -51.87 -15.82
CA HIS R 35 24.45 -51.04 -15.97
C HIS R 35 24.79 -50.45 -14.63
N TRP R 36 26.07 -50.16 -14.43
CA TRP R 36 26.53 -49.28 -13.35
C TRP R 36 27.11 -48.04 -13.98
N VAL R 37 26.67 -46.90 -13.49
CA VAL R 37 27.08 -45.62 -14.01
C VAL R 37 27.44 -44.78 -12.80
N ARG R 38 28.52 -44.02 -12.91
CA ARG R 38 28.90 -43.15 -11.81
C ARG R 38 28.98 -41.70 -12.27
N GLN R 39 28.82 -40.79 -11.32
CA GLN R 39 28.80 -39.38 -11.60
C GLN R 39 29.54 -38.65 -10.49
N ALA R 40 30.73 -38.14 -10.82
CA ALA R 40 31.55 -37.41 -9.86
C ALA R 40 30.93 -36.05 -9.54
N PRO R 41 31.13 -35.53 -8.30
CA PRO R 41 30.52 -34.27 -7.90
C PRO R 41 30.76 -33.15 -8.91
N GLY R 42 29.68 -32.58 -9.43
CA GLY R 42 29.75 -31.50 -10.43
C GLY R 42 29.86 -32.02 -11.86
N LYS R 43 30.73 -33.00 -12.06
CA LYS R 43 30.96 -33.63 -13.36
C LYS R 43 29.73 -34.42 -13.85
N GLY R 44 29.73 -34.81 -15.13
CA GLY R 44 28.66 -35.61 -15.74
C GLY R 44 28.78 -37.14 -15.59
N LEU R 45 27.99 -37.86 -16.38
CA LEU R 45 27.81 -39.31 -16.23
C LEU R 45 28.87 -40.11 -16.96
N GLU R 46 29.32 -41.19 -16.34
CA GLU R 46 30.39 -42.03 -16.87
C GLU R 46 30.07 -43.51 -16.65
N TRP R 47 30.22 -44.31 -17.70
CA TRP R 47 29.98 -45.75 -17.60
C TRP R 47 31.07 -46.46 -16.80
N VAL R 48 30.66 -47.34 -15.89
CA VAL R 48 31.59 -48.11 -15.08
C VAL R 48 31.66 -49.53 -15.62
N ALA R 49 30.53 -50.24 -15.52
CA ALA R 49 30.50 -51.65 -15.90
C ALA R 49 29.07 -52.16 -16.13
N TYR R 50 28.98 -53.34 -16.75
CA TYR R 50 27.70 -53.91 -17.22
C TYR R 50 27.64 -55.42 -17.01
N ILE R 51 26.46 -55.93 -16.69
CA ILE R 51 26.24 -57.37 -16.54
C ILE R 51 24.90 -57.82 -17.15
N TYR R 52 24.92 -59.02 -17.72
CA TYR R 52 23.75 -59.64 -18.33
C TYR R 52 23.70 -61.07 -17.80
N PRO R 53 23.10 -61.26 -16.61
CA PRO R 53 23.20 -62.54 -15.89
C PRO R 53 22.82 -63.77 -16.72
N SER R 54 21.82 -63.65 -17.57
CA SER R 54 21.36 -64.80 -18.37
C SER R 54 22.48 -65.51 -19.14
N TYR R 55 23.39 -64.75 -19.73
CA TYR R 55 24.50 -65.31 -20.49
C TYR R 55 25.85 -65.16 -19.80
N SER R 56 25.83 -64.93 -18.48
CA SER R 56 27.05 -64.65 -17.71
C SER R 56 28.06 -63.82 -18.50
N TYR R 57 27.56 -62.75 -19.10
CA TYR R 57 28.41 -61.79 -19.80
C TYR R 57 28.60 -60.61 -18.86
N THR R 58 29.83 -60.11 -18.82
CA THR R 58 30.15 -58.94 -18.03
C THR R 58 31.21 -58.11 -18.76
N SER R 59 31.11 -56.78 -18.66
CA SER R 59 32.11 -55.92 -19.28
C SER R 59 32.34 -54.68 -18.43
N TYR R 60 33.60 -54.19 -18.45
CA TYR R 60 34.03 -53.09 -17.61
C TYR R 60 34.65 -51.96 -18.42
N ALA R 61 34.65 -50.76 -17.83
CA ALA R 61 35.33 -49.61 -18.42
C ALA R 61 36.82 -49.66 -18.11
N ASP R 62 37.65 -49.25 -19.07
CA ASP R 62 39.12 -49.31 -18.94
C ASP R 62 39.62 -48.79 -17.60
N SER R 63 39.16 -47.61 -17.21
CA SER R 63 39.58 -46.97 -15.96
C SER R 63 39.31 -47.82 -14.71
N VAL R 64 38.45 -48.82 -14.87
CA VAL R 64 38.07 -49.69 -13.76
C VAL R 64 38.55 -51.13 -13.96
N LYS R 65 38.67 -51.57 -15.21
CA LYS R 65 38.98 -52.98 -15.54
C LYS R 65 40.12 -53.51 -14.69
N GLY R 66 39.91 -54.68 -14.10
CA GLY R 66 40.92 -55.31 -13.25
C GLY R 66 40.74 -55.05 -11.76
N ARG R 67 40.10 -53.93 -11.42
CA ARG R 67 39.94 -53.52 -10.02
C ARG R 67 38.54 -53.79 -9.49
N PHE R 68 37.51 -53.54 -10.31
CA PHE R 68 36.12 -53.82 -9.92
C PHE R 68 35.68 -55.19 -10.45
N THR R 69 34.54 -55.67 -9.92
CA THR R 69 33.97 -56.96 -10.32
C THR R 69 32.44 -56.98 -10.18
N ILE R 70 31.72 -57.02 -11.30
CA ILE R 70 30.26 -57.12 -11.24
C ILE R 70 29.85 -58.56 -11.07
N SER R 71 28.91 -58.78 -10.16
CA SER R 71 28.27 -60.07 -10.01
C SER R 71 26.75 -59.91 -9.88
N ALA R 72 26.03 -61.01 -9.86
CA ALA R 72 24.59 -60.96 -9.72
C ALA R 72 24.07 -62.25 -9.12
N ASP R 73 23.33 -62.13 -8.02
CA ASP R 73 22.65 -63.27 -7.42
C ASP R 73 21.22 -63.28 -7.92
N THR R 74 20.98 -64.06 -8.97
CA THR R 74 19.66 -64.16 -9.61
C THR R 74 18.57 -64.56 -8.60
N SER R 75 18.93 -65.46 -7.68
CA SER R 75 18.02 -65.87 -6.60
C SER R 75 17.49 -64.65 -5.84
N LYS R 76 18.43 -63.83 -5.34
CA LYS R 76 18.07 -62.64 -4.54
C LYS R 76 17.50 -61.50 -5.37
N ASN R 77 17.60 -61.60 -6.70
CA ASN R 77 17.10 -60.56 -7.60
C ASN R 77 17.94 -59.28 -7.43
N THR R 78 19.27 -59.47 -7.32
CA THR R 78 20.20 -58.42 -6.91
C THR R 78 21.50 -58.44 -7.72
N ALA R 79 21.99 -57.26 -8.06
CA ALA R 79 23.30 -57.10 -8.70
C ALA R 79 24.28 -56.48 -7.72
N TYR R 80 25.56 -56.82 -7.87
CA TYR R 80 26.59 -56.33 -6.97
C TYR R 80 27.78 -55.76 -7.74
N LEU R 81 28.36 -54.69 -7.22
CA LEU R 81 29.60 -54.14 -7.78
C LEU R 81 30.64 -54.16 -6.68
N GLN R 82 31.64 -55.02 -6.83
CA GLN R 82 32.72 -55.15 -5.86
C GLN R 82 33.87 -54.27 -6.31
N MET R 83 34.20 -53.27 -5.50
CA MET R 83 35.20 -52.27 -5.86
C MET R 83 36.43 -52.40 -4.98
N ASN R 84 37.53 -52.85 -5.57
CA ASN R 84 38.79 -53.00 -4.85
C ASN R 84 39.78 -51.93 -5.27
N SER R 85 40.67 -51.57 -4.35
CA SER R 85 41.81 -50.69 -4.64
C SER R 85 41.37 -49.29 -5.08
N LEU R 86 40.47 -48.71 -4.29
CA LEU R 86 39.82 -47.44 -4.64
C LEU R 86 40.77 -46.26 -4.60
N ARG R 87 40.60 -45.34 -5.53
CA ARG R 87 41.44 -44.16 -5.64
C ARG R 87 40.62 -42.89 -5.40
N ALA R 88 41.28 -41.74 -5.37
CA ALA R 88 40.61 -40.46 -5.13
C ALA R 88 39.60 -40.12 -6.22
N GLU R 89 39.95 -40.42 -7.47
CA GLU R 89 39.06 -40.21 -8.61
C GLU R 89 37.80 -41.09 -8.59
N ASP R 90 37.87 -42.24 -7.91
CA ASP R 90 36.72 -43.13 -7.77
C ASP R 90 35.62 -42.57 -6.87
N THR R 91 35.89 -41.47 -6.18
CA THR R 91 34.86 -40.75 -5.45
C THR R 91 33.82 -40.26 -6.43
N ALA R 92 32.57 -40.70 -6.23
CA ALA R 92 31.45 -40.38 -7.13
C ALA R 92 30.11 -40.83 -6.55
N VAL R 93 29.03 -40.57 -7.30
CA VAL R 93 27.72 -41.15 -7.00
C VAL R 93 27.48 -42.32 -7.95
N TYR R 94 27.20 -43.50 -7.40
CA TYR R 94 27.10 -44.70 -8.20
C TYR R 94 25.65 -45.11 -8.41
N TYR R 95 25.22 -45.10 -9.68
CA TYR R 95 23.88 -45.50 -10.06
C TYR R 95 23.93 -46.85 -10.75
N CYS R 96 22.97 -47.71 -10.42
CA CYS R 96 22.68 -48.88 -11.26
C CYS R 96 21.39 -48.57 -11.98
N ALA R 97 21.32 -48.97 -13.24
CA ALA R 97 20.16 -48.69 -14.07
C ALA R 97 19.91 -49.88 -14.99
N ARG R 98 18.65 -50.26 -15.13
CA ARG R 98 18.31 -51.40 -15.96
C ARG R 98 18.20 -50.96 -17.41
N TYR R 99 18.39 -51.92 -18.30
CA TYR R 99 18.75 -51.66 -19.68
C TYR R 99 17.53 -51.68 -20.58
N TYR R 100 17.40 -50.66 -21.42
CA TYR R 100 16.26 -50.51 -22.34
C TYR R 100 16.62 -50.96 -23.76
N GLY R 101 15.70 -50.79 -24.70
CA GLY R 101 15.84 -51.33 -26.05
C GLY R 101 17.12 -50.96 -26.75
N THR R 102 17.90 -51.98 -27.14
CA THR R 102 19.15 -51.79 -27.91
C THR R 102 20.20 -50.85 -27.28
N GLY R 103 20.13 -50.65 -25.97
CA GLY R 103 20.92 -49.64 -25.27
C GLY R 103 20.01 -48.76 -24.41
N ALA R 104 20.57 -47.72 -23.83
CA ALA R 104 19.79 -46.78 -22.99
C ALA R 104 19.30 -47.42 -21.70
N MET R 105 19.00 -46.58 -20.72
CA MET R 105 18.58 -47.03 -19.40
C MET R 105 17.28 -46.33 -19.04
N ASP R 106 16.27 -47.11 -18.65
CA ASP R 106 14.94 -46.55 -18.38
C ASP R 106 14.68 -46.33 -16.89
N TYR R 107 15.02 -47.30 -16.06
CA TYR R 107 14.84 -47.18 -14.60
C TYR R 107 16.19 -47.11 -13.93
N TRP R 108 16.40 -46.05 -13.14
CA TRP R 108 17.66 -45.83 -12.42
C TRP R 108 17.42 -45.91 -10.93
N GLY R 109 18.45 -46.33 -10.21
CA GLY R 109 18.39 -46.33 -8.75
C GLY R 109 18.58 -44.93 -8.20
N GLN R 110 18.21 -44.75 -6.93
CA GLN R 110 18.37 -43.47 -6.24
C GLN R 110 19.84 -43.02 -6.17
N GLY R 111 20.75 -43.99 -6.13
CA GLY R 111 22.19 -43.71 -6.23
C GLY R 111 22.85 -43.57 -4.89
N THR R 112 23.97 -44.28 -4.69
CA THR R 112 24.74 -44.21 -3.45
C THR R 112 26.02 -43.42 -3.66
N LEU R 113 26.45 -42.75 -2.60
CA LEU R 113 27.61 -41.87 -2.63
C LEU R 113 28.84 -42.59 -2.06
N VAL R 114 29.81 -42.89 -2.92
CA VAL R 114 31.07 -43.51 -2.51
C VAL R 114 32.12 -42.42 -2.45
N THR R 115 32.69 -42.20 -1.28
CA THR R 115 33.64 -41.12 -1.08
C THR R 115 34.98 -41.65 -0.56
N VAL R 116 35.98 -41.65 -1.44
CA VAL R 116 37.31 -42.15 -1.11
C VAL R 116 38.15 -41.03 -0.50
N SER R 117 38.50 -41.19 0.78
CA SER R 117 39.34 -40.23 1.47
C SER R 117 39.97 -40.88 2.71
N SER R 118 41.14 -40.37 3.09
CA SER R 118 41.84 -40.85 4.27
C SER R 118 41.34 -40.21 5.57
N ALA R 119 40.46 -39.22 5.44
CA ALA R 119 40.00 -38.44 6.58
C ALA R 119 39.15 -39.24 7.58
N SER R 120 38.99 -38.66 8.77
CA SER R 120 38.21 -39.28 9.85
C SER R 120 36.70 -39.08 9.65
N THR R 121 35.91 -39.84 10.39
CA THR R 121 34.46 -39.68 10.39
C THR R 121 34.04 -38.80 11.55
N LYS R 122 33.24 -37.77 11.26
CA LYS R 122 32.68 -36.90 12.29
C LYS R 122 31.17 -36.78 12.17
N GLY R 123 30.48 -36.96 13.30
CA GLY R 123 29.06 -36.71 13.38
C GLY R 123 28.82 -35.23 13.60
N PRO R 124 27.67 -34.73 13.15
CA PRO R 124 27.39 -33.29 13.26
C PRO R 124 26.93 -32.86 14.65
N SER R 125 27.24 -31.62 15.00
CA SER R 125 26.60 -30.94 16.11
C SER R 125 25.42 -30.18 15.53
N VAL R 126 24.27 -30.21 16.21
CA VAL R 126 23.06 -29.57 15.69
C VAL R 126 22.59 -28.45 16.60
N PHE R 127 22.56 -27.23 16.07
CA PHE R 127 22.16 -26.06 16.82
C PHE R 127 20.91 -25.45 16.18
N PRO R 128 19.95 -25.01 17.00
CA PRO R 128 18.71 -24.42 16.49
C PRO R 128 18.85 -22.97 16.04
N LEU R 129 18.23 -22.64 14.91
CA LEU R 129 18.10 -21.25 14.46
C LEU R 129 16.73 -20.74 14.91
N ALA R 130 16.71 -20.10 16.07
CA ALA R 130 15.47 -19.67 16.71
C ALA R 130 14.93 -18.40 16.06
N PRO R 131 13.60 -18.33 15.88
CA PRO R 131 12.96 -17.18 15.26
C PRO R 131 12.92 -15.96 16.19
N SER R 132 12.63 -14.79 15.62
CA SER R 132 12.57 -13.55 16.39
C SER R 132 11.13 -13.00 16.39
N SER R 133 10.93 -11.76 15.94
CA SER R 133 9.60 -11.14 15.88
C SER R 133 9.20 -10.88 14.43
N GLY R 139 4.34 -10.87 10.71
CA GLY R 139 3.66 -11.43 9.54
C GLY R 139 4.04 -12.88 9.25
N THR R 140 5.28 -13.08 8.78
CA THR R 140 5.82 -14.41 8.50
C THR R 140 7.11 -14.61 9.31
N ALA R 141 7.21 -15.73 9.99
CA ALA R 141 8.39 -16.05 10.82
C ALA R 141 9.21 -17.16 10.20
N ALA R 142 10.54 -17.02 10.29
CA ALA R 142 11.46 -18.04 9.78
C ALA R 142 12.22 -18.67 10.93
N LEU R 143 12.53 -19.97 10.79
CA LEU R 143 13.34 -20.68 11.77
C LEU R 143 13.99 -21.89 11.12
N GLY R 144 14.95 -22.50 11.81
CA GLY R 144 15.70 -23.58 11.19
C GLY R 144 16.67 -24.34 12.08
N CYS R 145 17.47 -25.19 11.43
CA CYS R 145 18.51 -25.96 12.08
C CYS R 145 19.85 -25.71 11.43
N LEU R 146 20.88 -25.57 12.25
CA LEU R 146 22.25 -25.50 11.78
C LEU R 146 22.89 -26.86 12.06
N VAL R 147 23.36 -27.53 11.02
CA VAL R 147 23.98 -28.84 11.13
C VAL R 147 25.47 -28.66 10.83
N LYS R 148 26.25 -28.40 11.87
CA LYS R 148 27.65 -27.98 11.70
C LYS R 148 28.68 -29.08 11.96
N ASP R 149 29.77 -29.02 11.19
CA ASP R 149 30.98 -29.84 11.40
C ASP R 149 30.71 -31.34 11.34
N TYR R 150 30.56 -31.85 10.11
CA TYR R 150 30.41 -33.29 9.90
C TYR R 150 31.16 -33.74 8.67
N PHE R 151 31.40 -35.04 8.58
CA PHE R 151 32.07 -35.63 7.43
C PHE R 151 31.84 -37.15 7.44
N PRO R 152 31.64 -37.74 6.26
CA PRO R 152 31.54 -37.14 4.93
C PRO R 152 30.10 -36.82 4.62
N GLU R 153 29.81 -36.48 3.37
CA GLU R 153 28.44 -36.39 2.89
C GLU R 153 27.78 -37.78 2.89
N PRO R 154 26.45 -37.84 2.95
CA PRO R 154 25.47 -36.77 3.04
C PRO R 154 24.81 -36.67 4.41
N VAL R 155 24.10 -35.57 4.62
CA VAL R 155 23.19 -35.42 5.75
C VAL R 155 21.80 -35.22 5.18
N THR R 156 20.81 -35.91 5.76
CA THR R 156 19.40 -35.72 5.39
C THR R 156 18.67 -35.04 6.53
N VAL R 157 17.82 -34.07 6.19
CA VAL R 157 17.05 -33.33 7.17
C VAL R 157 15.58 -33.38 6.78
N SER R 158 14.72 -33.58 7.77
CA SER R 158 13.28 -33.46 7.61
C SER R 158 12.68 -32.82 8.85
N TRP R 159 11.52 -32.18 8.68
CA TRP R 159 10.86 -31.48 9.79
C TRP R 159 9.61 -32.21 10.26
N ASN R 160 9.48 -32.37 11.58
CA ASN R 160 8.37 -33.11 12.19
C ASN R 160 8.14 -34.50 11.56
N SER R 161 9.24 -35.22 11.34
CA SER R 161 9.22 -36.61 10.84
C SER R 161 8.65 -36.78 9.41
N GLY R 162 8.64 -35.69 8.64
CA GLY R 162 8.08 -35.69 7.28
C GLY R 162 6.74 -34.97 7.17
N ALA R 163 6.20 -34.54 8.31
CA ALA R 163 4.87 -33.92 8.36
C ALA R 163 4.82 -32.47 7.87
N LEU R 164 5.98 -31.92 7.50
CA LEU R 164 6.07 -30.53 7.04
C LEU R 164 7.03 -30.42 5.85
N THR R 165 6.52 -29.89 4.73
CA THR R 165 7.35 -29.64 3.54
C THR R 165 7.12 -28.25 2.91
N SER R 166 6.01 -27.60 3.25
CA SER R 166 5.68 -26.29 2.70
C SER R 166 6.61 -25.22 3.29
N GLY R 167 7.33 -24.52 2.42
CA GLY R 167 8.21 -23.44 2.85
C GLY R 167 9.50 -23.89 3.51
N VAL R 168 9.94 -25.09 3.16
CA VAL R 168 11.18 -25.66 3.70
C VAL R 168 12.30 -25.57 2.69
N HIS R 169 13.46 -25.07 3.14
CA HIS R 169 14.67 -25.06 2.31
C HIS R 169 15.82 -25.71 3.08
N THR R 170 16.38 -26.77 2.51
CA THR R 170 17.58 -27.39 3.05
C THR R 170 18.71 -27.07 2.10
N PHE R 171 19.61 -26.20 2.54
CA PHE R 171 20.68 -25.69 1.70
C PHE R 171 21.75 -26.74 1.41
N PRO R 172 22.42 -26.61 0.26
CA PRO R 172 23.56 -27.47 -0.03
C PRO R 172 24.65 -27.38 1.02
N ALA R 173 25.37 -28.48 1.21
CA ALA R 173 26.45 -28.54 2.17
C ALA R 173 27.62 -27.66 1.70
N VAL R 174 28.20 -26.93 2.66
CA VAL R 174 29.36 -26.07 2.41
C VAL R 174 30.58 -26.75 2.99
N LEU R 175 31.70 -26.73 2.26
CA LEU R 175 32.94 -27.29 2.77
C LEU R 175 33.76 -26.21 3.45
N GLN R 176 33.97 -26.35 4.75
CA GLN R 176 34.71 -25.36 5.54
C GLN R 176 36.21 -25.55 5.40
N SER R 177 36.97 -24.59 5.95
CA SER R 177 38.44 -24.65 5.94
C SER R 177 38.97 -25.84 6.75
N SER R 178 38.20 -26.26 7.76
CA SER R 178 38.59 -27.40 8.59
C SER R 178 38.48 -28.75 7.86
N GLY R 179 37.93 -28.76 6.64
CA GLY R 179 37.75 -29.99 5.87
C GLY R 179 36.49 -30.74 6.28
N LEU R 180 35.63 -30.06 7.05
CA LEU R 180 34.38 -30.62 7.54
C LEU R 180 33.21 -29.90 6.89
N TYR R 181 32.15 -30.63 6.59
CA TYR R 181 30.96 -30.07 5.99
C TYR R 181 30.06 -29.43 7.04
N SER R 182 29.27 -28.46 6.57
CA SER R 182 28.28 -27.76 7.40
C SER R 182 27.16 -27.25 6.51
N LEU R 183 25.93 -27.44 6.95
CA LEU R 183 24.76 -26.92 6.23
C LEU R 183 23.72 -26.36 7.18
N SER R 184 22.77 -25.64 6.60
CA SER R 184 21.65 -25.08 7.35
C SER R 184 20.38 -25.61 6.71
N SER R 185 19.35 -25.84 7.53
CA SER R 185 18.01 -26.13 7.01
C SER R 185 17.03 -25.18 7.67
N VAL R 186 16.35 -24.38 6.85
CA VAL R 186 15.49 -23.33 7.35
C VAL R 186 14.08 -23.51 6.81
N VAL R 187 13.10 -23.02 7.55
CA VAL R 187 11.69 -23.14 7.18
C VAL R 187 10.89 -21.89 7.57
N THR R 188 9.97 -21.49 6.70
CA THR R 188 9.07 -20.36 6.96
C THR R 188 7.71 -20.85 7.43
N VAL R 189 7.17 -20.15 8.44
CA VAL R 189 5.86 -20.47 9.01
C VAL R 189 5.15 -19.19 9.45
N PRO R 190 3.82 -19.25 9.64
CA PRO R 190 3.10 -18.08 10.16
C PRO R 190 3.51 -17.70 11.60
N SER R 191 3.43 -16.41 11.92
CA SER R 191 3.85 -15.89 13.23
C SER R 191 2.96 -16.39 14.38
N SER R 192 1.65 -16.39 14.15
CA SER R 192 0.67 -16.76 15.18
C SER R 192 0.71 -18.25 15.57
N SER R 193 1.28 -19.09 14.70
CA SER R 193 1.37 -20.52 14.96
C SER R 193 2.47 -20.89 15.98
N LEU R 194 3.41 -19.97 16.22
CA LEU R 194 4.47 -20.20 17.20
C LEU R 194 3.91 -20.30 18.62
N GLY R 195 4.45 -21.24 19.40
CA GLY R 195 3.96 -21.51 20.76
C GLY R 195 2.93 -22.62 20.79
N THR R 196 2.01 -22.59 19.83
CA THR R 196 1.01 -23.65 19.65
C THR R 196 1.65 -24.84 18.95
N GLN R 197 2.21 -24.59 17.75
CA GLN R 197 2.85 -25.64 16.96
C GLN R 197 4.26 -25.94 17.47
N THR R 198 4.64 -27.21 17.39
CA THR R 198 5.95 -27.67 17.81
C THR R 198 6.79 -28.02 16.58
N TYR R 199 7.91 -27.32 16.39
CA TYR R 199 8.82 -27.56 15.28
C TYR R 199 10.09 -28.24 15.75
N ILE R 200 10.20 -29.54 15.47
CA ILE R 200 11.42 -30.30 15.73
C ILE R 200 12.05 -30.66 14.39
N CYS R 201 13.38 -30.60 14.31
CA CYS R 201 14.07 -30.89 13.06
C CYS R 201 14.83 -32.20 13.20
N ASN R 202 14.61 -33.09 12.23
CA ASN R 202 15.15 -34.45 12.28
C ASN R 202 16.38 -34.58 11.40
N VAL R 203 17.55 -34.53 12.02
CA VAL R 203 18.81 -34.67 11.30
C VAL R 203 19.24 -36.13 11.36
N ASN R 204 19.73 -36.65 10.24
CA ASN R 204 20.23 -38.03 10.18
C ASN R 204 21.52 -38.11 9.35
N HIS R 205 22.60 -38.51 10.01
CA HIS R 205 23.90 -38.69 9.36
C HIS R 205 24.26 -40.17 9.45
N LYS R 206 24.00 -40.89 8.36
CA LYS R 206 24.09 -42.35 8.32
C LYS R 206 25.50 -42.90 8.62
N PRO R 207 26.56 -42.32 8.03
CA PRO R 207 27.89 -42.93 8.16
C PRO R 207 28.54 -42.82 9.56
N SER R 208 27.89 -42.16 10.51
CA SER R 208 28.33 -42.18 11.91
C SER R 208 27.17 -42.51 12.87
N ASN R 209 26.13 -43.17 12.34
CA ASN R 209 24.95 -43.59 13.10
C ASN R 209 24.44 -42.56 14.11
N THR R 210 24.43 -41.29 13.69
CA THR R 210 23.95 -40.20 14.55
C THR R 210 22.54 -39.81 14.14
N LYS R 211 21.61 -39.95 15.08
CA LYS R 211 20.22 -39.54 14.89
C LYS R 211 19.92 -38.50 15.96
N VAL R 212 19.70 -37.27 15.51
CA VAL R 212 19.40 -36.17 16.43
C VAL R 212 18.05 -35.55 16.05
N ASP R 213 17.23 -35.31 17.06
CA ASP R 213 15.93 -34.66 16.87
C ASP R 213 15.86 -33.41 17.75
N LYS R 214 16.39 -32.31 17.23
CA LYS R 214 16.48 -31.07 17.98
C LYS R 214 15.16 -30.29 17.89
N LYS R 215 14.63 -29.91 19.05
CA LYS R 215 13.44 -29.09 19.15
C LYS R 215 13.82 -27.62 18.98
N VAL R 216 13.12 -26.93 18.09
CA VAL R 216 13.33 -25.49 17.87
C VAL R 216 12.15 -24.73 18.47
N GLU R 217 12.45 -23.86 19.43
CA GLU R 217 11.43 -23.00 20.04
C GLU R 217 11.97 -21.59 20.22
N PRO R 218 11.08 -20.58 20.33
CA PRO R 218 11.55 -19.21 20.53
C PRO R 218 12.15 -19.05 21.92
N LYS R 219 13.39 -18.57 22.01
CA LYS R 219 14.09 -18.52 23.29
C LYS R 219 13.46 -17.44 24.19
N SER R 220 13.13 -17.83 25.42
CA SER R 220 12.38 -16.99 26.37
C SER R 220 12.30 -15.51 26.00
N CYS R 221 13.41 -14.77 26.15
CA CYS R 221 13.51 -13.38 25.69
C CYS R 221 14.96 -12.88 25.69
N ASP S 1 -30.13 -27.49 -2.69
CA ASP S 1 -28.94 -28.01 -3.42
C ASP S 1 -28.09 -26.88 -3.98
N ILE S 2 -26.76 -27.03 -3.90
CA ILE S 2 -25.82 -26.06 -4.47
C ILE S 2 -25.56 -26.45 -5.93
N GLN S 3 -25.80 -25.50 -6.83
CA GLN S 3 -25.63 -25.73 -8.26
C GLN S 3 -24.28 -25.18 -8.69
N MET S 4 -23.41 -26.05 -9.20
CA MET S 4 -22.18 -25.60 -9.84
C MET S 4 -22.44 -25.56 -11.34
N THR S 5 -22.18 -24.40 -11.95
CA THR S 5 -22.48 -24.18 -13.36
C THR S 5 -21.20 -23.85 -14.13
N GLN S 6 -20.72 -24.80 -14.92
CA GLN S 6 -19.49 -24.62 -15.67
C GLN S 6 -19.74 -23.97 -17.03
N SER S 7 -18.83 -23.09 -17.42
CA SER S 7 -18.84 -22.50 -18.75
C SER S 7 -17.40 -22.46 -19.26
N PRO S 8 -17.17 -22.80 -20.54
CA PRO S 8 -18.12 -23.28 -21.54
C PRO S 8 -18.47 -24.75 -21.37
N SER S 9 -19.22 -25.28 -22.34
CA SER S 9 -19.62 -26.69 -22.33
C SER S 9 -18.55 -27.52 -23.00
N SER S 10 -18.20 -27.12 -24.23
CA SER S 10 -17.07 -27.69 -24.96
C SER S 10 -16.11 -26.56 -25.27
N LEU S 11 -14.98 -26.88 -25.88
CA LEU S 11 -13.92 -25.90 -26.09
C LEU S 11 -12.75 -26.50 -26.84
N SER S 12 -12.30 -25.83 -27.90
CA SER S 12 -11.07 -26.21 -28.58
C SER S 12 -10.11 -25.03 -28.60
N ALA S 13 -8.84 -25.32 -28.37
CA ALA S 13 -7.78 -24.31 -28.42
C ALA S 13 -6.51 -24.94 -29.01
N SER S 14 -5.60 -24.08 -29.46
CA SER S 14 -4.40 -24.56 -30.14
C SER S 14 -3.36 -24.98 -29.12
N VAL S 15 -2.27 -25.60 -29.60
CA VAL S 15 -1.17 -26.00 -28.73
C VAL S 15 -0.44 -24.75 -28.26
N GLY S 16 -0.37 -24.58 -26.95
CA GLY S 16 0.35 -23.45 -26.35
C GLY S 16 -0.54 -22.28 -25.95
N ASP S 17 -1.79 -22.29 -26.38
CA ASP S 17 -2.73 -21.23 -26.05
C ASP S 17 -3.14 -21.27 -24.58
N ARG S 18 -3.72 -20.16 -24.11
CA ARG S 18 -4.18 -20.03 -22.73
C ARG S 18 -5.66 -20.38 -22.70
N VAL S 19 -6.03 -21.29 -21.81
CA VAL S 19 -7.40 -21.79 -21.72
C VAL S 19 -7.98 -21.41 -20.36
N THR S 20 -9.22 -20.95 -20.36
CA THR S 20 -9.88 -20.48 -19.15
C THR S 20 -11.26 -21.13 -19.00
N ILE S 21 -11.41 -21.94 -17.98
CA ILE S 21 -12.68 -22.58 -17.65
C ILE S 21 -13.20 -21.96 -16.37
N THR S 22 -14.43 -21.47 -16.40
CA THR S 22 -15.06 -20.85 -15.23
C THR S 22 -16.15 -21.77 -14.66
N CYS S 23 -16.36 -21.68 -13.36
CA CYS S 23 -17.35 -22.52 -12.69
C CYS S 23 -18.01 -21.69 -11.60
N ARG S 24 -19.31 -21.43 -11.77
CA ARG S 24 -20.06 -20.45 -10.99
C ARG S 24 -20.94 -21.14 -9.94
N ALA S 25 -20.71 -20.81 -8.68
CA ALA S 25 -21.46 -21.39 -7.56
C ALA S 25 -22.71 -20.56 -7.28
N SER S 26 -23.78 -21.23 -6.85
CA SER S 26 -25.06 -20.58 -6.57
C SER S 26 -24.98 -19.70 -5.33
N GLN S 27 -24.41 -20.24 -4.25
CA GLN S 27 -24.19 -19.48 -3.02
C GLN S 27 -22.79 -19.74 -2.50
N SER S 28 -22.30 -18.85 -1.64
CA SER S 28 -20.92 -18.90 -1.17
C SER S 28 -20.54 -20.31 -0.69
N VAL S 29 -19.43 -20.80 -1.24
CA VAL S 29 -18.89 -22.12 -0.93
C VAL S 29 -17.67 -21.98 -0.04
N SER S 30 -17.19 -20.75 0.15
CA SER S 30 -15.88 -20.47 0.71
C SER S 30 -14.86 -20.85 -0.36
N SER S 31 -13.61 -21.09 0.05
CA SER S 31 -12.56 -21.54 -0.86
C SER S 31 -12.45 -23.08 -0.84
N ALA S 32 -13.58 -23.74 -1.02
CA ALA S 32 -13.69 -25.19 -0.88
C ALA S 32 -14.10 -25.83 -2.19
N VAL S 33 -13.23 -25.70 -3.18
CA VAL S 33 -13.51 -26.15 -4.54
C VAL S 33 -12.32 -26.93 -5.07
N ALA S 34 -12.59 -27.93 -5.90
CA ALA S 34 -11.53 -28.72 -6.51
C ALA S 34 -11.77 -28.87 -8.00
N TRP S 35 -10.70 -29.03 -8.77
CA TRP S 35 -10.81 -29.24 -10.19
C TRP S 35 -10.23 -30.60 -10.56
N TYR S 36 -10.92 -31.32 -11.42
CA TYR S 36 -10.50 -32.66 -11.80
C TYR S 36 -10.30 -32.76 -13.30
N GLN S 37 -9.60 -33.81 -13.72
CA GLN S 37 -9.31 -34.02 -15.13
C GLN S 37 -9.60 -35.47 -15.46
N GLN S 38 -10.64 -35.70 -16.23
CA GLN S 38 -10.98 -37.05 -16.65
C GLN S 38 -10.63 -37.23 -18.12
N LYS S 39 -9.62 -38.06 -18.37
CA LYS S 39 -9.37 -38.57 -19.71
C LYS S 39 -10.47 -39.55 -20.09
N PRO S 40 -10.57 -39.88 -21.37
CA PRO S 40 -11.60 -40.83 -21.79
C PRO S 40 -11.29 -42.22 -21.27
N GLY S 41 -12.28 -42.87 -20.68
CA GLY S 41 -12.17 -44.25 -20.22
C GLY S 41 -11.29 -44.44 -19.00
N LYS S 42 -11.03 -43.37 -18.26
CA LYS S 42 -10.26 -43.45 -17.03
C LYS S 42 -10.93 -42.63 -15.94
N ALA S 43 -10.45 -42.78 -14.71
CA ALA S 43 -11.06 -42.12 -13.57
C ALA S 43 -10.54 -40.69 -13.44
N PRO S 44 -11.29 -39.83 -12.76
CA PRO S 44 -10.81 -38.46 -12.55
C PRO S 44 -9.47 -38.40 -11.83
N LYS S 45 -8.67 -37.41 -12.20
CA LYS S 45 -7.41 -37.13 -11.51
C LYS S 45 -7.57 -35.72 -10.90
N LEU S 46 -7.11 -35.56 -9.66
CA LEU S 46 -7.26 -34.29 -8.97
C LEU S 46 -6.16 -33.31 -9.41
N LEU S 47 -6.56 -32.10 -9.75
CA LEU S 47 -5.62 -31.08 -10.18
C LEU S 47 -5.42 -30.00 -9.15
N ILE S 48 -6.53 -29.42 -8.69
CA ILE S 48 -6.52 -28.34 -7.73
C ILE S 48 -7.46 -28.66 -6.59
N TYR S 49 -7.12 -28.19 -5.40
CA TYR S 49 -8.03 -28.24 -4.26
C TYR S 49 -8.00 -26.90 -3.55
N SER S 50 -8.84 -26.73 -2.54
CA SER S 50 -9.07 -25.43 -1.88
C SER S 50 -9.06 -24.27 -2.86
N ALA S 51 -9.67 -24.46 -4.02
CA ALA S 51 -9.86 -23.42 -5.04
C ALA S 51 -8.61 -22.99 -5.80
N SER S 52 -7.45 -22.97 -5.14
CA SER S 52 -6.24 -22.38 -5.70
C SER S 52 -4.96 -23.22 -5.58
N SER S 53 -4.84 -24.03 -4.53
CA SER S 53 -3.61 -24.80 -4.32
C SER S 53 -3.50 -26.02 -5.27
N LEU S 54 -2.28 -26.30 -5.71
CA LEU S 54 -2.01 -27.31 -6.72
C LEU S 54 -1.70 -28.66 -6.08
N TYR S 55 -2.34 -29.71 -6.57
CA TYR S 55 -2.10 -31.04 -6.01
C TYR S 55 -0.69 -31.50 -6.39
N SER S 56 -0.10 -32.33 -5.52
CA SER S 56 1.25 -32.83 -5.70
C SER S 56 1.39 -33.64 -6.98
N GLY S 57 2.29 -33.22 -7.87
CA GLY S 57 2.57 -33.97 -9.10
C GLY S 57 1.80 -33.50 -10.30
N VAL S 58 1.00 -32.46 -10.13
CA VAL S 58 0.30 -31.83 -11.23
C VAL S 58 1.21 -30.75 -11.80
N PRO S 59 1.37 -30.73 -13.13
CA PRO S 59 2.25 -29.72 -13.73
C PRO S 59 1.76 -28.30 -13.46
N SER S 60 2.68 -27.34 -13.49
CA SER S 60 2.44 -25.98 -13.01
C SER S 60 1.47 -25.17 -13.87
N ARG S 61 1.33 -25.54 -15.14
CA ARG S 61 0.43 -24.82 -16.05
C ARG S 61 -1.02 -24.78 -15.52
N PHE S 62 -1.46 -25.87 -14.90
CA PHE S 62 -2.76 -25.91 -14.23
C PHE S 62 -2.77 -25.00 -13.00
N SER S 63 -3.76 -24.11 -12.92
CA SER S 63 -3.80 -23.12 -11.85
C SER S 63 -5.23 -22.70 -11.56
N GLY S 64 -5.64 -22.89 -10.31
CA GLY S 64 -6.98 -22.50 -9.85
C GLY S 64 -7.00 -21.10 -9.25
N SER S 65 -8.14 -20.43 -9.35
CA SER S 65 -8.30 -19.06 -8.86
C SER S 65 -9.74 -18.78 -8.47
N ARG S 66 -9.96 -17.69 -7.75
CA ARG S 66 -11.26 -17.39 -7.16
C ARG S 66 -11.67 -15.91 -7.27
N SER S 67 -12.98 -15.67 -7.33
CA SER S 67 -13.54 -14.33 -7.25
C SER S 67 -14.88 -14.34 -6.46
N GLY S 68 -14.79 -14.78 -5.21
CA GLY S 68 -15.92 -14.79 -4.27
C GLY S 68 -17.21 -15.51 -4.67
N THR S 69 -17.11 -16.52 -5.54
CA THR S 69 -18.25 -17.33 -6.06
C THR S 69 -17.94 -17.87 -7.45
N ASP S 70 -17.22 -17.07 -8.23
CA ASP S 70 -16.75 -17.49 -9.55
C ASP S 70 -15.35 -18.11 -9.44
N PHE S 71 -15.29 -19.42 -9.66
CA PHE S 71 -14.02 -20.15 -9.60
C PHE S 71 -13.56 -20.42 -11.02
N THR S 72 -12.24 -20.47 -11.20
CA THR S 72 -11.66 -20.45 -12.54
C THR S 72 -10.40 -21.31 -12.68
N LEU S 73 -10.52 -22.42 -13.39
CA LEU S 73 -9.36 -23.24 -13.73
C LEU S 73 -8.73 -22.60 -14.96
N THR S 74 -7.41 -22.45 -14.95
CA THR S 74 -6.70 -21.87 -16.09
C THR S 74 -5.54 -22.75 -16.51
N ILE S 75 -5.57 -23.22 -17.75
CA ILE S 75 -4.44 -23.97 -18.31
C ILE S 75 -3.63 -22.98 -19.10
N SER S 76 -2.46 -22.64 -18.57
CA SER S 76 -1.66 -21.53 -19.08
C SER S 76 -0.95 -21.83 -20.41
N SER S 77 -0.60 -23.09 -20.63
CA SER S 77 0.06 -23.46 -21.88
C SER S 77 -0.45 -24.81 -22.38
N LEU S 78 -1.69 -24.82 -22.85
CA LEU S 78 -2.37 -26.04 -23.28
C LEU S 78 -1.48 -26.93 -24.12
N GLN S 79 -1.55 -28.24 -23.86
CA GLN S 79 -0.70 -29.22 -24.55
C GLN S 79 -1.48 -30.47 -24.93
N PRO S 80 -1.08 -31.14 -26.03
CA PRO S 80 -1.93 -32.14 -26.64
C PRO S 80 -2.43 -33.21 -25.68
N GLU S 81 -1.64 -33.49 -24.64
CA GLU S 81 -2.06 -34.45 -23.61
C GLU S 81 -2.96 -33.84 -22.54
N ASP S 82 -3.41 -32.60 -22.72
CA ASP S 82 -4.40 -32.01 -21.83
C ASP S 82 -5.81 -32.22 -22.36
N PHE S 83 -5.89 -32.83 -23.53
CA PHE S 83 -7.17 -33.24 -24.05
C PHE S 83 -7.88 -34.04 -22.97
N ALA S 84 -9.00 -33.51 -22.47
CA ALA S 84 -9.77 -34.16 -21.42
C ALA S 84 -11.10 -33.46 -21.16
N THR S 85 -11.87 -34.02 -20.24
CA THR S 85 -13.05 -33.34 -19.70
C THR S 85 -12.65 -32.86 -18.30
N TYR S 86 -12.94 -31.59 -17.99
CA TYR S 86 -12.55 -30.99 -16.72
C TYR S 86 -13.76 -30.71 -15.87
N TYR S 87 -13.75 -31.22 -14.64
CA TYR S 87 -14.87 -31.03 -13.71
C TYR S 87 -14.47 -30.18 -12.50
N CYS S 88 -15.25 -29.14 -12.19
CA CYS S 88 -15.11 -28.44 -10.91
C CYS S 88 -15.93 -29.21 -9.89
N GLN S 89 -15.68 -28.95 -8.62
CA GLN S 89 -16.33 -29.67 -7.54
C GLN S 89 -16.29 -28.83 -6.28
N GLN S 90 -17.46 -28.56 -5.72
CA GLN S 90 -17.56 -27.82 -4.47
C GLN S 90 -17.83 -28.82 -3.37
N TYR S 91 -17.29 -28.60 -2.18
CA TYR S 91 -17.66 -29.40 -1.02
C TYR S 91 -18.63 -28.60 -0.14
N SER S 92 -18.16 -27.96 0.94
CA SER S 92 -19.06 -27.23 1.89
C SER S 92 -20.41 -27.93 2.19
N TYR S 93 -20.33 -28.98 3.01
CA TYR S 93 -21.47 -29.81 3.41
C TYR S 93 -22.62 -28.97 3.97
N TYR S 94 -23.65 -28.74 3.14
CA TYR S 94 -24.89 -28.12 3.62
C TYR S 94 -25.91 -29.25 3.81
N TYR S 95 -26.24 -29.93 2.72
CA TYR S 95 -27.13 -31.10 2.75
C TYR S 95 -26.48 -32.29 2.03
N TYR S 96 -25.87 -32.03 0.87
CA TYR S 96 -24.99 -32.98 0.22
C TYR S 96 -23.54 -32.61 0.53
N PRO S 97 -22.67 -33.62 0.66
CA PRO S 97 -21.25 -33.36 0.91
C PRO S 97 -20.52 -32.71 -0.26
N PHE S 98 -21.00 -32.90 -1.48
CA PHE S 98 -20.43 -32.23 -2.64
C PHE S 98 -21.21 -32.40 -3.93
N THR S 99 -20.96 -31.51 -4.87
CA THR S 99 -21.57 -31.57 -6.19
C THR S 99 -20.52 -31.24 -7.23
N PHE S 100 -20.57 -31.95 -8.36
CA PHE S 100 -19.69 -31.68 -9.47
C PHE S 100 -20.38 -30.76 -10.48
N GLY S 101 -19.59 -30.16 -11.36
CA GLY S 101 -20.14 -29.38 -12.45
C GLY S 101 -20.60 -30.30 -13.58
N GLN S 102 -21.25 -29.72 -14.57
CA GLN S 102 -21.69 -30.46 -15.76
C GLN S 102 -20.49 -30.92 -16.58
N GLY S 103 -19.37 -30.22 -16.43
CA GLY S 103 -18.09 -30.63 -17.02
C GLY S 103 -17.75 -29.94 -18.33
N THR S 104 -16.47 -29.77 -18.58
CA THR S 104 -16.00 -29.13 -19.81
C THR S 104 -15.01 -29.99 -20.58
N LYS S 105 -15.36 -30.36 -21.80
CA LYS S 105 -14.50 -31.13 -22.69
C LYS S 105 -13.57 -30.15 -23.42
N VAL S 106 -12.27 -30.24 -23.12
CA VAL S 106 -11.28 -29.45 -23.81
C VAL S 106 -10.66 -30.31 -24.88
N GLU S 107 -10.66 -29.79 -26.12
CA GLU S 107 -10.06 -30.47 -27.27
C GLU S 107 -8.80 -29.73 -27.75
N ILE S 108 -8.13 -30.27 -28.76
CA ILE S 108 -6.93 -29.66 -29.29
C ILE S 108 -7.12 -29.25 -30.74
N LYS S 109 -6.60 -28.07 -31.09
CA LYS S 109 -6.58 -27.61 -32.48
C LYS S 109 -5.19 -27.81 -33.06
N ARG S 110 -5.12 -28.43 -34.22
CA ARG S 110 -3.85 -28.65 -34.90
C ARG S 110 -3.98 -28.44 -36.41
N THR S 111 -2.88 -28.64 -37.14
CA THR S 111 -2.88 -28.46 -38.60
C THR S 111 -3.73 -29.52 -39.29
N VAL S 112 -4.25 -29.20 -40.47
CA VAL S 112 -5.09 -30.14 -41.21
C VAL S 112 -4.27 -31.37 -41.57
N ALA S 113 -4.81 -32.55 -41.28
CA ALA S 113 -4.13 -33.81 -41.60
C ALA S 113 -5.08 -34.78 -42.29
N ALA S 114 -4.60 -35.39 -43.38
CA ALA S 114 -5.43 -36.23 -44.22
C ALA S 114 -5.35 -37.69 -43.76
N PRO S 115 -6.47 -38.42 -43.85
CA PRO S 115 -6.50 -39.82 -43.44
C PRO S 115 -5.79 -40.76 -44.40
N SER S 116 -5.12 -41.76 -43.84
CA SER S 116 -4.74 -42.95 -44.59
C SER S 116 -5.97 -43.85 -44.58
N VAL S 117 -6.44 -44.25 -45.78
CA VAL S 117 -7.69 -45.00 -45.93
C VAL S 117 -7.42 -46.47 -46.25
N PHE S 118 -8.15 -47.35 -45.57
CA PHE S 118 -8.07 -48.78 -45.80
C PHE S 118 -9.47 -49.36 -45.88
N ILE S 119 -9.60 -50.49 -46.57
CA ILE S 119 -10.88 -51.20 -46.64
C ILE S 119 -10.69 -52.69 -46.44
N PHE S 120 -11.57 -53.29 -45.65
CA PHE S 120 -11.45 -54.70 -45.29
C PHE S 120 -12.68 -55.50 -45.72
N PRO S 121 -12.46 -56.59 -46.47
CA PRO S 121 -13.56 -57.44 -46.85
C PRO S 121 -13.97 -58.34 -45.68
N PRO S 122 -15.18 -58.90 -45.73
CA PRO S 122 -15.59 -59.82 -44.67
C PRO S 122 -14.74 -61.08 -44.61
N SER S 123 -14.56 -61.62 -43.41
CA SER S 123 -13.80 -62.84 -43.22
C SER S 123 -14.56 -64.03 -43.78
N ASP S 124 -13.84 -64.99 -44.34
CA ASP S 124 -14.44 -66.25 -44.78
C ASP S 124 -15.09 -66.98 -43.61
N GLU S 125 -14.52 -66.83 -42.42
CA GLU S 125 -15.08 -67.41 -41.20
C GLU S 125 -16.41 -66.74 -40.87
N GLN S 126 -16.55 -65.45 -41.14
CA GLN S 126 -17.79 -64.72 -40.88
C GLN S 126 -18.89 -65.13 -41.86
N LEU S 127 -18.52 -65.35 -43.12
CA LEU S 127 -19.48 -65.78 -44.14
C LEU S 127 -20.15 -67.11 -43.81
N LYS S 128 -19.45 -67.98 -43.08
CA LYS S 128 -20.04 -69.23 -42.62
C LYS S 128 -21.29 -68.98 -41.76
N SER S 129 -21.21 -68.00 -40.86
CA SER S 129 -22.28 -67.73 -39.89
C SER S 129 -23.53 -67.09 -40.52
N GLY S 130 -23.39 -66.52 -41.71
CA GLY S 130 -24.51 -65.97 -42.45
C GLY S 130 -24.56 -64.44 -42.57
N THR S 131 -23.59 -63.75 -41.97
CA THR S 131 -23.48 -62.30 -42.11
C THR S 131 -22.23 -61.89 -42.87
N ALA S 132 -22.18 -60.61 -43.24
CA ALA S 132 -21.03 -60.04 -43.94
C ALA S 132 -20.85 -58.60 -43.52
N SER S 133 -19.68 -58.31 -42.92
CA SER S 133 -19.33 -56.97 -42.47
C SER S 133 -18.12 -56.45 -43.24
N VAL S 134 -18.31 -55.35 -43.95
CA VAL S 134 -17.21 -54.66 -44.62
C VAL S 134 -16.79 -53.48 -43.74
N VAL S 135 -15.49 -53.26 -43.63
CA VAL S 135 -14.95 -52.23 -42.74
C VAL S 135 -14.08 -51.26 -43.52
N CYS S 136 -14.49 -49.99 -43.51
CA CYS S 136 -13.68 -48.91 -44.09
C CYS S 136 -13.01 -48.20 -42.93
N LEU S 137 -11.68 -48.09 -43.00
CA LEU S 137 -10.89 -47.53 -41.91
C LEU S 137 -10.24 -46.21 -42.31
N LEU S 138 -10.54 -45.15 -41.58
CA LEU S 138 -9.87 -43.86 -41.74
C LEU S 138 -8.94 -43.68 -40.57
N ASN S 139 -7.67 -43.40 -40.84
CA ASN S 139 -6.65 -43.41 -39.81
C ASN S 139 -5.89 -42.10 -39.70
N ASN S 140 -5.75 -41.60 -38.47
CA ASN S 140 -4.91 -40.43 -38.15
C ASN S 140 -5.17 -39.20 -39.01
N PHE S 141 -6.33 -38.58 -38.79
CA PHE S 141 -6.74 -37.41 -39.55
C PHE S 141 -7.29 -36.31 -38.64
N TYR S 142 -7.17 -35.07 -39.09
CA TYR S 142 -7.78 -33.93 -38.40
C TYR S 142 -8.34 -32.97 -39.45
N PRO S 143 -9.52 -32.37 -39.19
CA PRO S 143 -10.40 -32.51 -38.01
C PRO S 143 -11.27 -33.76 -38.02
N ARG S 144 -12.11 -33.90 -37.00
CA ARG S 144 -13.00 -35.07 -36.87
C ARG S 144 -14.02 -35.10 -38.01
N GLU S 145 -14.49 -33.92 -38.41
CA GLU S 145 -15.51 -33.79 -39.45
C GLU S 145 -15.07 -34.48 -40.74
N ALA S 146 -15.49 -35.73 -40.90
CA ALA S 146 -15.23 -36.49 -42.13
C ALA S 146 -16.49 -37.26 -42.56
N LYS S 147 -16.71 -37.34 -43.87
CA LYS S 147 -17.88 -38.00 -44.45
C LYS S 147 -17.44 -39.24 -45.22
N VAL S 148 -17.90 -40.40 -44.77
CA VAL S 148 -17.66 -41.66 -45.47
C VAL S 148 -18.95 -42.12 -46.12
N GLN S 149 -18.87 -42.56 -47.37
CA GLN S 149 -20.03 -43.06 -48.10
C GLN S 149 -19.70 -44.34 -48.86
N TRP S 150 -20.55 -45.35 -48.71
CA TRP S 150 -20.31 -46.66 -49.30
C TRP S 150 -20.93 -46.81 -50.69
N LYS S 151 -20.26 -47.59 -51.54
CA LYS S 151 -20.74 -47.87 -52.88
C LYS S 151 -20.65 -49.35 -53.20
N VAL S 152 -21.81 -49.98 -53.35
CA VAL S 152 -21.92 -51.36 -53.82
C VAL S 152 -22.38 -51.35 -55.28
N ASP S 153 -21.43 -51.64 -56.19
CA ASP S 153 -21.68 -51.55 -57.64
C ASP S 153 -22.21 -50.16 -58.02
N ASN S 154 -21.45 -49.14 -57.63
CA ASN S 154 -21.79 -47.72 -57.87
C ASN S 154 -23.19 -47.29 -57.39
N ALA S 155 -23.66 -47.93 -56.32
CA ALA S 155 -24.92 -47.57 -55.69
C ALA S 155 -24.66 -47.07 -54.28
N LEU S 156 -25.16 -45.88 -53.96
CA LEU S 156 -25.05 -45.33 -52.61
C LEU S 156 -25.73 -46.25 -51.60
N GLN S 157 -25.58 -45.94 -50.31
CA GLN S 157 -26.14 -46.79 -49.26
C GLN S 157 -26.90 -46.00 -48.19
N SER S 158 -27.80 -46.69 -47.49
CA SER S 158 -28.71 -46.06 -46.56
C SER S 158 -28.67 -46.82 -45.24
N GLY S 159 -28.51 -46.08 -44.13
CA GLY S 159 -28.61 -46.62 -42.76
C GLY S 159 -28.34 -48.09 -42.52
N ASN S 160 -27.40 -48.65 -43.26
CA ASN S 160 -26.98 -50.04 -43.10
C ASN S 160 -25.49 -50.10 -42.74
N SER S 161 -24.99 -48.97 -42.25
CA SER S 161 -23.59 -48.80 -41.91
C SER S 161 -23.49 -47.89 -40.70
N GLN S 162 -22.56 -48.19 -39.81
CA GLN S 162 -22.37 -47.41 -38.59
C GLN S 162 -20.92 -46.95 -38.41
N GLU S 163 -20.77 -45.74 -37.88
CA GLU S 163 -19.45 -45.16 -37.68
C GLU S 163 -19.06 -45.17 -36.20
N SER S 164 -17.79 -45.44 -35.96
CA SER S 164 -17.21 -45.30 -34.64
C SER S 164 -15.95 -44.48 -34.77
N VAL S 165 -15.79 -43.49 -33.89
CA VAL S 165 -14.67 -42.56 -33.97
C VAL S 165 -13.80 -42.64 -32.74
N THR S 166 -12.50 -42.80 -32.98
CA THR S 166 -11.48 -42.72 -31.94
C THR S 166 -11.60 -41.40 -31.21
N GLU S 167 -11.16 -41.40 -29.95
CA GLU S 167 -11.12 -40.17 -29.17
C GLU S 167 -9.77 -39.49 -29.38
N GLN S 168 -9.76 -38.15 -29.41
CA GLN S 168 -8.57 -37.41 -29.87
C GLN S 168 -7.29 -37.92 -29.22
N ASP S 169 -6.27 -38.14 -30.05
CA ASP S 169 -5.01 -38.72 -29.58
C ASP S 169 -4.27 -37.78 -28.62
N SER S 170 -3.57 -38.36 -27.64
CA SER S 170 -2.85 -37.58 -26.64
C SER S 170 -1.51 -37.03 -27.13
N LYS S 171 -0.89 -37.71 -28.11
CA LYS S 171 0.39 -37.25 -28.66
C LYS S 171 0.22 -36.24 -29.82
N ASP S 172 -0.30 -36.69 -30.95
CA ASP S 172 -0.41 -35.85 -32.16
C ASP S 172 -1.79 -35.18 -32.35
N SER S 173 -2.77 -35.59 -31.55
CA SER S 173 -4.10 -34.96 -31.55
C SER S 173 -4.95 -35.22 -32.80
N THR S 174 -4.64 -36.30 -33.51
CA THR S 174 -5.44 -36.72 -34.66
C THR S 174 -6.57 -37.64 -34.23
N TYR S 175 -7.49 -37.88 -35.16
CA TYR S 175 -8.57 -38.86 -34.96
C TYR S 175 -8.42 -40.04 -35.89
N SER S 176 -9.16 -41.10 -35.58
CA SER S 176 -9.31 -42.26 -36.46
C SER S 176 -10.76 -42.72 -36.43
N LEU S 177 -11.19 -43.41 -37.47
CA LEU S 177 -12.61 -43.68 -37.68
C LEU S 177 -12.82 -44.98 -38.44
N SER S 178 -13.80 -45.77 -37.99
CA SER S 178 -14.20 -46.98 -38.70
C SER S 178 -15.66 -46.90 -39.11
N SER S 179 -15.92 -47.18 -40.39
CA SER S 179 -17.29 -47.30 -40.89
C SER S 179 -17.51 -48.77 -41.19
N THR S 180 -18.61 -49.32 -40.69
CA THR S 180 -18.87 -50.76 -40.78
C THR S 180 -20.15 -51.05 -41.58
N LEU S 181 -19.99 -51.49 -42.82
CA LEU S 181 -21.11 -51.82 -43.70
C LEU S 181 -21.54 -53.27 -43.48
N THR S 182 -22.72 -53.45 -42.89
CA THR S 182 -23.22 -54.78 -42.53
C THR S 182 -24.28 -55.25 -43.52
N LEU S 183 -24.12 -56.47 -44.01
CA LEU S 183 -25.08 -57.11 -44.93
C LEU S 183 -25.25 -58.58 -44.61
N SER S 184 -26.21 -59.22 -45.27
CA SER S 184 -26.37 -60.68 -45.18
C SER S 184 -25.43 -61.37 -46.16
N LYS S 185 -25.17 -62.65 -45.93
CA LYS S 185 -24.30 -63.40 -46.84
C LYS S 185 -24.90 -63.43 -48.24
N ALA S 186 -26.21 -63.61 -48.32
CA ALA S 186 -26.91 -63.70 -49.60
C ALA S 186 -26.88 -62.37 -50.36
N ASP S 187 -27.13 -61.28 -49.67
CA ASP S 187 -27.11 -59.94 -50.28
C ASP S 187 -25.68 -59.56 -50.69
N TYR S 188 -24.71 -59.94 -49.87
CA TYR S 188 -23.29 -59.71 -50.17
C TYR S 188 -22.84 -60.52 -51.39
N GLU S 189 -23.37 -61.73 -51.53
CA GLU S 189 -22.98 -62.63 -52.62
C GLU S 189 -23.61 -62.29 -53.96
N LYS S 190 -24.41 -61.22 -54.02
CA LYS S 190 -25.09 -60.84 -55.27
C LYS S 190 -24.52 -59.55 -55.87
N HIS S 191 -23.35 -59.12 -55.40
CA HIS S 191 -22.68 -57.93 -55.94
C HIS S 191 -21.16 -58.13 -55.97
N LYS S 192 -20.48 -57.44 -56.88
CA LYS S 192 -19.05 -57.69 -57.11
C LYS S 192 -18.13 -56.58 -56.57
N VAL S 193 -18.48 -55.31 -56.81
CA VAL S 193 -17.64 -54.17 -56.42
C VAL S 193 -18.11 -53.56 -55.11
N TYR S 194 -17.24 -53.55 -54.10
CA TYR S 194 -17.50 -52.86 -52.85
C TYR S 194 -16.49 -51.74 -52.68
N ALA S 195 -16.96 -50.57 -52.27
CA ALA S 195 -16.13 -49.38 -52.22
C ALA S 195 -16.61 -48.39 -51.18
N CYS S 196 -15.68 -47.78 -50.45
CA CYS S 196 -16.00 -46.66 -49.57
C CYS S 196 -15.31 -45.41 -50.09
N GLU S 197 -16.06 -44.32 -50.12
CA GLU S 197 -15.63 -43.05 -50.71
C GLU S 197 -15.43 -42.02 -49.61
N VAL S 198 -14.17 -41.66 -49.35
CA VAL S 198 -13.81 -40.78 -48.24
C VAL S 198 -13.72 -39.32 -48.69
N THR S 199 -14.45 -38.45 -47.99
CA THR S 199 -14.48 -37.03 -48.30
C THR S 199 -13.98 -36.31 -47.06
N HIS S 200 -12.84 -35.62 -47.21
CA HIS S 200 -12.22 -34.93 -46.08
C HIS S 200 -11.64 -33.58 -46.49
N GLN S 201 -11.63 -32.67 -45.53
CA GLN S 201 -11.01 -31.35 -45.69
C GLN S 201 -9.53 -31.46 -46.07
N GLY S 202 -8.89 -32.54 -45.62
CA GLY S 202 -7.48 -32.77 -45.84
C GLY S 202 -7.10 -33.01 -47.28
N LEU S 203 -7.42 -34.18 -47.81
CA LEU S 203 -7.16 -34.48 -49.23
C LEU S 203 -8.03 -33.62 -50.17
N SER S 204 -7.47 -33.34 -51.34
CA SER S 204 -8.11 -32.48 -52.33
C SER S 204 -9.17 -33.23 -53.13
N SER S 205 -8.83 -34.45 -53.54
CA SER S 205 -9.68 -35.28 -54.39
C SER S 205 -10.28 -36.45 -53.58
N PRO S 206 -11.61 -36.42 -53.34
CA PRO S 206 -12.25 -37.48 -52.58
C PRO S 206 -11.73 -38.85 -52.95
N VAL S 207 -10.90 -39.43 -52.07
CA VAL S 207 -10.24 -40.69 -52.36
C VAL S 207 -11.21 -41.85 -52.16
N THR S 208 -11.09 -42.84 -53.05
CA THR S 208 -11.95 -44.01 -53.02
C THR S 208 -11.08 -45.26 -52.95
N LYS S 209 -11.50 -46.22 -52.12
CA LYS S 209 -10.80 -47.49 -51.98
C LYS S 209 -11.83 -48.61 -52.14
N SER S 210 -11.46 -49.67 -52.86
CA SER S 210 -12.42 -50.70 -53.28
C SER S 210 -11.81 -52.07 -53.51
N PHE S 211 -12.66 -53.09 -53.56
CA PHE S 211 -12.23 -54.47 -53.81
C PHE S 211 -13.29 -55.30 -54.52
N ASN S 212 -12.84 -56.41 -55.12
CA ASN S 212 -13.71 -57.35 -55.82
C ASN S 212 -13.61 -58.75 -55.20
N ARG S 213 -14.75 -59.38 -54.91
CA ARG S 213 -14.74 -60.72 -54.30
C ARG S 213 -14.47 -61.81 -55.33
N GLU T 1 3.08 -46.70 -1.93
CA GLU T 1 2.35 -46.49 -3.22
C GLU T 1 0.85 -46.74 -3.02
N VAL T 2 0.06 -45.68 -3.17
CA VAL T 2 -1.38 -45.74 -2.89
C VAL T 2 -2.16 -46.20 -4.11
N GLN T 3 -3.11 -47.10 -3.91
CA GLN T 3 -4.06 -47.43 -4.97
C GLN T 3 -5.36 -48.02 -4.45
N LEU T 4 -6.45 -47.70 -5.13
CA LEU T 4 -7.76 -48.28 -4.86
C LEU T 4 -8.14 -49.18 -6.02
N VAL T 5 -8.74 -50.32 -5.71
CA VAL T 5 -9.13 -51.29 -6.72
C VAL T 5 -10.56 -51.73 -6.48
N GLU T 6 -11.39 -51.63 -7.51
CA GLU T 6 -12.80 -52.02 -7.41
C GLU T 6 -13.08 -53.32 -8.14
N SER T 7 -14.18 -53.95 -7.76
CA SER T 7 -14.58 -55.22 -8.36
C SER T 7 -16.05 -55.51 -8.11
N GLY T 8 -16.58 -56.47 -8.86
CA GLY T 8 -17.92 -57.00 -8.63
C GLY T 8 -19.04 -56.44 -9.49
N GLY T 9 -18.71 -55.46 -10.34
CA GLY T 9 -19.70 -54.88 -11.26
C GLY T 9 -20.05 -55.88 -12.36
N GLY T 10 -21.18 -55.64 -13.02
CA GLY T 10 -21.61 -56.51 -14.13
C GLY T 10 -23.07 -56.35 -14.50
N LEU T 11 -23.66 -57.42 -15.02
CA LEU T 11 -25.05 -57.41 -15.50
C LEU T 11 -25.98 -57.85 -14.39
N VAL T 12 -27.07 -57.12 -14.18
CA VAL T 12 -28.08 -57.51 -13.20
C VAL T 12 -29.51 -57.16 -13.64
N GLN T 13 -30.44 -58.07 -13.37
CA GLN T 13 -31.86 -57.88 -13.68
C GLN T 13 -32.42 -56.80 -12.76
N PRO T 14 -33.28 -55.91 -13.29
CA PRO T 14 -33.93 -54.91 -12.44
C PRO T 14 -34.55 -55.52 -11.20
N GLY T 15 -34.51 -54.78 -10.08
CA GLY T 15 -34.93 -55.30 -8.78
C GLY T 15 -33.92 -56.22 -8.12
N GLY T 16 -32.79 -56.46 -8.80
CA GLY T 16 -31.77 -57.37 -8.32
C GLY T 16 -30.75 -56.70 -7.41
N SER T 17 -29.91 -57.53 -6.79
CA SER T 17 -28.84 -57.07 -5.92
C SER T 17 -27.50 -57.21 -6.59
N LEU T 18 -26.51 -56.49 -6.05
CA LEU T 18 -25.20 -56.43 -6.63
C LEU T 18 -24.28 -55.80 -5.60
N ARG T 19 -23.10 -56.38 -5.39
CA ARG T 19 -22.20 -55.94 -4.33
C ARG T 19 -20.84 -55.50 -4.92
N LEU T 20 -20.43 -54.28 -4.57
CA LEU T 20 -19.17 -53.72 -5.05
C LEU T 20 -18.13 -53.69 -3.94
N SER T 21 -16.88 -53.99 -4.30
CA SER T 21 -15.77 -54.08 -3.34
C SER T 21 -14.63 -53.14 -3.73
N CYS T 22 -14.23 -52.27 -2.80
CA CYS T 22 -13.15 -51.31 -3.05
C CYS T 22 -11.97 -51.65 -2.16
N ALA T 23 -10.89 -52.15 -2.76
CA ALA T 23 -9.76 -52.71 -2.01
C ALA T 23 -8.58 -51.77 -1.92
N ALA T 24 -8.37 -51.22 -0.73
CA ALA T 24 -7.32 -50.20 -0.50
C ALA T 24 -5.93 -50.82 -0.34
N SER T 25 -4.91 -50.07 -0.76
CA SER T 25 -3.52 -50.52 -0.66
C SER T 25 -2.61 -49.29 -0.51
N GLY T 26 -1.76 -49.32 0.51
CA GLY T 26 -0.74 -48.28 0.69
C GLY T 26 -1.12 -47.17 1.66
N PHE T 27 -2.17 -47.37 2.43
CA PHE T 27 -2.55 -46.45 3.50
C PHE T 27 -3.47 -47.12 4.50
N ASN T 28 -3.45 -46.65 5.73
CA ASN T 28 -4.32 -47.22 6.75
C ASN T 28 -5.76 -46.83 6.50
N PHE T 29 -6.51 -47.76 5.91
CA PHE T 29 -7.92 -47.58 5.58
C PHE T 29 -8.78 -47.35 6.84
N SER T 30 -8.24 -47.71 8.00
CA SER T 30 -8.85 -47.42 9.29
C SER T 30 -8.83 -45.93 9.62
N SER T 31 -7.65 -45.32 9.40
CA SER T 31 -7.41 -43.92 9.73
C SER T 31 -7.74 -42.95 8.58
N SER T 32 -8.71 -43.33 7.73
CA SER T 32 -9.14 -42.50 6.60
C SER T 32 -10.58 -42.82 6.22
N SER T 33 -11.02 -42.34 5.05
CA SER T 33 -12.41 -42.50 4.62
C SER T 33 -12.58 -42.57 3.10
N ILE T 34 -13.72 -43.09 2.66
CA ILE T 34 -13.97 -43.42 1.26
C ILE T 34 -15.29 -42.86 0.77
N HIS T 35 -15.26 -42.33 -0.44
CA HIS T 35 -16.49 -41.97 -1.16
C HIS T 35 -16.80 -43.00 -2.23
N TRP T 36 -18.08 -43.15 -2.54
CA TRP T 36 -18.50 -43.80 -3.78
C TRP T 36 -19.13 -42.75 -4.69
N VAL T 37 -18.71 -42.74 -5.94
CA VAL T 37 -19.18 -41.78 -6.92
C VAL T 37 -19.51 -42.58 -8.15
N ARG T 38 -20.61 -42.25 -8.81
CA ARG T 38 -20.96 -42.95 -10.04
C ARG T 38 -21.10 -41.97 -11.19
N GLN T 39 -20.93 -42.48 -12.40
CA GLN T 39 -20.96 -41.67 -13.59
C GLN T 39 -21.66 -42.44 -14.69
N ALA T 40 -22.87 -42.01 -15.03
CA ALA T 40 -23.66 -42.66 -16.06
C ALA T 40 -23.06 -42.40 -17.44
N PRO T 41 -23.21 -43.35 -18.38
CA PRO T 41 -22.62 -43.19 -19.72
C PRO T 41 -22.94 -41.83 -20.35
N GLY T 42 -21.89 -41.06 -20.68
CA GLY T 42 -22.05 -39.73 -21.28
C GLY T 42 -22.22 -38.62 -20.26
N LYS T 43 -23.07 -38.87 -19.26
CA LYS T 43 -23.35 -37.93 -18.17
C LYS T 43 -22.11 -37.74 -17.25
N GLY T 44 -22.16 -36.70 -16.40
CA GLY T 44 -21.10 -36.39 -15.44
C GLY T 44 -21.16 -37.14 -14.11
N LEU T 45 -20.41 -36.63 -13.13
CA LEU T 45 -20.20 -37.32 -11.84
C LEU T 45 -21.28 -37.02 -10.81
N GLU T 46 -21.66 -38.04 -10.06
CA GLU T 46 -22.73 -37.95 -9.07
C GLU T 46 -22.34 -38.71 -7.78
N TRP T 47 -22.54 -38.07 -6.64
CA TRP T 47 -22.25 -38.70 -5.36
C TRP T 47 -23.29 -39.76 -5.02
N VAL T 48 -22.80 -40.91 -4.56
CA VAL T 48 -23.66 -42.01 -4.17
C VAL T 48 -23.71 -42.06 -2.66
N ALA T 49 -22.57 -42.35 -2.06
CA ALA T 49 -22.53 -42.56 -0.61
C ALA T 49 -21.10 -42.46 -0.04
N TYR T 50 -21.03 -42.36 1.29
CA TYR T 50 -19.78 -42.09 2.00
C TYR T 50 -19.67 -42.89 3.30
N ILE T 51 -18.45 -43.31 3.64
CA ILE T 51 -18.17 -43.98 4.91
C ILE T 51 -16.87 -43.51 5.56
N TYR T 52 -16.89 -43.46 6.88
CA TYR T 52 -15.73 -43.09 7.67
C TYR T 52 -15.60 -44.13 8.79
N PRO T 53 -14.93 -45.27 8.48
CA PRO T 53 -14.96 -46.44 9.39
C PRO T 53 -14.59 -46.12 10.84
N SER T 54 -13.63 -45.25 11.05
CA SER T 54 -13.16 -44.94 12.41
C SER T 54 -14.29 -44.57 13.38
N TYR T 55 -15.26 -43.78 12.91
CA TYR T 55 -16.40 -43.35 13.74
C TYR T 55 -17.71 -44.00 13.33
N SER T 56 -17.63 -45.12 12.62
CA SER T 56 -18.81 -45.80 12.07
C SER T 56 -19.89 -44.81 11.61
N TYR T 57 -19.46 -43.79 10.87
CA TYR T 57 -20.38 -42.85 10.26
C TYR T 57 -20.54 -43.24 8.82
N THR T 58 -21.77 -43.12 8.33
CA THR T 58 -22.08 -43.42 6.95
C THR T 58 -23.20 -42.50 6.48
N SER T 59 -23.14 -42.06 5.22
CA SER T 59 -24.19 -41.22 4.67
C SER T 59 -24.41 -41.51 3.18
N TYR T 60 -25.68 -41.40 2.76
CA TYR T 60 -26.11 -41.78 1.41
C TYR T 60 -26.82 -40.64 0.70
N ALA T 61 -26.80 -40.70 -0.64
CA ALA T 61 -27.53 -39.74 -1.46
C ALA T 61 -29.00 -40.14 -1.53
N ASP T 62 -29.88 -39.14 -1.54
CA ASP T 62 -31.34 -39.35 -1.52
C ASP T 62 -31.81 -40.42 -2.50
N SER T 63 -31.37 -40.29 -3.76
CA SER T 63 -31.75 -41.22 -4.83
C SER T 63 -31.38 -42.68 -4.54
N VAL T 64 -30.51 -42.88 -3.55
CA VAL T 64 -30.05 -44.20 -3.20
C VAL T 64 -30.50 -44.61 -1.78
N LYS T 65 -30.66 -43.63 -0.89
CA LYS T 65 -30.95 -43.91 0.52
C LYS T 65 -32.04 -44.97 0.69
N GLY T 66 -31.78 -45.95 1.54
CA GLY T 66 -32.72 -47.04 1.81
C GLY T 66 -32.44 -48.29 0.99
N ARG T 67 -31.84 -48.13 -0.19
CA ARG T 67 -31.62 -49.25 -1.10
C ARG T 67 -30.17 -49.76 -1.07
N PHE T 68 -29.20 -48.85 -1.00
CA PHE T 68 -27.79 -49.24 -0.90
C PHE T 68 -27.33 -49.25 0.56
N THR T 69 -26.16 -49.84 0.79
CA THR T 69 -25.58 -49.96 2.12
C THR T 69 -24.05 -50.00 2.06
N ILE T 70 -23.38 -48.95 2.55
CA ILE T 70 -21.91 -48.97 2.64
C ILE T 70 -21.46 -49.66 3.91
N SER T 71 -20.46 -50.53 3.76
CA SER T 71 -19.79 -51.13 4.90
C SER T 71 -18.29 -51.10 4.66
N ALA T 72 -17.53 -51.53 5.66
CA ALA T 72 -16.08 -51.58 5.55
C ALA T 72 -15.50 -52.61 6.50
N ASP T 73 -14.70 -53.51 5.96
CA ASP T 73 -13.98 -54.48 6.76
C ASP T 73 -12.55 -53.95 6.95
N THR T 74 -12.35 -53.27 8.09
CA THR T 74 -11.06 -52.66 8.41
C THR T 74 -9.91 -53.68 8.40
N SER T 75 -10.20 -54.89 8.86
CA SER T 75 -9.23 -55.98 8.80
C SER T 75 -8.71 -56.20 7.38
N LYS T 76 -9.63 -56.38 6.43
CA LYS T 76 -9.29 -56.62 5.03
C LYS T 76 -8.79 -55.37 4.29
N ASN T 77 -8.94 -54.19 4.91
CA ASN T 77 -8.52 -52.93 4.32
C ASN T 77 -9.39 -52.64 3.07
N THR T 78 -10.68 -52.90 3.21
CA THR T 78 -11.62 -52.92 2.08
C THR T 78 -12.96 -52.27 2.42
N ALA T 79 -13.50 -51.51 1.47
CA ALA T 79 -14.84 -50.93 1.58
C ALA T 79 -15.79 -51.65 0.62
N TYR T 80 -17.07 -51.71 1.01
CA TYR T 80 -18.08 -52.41 0.22
C TYR T 80 -19.30 -51.54 -0.01
N LEU T 81 -19.88 -51.62 -1.19
CA LEU T 81 -21.16 -50.98 -1.48
C LEU T 81 -22.17 -52.04 -1.89
N GLN T 82 -23.13 -52.30 -1.01
CA GLN T 82 -24.17 -53.30 -1.27
C GLN T 82 -25.36 -52.61 -1.91
N MET T 83 -25.66 -52.98 -3.15
CA MET T 83 -26.71 -52.31 -3.92
C MET T 83 -27.89 -53.25 -4.12
N ASN T 84 -29.01 -52.94 -3.46
CA ASN T 84 -30.22 -53.73 -3.61
C ASN T 84 -31.27 -52.98 -4.42
N SER T 85 -32.12 -53.73 -5.11
CA SER T 85 -33.28 -53.18 -5.80
C SER T 85 -32.88 -52.21 -6.92
N LEU T 86 -31.97 -52.68 -7.78
CA LEU T 86 -31.39 -51.83 -8.81
C LEU T 86 -32.39 -51.46 -9.89
N ARG T 87 -32.27 -50.23 -10.38
CA ARG T 87 -33.15 -49.72 -11.44
C ARG T 87 -32.36 -49.42 -12.69
N ALA T 88 -33.05 -49.02 -13.76
CA ALA T 88 -32.39 -48.71 -15.04
C ALA T 88 -31.44 -47.52 -14.93
N GLU T 89 -31.85 -46.51 -14.15
CA GLU T 89 -31.03 -45.32 -13.92
C GLU T 89 -29.75 -45.62 -13.12
N ASP T 90 -29.76 -46.70 -12.33
CA ASP T 90 -28.58 -47.10 -11.58
C ASP T 90 -27.44 -47.66 -12.45
N THR T 91 -27.70 -47.87 -13.73
CA THR T 91 -26.66 -48.21 -14.68
C THR T 91 -25.66 -47.06 -14.74
N ALA T 92 -24.41 -47.35 -14.42
CA ALA T 92 -23.35 -46.34 -14.37
C ALA T 92 -21.97 -46.96 -14.15
N VAL T 93 -20.94 -46.11 -14.14
CA VAL T 93 -19.60 -46.53 -13.75
C VAL T 93 -19.35 -46.08 -12.32
N TYR T 94 -19.02 -47.04 -11.45
CA TYR T 94 -18.92 -46.78 -10.02
C TYR T 94 -17.48 -46.64 -9.57
N TYR T 95 -17.12 -45.46 -9.08
CA TYR T 95 -15.79 -45.19 -8.57
C TYR T 95 -15.84 -45.08 -7.06
N CYS T 96 -14.85 -45.67 -6.40
CA CYS T 96 -14.57 -45.34 -5.01
C CYS T 96 -13.33 -44.48 -5.03
N ALA T 97 -13.31 -43.47 -4.17
CA ALA T 97 -12.20 -42.54 -4.11
C ALA T 97 -11.97 -42.13 -2.65
N ARG T 98 -10.71 -42.09 -2.24
CA ARG T 98 -10.38 -41.77 -0.86
C ARG T 98 -10.36 -40.26 -0.71
N TYR T 99 -10.56 -39.82 0.53
CA TYR T 99 -11.00 -38.46 0.82
C TYR T 99 -9.82 -37.58 1.19
N TYR T 100 -9.76 -36.39 0.59
CA TYR T 100 -8.67 -35.43 0.80
C TYR T 100 -9.08 -34.33 1.79
N GLY T 101 -8.22 -33.34 1.97
CA GLY T 101 -8.41 -32.30 2.97
C GLY T 101 -9.74 -31.59 2.92
N THR T 102 -10.50 -31.67 4.01
CA THR T 102 -11.78 -30.95 4.14
C THR T 102 -12.82 -31.23 3.04
N GLY T 103 -12.69 -32.35 2.34
CA GLY T 103 -13.50 -32.64 1.14
C GLY T 103 -12.57 -33.01 0.00
N ALA T 104 -13.13 -33.20 -1.20
CA ALA T 104 -12.32 -33.58 -2.37
C ALA T 104 -11.75 -34.99 -2.30
N MET T 105 -11.42 -35.54 -3.46
CA MET T 105 -10.93 -36.90 -3.55
C MET T 105 -9.64 -36.88 -4.33
N ASP T 106 -8.59 -37.50 -3.78
CA ASP T 106 -7.26 -37.46 -4.42
C ASP T 106 -6.92 -38.73 -5.19
N TYR T 107 -7.22 -39.90 -4.61
CA TYR T 107 -6.97 -41.18 -5.29
C TYR T 107 -8.29 -41.85 -5.60
N TRP T 108 -8.49 -42.17 -6.88
CA TRP T 108 -9.71 -42.80 -7.37
C TRP T 108 -9.38 -44.21 -7.88
N GLY T 109 -10.35 -45.09 -7.79
CA GLY T 109 -10.23 -46.42 -8.35
C GLY T 109 -10.43 -46.41 -9.86
N GLN T 110 -10.00 -47.48 -10.51
CA GLN T 110 -10.17 -47.63 -11.97
C GLN T 110 -11.64 -47.59 -12.40
N GLY T 111 -12.54 -48.02 -11.51
CA GLY T 111 -13.97 -47.92 -11.71
C GLY T 111 -14.57 -49.16 -12.34
N THR T 112 -15.66 -49.66 -11.76
CA THR T 112 -16.38 -50.81 -12.32
C THR T 112 -17.72 -50.42 -12.94
N LEU T 113 -18.09 -51.15 -13.99
CA LEU T 113 -19.27 -50.84 -14.78
C LEU T 113 -20.44 -51.71 -14.33
N VAL T 114 -21.44 -51.07 -13.72
CA VAL T 114 -22.66 -51.76 -13.32
C VAL T 114 -23.76 -51.46 -14.33
N THR T 115 -24.27 -52.49 -14.98
CA THR T 115 -25.24 -52.30 -16.05
C THR T 115 -26.52 -53.06 -15.74
N VAL T 116 -27.57 -52.31 -15.40
CA VAL T 116 -28.86 -52.89 -15.08
C VAL T 116 -29.69 -53.04 -16.34
N SER T 117 -29.98 -54.29 -16.68
CA SER T 117 -30.81 -54.60 -17.82
C SER T 117 -31.36 -56.02 -17.71
N SER T 118 -32.52 -56.25 -18.33
CA SER T 118 -33.16 -57.56 -18.33
C SER T 118 -32.61 -58.48 -19.42
N ALA T 119 -31.78 -57.93 -20.30
CA ALA T 119 -31.28 -58.65 -21.47
C ALA T 119 -30.35 -59.82 -21.13
N SER T 120 -30.15 -60.68 -22.12
CA SER T 120 -29.30 -61.88 -22.00
C SER T 120 -27.82 -61.53 -22.10
N THR T 121 -26.97 -62.47 -21.71
CA THR T 121 -25.53 -62.32 -21.85
C THR T 121 -25.07 -63.01 -23.12
N LYS T 122 -24.31 -62.31 -23.95
CA LYS T 122 -23.74 -62.89 -25.17
C LYS T 122 -22.24 -62.65 -25.24
N GLY T 123 -21.50 -63.72 -25.53
CA GLY T 123 -20.07 -63.62 -25.80
C GLY T 123 -19.86 -63.23 -27.25
N PRO T 124 -18.75 -62.54 -27.55
CA PRO T 124 -18.50 -62.07 -28.91
C PRO T 124 -17.99 -63.14 -29.86
N SER T 125 -18.32 -63.00 -31.13
CA SER T 125 -17.64 -63.73 -32.20
C SER T 125 -16.52 -62.82 -32.68
N VAL T 126 -15.34 -63.40 -32.92
CA VAL T 126 -14.17 -62.61 -33.32
C VAL T 126 -13.70 -62.99 -34.71
N PHE T 127 -13.73 -62.02 -35.62
CA PHE T 127 -13.31 -62.23 -37.00
C PHE T 127 -12.11 -61.34 -37.33
N PRO T 128 -11.13 -61.86 -38.06
CA PRO T 128 -9.95 -61.10 -38.41
C PRO T 128 -10.14 -60.13 -39.56
N LEU T 129 -9.59 -58.93 -39.43
CA LEU T 129 -9.53 -57.98 -40.53
C LEU T 129 -8.17 -58.10 -41.19
N ALA T 130 -8.10 -58.93 -42.22
CA ALA T 130 -6.83 -59.26 -42.87
C ALA T 130 -6.34 -58.15 -43.80
N PRO T 131 -5.02 -57.89 -43.80
CA PRO T 131 -4.44 -56.83 -44.62
C PRO T 131 -4.39 -57.21 -46.10
N SER T 132 -4.18 -56.21 -46.95
CA SER T 132 -4.09 -56.43 -48.39
C SER T 132 -2.66 -56.13 -48.90
N SER T 133 -2.53 -55.22 -49.87
CA SER T 133 -1.22 -54.86 -50.43
C SER T 133 -0.90 -53.41 -50.09
N GLY T 139 3.76 -49.69 -48.69
CA GLY T 139 4.39 -48.79 -47.73
C GLY T 139 4.04 -49.12 -46.29
N THR T 140 2.79 -48.83 -45.91
CA THR T 140 2.27 -49.12 -44.57
C THR T 140 1.03 -50.01 -44.71
N ALA T 141 0.99 -51.11 -43.94
CA ALA T 141 -0.12 -52.05 -43.97
C ALA T 141 -0.95 -51.95 -42.70
N ALA T 142 -2.28 -52.06 -42.84
CA ALA T 142 -3.20 -52.04 -41.70
C ALA T 142 -3.87 -53.39 -41.55
N LEU T 143 -4.15 -53.78 -40.32
CA LEU T 143 -4.89 -55.01 -40.04
C LEU T 143 -5.57 -54.91 -38.68
N GLY T 144 -6.46 -55.83 -38.37
CA GLY T 144 -7.22 -55.73 -37.13
C GLY T 144 -8.13 -56.89 -36.77
N CYS T 145 -8.92 -56.67 -35.73
CA CYS T 145 -9.90 -57.63 -35.26
C CYS T 145 -11.27 -57.00 -35.23
N LEU T 146 -12.27 -57.78 -35.66
CA LEU T 146 -13.67 -57.40 -35.52
C LEU T 146 -14.25 -58.21 -34.38
N VAL T 147 -14.75 -57.54 -33.35
CA VAL T 147 -15.33 -58.20 -32.19
C VAL T 147 -16.83 -57.94 -32.22
N LYS T 148 -17.57 -58.83 -32.87
CA LYS T 148 -18.98 -58.56 -33.18
C LYS T 148 -19.96 -59.28 -32.26
N ASP T 149 -21.10 -58.64 -32.02
CA ASP T 149 -22.27 -59.21 -31.34
C ASP T 149 -21.96 -59.71 -29.95
N TYR T 150 -21.86 -58.78 -28.99
CA TYR T 150 -21.68 -59.13 -27.58
C TYR T 150 -22.51 -58.22 -26.67
N PHE T 151 -22.70 -58.66 -25.44
CA PHE T 151 -23.40 -57.87 -24.43
C PHE T 151 -23.13 -58.47 -23.05
N PRO T 152 -22.97 -57.61 -22.02
CA PRO T 152 -22.94 -56.16 -22.06
C PRO T 152 -21.51 -55.67 -22.23
N GLU T 153 -21.30 -54.37 -22.08
CA GLU T 153 -19.96 -53.82 -21.99
C GLU T 153 -19.28 -54.34 -20.72
N PRO T 154 -17.94 -54.34 -20.69
CA PRO T 154 -16.98 -53.95 -21.72
C PRO T 154 -16.25 -55.13 -22.36
N VAL T 155 -15.58 -54.85 -23.46
CA VAL T 155 -14.62 -55.78 -24.05
C VAL T 155 -13.26 -55.11 -24.05
N THR T 156 -12.23 -55.84 -23.64
CA THR T 156 -10.85 -55.34 -23.66
C THR T 156 -10.08 -56.08 -24.74
N VAL T 157 -9.28 -55.33 -25.49
CA VAL T 157 -8.48 -55.90 -26.57
C VAL T 157 -7.02 -55.49 -26.40
N SER T 158 -6.12 -56.44 -26.60
CA SER T 158 -4.69 -56.18 -26.64
C SER T 158 -4.05 -57.04 -27.71
N TRP T 159 -2.93 -56.57 -28.25
CA TRP T 159 -2.24 -57.26 -29.34
C TRP T 159 -0.93 -57.91 -28.86
N ASN T 160 -0.73 -59.17 -29.23
CA ASN T 160 0.43 -59.96 -28.77
C ASN T 160 0.66 -59.91 -27.26
N SER T 161 -0.42 -60.05 -26.50
CA SER T 161 -0.37 -60.13 -25.04
C SER T 161 0.14 -58.86 -24.33
N GLY T 162 0.07 -57.72 -25.02
CA GLY T 162 0.56 -56.44 -24.49
C GLY T 162 1.86 -55.99 -25.12
N ALA T 163 2.45 -56.83 -25.97
CA ALA T 163 3.77 -56.57 -26.56
C ALA T 163 3.74 -55.55 -27.71
N LEU T 164 2.55 -55.05 -28.07
CA LEU T 164 2.41 -54.08 -29.16
C LEU T 164 1.40 -53.00 -28.80
N THR T 165 1.84 -51.74 -28.85
CA THR T 165 0.94 -50.59 -28.60
C THR T 165 1.10 -49.46 -29.63
N SER T 166 2.20 -49.46 -30.37
CA SER T 166 2.46 -48.43 -31.36
C SER T 166 1.55 -48.60 -32.59
N GLY T 167 0.76 -47.57 -32.89
CA GLY T 167 -0.13 -47.58 -34.05
C GLY T 167 -1.37 -48.44 -33.88
N VAL T 168 -1.81 -48.62 -32.63
CA VAL T 168 -3.00 -49.40 -32.31
C VAL T 168 -4.17 -48.49 -32.00
N HIS T 169 -5.31 -48.78 -32.62
CA HIS T 169 -6.57 -48.10 -32.30
C HIS T 169 -7.65 -49.13 -31.99
N THR T 170 -8.22 -49.04 -30.80
CA THR T 170 -9.37 -49.86 -30.43
C THR T 170 -10.57 -48.93 -30.34
N PHE T 171 -11.46 -49.03 -31.32
CA PHE T 171 -12.59 -48.11 -31.45
C PHE T 171 -13.63 -48.30 -30.35
N PRO T 172 -14.37 -47.23 -30.02
CA PRO T 172 -15.48 -47.37 -29.08
C PRO T 172 -16.52 -48.36 -29.57
N ALA T 173 -17.21 -49.00 -28.63
CA ALA T 173 -18.24 -49.98 -28.95
C ALA T 173 -19.45 -49.28 -29.57
N VAL T 174 -20.00 -49.90 -30.61
CA VAL T 174 -21.19 -49.39 -31.28
C VAL T 174 -22.38 -50.25 -30.87
N LEU T 175 -23.52 -49.63 -30.61
CA LEU T 175 -24.73 -50.39 -30.29
C LEU T 175 -25.54 -50.63 -31.56
N GLN T 176 -25.70 -51.90 -31.93
CA GLN T 176 -26.41 -52.28 -33.15
C GLN T 176 -27.91 -52.31 -32.92
N SER T 177 -28.67 -52.49 -34.00
CA SER T 177 -30.11 -52.59 -33.93
C SER T 177 -30.57 -53.81 -33.15
N SER T 178 -29.76 -54.87 -33.17
CA SER T 178 -30.05 -56.10 -32.43
C SER T 178 -29.94 -55.96 -30.90
N GLY T 179 -29.47 -54.80 -30.43
CA GLY T 179 -29.30 -54.58 -28.99
C GLY T 179 -28.00 -55.15 -28.47
N LEU T 180 -27.12 -55.54 -29.40
CA LEU T 180 -25.83 -56.14 -29.07
C LEU T 180 -24.72 -55.19 -29.49
N TYR T 181 -23.65 -55.16 -28.70
CA TYR T 181 -22.49 -54.32 -28.99
C TYR T 181 -21.56 -54.97 -29.99
N SER T 182 -20.83 -54.13 -30.72
CA SER T 182 -19.84 -54.58 -31.70
C SER T 182 -18.77 -53.50 -31.84
N LEU T 183 -17.51 -53.91 -31.84
CA LEU T 183 -16.39 -52.98 -32.04
C LEU T 183 -15.32 -53.57 -32.93
N SER T 184 -14.42 -52.72 -33.38
CA SER T 184 -13.28 -53.12 -34.19
C SER T 184 -12.01 -52.65 -33.51
N SER T 185 -10.96 -53.44 -33.60
CA SER T 185 -9.64 -53.02 -33.13
C SER T 185 -8.65 -53.19 -34.26
N VAL T 186 -8.04 -52.09 -34.69
CA VAL T 186 -7.18 -52.09 -35.85
C VAL T 186 -5.80 -51.58 -35.50
N VAL T 187 -4.79 -52.02 -36.24
CA VAL T 187 -3.40 -51.65 -35.99
C VAL T 187 -2.61 -51.49 -37.29
N THR T 188 -1.76 -50.47 -37.33
CA THR T 188 -0.89 -50.22 -38.48
C THR T 188 0.50 -50.78 -38.23
N VAL T 189 1.07 -51.41 -39.27
CA VAL T 189 2.41 -51.98 -39.20
C VAL T 189 3.12 -51.85 -40.56
N PRO T 190 4.47 -51.96 -40.57
CA PRO T 190 5.17 -51.94 -41.86
C PRO T 190 4.83 -53.13 -42.76
N SER T 191 4.90 -52.93 -44.08
CA SER T 191 4.52 -53.95 -45.06
C SER T 191 5.48 -55.14 -45.06
N SER T 192 6.77 -54.87 -44.99
CA SER T 192 7.80 -55.90 -45.05
C SER T 192 7.83 -56.84 -43.84
N SER T 193 7.25 -56.40 -42.71
CA SER T 193 7.20 -57.21 -41.49
C SER T 193 6.18 -58.35 -41.55
N LEU T 194 5.23 -58.26 -42.49
CA LEU T 194 4.22 -59.31 -42.66
C LEU T 194 4.84 -60.63 -43.12
N GLY T 195 4.37 -61.74 -42.56
CA GLY T 195 4.92 -63.06 -42.84
C GLY T 195 5.98 -63.46 -41.82
N THR T 196 6.85 -62.51 -41.48
CA THR T 196 7.87 -62.71 -40.44
C THR T 196 7.23 -62.56 -39.08
N GLN T 197 6.62 -61.41 -38.83
CA GLN T 197 5.96 -61.12 -37.55
C GLN T 197 4.60 -61.78 -37.47
N THR T 198 4.24 -62.23 -36.26
CA THR T 198 2.95 -62.87 -36.01
C THR T 198 2.07 -61.92 -35.19
N TYR T 199 0.94 -61.54 -35.78
CA TYR T 199 -0.02 -60.66 -35.10
C TYR T 199 -1.25 -61.44 -34.64
N ILE T 200 -1.35 -61.69 -33.34
CA ILE T 200 -2.53 -62.28 -32.74
C ILE T 200 -3.21 -61.21 -31.90
N CYS T 201 -4.53 -61.19 -31.90
CA CYS T 201 -5.28 -60.21 -31.14
C CYS T 201 -5.99 -60.88 -29.97
N ASN T 202 -5.79 -60.34 -28.77
CA ASN T 202 -6.30 -60.94 -27.54
C ASN T 202 -7.56 -60.23 -27.07
N VAL T 203 -8.71 -60.84 -27.35
CA VAL T 203 -10.01 -60.32 -26.93
C VAL T 203 -10.41 -60.98 -25.61
N ASN T 204 -10.94 -60.19 -24.69
CA ASN T 204 -11.38 -60.70 -23.39
C ASN T 204 -12.70 -60.04 -22.99
N HIS T 205 -13.74 -60.85 -22.88
CA HIS T 205 -15.06 -60.42 -22.45
C HIS T 205 -15.36 -61.08 -21.11
N LYS T 206 -15.13 -60.35 -20.03
CA LYS T 206 -15.20 -60.89 -18.67
C LYS T 206 -16.58 -61.46 -18.27
N PRO T 207 -17.68 -60.73 -18.57
CA PRO T 207 -18.99 -61.17 -18.06
C PRO T 207 -19.58 -62.44 -18.69
N SER T 208 -18.88 -63.02 -19.67
CA SER T 208 -19.26 -64.34 -20.18
C SER T 208 -18.05 -65.29 -20.26
N ASN T 209 -17.02 -65.00 -19.46
CA ASN T 209 -15.80 -65.81 -19.37
C ASN T 209 -15.27 -66.31 -20.73
N THR T 210 -15.31 -65.43 -21.74
CA THR T 210 -14.81 -65.76 -23.08
C THR T 210 -13.44 -65.15 -23.31
N LYS T 211 -12.46 -66.01 -23.52
CA LYS T 211 -11.09 -65.60 -23.85
C LYS T 211 -10.76 -66.15 -25.22
N VAL T 212 -10.60 -65.25 -26.18
CA VAL T 212 -10.28 -65.65 -27.55
C VAL T 212 -8.99 -64.98 -27.99
N ASP T 213 -8.11 -65.78 -28.61
CA ASP T 213 -6.85 -65.28 -29.13
C ASP T 213 -6.78 -65.61 -30.63
N LYS T 214 -7.36 -64.73 -31.44
CA LYS T 214 -7.45 -64.95 -32.87
C LYS T 214 -6.18 -64.48 -33.57
N LYS T 215 -5.60 -65.38 -34.39
CA LYS T 215 -4.42 -65.06 -35.18
C LYS T 215 -4.85 -64.36 -36.46
N VAL T 216 -4.22 -63.23 -36.76
CA VAL T 216 -4.47 -62.49 -37.99
C VAL T 216 -3.28 -62.67 -38.92
N GLU T 217 -3.54 -63.24 -40.10
CA GLU T 217 -2.52 -63.40 -41.13
C GLU T 217 -3.10 -63.05 -42.51
N PRO T 218 -2.22 -62.71 -43.48
CA PRO T 218 -2.74 -62.37 -44.81
C PRO T 218 -3.26 -63.62 -45.50
N LYS T 219 -4.51 -63.59 -45.96
CA LYS T 219 -5.14 -64.78 -46.50
C LYS T 219 -4.51 -65.16 -47.85
N SER T 220 -4.11 -66.42 -47.99
CA SER T 220 -3.33 -66.93 -49.13
C SER T 220 -3.31 -65.99 -50.35
N CYS T 221 -4.42 -65.92 -51.08
CA CYS T 221 -4.58 -64.96 -52.18
C CYS T 221 -6.05 -64.85 -52.62
N GLU U 1 -41.48 4.42 18.41
CA GLU U 1 -41.01 5.52 19.31
C GLU U 1 -40.39 4.97 20.62
N VAL U 2 -40.28 5.82 21.65
CA VAL U 2 -39.42 5.55 22.81
C VAL U 2 -39.84 4.35 23.66
N VAL U 3 -38.85 3.57 24.09
CA VAL U 3 -39.03 2.47 25.03
C VAL U 3 -38.96 3.05 26.44
N LYS U 4 -39.93 2.74 27.29
CA LYS U 4 -40.01 3.38 28.61
C LYS U 4 -39.01 2.77 29.58
N PHE U 5 -38.78 3.46 30.69
CA PHE U 5 -37.80 3.02 31.69
C PHE U 5 -38.08 1.62 32.20
N MET U 6 -39.30 1.38 32.63
CA MET U 6 -39.65 0.11 33.26
C MET U 6 -39.49 -1.09 32.32
N ASP U 7 -39.67 -0.87 31.02
CA ASP U 7 -39.45 -1.94 30.03
C ASP U 7 -37.96 -2.25 29.87
N VAL U 8 -37.13 -1.22 29.79
CA VAL U 8 -35.70 -1.38 29.57
C VAL U 8 -35.08 -2.09 30.77
N TYR U 9 -35.44 -1.65 31.97
CA TYR U 9 -34.92 -2.24 33.19
C TYR U 9 -35.23 -3.73 33.28
N GLN U 10 -36.50 -4.07 33.10
CA GLN U 10 -36.95 -5.47 33.24
C GLN U 10 -36.33 -6.39 32.20
N ARG U 11 -36.20 -5.90 30.98
CA ARG U 11 -35.62 -6.68 29.89
C ARG U 11 -34.09 -6.82 30.00
N SER U 12 -33.46 -5.90 30.72
CA SER U 12 -32.01 -5.89 30.88
C SER U 12 -31.55 -6.20 32.30
N TYR U 13 -32.40 -6.85 33.09
CA TYR U 13 -32.00 -7.34 34.39
C TYR U 13 -31.49 -8.76 34.24
N CYS U 14 -30.51 -9.12 35.07
CA CYS U 14 -29.86 -10.44 35.02
C CYS U 14 -30.86 -11.59 34.86
N HIS U 15 -30.90 -12.15 33.65
CA HIS U 15 -31.72 -13.31 33.35
C HIS U 15 -31.04 -14.15 32.26
N PRO U 16 -31.47 -15.42 32.09
CA PRO U 16 -30.87 -16.23 31.04
C PRO U 16 -31.40 -15.80 29.67
N ILE U 17 -30.49 -15.74 28.69
CA ILE U 17 -30.84 -15.23 27.36
C ILE U 17 -30.05 -15.96 26.27
N GLU U 18 -30.65 -16.10 25.09
CA GLU U 18 -30.00 -16.82 23.99
C GLU U 18 -28.71 -16.09 23.60
N THR U 19 -27.59 -16.74 23.85
CA THR U 19 -26.27 -16.21 23.52
C THR U 19 -25.59 -17.17 22.53
N LEU U 20 -24.82 -16.62 21.61
CA LEU U 20 -24.10 -17.41 20.62
C LEU U 20 -22.66 -17.68 21.07
N VAL U 21 -22.39 -18.93 21.41
CA VAL U 21 -21.13 -19.36 21.99
C VAL U 21 -20.29 -20.09 20.96
N ASP U 22 -19.01 -19.71 20.86
CA ASP U 22 -18.08 -20.39 19.98
C ASP U 22 -17.76 -21.78 20.55
N ILE U 23 -17.79 -22.80 19.70
CA ILE U 23 -17.54 -24.17 20.14
C ILE U 23 -16.12 -24.33 20.67
N PHE U 24 -15.15 -23.66 20.04
CA PHE U 24 -13.76 -23.67 20.48
C PHE U 24 -13.59 -23.21 21.93
N GLN U 25 -14.29 -22.13 22.29
CA GLN U 25 -14.24 -21.61 23.66
C GLN U 25 -14.68 -22.66 24.68
N GLU U 26 -15.69 -23.45 24.33
CA GLU U 26 -16.21 -24.48 25.24
C GLU U 26 -15.34 -25.74 25.28
N TYR U 27 -14.92 -26.23 24.11
CA TYR U 27 -14.03 -27.38 24.03
C TYR U 27 -12.70 -26.99 23.38
N PRO U 28 -11.74 -26.49 24.20
CA PRO U 28 -10.46 -26.01 23.71
C PRO U 28 -9.39 -27.10 23.52
N ASP U 29 -9.63 -28.30 24.03
CA ASP U 29 -8.68 -29.41 23.86
C ASP U 29 -8.84 -30.04 22.47
N GLU U 30 -10.02 -29.85 21.87
CA GLU U 30 -10.35 -30.42 20.57
C GLU U 30 -9.95 -29.45 19.46
N ILE U 31 -8.68 -29.53 19.05
CA ILE U 31 -8.08 -28.54 18.12
C ILE U 31 -7.86 -29.12 16.72
N GLU U 32 -7.65 -30.43 16.65
CA GLU U 32 -7.59 -31.16 15.37
C GLU U 32 -8.77 -30.85 14.43
N TYR U 33 -9.95 -30.63 15.00
CA TYR U 33 -11.19 -30.56 14.25
C TYR U 33 -11.50 -29.13 13.76
N ILE U 34 -12.27 -29.05 12.67
CA ILE U 34 -12.96 -27.82 12.26
C ILE U 34 -14.45 -28.06 12.44
N PHE U 35 -15.12 -27.16 13.16
CA PHE U 35 -16.51 -27.35 13.50
C PHE U 35 -17.43 -26.56 12.60
N LYS U 36 -18.47 -27.21 12.09
CA LYS U 36 -19.51 -26.53 11.31
C LYS U 36 -20.86 -26.87 11.95
N PRO U 37 -21.62 -25.86 12.41
CA PRO U 37 -21.21 -24.46 12.51
C PRO U 37 -20.14 -24.28 13.59
N SER U 38 -19.39 -23.20 13.50
CA SER U 38 -18.31 -22.93 14.46
C SER U 38 -18.83 -22.44 15.81
N CYS U 39 -20.09 -22.04 15.86
CA CYS U 39 -20.71 -21.55 17.08
C CYS U 39 -22.12 -22.10 17.21
N VAL U 40 -22.68 -22.02 18.42
CA VAL U 40 -24.00 -22.58 18.71
C VAL U 40 -24.82 -21.67 19.60
N PRO U 41 -26.15 -21.72 19.49
CA PRO U 41 -27.01 -20.90 20.31
C PRO U 41 -27.33 -21.56 21.64
N LEU U 42 -26.84 -20.96 22.73
CA LEU U 42 -27.07 -21.48 24.07
C LEU U 42 -27.72 -20.42 24.93
N MET U 43 -28.36 -20.87 26.00
CA MET U 43 -28.90 -19.97 27.00
C MET U 43 -27.81 -19.73 28.04
N ARG U 44 -27.43 -18.46 28.22
CA ARG U 44 -26.41 -18.11 29.20
C ARG U 44 -26.82 -16.87 29.97
N CYS U 45 -26.30 -16.76 31.20
CA CYS U 45 -26.64 -15.65 32.07
C CYS U 45 -25.98 -14.39 31.56
N GLY U 46 -26.79 -13.47 31.06
CA GLY U 46 -26.32 -12.15 30.66
C GLY U 46 -27.10 -11.11 31.42
N GLY U 47 -26.94 -9.85 31.01
CA GLY U 47 -27.67 -8.75 31.63
C GLY U 47 -26.94 -8.19 32.83
N CYS U 48 -27.43 -7.06 33.33
CA CYS U 48 -26.76 -6.29 34.37
C CYS U 48 -27.53 -6.29 35.69
N CYS U 49 -26.79 -6.28 36.80
CA CYS U 49 -27.36 -6.30 38.15
C CYS U 49 -27.52 -4.89 38.72
N ASN U 50 -26.98 -3.90 38.02
CA ASN U 50 -27.04 -2.49 38.44
C ASN U 50 -26.33 -2.25 39.76
N ASP U 51 -25.06 -2.66 39.80
CA ASP U 51 -24.17 -2.49 40.96
C ASP U 51 -22.78 -3.02 40.56
N GLU U 52 -21.75 -2.20 40.77
CA GLU U 52 -20.37 -2.60 40.42
C GLU U 52 -19.82 -3.72 41.32
N GLY U 53 -20.36 -3.84 42.52
CA GLY U 53 -19.95 -4.87 43.47
C GLY U 53 -20.68 -6.20 43.36
N LEU U 54 -21.48 -6.36 42.30
CA LEU U 54 -22.23 -7.60 42.07
C LEU U 54 -22.09 -8.07 40.62
N GLU U 55 -22.12 -9.39 40.42
CA GLU U 55 -22.11 -9.98 39.08
C GLU U 55 -23.27 -10.97 38.91
N CYS U 56 -23.69 -11.15 37.66
CA CYS U 56 -24.79 -12.05 37.32
C CYS U 56 -24.23 -13.44 37.04
N VAL U 57 -24.62 -14.41 37.87
CA VAL U 57 -24.10 -15.78 37.77
C VAL U 57 -25.22 -16.82 37.84
N PRO U 58 -24.97 -18.04 37.33
CA PRO U 58 -26.02 -19.05 37.28
C PRO U 58 -26.19 -19.81 38.59
N THR U 59 -27.37 -20.40 38.77
CA THR U 59 -27.68 -21.24 39.92
C THR U 59 -28.09 -22.63 39.43
N GLU U 60 -29.09 -22.66 38.55
CA GLU U 60 -29.56 -23.90 37.95
C GLU U 60 -28.97 -24.08 36.54
N GLU U 61 -28.10 -25.08 36.40
CA GLU U 61 -27.48 -25.42 35.12
C GLU U 61 -28.12 -26.69 34.54
N SER U 62 -28.05 -26.84 33.23
CA SER U 62 -28.51 -28.05 32.56
C SER U 62 -27.67 -28.33 31.32
N ASN U 63 -27.96 -29.43 30.63
CA ASN U 63 -27.24 -29.81 29.42
C ASN U 63 -28.16 -29.94 28.21
N ILE U 64 -27.65 -29.52 27.05
CA ILE U 64 -28.34 -29.69 25.78
C ILE U 64 -27.35 -30.29 24.78
N THR U 65 -27.84 -31.20 23.94
CA THR U 65 -27.00 -31.89 22.98
C THR U 65 -27.39 -31.52 21.57
N MET U 66 -26.38 -31.21 20.75
CA MET U 66 -26.58 -30.73 19.38
C MET U 66 -25.76 -31.54 18.39
N GLN U 67 -26.35 -31.81 17.23
CA GLN U 67 -25.62 -32.43 16.13
C GLN U 67 -24.71 -31.40 15.52
N ILE U 68 -23.41 -31.67 15.54
CA ILE U 68 -22.42 -30.77 14.97
C ILE U 68 -21.55 -31.51 13.97
N MET U 69 -21.32 -30.90 12.81
CA MET U 69 -20.42 -31.44 11.81
C MET U 69 -19.00 -31.19 12.27
N ARG U 70 -18.19 -32.25 12.33
CA ARG U 70 -16.82 -32.12 12.80
C ARG U 70 -15.84 -32.59 11.73
N ILE U 71 -15.24 -31.64 11.04
CA ILE U 71 -14.35 -31.95 9.93
C ILE U 71 -12.94 -32.17 10.48
N LYS U 72 -12.25 -33.16 9.93
CA LYS U 72 -10.87 -33.48 10.32
C LYS U 72 -10.02 -33.57 9.06
N PRO U 73 -9.41 -32.44 8.66
CA PRO U 73 -8.81 -32.27 7.33
C PRO U 73 -7.93 -33.44 6.88
N HIS U 74 -8.07 -33.81 5.60
CA HIS U 74 -7.34 -34.91 4.94
C HIS U 74 -7.63 -36.26 5.60
N GLN U 75 -8.80 -36.38 6.22
CA GLN U 75 -9.15 -37.59 6.95
C GLN U 75 -10.62 -37.96 6.78
N GLY U 76 -11.53 -37.23 7.44
CA GLY U 76 -12.95 -37.41 7.21
C GLY U 76 -13.81 -36.45 8.00
N GLN U 77 -15.09 -36.39 7.63
CA GLN U 77 -16.07 -35.54 8.32
C GLN U 77 -17.18 -36.42 8.84
N HIS U 78 -17.93 -35.91 9.81
CA HIS U 78 -19.10 -36.60 10.34
C HIS U 78 -19.94 -35.71 11.26
N ILE U 79 -21.20 -36.10 11.39
CA ILE U 79 -22.12 -35.48 12.32
C ILE U 79 -21.97 -36.17 13.66
N GLY U 80 -21.38 -35.46 14.62
CA GLY U 80 -21.23 -35.95 15.98
C GLY U 80 -22.15 -35.22 16.92
N GLU U 81 -22.62 -35.90 17.95
CA GLU U 81 -23.48 -35.28 18.96
C GLU U 81 -22.60 -34.66 20.04
N MET U 82 -22.67 -33.34 20.16
CA MET U 82 -21.88 -32.61 21.13
C MET U 82 -22.77 -31.99 22.18
N SER U 83 -22.43 -32.22 23.44
CA SER U 83 -23.15 -31.66 24.58
C SER U 83 -22.64 -30.26 24.93
N PHE U 84 -23.54 -29.39 25.35
CA PHE U 84 -23.18 -28.03 25.76
C PHE U 84 -23.90 -27.62 27.06
N LEU U 85 -23.22 -26.83 27.87
CA LEU U 85 -23.76 -26.37 29.14
C LEU U 85 -24.71 -25.20 28.93
N GLN U 86 -25.89 -25.25 29.55
CA GLN U 86 -26.86 -24.15 29.49
C GLN U 86 -27.18 -23.63 30.89
N HIS U 87 -27.74 -22.43 30.95
CA HIS U 87 -28.18 -21.82 32.20
C HIS U 87 -29.70 -21.71 32.21
N ASN U 88 -30.33 -22.18 33.29
CA ASN U 88 -31.79 -22.15 33.44
C ASN U 88 -32.29 -21.06 34.37
N LYS U 89 -31.45 -20.65 35.32
CA LYS U 89 -31.83 -19.60 36.27
C LYS U 89 -30.59 -18.82 36.71
N CYS U 90 -30.71 -17.50 36.75
CA CYS U 90 -29.61 -16.62 37.14
C CYS U 90 -29.96 -15.84 38.40
N GLU U 91 -28.92 -15.38 39.10
CA GLU U 91 -29.09 -14.61 40.34
C GLU U 91 -27.92 -13.63 40.46
N CYS U 92 -28.16 -12.49 41.09
CA CYS U 92 -27.11 -11.51 41.32
C CYS U 92 -26.35 -11.85 42.60
N ARG U 93 -25.03 -11.89 42.51
CA ARG U 93 -24.17 -12.37 43.60
C ARG U 93 -22.91 -11.49 43.73
N PRO U 94 -22.22 -11.56 44.87
CA PRO U 94 -20.99 -10.75 45.06
C PRO U 94 -19.77 -11.30 44.31
N LYS U 95 -18.91 -10.38 43.87
CA LYS U 95 -17.69 -10.73 43.12
C LYS U 95 -16.62 -11.30 44.04
N GLU V 1 -34.57 -33.83 24.07
CA GLU V 1 -33.45 -34.61 23.42
C GLU V 1 -32.72 -33.77 22.33
N VAL V 2 -31.99 -34.44 21.44
CA VAL V 2 -30.98 -33.81 20.59
C VAL V 2 -31.54 -32.81 19.57
N VAL V 3 -30.83 -31.69 19.42
CA VAL V 3 -31.13 -30.69 18.39
C VAL V 3 -30.42 -31.12 17.13
N LYS V 4 -31.11 -31.14 16.00
CA LYS V 4 -30.52 -31.68 14.76
C LYS V 4 -29.60 -30.66 14.10
N PHE V 5 -28.78 -31.15 13.17
CA PHE V 5 -27.78 -30.32 12.51
C PHE V 5 -28.39 -29.10 11.84
N MET V 6 -29.41 -29.32 11.04
CA MET V 6 -30.03 -28.24 10.24
C MET V 6 -30.62 -27.14 11.10
N ASP V 7 -31.10 -27.48 12.29
CA ASP V 7 -31.62 -26.48 13.23
C ASP V 7 -30.50 -25.62 13.81
N VAL V 8 -29.42 -26.27 14.23
CA VAL V 8 -28.30 -25.58 14.86
C VAL V 8 -27.66 -24.61 13.87
N TYR V 9 -27.44 -25.09 12.65
CA TYR V 9 -26.83 -24.27 11.60
C TYR V 9 -27.65 -23.02 11.33
N GLN V 10 -28.94 -23.19 11.08
CA GLN V 10 -29.81 -22.07 10.72
C GLN V 10 -29.95 -21.04 11.83
N ARG V 11 -30.03 -21.53 13.07
CA ARG V 11 -30.17 -20.64 14.23
C ARG V 11 -28.87 -19.94 14.58
N SER V 12 -27.74 -20.50 14.15
CA SER V 12 -26.42 -19.94 14.45
C SER V 12 -25.71 -19.40 13.21
N TYR V 13 -26.46 -19.07 12.17
CA TYR V 13 -25.89 -18.38 11.03
C TYR V 13 -26.02 -16.88 11.23
N CYS V 14 -25.04 -16.12 10.73
CA CYS V 14 -25.00 -14.67 10.89
C CYS V 14 -26.37 -14.00 10.66
N HIS V 15 -27.00 -13.58 11.76
CA HIS V 15 -28.26 -12.83 11.71
C HIS V 15 -28.33 -11.87 12.90
N PRO V 16 -29.24 -10.88 12.84
CA PRO V 16 -29.36 -9.96 13.97
C PRO V 16 -30.06 -10.64 15.13
N ILE V 17 -29.55 -10.41 16.35
CA ILE V 17 -30.07 -11.09 17.53
C ILE V 17 -30.00 -10.19 18.75
N GLU V 18 -30.93 -10.36 19.69
CA GLU V 18 -30.98 -9.52 20.89
C GLU V 18 -29.71 -9.72 21.71
N THR V 19 -28.90 -8.66 21.78
CA THR V 19 -27.66 -8.67 22.53
C THR V 19 -27.76 -7.59 23.60
N LEU V 20 -27.15 -7.86 24.76
CA LEU V 20 -27.14 -6.90 25.86
C LEU V 20 -25.85 -6.08 25.87
N VAL V 21 -26.00 -4.79 25.55
CA VAL V 21 -24.88 -3.89 25.35
C VAL V 21 -24.75 -2.95 26.55
N ASP V 22 -23.53 -2.81 27.06
CA ASP V 22 -23.24 -1.87 28.14
C ASP V 22 -23.33 -0.45 27.60
N ILE V 23 -24.01 0.44 28.33
CA ILE V 23 -24.17 1.83 27.89
C ILE V 23 -22.82 2.55 27.81
N PHE V 24 -21.93 2.26 28.75
CA PHE V 24 -20.57 2.83 28.77
C PHE V 24 -19.80 2.57 27.48
N GLN V 25 -19.88 1.33 26.98
CA GLN V 25 -19.22 0.95 25.74
C GLN V 25 -19.68 1.81 24.57
N GLU V 26 -20.98 2.14 24.52
CA GLU V 26 -21.55 2.93 23.44
C GLU V 26 -21.28 4.43 23.58
N TYR V 27 -21.46 4.97 24.78
CA TYR V 27 -21.14 6.37 25.07
C TYR V 27 -20.02 6.48 26.12
N PRO V 28 -18.76 6.42 25.68
CA PRO V 28 -17.61 6.45 26.57
C PRO V 28 -17.15 7.85 27.00
N ASP V 29 -17.66 8.90 26.36
CA ASP V 29 -17.32 10.28 26.74
C ASP V 29 -18.13 10.71 27.96
N GLU V 30 -19.27 10.05 28.19
CA GLU V 30 -20.17 10.37 29.28
C GLU V 30 -19.78 9.55 30.52
N ILE V 31 -18.85 10.10 31.31
CA ILE V 31 -18.25 9.36 32.44
C ILE V 31 -18.71 9.89 33.79
N GLU V 32 -19.04 11.18 33.84
CA GLU V 32 -19.66 11.79 35.02
C GLU V 32 -20.86 11.00 35.57
N TYR V 33 -21.63 10.37 34.67
CA TYR V 33 -22.92 9.78 35.01
C TYR V 33 -22.80 8.33 35.47
N ILE V 34 -23.77 7.89 36.27
CA ILE V 34 -24.01 6.47 36.53
C ILE V 34 -25.34 6.13 35.89
N PHE V 35 -25.36 5.09 35.07
CA PHE V 35 -26.55 4.75 34.30
C PHE V 35 -27.31 3.59 34.92
N LYS V 36 -28.62 3.77 35.05
CA LYS V 36 -29.52 2.70 35.51
C LYS V 36 -30.62 2.54 34.47
N PRO V 37 -30.74 1.35 33.87
CA PRO V 37 -29.84 0.21 33.99
C PRO V 37 -28.51 0.53 33.30
N SER V 38 -27.45 -0.19 33.67
CA SER V 38 -26.12 0.05 33.13
C SER V 38 -25.97 -0.53 31.73
N CYS V 39 -26.90 -1.38 31.32
CA CYS V 39 -26.86 -2.00 30.00
C CYS V 39 -28.26 -2.02 29.39
N VAL V 40 -28.33 -2.23 28.08
CA VAL V 40 -29.61 -2.20 27.37
C VAL V 40 -29.69 -3.32 26.34
N PRO V 41 -30.92 -3.77 26.03
CA PRO V 41 -31.11 -4.82 25.03
C PRO V 41 -31.23 -4.24 23.61
N LEU V 42 -30.24 -4.54 22.77
CA LEU V 42 -30.21 -4.08 21.40
C LEU V 42 -30.10 -5.25 20.45
N MET V 43 -30.50 -5.03 19.21
CA MET V 43 -30.31 -6.00 18.15
C MET V 43 -28.95 -5.76 17.50
N ARG V 44 -28.07 -6.75 17.54
CA ARG V 44 -26.75 -6.63 16.96
C ARG V 44 -26.39 -7.88 16.18
N CYS V 45 -25.52 -7.71 15.19
CA CYS V 45 -25.13 -8.80 14.33
C CYS V 45 -24.23 -9.74 15.11
N GLY V 46 -24.74 -10.93 15.40
CA GLY V 46 -23.95 -11.99 16.00
C GLY V 46 -23.99 -13.21 15.12
N GLY V 47 -23.50 -14.34 15.64
CA GLY V 47 -23.51 -15.59 14.89
C GLY V 47 -22.29 -15.75 14.00
N CYS V 48 -22.13 -16.95 13.46
CA CYS V 48 -20.93 -17.32 12.73
C CYS V 48 -21.19 -17.53 11.24
N CYS V 49 -20.20 -17.19 10.43
CA CYS V 49 -20.27 -17.32 8.97
C CYS V 49 -19.69 -18.65 8.47
N ASN V 50 -19.05 -19.40 9.37
CA ASN V 50 -18.45 -20.69 9.05
C ASN V 50 -17.32 -20.56 8.02
N ASP V 51 -16.36 -19.70 8.36
CA ASP V 51 -15.18 -19.43 7.54
C ASP V 51 -14.29 -18.44 8.30
N GLU V 52 -13.02 -18.78 8.49
CA GLU V 52 -12.07 -17.90 9.21
C GLU V 52 -11.74 -16.61 8.45
N GLY V 53 -11.88 -16.64 7.13
CA GLY V 53 -11.63 -15.47 6.28
C GLY V 53 -12.82 -14.55 6.08
N LEU V 54 -13.91 -14.76 6.82
CA LEU V 54 -15.10 -13.93 6.73
C LEU V 54 -15.60 -13.51 8.12
N GLU V 55 -16.20 -12.34 8.22
CA GLU V 55 -16.83 -11.87 9.46
C GLU V 55 -18.27 -11.42 9.20
N CYS V 56 -19.10 -11.49 10.24
CA CYS V 56 -20.51 -11.11 10.15
C CYS V 56 -20.65 -9.62 10.51
N VAL V 57 -21.09 -8.83 9.54
CA VAL V 57 -21.21 -7.37 9.71
C VAL V 57 -22.56 -6.84 9.23
N PRO V 58 -22.97 -5.65 9.70
CA PRO V 58 -24.28 -5.11 9.36
C PRO V 58 -24.31 -4.40 8.02
N THR V 59 -25.51 -4.31 7.44
CA THR V 59 -25.75 -3.58 6.20
C THR V 59 -26.77 -2.48 6.44
N GLU V 60 -27.93 -2.88 6.97
CA GLU V 60 -29.01 -1.96 7.31
C GLU V 60 -28.99 -1.66 8.81
N GLU V 61 -28.66 -0.42 9.15
CA GLU V 61 -28.65 0.05 10.54
C GLU V 61 -29.87 0.93 10.80
N SER V 62 -30.28 1.01 12.06
CA SER V 62 -31.36 1.92 12.47
C SER V 62 -31.12 2.43 13.89
N ASN V 63 -32.01 3.28 14.37
CA ASN V 63 -31.90 3.84 15.72
C ASN V 63 -33.11 3.53 16.57
N ILE V 64 -32.87 3.27 17.86
CA ILE V 64 -33.94 3.09 18.85
C ILE V 64 -33.62 3.96 20.08
N THR V 65 -34.66 4.56 20.66
CA THR V 65 -34.48 5.47 21.79
C THR V 65 -35.11 4.89 23.04
N MET V 66 -34.36 4.95 24.15
CA MET V 66 -34.77 4.34 25.39
C MET V 66 -34.68 5.34 26.53
N GLN V 67 -35.65 5.29 27.43
CA GLN V 67 -35.60 6.08 28.66
C GLN V 67 -34.60 5.43 29.58
N ILE V 68 -33.57 6.18 29.96
CA ILE V 68 -32.54 5.70 30.86
C ILE V 68 -32.38 6.66 32.02
N MET V 69 -32.30 6.11 33.23
CA MET V 69 -32.04 6.90 34.42
C MET V 69 -30.57 7.25 34.44
N ARG V 70 -30.24 8.53 34.56
CA ARG V 70 -28.85 8.96 34.55
C ARG V 70 -28.52 9.70 35.84
N ILE V 71 -27.83 9.02 36.74
CA ILE V 71 -27.51 9.58 38.04
C ILE V 71 -26.20 10.35 37.97
N LYS V 72 -26.16 11.50 38.63
CA LYS V 72 -24.97 12.36 38.66
C LYS V 72 -24.66 12.70 40.11
N PRO V 73 -23.83 11.87 40.77
CA PRO V 73 -23.64 11.86 42.22
C PRO V 73 -23.47 13.23 42.85
N HIS V 74 -24.13 13.44 43.99
CA HIS V 74 -24.11 14.70 44.75
C HIS V 74 -24.65 15.88 43.94
N GLN V 75 -25.55 15.58 43.00
CA GLN V 75 -26.08 16.60 42.10
C GLN V 75 -27.57 16.34 41.80
N GLY V 76 -27.87 15.38 40.95
CA GLY V 76 -29.25 14.99 40.71
C GLY V 76 -29.40 13.83 39.74
N GLN V 77 -30.60 13.25 39.70
CA GLN V 77 -30.91 12.14 38.82
C GLN V 77 -32.05 12.55 37.92
N HIS V 78 -32.20 11.86 36.79
CA HIS V 78 -33.32 12.09 35.87
C HIS V 78 -33.42 11.03 34.81
N ILE V 79 -34.64 10.89 34.28
CA ILE V 79 -34.91 10.01 33.15
C ILE V 79 -34.60 10.80 31.88
N GLY V 80 -33.53 10.43 31.20
CA GLY V 80 -33.17 11.03 29.92
C GLY V 80 -33.38 10.04 28.79
N GLU V 81 -33.74 10.55 27.62
CA GLU V 81 -33.95 9.71 26.46
C GLU V 81 -32.62 9.54 25.76
N MET V 82 -32.13 8.29 25.70
CA MET V 82 -30.87 7.99 25.07
C MET V 82 -31.09 7.12 23.84
N SER V 83 -30.49 7.54 22.72
CA SER V 83 -30.56 6.82 21.46
C SER V 83 -29.47 5.75 21.37
N PHE V 84 -29.78 4.63 20.73
CA PHE V 84 -28.82 3.55 20.55
C PHE V 84 -28.89 2.98 19.13
N LEU V 85 -27.74 2.55 18.63
CA LEU V 85 -27.63 2.00 17.29
C LEU V 85 -28.09 0.54 17.27
N GLN V 86 -28.93 0.19 16.30
CA GLN V 86 -29.38 -1.20 16.13
C GLN V 86 -29.03 -1.72 14.74
N HIS V 87 -29.03 -3.04 14.60
CA HIS V 87 -28.79 -3.69 13.32
C HIS V 87 -30.07 -4.39 12.86
N ASN V 88 -30.46 -4.13 11.61
CA ASN V 88 -31.68 -4.72 11.03
C ASN V 88 -31.40 -5.86 10.05
N LYS V 89 -30.22 -5.86 9.43
CA LYS V 89 -29.85 -6.91 8.48
C LYS V 89 -28.33 -7.13 8.50
N CYS V 90 -27.93 -8.40 8.51
CA CYS V 90 -26.50 -8.75 8.54
C CYS V 90 -26.12 -9.52 7.29
N GLU V 91 -24.83 -9.50 6.96
CA GLU V 91 -24.30 -10.20 5.81
C GLU V 91 -22.87 -10.64 6.10
N CYS V 92 -22.45 -11.75 5.50
CA CYS V 92 -21.08 -12.24 5.67
C CYS V 92 -20.15 -11.55 4.67
N ARG V 93 -19.04 -11.02 5.16
CA ARG V 93 -18.14 -10.18 4.37
C ARG V 93 -16.67 -10.48 4.70
N PRO V 94 -15.74 -10.09 3.81
CA PRO V 94 -14.31 -10.35 4.06
C PRO V 94 -13.68 -9.44 5.13
N LYS V 95 -12.71 -9.98 5.87
CA LYS V 95 -12.02 -9.24 6.94
C LYS V 95 -10.99 -8.25 6.41
N LYS V 96 -11.12 -7.00 6.86
CA LYS V 96 -10.21 -5.91 6.50
C LYS V 96 -9.02 -5.85 7.48
N ASP V 97 -7.92 -5.24 7.03
CA ASP V 97 -6.71 -5.07 7.84
C ASP V 97 -6.74 -3.70 8.53
N ASP W 1 -44.44 -0.84 45.25
CA ASP W 1 -43.77 -0.01 46.31
C ASP W 1 -42.83 -0.84 47.16
N ILE W 2 -41.68 -0.25 47.51
CA ILE W 2 -40.72 -0.88 48.40
C ILE W 2 -41.09 -0.54 49.85
N GLN W 3 -41.27 -1.58 50.66
CA GLN W 3 -41.66 -1.39 52.05
C GLN W 3 -40.41 -1.50 52.94
N MET W 4 -40.09 -0.42 53.66
CA MET W 4 -39.05 -0.49 54.68
C MET W 4 -39.76 -0.71 56.02
N THR W 5 -39.35 -1.76 56.73
CA THR W 5 -40.00 -2.15 57.97
C THR W 5 -39.01 -2.09 59.14
N GLN W 6 -39.15 -1.08 59.98
CA GLN W 6 -38.24 -0.90 61.12
C GLN W 6 -38.70 -1.69 62.33
N SER W 7 -37.72 -2.24 63.05
CA SER W 7 -37.96 -2.88 64.34
C SER W 7 -36.85 -2.48 65.29
N PRO W 8 -37.17 -2.17 66.56
CA PRO W 8 -38.49 -2.10 67.16
C PRO W 8 -39.24 -0.83 66.81
N SER W 9 -40.39 -0.61 67.44
CA SER W 9 -41.21 0.58 67.24
C SER W 9 -40.76 1.67 68.19
N SER W 10 -40.71 1.34 69.48
CA SER W 10 -40.12 2.19 70.51
C SER W 10 -38.99 1.42 71.19
N LEU W 11 -38.28 2.06 72.11
CA LEU W 11 -37.10 1.46 72.71
C LEU W 11 -36.50 2.38 73.77
N SER W 12 -36.23 1.82 74.94
CA SER W 12 -35.48 2.54 75.97
C SER W 12 -34.24 1.73 76.37
N ALA W 13 -33.12 2.43 76.54
CA ALA W 13 -31.87 1.81 76.98
C ALA W 13 -31.16 2.77 77.93
N SER W 14 -30.20 2.25 78.68
CA SER W 14 -29.50 3.04 79.70
C SER W 14 -28.37 3.83 79.06
N VAL W 15 -27.80 4.75 79.82
CA VAL W 15 -26.67 5.54 79.35
C VAL W 15 -25.46 4.64 79.19
N GLY W 16 -24.91 4.58 77.98
CA GLY W 16 -23.71 3.79 77.71
C GLY W 16 -23.98 2.44 77.10
N ASP W 17 -25.24 2.01 77.10
CA ASP W 17 -25.61 0.71 76.55
C ASP W 17 -25.54 0.70 75.02
N ARG W 18 -25.53 -0.50 74.45
CA ARG W 18 -25.45 -0.68 73.00
C ARG W 18 -26.86 -0.83 72.48
N VAL W 19 -27.20 -0.03 71.48
CA VAL W 19 -28.55 -0.01 70.91
C VAL W 19 -28.51 -0.46 69.46
N THR W 20 -29.46 -1.30 69.07
CA THR W 20 -29.49 -1.88 67.73
C THR W 20 -30.87 -1.70 67.11
N ILE W 21 -30.94 -0.92 66.05
CA ILE W 21 -32.16 -0.71 65.31
C ILE W 21 -32.02 -1.38 63.95
N THR W 22 -32.97 -2.26 63.61
CA THR W 22 -32.94 -2.98 62.33
C THR W 22 -34.01 -2.44 61.40
N CYS W 23 -33.76 -2.51 60.09
CA CYS W 23 -34.69 -2.00 59.09
C CYS W 23 -34.66 -2.91 57.86
N ARG W 24 -35.77 -3.59 57.63
CA ARG W 24 -35.85 -4.72 56.71
C ARG W 24 -36.50 -4.28 55.39
N ALA W 25 -35.78 -4.44 54.29
CA ALA W 25 -36.29 -4.07 52.97
C ALA W 25 -37.02 -5.24 52.32
N SER W 26 -38.06 -4.93 51.56
CA SER W 26 -38.91 -5.94 50.91
C SER W 26 -38.16 -6.68 49.81
N GLN W 27 -37.48 -5.90 48.95
CA GLN W 27 -36.64 -6.47 47.89
C GLN W 27 -35.31 -5.72 47.82
N SER W 28 -34.31 -6.35 47.22
CA SER W 28 -32.94 -5.82 47.23
C SER W 28 -32.92 -4.35 46.84
N VAL W 29 -32.28 -3.57 47.70
CA VAL W 29 -32.13 -2.13 47.51
C VAL W 29 -30.71 -1.79 47.08
N SER W 30 -29.82 -2.80 47.11
CA SER W 30 -28.39 -2.59 47.03
C SER W 30 -27.96 -1.93 48.35
N SER W 31 -26.79 -1.29 48.36
CA SER W 31 -26.30 -0.58 49.53
C SER W 31 -26.69 0.90 49.46
N ALA W 32 -27.98 1.15 49.26
CA ALA W 32 -28.49 2.49 49.01
C ALA W 32 -29.48 2.89 50.08
N VAL W 33 -28.98 2.97 51.31
CA VAL W 33 -29.82 3.20 52.49
C VAL W 33 -29.19 4.29 53.35
N ALA W 34 -30.02 5.10 53.99
CA ALA W 34 -29.55 6.16 54.87
C ALA W 34 -30.30 6.13 56.17
N TRP W 35 -29.65 6.57 57.24
CA TRP W 35 -30.27 6.65 58.55
C TRP W 35 -30.33 8.08 59.01
N TYR W 36 -31.45 8.49 59.58
CA TYR W 36 -31.67 9.87 59.99
C TYR W 36 -32.02 9.94 61.47
N GLN W 37 -31.90 11.12 62.05
CA GLN W 37 -32.16 11.31 63.46
C GLN W 37 -32.98 12.57 63.61
N GLN W 38 -34.24 12.40 63.99
CA GLN W 38 -35.11 13.54 64.19
C GLN W 38 -35.35 13.73 65.67
N LYS W 39 -34.81 14.83 66.21
CA LYS W 39 -35.17 15.30 67.53
C LYS W 39 -36.60 15.82 67.48
N PRO W 40 -37.22 16.03 68.65
CA PRO W 40 -38.56 16.57 68.67
C PRO W 40 -38.59 18.03 68.23
N GLY W 41 -39.47 18.34 67.28
CA GLY W 41 -39.68 19.71 66.83
C GLY W 41 -38.57 20.26 65.96
N LYS W 42 -37.75 19.39 65.40
CA LYS W 42 -36.68 19.79 64.49
C LYS W 42 -36.67 18.87 63.27
N ALA W 43 -35.89 19.25 62.27
CA ALA W 43 -35.83 18.50 61.01
C ALA W 43 -34.86 17.34 61.12
N PRO W 44 -35.01 16.31 60.27
CA PRO W 44 -34.09 15.19 60.31
C PRO W 44 -32.65 15.62 60.06
N LYS W 45 -31.72 14.94 60.72
CA LYS W 45 -30.29 15.11 60.50
C LYS W 45 -29.77 13.78 59.94
N LEU W 46 -28.93 13.85 58.93
CA LEU W 46 -28.42 12.65 58.29
C LEU W 46 -27.28 12.08 59.12
N LEU W 47 -27.33 10.77 59.37
CA LEU W 47 -26.28 10.09 60.14
C LEU W 47 -25.42 9.20 59.25
N ILE W 48 -26.07 8.33 58.51
CA ILE W 48 -25.38 7.37 57.66
C ILE W 48 -25.98 7.43 56.26
N TYR W 49 -25.13 7.17 55.26
CA TYR W 49 -25.59 6.99 53.90
C TYR W 49 -24.88 5.77 53.30
N SER W 50 -25.24 5.41 52.07
CA SER W 50 -24.79 4.16 51.45
C SER W 50 -24.71 3.00 52.46
N ALA W 51 -25.70 2.91 53.33
CA ALA W 51 -25.86 1.80 54.28
C ALA W 51 -24.86 1.77 55.43
N SER W 52 -23.61 2.17 55.18
CA SER W 52 -22.53 1.96 56.14
C SER W 52 -21.63 3.17 56.41
N SER W 53 -21.44 4.05 55.42
CA SER W 53 -20.53 5.20 55.58
C SER W 53 -21.13 6.31 56.44
N LEU W 54 -20.28 6.94 57.23
CA LEU W 54 -20.71 7.93 58.22
C LEU W 54 -20.67 9.34 57.67
N TYR W 55 -21.75 10.08 57.85
CA TYR W 55 -21.80 11.46 57.35
C TYR W 55 -20.83 12.32 58.13
N SER W 56 -20.30 13.34 57.48
CA SER W 56 -19.32 14.24 58.07
C SER W 56 -19.88 14.98 59.28
N GLY W 57 -19.23 14.82 60.42
CA GLY W 57 -19.62 15.54 61.63
C GLY W 57 -20.51 14.75 62.56
N VAL W 58 -20.85 13.52 62.17
CA VAL W 58 -21.63 12.63 63.01
C VAL W 58 -20.65 11.90 63.91
N PRO W 59 -20.91 11.85 65.22
CA PRO W 59 -20.01 11.12 66.12
C PRO W 59 -19.91 9.65 65.81
N SER W 60 -18.80 9.04 66.18
CA SER W 60 -18.41 7.70 65.71
C SER W 60 -19.27 6.58 66.24
N ARG W 61 -19.93 6.80 67.36
CA ARG W 61 -20.78 5.77 67.96
C ARG W 61 -21.87 5.30 67.02
N PHE W 62 -22.40 6.21 66.20
CA PHE W 62 -23.36 5.86 65.15
C PHE W 62 -22.67 5.08 64.05
N SER W 63 -23.22 3.93 63.68
CA SER W 63 -22.60 3.05 62.70
C SER W 63 -23.64 2.19 61.97
N GLY W 64 -23.67 2.32 60.65
CA GLY W 64 -24.57 1.56 59.81
C GLY W 64 -23.94 0.27 59.32
N SER W 65 -24.76 -0.74 59.06
CA SER W 65 -24.29 -2.05 58.61
C SER W 65 -25.36 -2.76 57.77
N ARG W 66 -24.95 -3.81 57.07
CA ARG W 66 -25.82 -4.49 56.11
C ARG W 66 -25.73 -6.02 56.16
N SER W 67 -26.83 -6.68 55.80
CA SER W 67 -26.85 -8.12 55.60
C SER W 67 -27.79 -8.48 54.44
N GLY W 68 -27.46 -7.97 53.25
CA GLY W 68 -28.16 -8.26 52.00
C GLY W 68 -29.66 -8.02 51.90
N THR W 69 -30.20 -7.10 52.72
CA THR W 69 -31.64 -6.74 52.80
C THR W 69 -31.97 -6.23 54.18
N ASP W 70 -31.32 -6.79 55.20
CA ASP W 70 -31.47 -6.34 56.57
C ASP W 70 -30.41 -5.29 56.88
N PHE W 71 -30.84 -4.05 57.05
CA PHE W 71 -29.95 -2.95 57.38
C PHE W 71 -30.07 -2.63 58.86
N THR W 72 -28.98 -2.16 59.45
CA THR W 72 -28.90 -2.07 60.91
C THR W 72 -28.11 -0.86 61.41
N LEU W 73 -28.82 0.10 62.00
CA LEU W 73 -28.17 1.22 62.67
C LEU W 73 -27.81 0.75 64.06
N THR W 74 -26.58 1.03 64.49
CA THR W 74 -26.14 0.65 65.82
C THR W 74 -25.53 1.84 66.54
N ILE W 75 -26.11 2.19 67.68
CA ILE W 75 -25.54 3.23 68.53
C ILE W 75 -24.75 2.51 69.60
N SER W 76 -23.43 2.61 69.49
CA SER W 76 -22.51 1.78 70.30
C SER W 76 -22.41 2.22 71.77
N SER W 77 -22.60 3.50 72.05
CA SER W 77 -22.54 3.99 73.42
C SER W 77 -23.59 5.07 73.66
N LEU W 78 -24.85 4.65 73.71
CA LEU W 78 -25.99 5.55 73.81
C LEU W 78 -25.77 6.64 74.84
N GLN W 79 -26.19 7.85 74.52
CA GLN W 79 -25.98 8.99 75.41
C GLN W 79 -27.22 9.86 75.45
N PRO W 80 -27.45 10.58 76.57
CA PRO W 80 -28.72 11.23 76.82
C PRO W 80 -29.18 12.14 75.70
N GLU W 81 -28.26 12.73 74.95
CA GLU W 81 -28.61 13.56 73.80
C GLU W 81 -28.85 12.77 72.52
N ASP W 82 -28.89 11.45 72.61
CA ASP W 82 -29.28 10.62 71.47
C ASP W 82 -30.77 10.33 71.50
N PHE W 83 -31.44 10.79 72.55
CA PHE W 83 -32.88 10.72 72.60
C PHE W 83 -33.45 11.33 71.34
N ALA W 84 -34.09 10.49 70.52
CA ALA W 84 -34.63 10.93 69.24
C ALA W 84 -35.48 9.83 68.58
N THR W 85 -36.07 10.15 67.44
CA THR W 85 -36.70 9.17 66.60
C THR W 85 -35.77 8.94 65.41
N TYR W 86 -35.49 7.67 65.11
CA TYR W 86 -34.53 7.31 64.07
C TYR W 86 -35.23 6.70 62.87
N TYR W 87 -35.01 7.25 61.69
CA TYR W 87 -35.62 6.76 60.46
C TYR W 87 -34.59 6.18 59.50
N CYS W 88 -34.83 4.96 59.00
CA CYS W 88 -34.06 4.44 57.86
C CYS W 88 -34.73 4.96 56.59
N GLN W 89 -34.00 4.89 55.49
CA GLN W 89 -34.47 5.41 54.21
C GLN W 89 -33.75 4.70 53.09
N GLN W 90 -34.52 4.10 52.19
CA GLN W 90 -33.95 3.45 51.03
C GLN W 90 -34.16 4.37 49.83
N TYR W 91 -33.19 4.39 48.92
CA TYR W 91 -33.37 5.02 47.60
C TYR W 91 -33.24 3.93 46.53
N SER W 92 -32.45 4.13 45.47
CA SER W 92 -32.50 3.24 44.29
C SER W 92 -33.83 3.41 43.53
N TYR W 93 -33.73 3.85 42.28
CA TYR W 93 -34.87 4.33 41.54
C TYR W 93 -35.68 3.21 40.91
N TYR W 94 -36.71 2.75 41.61
CA TYR W 94 -37.64 1.78 40.99
C TYR W 94 -38.92 2.49 40.55
N TYR W 95 -39.83 2.79 41.47
CA TYR W 95 -40.99 3.62 41.16
C TYR W 95 -40.72 5.00 41.74
N TYR W 96 -40.50 5.03 43.06
CA TYR W 96 -40.20 6.24 43.78
C TYR W 96 -38.69 6.35 44.05
N PRO W 97 -38.15 7.58 44.03
CA PRO W 97 -36.74 7.76 44.31
C PRO W 97 -36.41 7.37 45.73
N PHE W 98 -37.38 7.37 46.62
CA PHE W 98 -37.19 6.77 47.94
C PHE W 98 -38.44 6.54 48.80
N THR W 99 -38.26 5.64 49.77
CA THR W 99 -39.25 5.32 50.78
C THR W 99 -38.59 5.31 52.15
N PHE W 100 -39.28 5.87 53.14
CA PHE W 100 -38.78 5.91 54.51
C PHE W 100 -39.40 4.77 55.32
N GLY W 101 -38.73 4.44 56.43
CA GLY W 101 -39.28 3.52 57.41
C GLY W 101 -40.34 4.21 58.25
N GLN W 102 -40.91 3.47 59.19
CA GLN W 102 -41.93 4.02 60.07
C GLN W 102 -41.30 4.81 61.23
N GLY W 103 -40.01 4.62 61.47
CA GLY W 103 -39.27 5.35 62.51
C GLY W 103 -39.22 4.61 63.85
N THR W 104 -38.25 4.97 64.69
CA THR W 104 -38.04 4.27 65.95
C THR W 104 -37.68 5.21 67.07
N LYS W 105 -38.62 5.52 67.97
CA LYS W 105 -38.36 6.47 69.04
C LYS W 105 -37.46 5.81 70.08
N VAL W 106 -36.31 6.43 70.35
CA VAL W 106 -35.33 5.92 71.30
C VAL W 106 -35.35 6.79 72.52
N GLU W 107 -35.51 6.17 73.68
CA GLU W 107 -35.61 6.92 74.93
C GLU W 107 -34.47 6.53 75.85
N ILE W 108 -34.27 7.30 76.92
CA ILE W 108 -33.16 7.09 77.82
C ILE W 108 -33.68 6.52 79.13
N LYS W 109 -32.95 5.56 79.70
CA LYS W 109 -33.22 5.06 81.04
C LYS W 109 -32.23 5.66 82.04
N ARG W 110 -32.75 6.21 83.14
CA ARG W 110 -31.92 6.80 84.17
C ARG W 110 -32.46 6.48 85.56
N THR W 111 -31.78 6.96 86.60
CA THR W 111 -32.18 6.69 87.98
C THR W 111 -33.52 7.36 88.29
N VAL W 112 -34.24 6.83 89.27
CA VAL W 112 -35.54 7.38 89.64
C VAL W 112 -35.34 8.79 90.20
N ALA W 113 -36.11 9.74 89.70
CA ALA W 113 -36.02 11.12 90.16
C ALA W 113 -37.39 11.70 90.45
N ALA W 114 -37.52 12.36 91.59
CA ALA W 114 -38.80 12.85 92.07
C ALA W 114 -39.08 14.26 91.60
N PRO W 115 -40.34 14.59 91.28
CA PRO W 115 -40.70 15.91 90.82
C PRO W 115 -40.71 16.97 91.91
N SER W 116 -40.26 18.17 91.56
CA SER W 116 -40.55 19.37 92.33
C SER W 116 -41.92 19.81 91.90
N VAL W 117 -42.84 19.97 92.85
CA VAL W 117 -44.24 20.27 92.53
C VAL W 117 -44.59 21.71 92.86
N PHE W 118 -45.31 22.34 91.93
CA PHE W 118 -45.78 23.71 92.10
C PHE W 118 -47.24 23.80 91.69
N ILE W 119 -47.96 24.77 92.25
CA ILE W 119 -49.35 25.02 91.87
C ILE W 119 -49.59 26.51 91.66
N PHE W 120 -50.33 26.84 90.61
CA PHE W 120 -50.57 28.22 90.23
C PHE W 120 -52.05 28.54 90.19
N PRO W 121 -52.47 29.59 90.93
CA PRO W 121 -53.86 30.01 90.88
C PRO W 121 -54.14 30.79 89.61
N PRO W 122 -55.42 30.94 89.23
CA PRO W 122 -55.74 31.73 88.05
C PRO W 122 -55.39 33.20 88.21
N SER W 123 -55.01 33.84 87.10
CA SER W 123 -54.68 35.26 87.11
C SER W 123 -55.92 36.10 87.34
N ASP W 124 -55.78 37.20 88.06
CA ASP W 124 -56.87 38.16 88.22
C ASP W 124 -57.31 38.72 86.87
N GLU W 125 -56.36 38.84 85.93
CA GLU W 125 -56.66 39.27 84.58
C GLU W 125 -57.50 38.23 83.84
N GLN W 126 -57.29 36.94 84.13
CA GLN W 126 -58.08 35.87 83.52
C GLN W 126 -59.51 35.85 84.06
N LEU W 127 -59.66 36.08 85.36
CA LEU W 127 -60.96 36.10 86.00
C LEU W 127 -61.91 37.16 85.40
N LYS W 128 -61.34 38.25 84.89
CA LYS W 128 -62.12 39.28 84.20
C LYS W 128 -62.87 38.70 82.99
N SER W 129 -62.19 37.86 82.21
CA SER W 129 -62.74 37.30 80.96
C SER W 129 -63.83 36.24 81.19
N GLY W 130 -63.90 35.68 82.39
CA GLY W 130 -64.97 34.75 82.74
C GLY W 130 -64.56 33.30 82.91
N THR W 131 -63.28 32.99 82.72
CA THR W 131 -62.74 31.64 82.94
C THR W 131 -61.76 31.62 84.11
N ALA W 132 -61.40 30.42 84.53
CA ALA W 132 -60.41 30.22 85.60
C ALA W 132 -59.60 28.94 85.35
N SER W 133 -58.30 29.10 85.15
CA SER W 133 -57.41 27.97 84.91
C SER W 133 -56.41 27.82 86.05
N VAL W 134 -56.44 26.67 86.71
CA VAL W 134 -55.46 26.35 87.73
C VAL W 134 -54.43 25.43 87.09
N VAL W 135 -53.15 25.65 87.42
CA VAL W 135 -52.06 24.90 86.80
C VAL W 135 -51.23 24.21 87.87
N CYS W 136 -51.15 22.89 87.79
CA CYS W 136 -50.27 22.11 88.65
C CYS W 136 -49.06 21.74 87.83
N LEU W 137 -47.87 22.06 88.32
CA LEU W 137 -46.64 21.85 87.56
C LEU W 137 -45.76 20.79 88.22
N LEU W 138 -45.43 19.73 87.48
CA LEU W 138 -44.48 18.73 87.92
C LEU W 138 -43.21 18.95 87.13
N ASN W 139 -42.08 19.07 87.82
CA ASN W 139 -40.84 19.48 87.17
C ASN W 139 -39.70 18.49 87.37
N ASN W 140 -39.01 18.16 86.28
CA ASN W 140 -37.78 17.34 86.31
C ASN W 140 -37.88 16.04 87.10
N PHE W 141 -38.64 15.09 86.54
CA PHE W 141 -38.88 13.80 87.18
C PHE W 141 -38.73 12.64 86.20
N TYR W 142 -38.35 11.49 86.71
CA TYR W 142 -38.30 10.26 85.92
C TYR W 142 -38.81 9.11 86.78
N PRO W 143 -39.57 8.17 86.18
CA PRO W 143 -40.01 8.09 84.79
C PRO W 143 -41.22 8.96 84.46
N ARG W 144 -41.66 8.90 83.20
CA ARG W 144 -42.78 9.73 82.74
C ARG W 144 -44.07 9.35 83.46
N GLU W 145 -44.23 8.06 83.76
CA GLU W 145 -45.42 7.54 84.42
C GLU W 145 -45.69 8.24 85.76
N ALA W 146 -46.52 9.27 85.72
CA ALA W 146 -46.94 9.99 86.92
C ALA W 146 -48.44 10.29 86.89
N LYS W 147 -49.07 10.21 88.05
CA LYS W 147 -50.51 10.41 88.18
C LYS W 147 -50.80 11.67 88.98
N VAL W 148 -51.43 12.65 88.35
CA VAL W 148 -51.85 13.88 89.03
C VAL W 148 -53.36 13.85 89.18
N GLN W 149 -53.84 14.22 90.37
CA GLN W 149 -55.28 14.25 90.65
C GLN W 149 -55.63 15.53 91.42
N TRP W 150 -56.68 16.21 90.96
CA TRP W 150 -57.08 17.49 91.52
C TRP W 150 -58.11 17.34 92.63
N LYS W 151 -58.06 18.23 93.62
CA LYS W 151 -59.01 18.25 94.72
C LYS W 151 -59.54 19.65 94.98
N VAL W 152 -60.83 19.87 94.70
CA VAL W 152 -61.53 21.10 95.04
C VAL W 152 -62.40 20.85 96.28
N ASP W 153 -61.96 21.37 97.42
CA ASP W 153 -62.59 21.11 98.72
C ASP W 153 -62.73 19.60 98.99
N ASN W 154 -61.59 18.91 98.90
CA ASN W 154 -61.51 17.45 99.08
C ASN W 154 -62.44 16.63 98.19
N ALA W 155 -62.74 17.15 97.00
CA ALA W 155 -63.56 16.42 96.02
C ALA W 155 -62.69 16.12 94.80
N LEU W 156 -62.65 14.85 94.40
CA LEU W 156 -61.94 14.46 93.17
C LEU W 156 -62.52 15.19 91.95
N GLN W 157 -61.87 15.02 90.79
CA GLN W 157 -62.31 15.71 89.58
C GLN W 157 -62.39 14.77 88.39
N SER W 158 -63.17 15.17 87.39
CA SER W 158 -63.47 14.35 86.23
C SER W 158 -63.27 15.15 84.95
N GLY W 159 -62.54 14.59 84.00
CA GLY W 159 -62.37 15.15 82.65
C GLY W 159 -62.55 16.64 82.45
N ASN W 160 -62.10 17.43 83.42
CA ASN W 160 -62.12 18.89 83.34
C ASN W 160 -60.70 19.45 83.49
N SER W 161 -59.72 18.59 83.24
CA SER W 161 -58.32 18.91 83.38
C SER W 161 -57.54 18.15 82.33
N GLN W 162 -56.53 18.79 81.76
CA GLN W 162 -55.71 18.19 80.71
C GLN W 162 -54.23 18.24 81.04
N GLU W 163 -53.51 17.19 80.65
CA GLU W 163 -52.08 17.08 80.91
C GLU W 163 -51.28 17.32 79.64
N SER W 164 -50.15 18.01 79.80
CA SER W 164 -49.16 18.14 78.75
C SER W 164 -47.81 17.75 79.32
N VAL W 165 -47.06 16.94 78.59
CA VAL W 165 -45.80 16.42 79.08
C VAL W 165 -44.63 16.85 78.21
N THR W 166 -43.62 17.43 78.84
CA THR W 166 -42.36 17.76 78.20
C THR W 166 -41.79 16.52 77.53
N GLU W 167 -41.00 16.73 76.49
CA GLU W 167 -40.31 15.64 75.83
C GLU W 167 -38.97 15.41 76.53
N GLN W 168 -38.52 14.17 76.62
CA GLN W 168 -37.35 13.82 77.44
C GLN W 168 -36.18 14.78 77.22
N ASP W 169 -35.61 15.26 78.31
CA ASP W 169 -34.53 16.25 78.26
C ASP W 169 -33.25 15.66 77.66
N SER W 170 -32.52 16.49 76.94
CA SER W 170 -31.29 16.06 76.26
C SER W 170 -30.09 15.96 77.18
N LYS W 171 -30.07 16.73 78.27
CA LYS W 171 -28.97 16.68 79.23
C LYS W 171 -29.15 15.61 80.32
N ASP W 172 -30.13 15.79 81.20
CA ASP W 172 -30.34 14.88 82.35
C ASP W 172 -31.40 13.79 82.12
N SER W 173 -32.16 13.89 81.03
CA SER W 173 -33.12 12.86 80.62
C SER W 173 -34.38 12.75 81.50
N THR W 174 -34.69 13.83 82.22
CA THR W 174 -35.90 13.89 83.03
C THR W 174 -37.06 14.43 82.21
N TYR W 175 -38.27 14.30 82.76
CA TYR W 175 -39.47 14.86 82.17
C TYR W 175 -40.03 15.96 83.03
N SER W 176 -40.93 16.74 82.45
CA SER W 176 -41.73 17.74 83.18
C SER W 176 -43.16 17.67 82.67
N LEU W 177 -44.11 18.13 83.48
CA LEU W 177 -45.53 17.91 83.20
C LEU W 177 -46.40 19.01 83.79
N SER W 178 -47.38 19.46 83.02
CA SER W 178 -48.35 20.44 83.50
C SER W 178 -49.74 19.85 83.43
N SER W 179 -50.50 19.97 84.52
CA SER W 179 -51.91 19.60 84.55
C SER W 179 -52.70 20.88 84.70
N THR W 180 -53.69 21.08 83.84
CA THR W 180 -54.41 22.35 83.77
C THR W 180 -55.90 22.17 84.08
N LEU W 181 -56.30 22.55 85.28
CA LEU W 181 -57.69 22.44 85.72
C LEU W 181 -58.47 23.68 85.30
N THR W 182 -59.39 23.50 84.36
CA THR W 182 -60.16 24.61 83.80
C THR W 182 -61.57 24.64 84.36
N LEU W 183 -61.99 25.82 84.82
CA LEU W 183 -63.34 26.05 85.35
C LEU W 183 -63.88 27.41 84.90
N SER W 184 -65.16 27.65 85.19
CA SER W 184 -65.76 28.97 84.98
C SER W 184 -65.49 29.86 86.19
N LYS W 185 -65.59 31.18 86.00
CA LYS W 185 -65.35 32.13 87.09
C LYS W 185 -66.34 31.87 88.22
N ALA W 186 -67.60 31.61 87.86
CA ALA W 186 -68.66 31.38 88.84
C ALA W 186 -68.42 30.10 89.63
N ASP W 187 -68.07 29.02 88.94
CA ASP W 187 -67.81 27.73 89.59
C ASP W 187 -66.55 27.81 90.46
N TYR W 188 -65.55 28.53 89.99
CA TYR W 188 -64.31 28.76 90.74
C TYR W 188 -64.57 29.58 92.01
N GLU W 189 -65.49 30.55 91.90
CA GLU W 189 -65.80 31.46 93.00
C GLU W 189 -66.67 30.84 94.09
N LYS W 190 -67.05 29.57 93.95
CA LYS W 190 -67.93 28.91 94.92
C LYS W 190 -67.19 27.85 95.75
N HIS W 191 -65.86 27.85 95.71
CA HIS W 191 -65.05 26.91 96.48
C HIS W 191 -63.79 27.59 97.00
N LYS W 192 -63.24 27.12 98.11
CA LYS W 192 -62.13 27.79 98.78
C LYS W 192 -60.77 27.08 98.63
N VAL W 193 -60.74 25.75 98.79
CA VAL W 193 -59.49 24.98 98.75
C VAL W 193 -59.29 24.33 97.38
N TYR W 194 -58.19 24.67 96.73
CA TYR W 194 -57.78 24.02 95.49
C TYR W 194 -56.46 23.31 95.72
N ALA W 195 -56.35 22.08 95.23
CA ALA W 195 -55.21 21.23 95.52
C ALA W 195 -54.98 20.21 94.43
N CYS W 196 -53.71 19.99 94.08
CA CYS W 196 -53.35 18.88 93.20
C CYS W 196 -52.49 17.88 93.97
N GLU W 197 -52.81 16.60 93.81
CA GLU W 197 -52.20 15.51 94.56
C GLU W 197 -51.33 14.68 93.64
N VAL W 198 -50.01 14.77 93.83
CA VAL W 198 -49.05 14.11 92.93
C VAL W 198 -48.64 12.76 93.45
N THR W 199 -48.78 11.74 92.62
CA THR W 199 -48.42 10.37 92.97
C THR W 199 -47.34 9.90 92.01
N HIS W 200 -46.16 9.63 92.53
CA HIS W 200 -45.01 9.25 91.70
C HIS W 200 -44.18 8.16 92.34
N GLN W 201 -43.55 7.36 91.48
CA GLN W 201 -42.62 6.31 91.89
C GLN W 201 -41.47 6.85 92.72
N GLY W 202 -41.12 8.12 92.46
CA GLY W 202 -40.01 8.78 93.13
C GLY W 202 -40.21 9.05 94.61
N LEU W 203 -41.07 10.01 94.94
CA LEU W 203 -41.38 10.29 96.33
C LEU W 203 -42.14 9.14 96.99
N SER W 204 -41.94 8.99 98.29
CA SER W 204 -42.55 7.91 99.06
C SER W 204 -43.99 8.24 99.45
N SER W 205 -44.23 9.47 99.87
CA SER W 205 -45.55 9.90 100.34
C SER W 205 -46.21 10.87 99.34
N PRO W 206 -47.30 10.44 98.66
CA PRO W 206 -47.97 11.26 97.69
C PRO W 206 -48.06 12.70 98.17
N VAL W 207 -47.24 13.56 97.57
CA VAL W 207 -47.17 14.95 97.98
C VAL W 207 -48.34 15.76 97.43
N THR W 208 -48.86 16.66 98.25
CA THR W 208 -50.01 17.49 97.90
C THR W 208 -49.62 18.95 98.05
N LYS W 209 -50.03 19.77 97.09
CA LYS W 209 -49.78 21.20 97.13
C LYS W 209 -51.11 21.92 96.88
N SER W 210 -51.36 22.99 97.63
CA SER W 210 -52.69 23.61 97.66
C SER W 210 -52.67 25.10 98.03
N PHE W 211 -53.79 25.78 97.74
CA PHE W 211 -53.94 27.20 98.04
C PHE W 211 -55.39 27.60 98.33
N ASN W 212 -55.55 28.74 98.98
CA ASN W 212 -56.87 29.31 99.31
C ASN W 212 -57.02 30.69 98.69
N ARG W 213 -58.15 30.93 98.01
CA ARG W 213 -58.39 32.23 97.37
C ARG W 213 -58.85 33.28 98.38
N GLU X 1 -21.23 28.44 54.14
CA GLU X 1 -22.22 27.93 55.15
C GLU X 1 -23.56 27.65 54.47
N VAL X 2 -23.93 26.37 54.40
CA VAL X 2 -25.13 25.94 53.67
C VAL X 2 -26.36 26.03 54.55
N GLN X 3 -27.45 26.55 54.02
CA GLN X 3 -28.75 26.47 54.70
C GLN X 3 -29.93 26.60 53.75
N LEU X 4 -31.00 25.88 54.05
CA LEU X 4 -32.27 25.98 53.35
C LEU X 4 -33.31 26.62 54.27
N VAL X 5 -34.12 27.51 53.71
CA VAL X 5 -35.12 28.24 54.50
C VAL X 5 -36.45 28.16 53.78
N GLU X 6 -37.49 27.71 54.49
CA GLU X 6 -38.83 27.58 53.92
C GLU X 6 -39.75 28.66 54.44
N SER X 7 -40.83 28.91 53.69
CA SER X 7 -41.80 29.93 54.06
C SER X 7 -43.13 29.72 53.33
N GLY X 8 -44.17 30.38 53.82
CA GLY X 8 -45.46 30.43 53.13
C GLY X 8 -46.52 29.45 53.61
N GLY X 9 -46.18 28.60 54.58
CA GLY X 9 -47.13 27.66 55.17
C GLY X 9 -48.14 28.38 56.06
N GLY X 10 -49.27 27.74 56.32
CA GLY X 10 -50.31 28.33 57.18
C GLY X 10 -51.66 27.66 57.06
N LEU X 11 -52.71 28.43 57.31
CA LEU X 11 -54.08 27.90 57.31
C LEU X 11 -54.70 28.06 55.93
N VAL X 12 -55.34 27.02 55.43
CA VAL X 12 -56.06 27.09 54.16
C VAL X 12 -57.31 26.24 54.13
N GLN X 13 -58.37 26.78 53.54
CA GLN X 13 -59.64 26.09 53.40
C GLN X 13 -59.48 24.94 52.40
N PRO X 14 -60.10 23.79 52.66
CA PRO X 14 -60.07 22.70 51.70
C PRO X 14 -60.42 23.14 50.29
N GLY X 15 -59.79 22.54 49.29
CA GLY X 15 -59.93 22.96 47.90
C GLY X 15 -59.13 24.23 47.56
N GLY X 16 -58.44 24.79 48.55
CA GLY X 16 -57.69 26.02 48.38
C GLY X 16 -56.28 25.80 47.88
N SER X 17 -55.62 26.90 47.51
CA SER X 17 -54.24 26.86 47.05
C SER X 17 -53.32 27.40 48.13
N LEU X 18 -52.03 27.12 47.96
CA LEU X 18 -51.03 27.49 48.94
C LEU X 18 -49.66 27.26 48.30
N ARG X 19 -48.76 28.23 48.45
CA ARG X 19 -47.48 28.20 47.76
C ARG X 19 -46.32 28.22 48.76
N LEU X 20 -45.41 27.25 48.63
CA LEU X 20 -44.28 27.13 49.53
C LEU X 20 -42.99 27.53 48.82
N SER X 21 -42.11 28.23 49.53
CA SER X 21 -40.85 28.76 48.97
C SER X 21 -39.67 28.23 49.76
N CYS X 22 -38.70 27.63 49.08
CA CYS X 22 -37.49 27.08 49.70
C CYS X 22 -36.26 27.86 49.23
N ALA X 23 -35.69 28.67 50.12
CA ALA X 23 -34.67 29.64 49.74
C ALA X 23 -33.25 29.16 50.08
N ALA X 24 -32.48 28.80 49.06
CA ALA X 24 -31.15 28.24 49.26
C ALA X 24 -30.10 29.30 49.52
N SER X 25 -29.08 28.94 50.28
CA SER X 25 -27.97 29.82 50.61
C SER X 25 -26.69 29.02 50.83
N GLY X 26 -25.62 29.39 50.13
CA GLY X 26 -24.31 28.78 50.34
C GLY X 26 -23.94 27.68 49.36
N PHE X 27 -24.69 27.55 48.28
CA PHE X 27 -24.34 26.61 47.22
C PHE X 27 -25.06 26.99 45.94
N ASN X 28 -24.49 26.62 44.80
CA ASN X 28 -25.14 26.91 43.52
C ASN X 28 -26.37 26.03 43.33
N PHE X 29 -27.52 26.62 43.59
CA PHE X 29 -28.81 25.95 43.48
C PHE X 29 -29.05 25.49 42.03
N SER X 30 -28.36 26.11 41.07
CA SER X 30 -28.38 25.69 39.67
C SER X 30 -27.75 24.34 39.46
N SER X 31 -26.59 24.16 40.07
CA SER X 31 -25.78 22.94 39.92
C SER X 31 -26.11 21.85 40.95
N SER X 32 -27.36 21.82 41.41
CA SER X 32 -27.82 20.82 42.39
C SER X 32 -29.32 20.60 42.28
N SER X 33 -29.91 19.91 43.25
CA SER X 33 -31.32 19.55 43.20
C SER X 33 -31.98 19.44 44.59
N ILE X 34 -33.32 19.53 44.61
CA ILE X 34 -34.10 19.68 45.84
C ILE X 34 -35.23 18.66 45.91
N HIS X 35 -35.43 18.09 47.08
CA HIS X 35 -36.60 17.27 47.36
C HIS X 35 -37.56 18.05 48.22
N TRP X 36 -38.85 17.75 48.10
CA TRP X 36 -39.84 18.16 49.09
C TRP X 36 -40.33 16.92 49.81
N VAL X 37 -40.34 16.96 51.13
CA VAL X 37 -40.73 15.84 51.94
C VAL X 37 -41.71 16.39 52.94
N ARG X 38 -42.78 15.66 53.24
CA ARG X 38 -43.72 16.12 54.26
C ARG X 38 -43.87 15.08 55.36
N GLN X 39 -44.29 15.55 56.52
CA GLN X 39 -44.41 14.70 57.69
C GLN X 39 -45.65 15.10 58.48
N ALA X 40 -46.68 14.26 58.41
CA ALA X 40 -47.94 14.54 59.10
C ALA X 40 -47.75 14.42 60.62
N PRO X 41 -48.52 15.20 61.41
CA PRO X 41 -48.38 15.16 62.87
C PRO X 41 -48.39 13.74 63.44
N GLY X 42 -47.31 13.36 64.12
CA GLY X 42 -47.18 12.02 64.72
C GLY X 42 -46.62 10.99 63.75
N LYS X 43 -47.13 10.99 62.52
CA LYS X 43 -46.70 10.07 61.46
C LYS X 43 -45.24 10.36 61.02
N GLY X 44 -44.66 9.44 60.25
CA GLY X 44 -43.31 9.59 59.68
C GLY X 44 -43.20 10.34 58.37
N LEU X 45 -42.05 10.20 57.71
CA LEU X 45 -41.68 11.00 56.54
C LEU X 45 -42.21 10.42 55.24
N GLU X 46 -42.65 11.29 54.34
CA GLU X 46 -43.24 10.88 53.07
C GLU X 46 -42.76 11.81 51.96
N TRP X 47 -42.33 11.22 50.84
CA TRP X 47 -41.89 12.00 49.67
C TRP X 47 -43.06 12.64 48.95
N VAL X 48 -42.90 13.92 48.62
CA VAL X 48 -43.90 14.68 47.91
C VAL X 48 -43.48 14.81 46.46
N ALA X 49 -42.37 15.50 46.23
CA ALA X 49 -41.94 15.80 44.87
C ALA X 49 -40.48 16.23 44.80
N TYR X 50 -39.94 16.25 43.59
CA TYR X 50 -38.50 16.47 43.33
C TYR X 50 -38.25 17.32 42.10
N ILE X 51 -37.22 18.16 42.14
CA ILE X 51 -36.83 18.98 40.98
C ILE X 51 -35.32 19.03 40.81
N TYR X 52 -34.88 19.07 39.55
CA TYR X 52 -33.48 19.17 39.20
C TYR X 52 -33.35 20.26 38.16
N PRO X 53 -33.26 21.53 38.59
CA PRO X 53 -33.38 22.66 37.68
C PRO X 53 -32.49 22.61 36.44
N SER X 54 -31.27 22.12 36.59
CA SER X 54 -30.32 22.08 35.47
C SER X 54 -30.87 21.40 34.21
N TYR X 55 -31.61 20.29 34.38
CA TYR X 55 -32.19 19.56 33.25
C TYR X 55 -33.72 19.70 33.18
N SER X 56 -34.26 20.72 33.82
CA SER X 56 -35.70 20.92 33.92
C SER X 56 -36.46 19.59 34.07
N TYR X 57 -35.97 18.74 34.97
CA TYR X 57 -36.65 17.50 35.28
C TYR X 57 -37.40 17.70 36.58
N THR X 58 -38.60 17.16 36.63
CA THR X 58 -39.42 17.24 37.82
C THR X 58 -40.22 15.95 37.96
N SER X 59 -40.42 15.50 39.19
CA SER X 59 -41.24 14.31 39.43
C SER X 59 -42.03 14.41 40.74
N TYR X 60 -43.24 13.84 40.74
CA TYR X 60 -44.18 13.96 41.85
C TYR X 60 -44.63 12.60 42.35
N ALA X 61 -45.07 12.57 43.62
CA ALA X 61 -45.64 11.37 44.22
C ALA X 61 -47.09 11.24 43.78
N ASP X 62 -47.53 10.00 43.57
CA ASP X 62 -48.88 9.70 43.07
C ASP X 62 -49.98 10.48 43.80
N SER X 63 -49.94 10.44 45.13
CA SER X 63 -50.94 11.11 45.97
C SER X 63 -51.03 12.61 45.75
N VAL X 64 -50.03 13.17 45.08
CA VAL X 64 -49.96 14.60 44.80
C VAL X 64 -50.06 14.90 43.31
N LYS X 65 -49.58 13.99 42.47
CA LYS X 65 -49.47 14.23 41.03
C LYS X 65 -50.74 14.85 40.46
N GLY X 66 -50.57 15.92 39.69
CA GLY X 66 -51.70 16.63 39.08
C GLY X 66 -52.17 17.85 39.86
N ARG X 67 -51.96 17.83 41.17
CA ARG X 67 -52.43 18.90 42.05
C ARG X 67 -51.32 19.87 42.44
N PHE X 68 -50.12 19.36 42.75
CA PHE X 68 -48.98 20.22 43.09
C PHE X 68 -48.12 20.49 41.85
N THR X 69 -47.22 21.46 41.98
CA THR X 69 -46.31 21.84 40.89
C THR X 69 -45.00 22.41 41.44
N ILE X 70 -43.89 21.68 41.24
CA ILE X 70 -42.58 22.22 41.64
C ILE X 70 -42.01 23.11 40.54
N SER X 71 -41.48 24.25 40.96
CA SER X 71 -40.74 25.13 40.08
C SER X 71 -39.48 25.61 40.78
N ALA X 72 -38.63 26.31 40.05
CA ALA X 72 -37.40 26.85 40.62
C ALA X 72 -36.95 28.07 39.85
N ASP X 73 -36.73 29.16 40.56
CA ASP X 73 -36.16 30.38 39.99
C ASP X 73 -34.67 30.39 40.29
N THR X 74 -33.88 29.89 39.33
CA THR X 74 -32.44 29.79 39.48
C THR X 74 -31.79 31.12 39.82
N SER X 75 -32.33 32.19 39.24
CA SER X 75 -31.88 33.56 39.54
C SER X 75 -31.95 33.86 41.03
N LYS X 76 -33.12 33.63 41.61
CA LYS X 76 -33.34 33.90 43.04
C LYS X 76 -32.71 32.85 43.97
N ASN X 77 -32.24 31.74 43.41
CA ASN X 77 -31.61 30.67 44.18
C ASN X 77 -32.68 30.04 45.08
N THR X 78 -33.86 29.82 44.52
CA THR X 78 -35.07 29.45 45.26
C THR X 78 -35.91 28.39 44.55
N ALA X 79 -36.44 27.43 45.32
CA ALA X 79 -37.37 26.42 44.81
C ALA X 79 -38.74 26.68 45.37
N TYR X 80 -39.77 26.34 44.60
CA TYR X 80 -41.15 26.60 44.98
C TYR X 80 -41.99 25.33 44.86
N LEU X 81 -42.94 25.16 45.78
CA LEU X 81 -43.92 24.10 45.66
C LEU X 81 -45.29 24.75 45.67
N GLN X 82 -45.96 24.69 44.52
CA GLN X 82 -47.31 25.26 44.38
C GLN X 82 -48.33 24.16 44.65
N MET X 83 -49.12 24.32 45.70
CA MET X 83 -50.06 23.29 46.12
C MET X 83 -51.49 23.75 45.87
N ASN X 84 -52.17 23.12 44.91
CA ASN X 84 -53.56 23.43 44.61
C ASN X 84 -54.48 22.31 45.07
N SER X 85 -55.72 22.67 45.42
CA SER X 85 -56.77 21.71 45.73
C SER X 85 -56.46 20.87 46.97
N LEU X 86 -56.07 21.56 48.04
CA LEU X 86 -55.59 20.90 49.25
C LEU X 86 -56.68 20.14 49.98
N ARG X 87 -56.32 19.00 50.54
CA ARG X 87 -57.26 18.15 51.27
C ARG X 87 -56.87 18.07 52.74
N ALA X 88 -57.69 17.39 53.55
CA ALA X 88 -57.41 17.25 54.98
C ALA X 88 -56.11 16.47 55.22
N GLU X 89 -55.88 15.42 54.44
CA GLU X 89 -54.67 14.61 54.55
C GLU X 89 -53.39 15.38 54.20
N ASP X 90 -53.50 16.44 53.40
CA ASP X 90 -52.35 17.28 53.04
C ASP X 90 -51.82 18.13 54.19
N THR X 91 -52.56 18.15 55.32
CA THR X 91 -52.06 18.78 56.52
C THR X 91 -50.81 18.04 56.96
N ALA X 92 -49.69 18.76 57.05
CA ALA X 92 -48.40 18.17 57.41
C ALA X 92 -47.35 19.25 57.64
N VAL X 93 -46.13 18.82 57.98
CA VAL X 93 -44.97 19.70 58.03
C VAL X 93 -44.16 19.46 56.76
N TYR X 94 -43.90 20.52 56.00
CA TYR X 94 -43.25 20.40 54.69
C TYR X 94 -41.78 20.81 54.75
N TYR X 95 -40.91 19.85 54.47
CA TYR X 95 -39.47 20.10 54.42
C TYR X 95 -38.99 20.08 52.99
N CYS X 96 -38.12 21.02 52.64
CA CYS X 96 -37.31 20.89 51.44
C CYS X 96 -35.93 20.50 51.90
N ALA X 97 -35.27 19.62 51.16
CA ALA X 97 -33.96 19.13 51.51
C ALA X 97 -33.15 18.92 50.26
N ARG X 98 -31.89 19.35 50.27
CA ARG X 98 -31.03 19.24 49.09
C ARG X 98 -30.43 17.85 49.02
N TYR X 99 -30.07 17.44 47.82
CA TYR X 99 -29.89 16.04 47.47
C TYR X 99 -28.43 15.63 47.55
N TYR X 100 -28.16 14.50 48.22
CA TYR X 100 -26.80 14.00 48.43
C TYR X 100 -26.46 12.89 47.43
N GLY X 101 -25.28 12.28 47.58
CA GLY X 101 -24.78 11.32 46.59
C GLY X 101 -25.72 10.19 46.26
N THR X 102 -26.07 10.06 44.99
CA THR X 102 -26.91 8.96 44.49
C THR X 102 -28.28 8.79 45.18
N GLY X 103 -28.78 9.85 45.82
CA GLY X 103 -29.97 9.76 46.68
C GLY X 103 -29.66 10.38 48.03
N ALA X 104 -30.59 10.28 48.97
CA ALA X 104 -30.39 10.82 50.34
C ALA X 104 -30.32 12.34 50.37
N MET X 105 -30.62 12.90 51.54
CA MET X 105 -30.69 14.34 51.72
C MET X 105 -29.80 14.72 52.88
N ASP X 106 -28.91 15.69 52.67
CA ASP X 106 -27.92 16.06 53.69
C ASP X 106 -28.31 17.32 54.47
N TYR X 107 -28.78 18.35 53.77
CA TYR X 107 -29.23 19.58 54.41
C TYR X 107 -30.72 19.74 54.25
N TRP X 108 -31.43 19.88 55.37
CA TRP X 108 -32.88 20.04 55.38
C TRP X 108 -33.26 21.43 55.88
N GLY X 109 -34.39 21.94 55.41
CA GLY X 109 -34.93 23.19 55.93
C GLY X 109 -35.61 23.01 57.28
N GLN X 110 -35.80 24.12 57.99
CA GLN X 110 -36.46 24.10 59.31
C GLN X 110 -37.87 23.51 59.23
N GLY X 111 -38.52 23.69 58.08
CA GLY X 111 -39.82 23.07 57.82
C GLY X 111 -40.98 23.98 58.16
N THR X 112 -41.93 24.11 57.24
CA THR X 112 -43.14 24.91 57.47
C THR X 112 -44.36 24.04 57.66
N LEU X 113 -45.29 24.53 58.49
CA LEU X 113 -46.49 23.78 58.86
C LEU X 113 -47.68 24.23 58.01
N VAL X 114 -48.15 23.33 57.15
CA VAL X 114 -49.33 23.57 56.32
C VAL X 114 -50.49 22.84 56.96
N THR X 115 -51.51 23.59 57.35
CA THR X 115 -52.65 23.02 58.06
C THR X 115 -53.96 23.31 57.29
N VAL X 116 -54.51 22.28 56.68
CA VAL X 116 -55.74 22.40 55.92
C VAL X 116 -56.93 22.17 56.83
N SER X 117 -57.74 23.22 57.01
CA SER X 117 -58.95 23.14 57.81
C SER X 117 -59.88 24.29 57.47
N SER X 118 -61.18 24.05 57.65
CA SER X 118 -62.20 25.06 57.38
C SER X 118 -62.39 26.04 58.54
N ALA X 119 -61.73 25.76 59.66
CA ALA X 119 -61.92 26.53 60.89
C ALA X 119 -61.40 27.97 60.80
N SER X 120 -61.84 28.79 61.75
CA SER X 120 -61.47 30.21 61.83
C SER X 120 -60.09 30.40 62.44
N THR X 121 -59.52 31.58 62.27
CA THR X 121 -58.25 31.94 62.88
C THR X 121 -58.49 32.66 64.20
N LYS X 122 -57.85 32.22 65.27
CA LYS X 122 -57.94 32.89 66.58
C LYS X 122 -56.57 33.18 67.15
N GLY X 123 -56.38 34.42 67.58
CA GLY X 123 -55.17 34.80 68.30
C GLY X 123 -55.31 34.42 69.76
N PRO X 124 -54.19 34.15 70.45
CA PRO X 124 -54.24 33.70 71.83
C PRO X 124 -54.47 34.82 72.83
N SER X 125 -55.11 34.49 73.95
CA SER X 125 -55.11 35.34 75.13
C SER X 125 -53.96 34.85 75.99
N VAL X 126 -53.20 35.77 76.57
CA VAL X 126 -52.02 35.41 77.36
C VAL X 126 -52.17 35.85 78.82
N PHE X 127 -52.17 34.88 79.72
CA PHE X 127 -52.32 35.12 81.15
C PHE X 127 -51.08 34.67 81.90
N PRO X 128 -50.62 35.46 82.88
CA PRO X 128 -49.41 35.14 83.62
C PRO X 128 -49.62 34.10 84.71
N LEU X 129 -48.67 33.16 84.83
CA LEU X 129 -48.64 32.23 85.94
C LEU X 129 -47.68 32.78 86.99
N ALA X 130 -48.24 33.50 87.95
CA ALA X 130 -47.45 34.23 88.94
C ALA X 130 -46.94 33.29 90.04
N PRO X 131 -45.68 33.49 90.48
CA PRO X 131 -45.08 32.64 91.50
C PRO X 131 -45.64 32.92 92.89
N SER X 132 -45.37 32.01 93.83
CA SER X 132 -45.83 32.15 95.21
C SER X 132 -44.64 32.35 96.16
N SER X 133 -44.51 31.48 97.18
CA SER X 133 -43.41 31.55 98.14
C SER X 133 -42.52 30.33 98.02
N GLY X 139 -36.68 28.54 98.39
CA GLY X 139 -35.50 27.98 97.73
C GLY X 139 -35.47 28.25 96.24
N THR X 140 -36.34 27.57 95.50
CA THR X 140 -36.48 27.75 94.04
C THR X 140 -37.92 28.14 93.71
N ALA X 141 -38.09 29.20 92.92
CA ALA X 141 -39.41 29.70 92.55
C ALA X 141 -39.69 29.39 91.08
N ALA X 142 -40.95 29.04 90.79
CA ALA X 142 -41.38 28.78 89.42
C ALA X 142 -42.40 29.82 88.99
N LEU X 143 -42.38 30.18 87.71
CA LEU X 143 -43.37 31.09 87.13
C LEU X 143 -43.49 30.84 85.64
N GLY X 144 -44.50 31.41 85.01
CA GLY X 144 -44.73 31.13 83.59
C GLY X 144 -45.81 31.94 82.90
N CYS X 145 -46.11 31.52 81.67
CA CYS X 145 -47.16 32.11 80.86
C CYS X 145 -48.16 31.07 80.42
N LEU X 146 -49.44 31.41 80.47
CA LEU X 146 -50.48 30.59 79.91
C LEU X 146 -50.92 31.21 78.61
N VAL X 147 -50.79 30.48 77.51
CA VAL X 147 -51.16 30.95 76.19
C VAL X 147 -52.40 30.18 75.75
N LYS X 148 -53.58 30.73 76.07
CA LYS X 148 -54.83 29.99 75.92
C LYS X 148 -55.67 30.38 74.71
N ASP X 149 -56.35 29.38 74.14
CA ASP X 149 -57.34 29.56 73.09
C ASP X 149 -56.79 30.22 71.84
N TYR X 150 -56.08 29.45 71.02
CA TYR X 150 -55.58 29.93 69.73
C TYR X 150 -55.71 28.86 68.65
N PHE X 151 -55.66 29.28 67.39
CA PHE X 151 -55.67 28.36 66.26
C PHE X 151 -55.17 29.09 65.04
N PRO X 152 -54.40 28.42 64.17
CA PRO X 152 -53.90 27.07 64.28
C PRO X 152 -52.54 27.08 64.93
N GLU X 153 -51.85 25.94 64.91
CA GLU X 153 -50.44 25.89 65.30
C GLU X 153 -49.61 26.69 64.30
N PRO X 154 -48.42 27.15 64.69
CA PRO X 154 -47.78 27.04 65.98
C PRO X 154 -47.76 28.35 66.75
N VAL X 155 -47.40 28.27 68.03
CA VAL X 155 -47.07 29.43 68.84
C VAL X 155 -45.64 29.27 69.32
N THR X 156 -44.85 30.34 69.22
CA THR X 156 -43.48 30.35 69.72
C THR X 156 -43.41 31.24 70.96
N VAL X 157 -42.69 30.77 71.96
CA VAL X 157 -42.52 31.52 73.19
C VAL X 157 -41.04 31.64 73.53
N SER X 158 -40.64 32.83 73.95
CA SER X 158 -39.30 33.08 74.46
C SER X 158 -39.37 34.03 75.64
N TRP X 159 -38.38 33.97 76.53
CA TRP X 159 -38.37 34.78 77.74
C TRP X 159 -37.30 35.85 77.67
N ASN X 160 -37.68 37.09 78.02
CA ASN X 160 -36.78 38.25 77.92
C ASN X 160 -36.07 38.38 76.57
N SER X 161 -36.83 38.20 75.49
CA SER X 161 -36.35 38.37 74.11
C SER X 161 -35.24 37.40 73.68
N GLY X 162 -35.12 36.27 74.38
CA GLY X 162 -34.07 35.28 74.11
C GLY X 162 -32.97 35.26 75.16
N ALA X 163 -33.02 36.20 76.09
CA ALA X 163 -31.96 36.37 77.10
C ALA X 163 -32.00 35.33 78.22
N LEU X 164 -32.99 34.43 78.21
CA LEU X 164 -33.13 33.42 79.25
C LEU X 164 -33.53 32.08 78.63
N THR X 165 -32.72 31.05 78.89
CA THR X 165 -33.03 29.68 78.45
C THR X 165 -32.83 28.61 79.53
N SER X 166 -32.09 28.94 80.59
CA SER X 166 -31.83 28.00 81.67
C SER X 166 -33.08 27.76 82.52
N GLY X 167 -33.52 26.51 82.60
CA GLY X 167 -34.68 26.14 83.40
C GLY X 167 -36.01 26.53 82.79
N VAL X 168 -36.06 26.62 81.46
CA VAL X 168 -37.28 26.97 80.74
C VAL X 168 -37.90 25.74 80.11
N HIS X 169 -39.20 25.57 80.32
CA HIS X 169 -39.97 24.51 79.66
C HIS X 169 -41.20 25.10 78.97
N THR X 170 -41.29 24.92 77.66
CA THR X 170 -42.46 25.30 76.90
C THR X 170 -43.16 24.03 76.49
N PHE X 171 -44.31 23.76 77.10
CA PHE X 171 -45.02 22.51 76.92
C PHE X 171 -45.65 22.40 75.55
N PRO X 172 -45.82 21.17 75.05
CA PRO X 172 -46.55 20.96 73.80
C PRO X 172 -47.97 21.48 73.86
N ALA X 173 -48.49 21.91 72.72
CA ALA X 173 -49.85 22.44 72.64
C ALA X 173 -50.87 21.33 72.87
N VAL X 174 -51.90 21.66 73.64
CA VAL X 174 -53.00 20.74 73.93
C VAL X 174 -54.21 21.17 73.11
N LEU X 175 -54.92 20.21 72.52
CA LEU X 175 -56.12 20.53 71.78
C LEU X 175 -57.31 20.40 72.71
N GLN X 176 -58.02 21.51 72.93
CA GLN X 176 -59.18 21.54 73.83
C GLN X 176 -60.45 21.05 73.12
N SER X 177 -61.51 20.89 73.90
CA SER X 177 -62.81 20.49 73.36
C SER X 177 -63.41 21.52 72.39
N SER X 178 -63.06 22.80 72.61
CA SER X 178 -63.52 23.90 71.75
C SER X 178 -62.89 23.88 70.35
N GLY X 179 -61.90 23.01 70.13
CA GLY X 179 -61.19 22.95 68.84
C GLY X 179 -60.06 23.97 68.74
N LEU X 180 -59.74 24.59 69.88
CA LEU X 180 -58.71 25.62 69.97
C LEU X 180 -57.54 25.10 70.79
N TYR X 181 -56.34 25.47 70.38
CA TYR X 181 -55.13 25.06 71.07
C TYR X 181 -54.88 25.92 72.30
N SER X 182 -54.15 25.35 73.25
CA SER X 182 -53.73 26.03 74.46
C SER X 182 -52.47 25.38 75.02
N LEU X 183 -51.49 26.20 75.40
CA LEU X 183 -50.24 25.70 75.99
C LEU X 183 -49.80 26.58 77.13
N SER X 184 -48.84 26.05 77.89
CA SER X 184 -48.24 26.77 79.01
C SER X 184 -46.73 26.81 78.78
N SER X 185 -46.11 27.91 79.18
CA SER X 185 -44.65 28.02 79.19
C SER X 185 -44.22 28.45 80.58
N VAL X 186 -43.43 27.61 81.22
CA VAL X 186 -43.04 27.83 82.60
C VAL X 186 -41.52 27.87 82.72
N VAL X 187 -41.02 28.57 83.74
CA VAL X 187 -39.59 28.70 83.96
C VAL X 187 -39.26 28.73 85.46
N THR X 188 -38.17 28.09 85.82
CA THR X 188 -37.68 28.09 87.21
C THR X 188 -36.57 29.12 87.39
N VAL X 189 -36.62 29.82 88.52
CA VAL X 189 -35.60 30.82 88.85
C VAL X 189 -35.37 30.85 90.37
N PRO X 190 -34.24 31.42 90.82
CA PRO X 190 -34.02 31.56 92.27
C PRO X 190 -35.03 32.50 92.95
N SER X 191 -35.32 32.25 94.22
CA SER X 191 -36.31 33.03 94.96
C SER X 191 -35.89 34.47 95.20
N SER X 192 -34.62 34.66 95.56
CA SER X 192 -34.09 35.99 95.90
C SER X 192 -34.01 36.95 94.71
N SER X 193 -34.02 36.41 93.49
CA SER X 193 -33.94 37.22 92.28
C SER X 193 -35.27 37.93 91.94
N LEU X 194 -36.37 37.47 92.53
CA LEU X 194 -37.68 38.08 92.30
C LEU X 194 -37.73 39.50 92.87
N GLY X 195 -38.35 40.42 92.12
CA GLY X 195 -38.40 41.83 92.49
C GLY X 195 -37.28 42.64 91.85
N THR X 196 -36.07 42.08 91.86
CA THR X 196 -34.92 42.67 91.20
C THR X 196 -34.98 42.39 89.70
N GLN X 197 -35.05 41.12 89.34
CA GLN X 197 -35.11 40.71 87.94
C GLN X 197 -36.52 40.86 87.37
N THR X 198 -36.60 41.22 86.10
CA THR X 198 -37.88 41.40 85.40
C THR X 198 -38.07 40.26 84.40
N TYR X 199 -39.12 39.48 84.60
CA TYR X 199 -39.44 38.36 83.71
C TYR X 199 -40.65 38.69 82.85
N ILE X 200 -40.39 38.98 81.57
CA ILE X 200 -41.46 39.17 80.59
C ILE X 200 -41.42 37.98 79.63
N CYS X 201 -42.59 37.51 79.21
CA CYS X 201 -42.66 36.37 78.30
C CYS X 201 -43.14 36.83 76.93
N ASN X 202 -42.40 36.47 75.89
CA ASN X 202 -42.65 36.92 74.53
C ASN X 202 -43.38 35.86 73.72
N VAL X 203 -44.69 36.03 73.59
CA VAL X 203 -45.51 35.11 72.79
C VAL X 203 -45.67 35.68 71.38
N ASN X 204 -45.56 34.81 70.39
CA ASN X 204 -45.72 35.21 68.99
C ASN X 204 -46.53 34.17 68.24
N HIS X 205 -47.69 34.59 67.75
CA HIS X 205 -48.56 33.74 66.94
C HIS X 205 -48.63 34.33 65.53
N LYS X 206 -47.82 33.79 64.62
CA LYS X 206 -47.64 34.37 63.29
C LYS X 206 -48.92 34.45 62.44
N PRO X 207 -49.73 33.37 62.41
CA PRO X 207 -50.88 33.36 61.48
C PRO X 207 -52.03 34.30 61.82
N SER X 208 -51.95 35.03 62.93
CA SER X 208 -52.89 36.11 63.21
C SER X 208 -52.18 37.39 63.63
N ASN X 209 -50.92 37.53 63.21
CA ASN X 209 -50.09 38.71 63.49
C ASN X 209 -50.25 39.28 64.90
N THR X 210 -50.30 38.39 65.89
CA THR X 210 -50.40 38.79 67.29
C THR X 210 -49.06 38.67 68.00
N LYS X 211 -48.55 39.80 68.47
CA LYS X 211 -47.31 39.87 69.24
C LYS X 211 -47.66 40.42 70.61
N VAL X 212 -47.51 39.58 71.63
CA VAL X 212 -47.81 39.97 73.00
C VAL X 212 -46.58 39.78 73.86
N ASP X 213 -46.28 40.77 74.69
CA ASP X 213 -45.16 40.72 75.61
C ASP X 213 -45.67 40.95 77.03
N LYS X 214 -46.15 39.87 77.66
CA LYS X 214 -46.77 39.95 78.99
C LYS X 214 -45.71 39.90 80.09
N LYS X 215 -45.77 40.89 80.98
CA LYS X 215 -44.88 40.96 82.13
C LYS X 215 -45.42 40.07 83.25
N VAL X 216 -44.56 39.22 83.79
CA VAL X 216 -44.93 38.36 84.91
C VAL X 216 -44.25 38.89 86.16
N GLU X 217 -45.05 39.24 87.16
CA GLU X 217 -44.53 39.69 88.45
C GLU X 217 -45.36 39.06 89.59
N PRO X 218 -44.79 38.99 90.81
CA PRO X 218 -45.55 38.42 91.92
C PRO X 218 -46.66 39.37 92.34
N LYS X 219 -47.90 38.88 92.37
CA LYS X 219 -49.06 39.75 92.62
C LYS X 219 -49.05 40.22 94.07
N SER X 220 -49.18 41.54 94.25
CA SER X 220 -49.04 42.22 95.56
C SER X 220 -49.09 41.28 96.77
N CYS X 221 -50.28 40.77 97.10
CA CYS X 221 -50.44 39.74 98.14
C CYS X 221 -51.84 39.11 98.11
#